data_8GPI
#
_entry.id   8GPI
#
_cell.length_a   1.00
_cell.length_b   1.00
_cell.length_c   1.00
_cell.angle_alpha   90.00
_cell.angle_beta   90.00
_cell.angle_gamma   90.00
#
_symmetry.space_group_name_H-M   'P 1'
#
loop_
_entity.id
_entity.type
_entity.pdbx_description
1 polymer '8ANC195 Fab heavy chain'
2 polymer '8ANC195 Fab light chain'
3 polymer 'X18 UFO gp41'
4 branched 2-acetamido-2-deoxy-beta-D-glucopyranose-(1-4)-2-acetamido-2-deoxy-beta-D-glucopyranose
5 branched alpha-D-mannopyranose-(1-2)-alpha-D-mannopyranose-(1-2)-alpha-D-mannopyranose-(1-3)-[alpha-D-mannopyranose-(1-2)-alpha-D-mannopyranose-(1-3)-[alpha-D-mannopyranose-(1-2)-alpha-D-mannopyranose-(1-6)]alpha-D-mannopyranose-(1-6)]beta-D-mannopyranose-(1-4)-2-acetamido-2-deoxy-beta-D-glucopyranose-(1-4)-2-acetamido-2-deoxy-beta-D-glucopyranose
6 branched alpha-D-mannopyranose-(1-3)-[alpha-D-mannopyranose-(1-6)]beta-D-mannopyranose-(1-4)-2-acetamido-2-deoxy-beta-D-glucopyranose-(1-4)-2-acetamido-2-deoxy-beta-D-glucopyranose
7 branched beta-D-mannopyranose-(1-4)-2-acetamido-2-deoxy-beta-D-glucopyranose-(1-4)-2-acetamido-2-deoxy-beta-D-glucopyranose
8 non-polymer 2-acetamido-2-deoxy-beta-D-glucopyranose
#
loop_
_entity_poly.entity_id
_entity_poly.type
_entity_poly.pdbx_seq_one_letter_code
_entity_poly.pdbx_strand_id
1 'polypeptide(L)'
;QIHLVQSGTEVKKPGSSVTVSCKAYGVNTFGLYAVNWVRQAPGQSLEYIGQIWRWKSSASHHFRGRVLISAVDLTGSSPP
ISSLEIKDLTSDDTAVYFCTTTSTYDKWSGLHHDGVMAFSSWGQGTLISVSAASTKGPSVFPLAPSSKSTSGGTAALGCL
VKDYFPEPVTVSWNSGALTSGVHTFPAVLQSSGLYSLSSVVTVPSSSLGTQTYICNVNHKPSNTKVDKKVEPKSC
;
A,D,H
2 'polypeptide(L)'
;DIQMTQSPSTLSASIGDTVRISCRASQSITGNWVAWYQQRPGKAPRLLIYRGAALLGGVPSRFSGSAAGTDFTLTIGNLQ
AEDFGTFYCQQYDTYPGTFGQGTKVEVKRTVAAPSVFIFPPSDEQLKSGTASVVCLLNNFYPREAKVQWKVDNALQSGNS
QESVTEQDSKDSTYSLSSTLTLSKADYEKHKVYACEVTHQGLSSPVTKSFNRGEC
;
C,E,L
3 'polypeptide(L)'
;NLWVTVYYGVPVWRDADTTLFCASDAKAHVPEAHNVWATHACVPTDPNPQEIPLENVTENFNMWKNNMVEQMQEDVISLW
DQSLKPCVKLTPLCVTLNCTKANLTHNTTNDKNGTGNITDEVKIGNITDEVKNCTFNMTTEIRDKQQKVHALFYALDIVQ
MKENGSEYRLISCNTSVIKQACPKISFDPIPIHYCAPAGYAILKCNDKKFNGTGPCKNVSTVQCTHGIKPVVSTQLLLNG
SLAEEEIIIRSENLTNNAKNIIVHLNKSVSISCTRPSNNTRTSIRIGPGQMFYRTGDIIGDIRKAYCELNGTEWNETLNK
VTEKLKEHFNKTIVFQPPSGGDLETTMHHFNCRGEFFYCNTTKLFNTKNGTREEFNGTIILPCRIKQIVNMWQGVGQAMY
APPISGIINCTSNITGIILTRDGGNGNTTDETFRPGGGNIKDNWRSELYKYKVVQIEPLGIAPTRCKRRVVDGGGGSGGG
GSAVGIGAMIFGFLGAAGSTMGAASITLTVQARQLLSGNPDWLPDMTVWGIKQLQARVLAVERYLKDQKFLGLWGCSGKI
ICCTNVPWNSTWSNKSYEEIWNNMTWIEWEKEISNYTNRIYDLLTESQNQQERNEKDLLELD
;
R,S,T,X,Y,Z
#
loop_
_chem_comp.id
_chem_comp.type
_chem_comp.name
_chem_comp.formula
BMA D-saccharide, beta linking beta-D-mannopyranose 'C6 H12 O6'
MAN D-saccharide, alpha linking alpha-D-mannopyranose 'C6 H12 O6'
NAG D-saccharide, beta linking 2-acetamido-2-deoxy-beta-D-glucopyranose 'C8 H15 N O6'
#
# COMPACT_ATOMS: atom_id res chain seq x y z
N GLN A 1 -7.47 35.64 -20.73
CA GLN A 1 -7.85 36.42 -21.91
C GLN A 1 -9.13 37.21 -21.65
N ILE A 2 -9.05 38.23 -20.80
CA ILE A 2 -10.18 39.06 -20.45
C ILE A 2 -10.00 40.42 -21.12
N HIS A 3 -10.87 40.72 -22.08
CA HIS A 3 -10.86 42.01 -22.77
C HIS A 3 -12.13 42.76 -22.44
N LEU A 4 -12.01 43.99 -21.97
CA LEU A 4 -13.15 44.83 -21.66
C LEU A 4 -13.26 45.92 -22.71
N VAL A 5 -14.39 45.97 -23.40
CA VAL A 5 -14.61 46.93 -24.48
C VAL A 5 -15.69 47.91 -24.04
N GLN A 6 -15.42 49.19 -24.21
CA GLN A 6 -16.33 50.23 -23.73
C GLN A 6 -16.86 51.07 -24.89
N SER A 7 -17.88 51.85 -24.58
CA SER A 7 -18.47 52.74 -25.57
C SER A 7 -17.54 53.93 -25.82
N GLY A 8 -17.88 54.73 -26.83
CA GLY A 8 -17.02 55.82 -27.27
C GLY A 8 -17.25 57.10 -26.51
N THR A 9 -16.53 58.14 -26.95
CA THR A 9 -16.60 59.44 -26.31
C THR A 9 -17.99 60.05 -26.48
N GLU A 10 -18.51 60.61 -25.38
CA GLU A 10 -19.82 61.26 -25.38
C GLU A 10 -19.66 62.67 -24.85
N VAL A 11 -20.18 63.64 -25.60
CA VAL A 11 -20.13 65.06 -25.21
C VAL A 11 -21.57 65.50 -24.98
N LYS A 12 -21.83 66.02 -23.78
CA LYS A 12 -23.19 66.32 -23.36
C LYS A 12 -23.23 67.69 -22.71
N LYS A 13 -24.43 68.15 -22.45
CA LYS A 13 -24.72 69.40 -21.77
C LYS A 13 -25.27 69.15 -20.37
N PRO A 14 -25.08 70.09 -19.44
CA PRO A 14 -25.55 69.88 -18.07
C PRO A 14 -27.05 69.67 -18.02
N GLY A 15 -27.48 68.82 -17.08
CA GLY A 15 -28.86 68.47 -16.90
C GLY A 15 -29.28 67.16 -17.52
N SER A 16 -28.43 66.56 -18.34
CA SER A 16 -28.76 65.33 -19.05
C SER A 16 -28.23 64.11 -18.30
N SER A 17 -28.42 62.95 -18.91
CA SER A 17 -27.97 61.68 -18.35
C SER A 17 -27.24 60.90 -19.42
N VAL A 18 -26.26 60.09 -19.00
CA VAL A 18 -25.48 59.29 -19.93
C VAL A 18 -25.43 57.84 -19.46
N THR A 19 -25.14 56.96 -20.42
CA THR A 19 -25.02 55.54 -20.16
C THR A 19 -23.75 55.03 -20.82
N VAL A 20 -22.93 54.32 -20.03
CA VAL A 20 -21.70 53.72 -20.50
C VAL A 20 -21.84 52.20 -20.39
N SER A 21 -21.42 51.49 -21.43
CA SER A 21 -21.55 50.05 -21.49
C SER A 21 -20.18 49.40 -21.60
N CYS A 22 -19.98 48.31 -20.87
CA CYS A 22 -18.75 47.54 -20.91
C CYS A 22 -19.09 46.10 -21.23
N LYS A 23 -18.46 45.57 -22.28
CA LYS A 23 -18.60 44.18 -22.69
C LYS A 23 -17.37 43.41 -22.24
N ALA A 24 -17.59 42.29 -21.56
CA ALA A 24 -16.52 41.55 -20.91
C ALA A 24 -16.25 40.25 -21.67
N TYR A 25 -15.39 40.34 -22.67
CA TYR A 25 -14.94 39.13 -23.37
C TYR A 25 -14.03 38.33 -22.46
N GLY A 26 -14.32 37.04 -22.32
CA GLY A 26 -13.55 36.17 -21.46
C GLY A 26 -14.14 35.95 -20.09
N VAL A 27 -15.09 36.77 -19.66
CA VAL A 27 -15.75 36.58 -18.38
C VAL A 27 -16.87 35.58 -18.54
N ASN A 28 -16.74 34.42 -17.89
CA ASN A 28 -17.75 33.37 -18.05
C ASN A 28 -19.07 33.80 -17.45
N THR A 29 -19.05 34.45 -16.29
CA THR A 29 -20.27 34.92 -15.66
C THR A 29 -19.90 36.01 -14.65
N PHE A 30 -20.88 36.85 -14.34
CA PHE A 30 -20.73 37.84 -13.29
C PHE A 30 -21.08 37.31 -11.91
N GLY A 31 -21.44 36.03 -11.79
CA GLY A 31 -21.57 35.42 -10.48
C GLY A 31 -20.25 35.12 -9.82
N LEU A 32 -19.19 34.97 -10.60
CA LEU A 32 -17.84 34.73 -10.08
C LEU A 32 -16.91 35.91 -10.30
N TYR A 33 -17.38 36.97 -10.94
CA TYR A 33 -16.59 38.17 -11.18
C TYR A 33 -17.38 39.37 -10.69
N ALA A 34 -16.66 40.38 -10.19
CA ALA A 34 -17.27 41.63 -9.74
C ALA A 34 -16.87 42.75 -10.68
N VAL A 35 -17.82 43.65 -10.93
CA VAL A 35 -17.61 44.77 -11.84
C VAL A 35 -17.58 46.05 -11.02
N ASN A 36 -16.44 46.74 -11.04
CA ASN A 36 -16.26 47.98 -10.32
C ASN A 36 -16.07 49.11 -11.32
N TRP A 37 -16.90 50.14 -11.22
CA TRP A 37 -16.79 51.33 -12.05
C TRP A 37 -16.03 52.39 -11.27
N VAL A 38 -14.99 52.95 -11.90
CA VAL A 38 -14.15 53.96 -11.27
C VAL A 38 -14.01 55.15 -12.22
N ARG A 39 -13.59 56.28 -11.65
CA ARG A 39 -13.48 57.55 -12.34
C ARG A 39 -12.06 58.09 -12.24
N GLN A 40 -11.63 58.81 -13.27
CA GLN A 40 -10.35 59.51 -13.26
C GLN A 40 -10.55 60.89 -13.85
N ALA A 41 -10.41 61.92 -13.01
CA ALA A 41 -10.52 63.29 -13.47
C ALA A 41 -9.31 63.64 -14.34
N PRO A 42 -9.43 64.68 -15.18
CA PRO A 42 -8.32 65.02 -16.07
C PRO A 42 -7.14 65.66 -15.35
N GLY A 43 -6.30 64.84 -14.74
CA GLY A 43 -5.14 65.32 -13.99
C GLY A 43 -5.17 65.01 -12.52
N GLN A 44 -6.20 64.33 -12.02
CA GLN A 44 -6.33 63.95 -10.62
C GLN A 44 -6.16 62.43 -10.50
N SER A 45 -6.37 61.92 -9.30
CA SER A 45 -6.22 60.50 -9.02
C SER A 45 -7.54 59.77 -9.22
N LEU A 46 -7.46 58.45 -9.22
CA LEU A 46 -8.63 57.61 -9.48
C LEU A 46 -9.64 57.72 -8.34
N GLU A 47 -10.92 57.64 -8.70
CA GLU A 47 -12.00 57.69 -7.72
C GLU A 47 -12.96 56.54 -7.94
N TYR A 48 -13.41 55.94 -6.85
CA TYR A 48 -14.31 54.80 -6.90
C TYR A 48 -15.75 55.28 -7.08
N ILE A 49 -16.45 54.69 -8.05
CA ILE A 49 -17.84 55.08 -8.32
C ILE A 49 -18.79 54.05 -7.76
N GLY A 50 -18.70 52.82 -8.23
CA GLY A 50 -19.71 51.87 -7.83
C GLY A 50 -19.32 50.43 -8.12
N GLN A 51 -20.22 49.52 -7.76
CA GLN A 51 -19.93 48.11 -7.78
C GLN A 51 -21.18 47.31 -8.07
N ILE A 52 -21.03 46.25 -8.86
CA ILE A 52 -22.02 45.18 -8.96
C ILE A 52 -21.30 43.87 -8.66
N TRP A 53 -21.91 43.08 -7.77
CA TRP A 53 -21.27 41.90 -7.19
C TRP A 53 -22.34 40.99 -6.64
N ARG A 54 -22.32 39.72 -7.07
CA ARG A 54 -23.34 38.74 -6.67
C ARG A 54 -24.73 39.25 -7.01
N TRP A 55 -24.85 39.96 -8.13
CA TRP A 55 -26.11 40.55 -8.58
C TRP A 55 -26.67 41.52 -7.54
N LYS A 56 -25.79 42.24 -6.85
CA LYS A 56 -26.16 43.32 -5.95
C LYS A 56 -25.39 44.57 -6.37
N SER A 57 -26.10 45.69 -6.45
CA SER A 57 -25.53 46.94 -6.93
C SER A 57 -25.41 47.94 -5.79
N SER A 58 -24.28 48.64 -5.75
CA SER A 58 -24.04 49.64 -4.70
C SER A 58 -23.20 50.78 -5.26
N ALA A 59 -23.29 51.93 -4.60
CA ALA A 59 -22.54 53.11 -4.97
C ALA A 59 -22.02 53.80 -3.71
N SER A 60 -20.99 54.62 -3.89
CA SER A 60 -20.42 55.37 -2.78
C SER A 60 -21.41 56.44 -2.30
N HIS A 61 -21.08 57.04 -1.15
CA HIS A 61 -21.96 58.04 -0.56
C HIS A 61 -22.11 59.26 -1.46
N HIS A 62 -21.01 59.70 -2.09
CA HIS A 62 -21.07 60.87 -2.94
C HIS A 62 -21.90 60.65 -4.20
N PHE A 63 -22.20 59.40 -4.53
CA PHE A 63 -22.89 59.08 -5.77
C PHE A 63 -24.25 58.42 -5.57
N ARG A 64 -24.69 58.23 -4.34
CA ARG A 64 -25.97 57.56 -4.11
C ARG A 64 -27.12 58.41 -4.64
N GLY A 65 -28.03 57.76 -5.37
CA GLY A 65 -29.24 58.39 -5.85
C GLY A 65 -29.15 58.96 -7.25
N ARG A 66 -27.94 59.21 -7.76
CA ARG A 66 -27.76 59.76 -9.09
C ARG A 66 -26.93 58.88 -10.00
N VAL A 67 -26.55 57.69 -9.55
CA VAL A 67 -25.77 56.74 -10.34
C VAL A 67 -26.43 55.38 -10.21
N LEU A 68 -26.64 54.71 -11.34
CA LEU A 68 -27.30 53.41 -11.37
C LEU A 68 -26.50 52.43 -12.18
N ILE A 69 -26.23 51.25 -11.60
CA ILE A 69 -25.41 50.23 -12.25
C ILE A 69 -26.26 48.99 -12.48
N SER A 70 -26.20 48.44 -13.69
CA SER A 70 -26.92 47.23 -14.05
C SER A 70 -25.97 46.28 -14.78
N ALA A 71 -26.38 45.03 -14.91
CA ALA A 71 -25.55 44.06 -15.60
C ALA A 71 -26.42 42.90 -16.10
N VAL A 72 -25.97 42.30 -17.19
CA VAL A 72 -26.60 41.12 -17.77
C VAL A 72 -25.52 40.09 -18.09
N ASP A 73 -25.87 38.82 -17.90
CA ASP A 73 -24.91 37.73 -17.98
C ASP A 73 -24.69 37.32 -19.44
N LEU A 74 -23.94 36.24 -19.62
CA LEU A 74 -23.63 35.72 -20.96
C LEU A 74 -24.91 35.30 -21.67
N THR A 75 -25.04 35.72 -22.92
CA THR A 75 -26.21 35.43 -23.74
C THR A 75 -25.78 34.62 -24.96
N GLY A 76 -26.71 34.45 -25.90
CA GLY A 76 -26.41 33.66 -27.08
C GLY A 76 -25.38 34.30 -27.99
N SER A 77 -25.47 35.62 -28.18
CA SER A 77 -24.59 36.32 -29.12
C SER A 77 -24.02 37.61 -28.52
N SER A 78 -23.75 37.62 -27.22
CA SER A 78 -23.16 38.78 -26.59
C SER A 78 -22.50 38.38 -25.29
N PRO A 79 -21.31 38.90 -24.99
CA PRO A 79 -20.68 38.61 -23.71
C PRO A 79 -21.41 39.31 -22.58
N PRO A 80 -21.00 39.09 -21.32
CA PRO A 80 -21.63 39.82 -20.22
C PRO A 80 -21.45 41.32 -20.38
N ILE A 81 -22.48 42.08 -19.99
CA ILE A 81 -22.51 43.52 -20.16
C ILE A 81 -22.76 44.18 -18.82
N SER A 82 -22.06 45.28 -18.57
CA SER A 82 -22.30 46.13 -17.41
C SER A 82 -22.57 47.55 -17.87
N SER A 83 -23.54 48.21 -17.23
CA SER A 83 -23.98 49.53 -17.67
C SER A 83 -24.02 50.48 -16.49
N LEU A 84 -23.48 51.68 -16.71
CA LEU A 84 -23.44 52.76 -15.74
C LEU A 84 -24.27 53.92 -16.26
N GLU A 85 -25.24 54.38 -15.48
CA GLU A 85 -26.09 55.50 -15.85
C GLU A 85 -25.89 56.63 -14.86
N ILE A 86 -25.58 57.81 -15.39
CA ILE A 86 -25.30 58.99 -14.60
C ILE A 86 -26.38 60.02 -14.90
N LYS A 87 -27.07 60.47 -13.85
CA LYS A 87 -28.13 61.46 -13.95
C LYS A 87 -27.64 62.82 -13.45
N ASP A 88 -28.28 63.87 -13.97
CA ASP A 88 -28.02 65.24 -13.54
C ASP A 88 -26.54 65.59 -13.64
N LEU A 89 -26.01 65.48 -14.86
CA LEU A 89 -24.61 65.77 -15.10
C LEU A 89 -24.31 67.25 -14.84
N THR A 90 -23.11 67.51 -14.34
CA THR A 90 -22.61 68.86 -14.12
C THR A 90 -21.18 68.94 -14.62
N SER A 91 -20.59 70.14 -14.54
CA SER A 91 -19.26 70.37 -15.08
C SER A 91 -18.18 69.60 -14.34
N ASP A 92 -18.48 69.07 -13.16
CA ASP A 92 -17.48 68.34 -12.39
C ASP A 92 -17.37 66.87 -12.78
N ASP A 93 -18.24 66.38 -13.66
CA ASP A 93 -18.25 64.98 -14.04
C ASP A 93 -17.40 64.67 -15.25
N THR A 94 -16.81 65.68 -15.89
CA THR A 94 -15.94 65.43 -17.04
C THR A 94 -14.72 64.65 -16.61
N ALA A 95 -14.58 63.43 -17.13
CA ALA A 95 -13.55 62.51 -16.66
C ALA A 95 -13.54 61.27 -17.56
N VAL A 96 -12.60 60.39 -17.27
CA VAL A 96 -12.50 59.10 -17.96
C VAL A 96 -13.02 58.04 -17.00
N TYR A 97 -14.01 57.28 -17.46
CA TYR A 97 -14.65 56.25 -16.66
C TYR A 97 -14.11 54.89 -17.08
N PHE A 98 -13.83 54.05 -16.09
CA PHE A 98 -13.22 52.74 -16.30
C PHE A 98 -14.09 51.64 -15.70
N CYS A 99 -14.18 50.53 -16.41
CA CYS A 99 -14.69 49.28 -15.88
C CYS A 99 -13.54 48.38 -15.49
N THR A 100 -13.62 47.81 -14.29
CA THR A 100 -12.67 46.83 -13.81
C THR A 100 -13.42 45.57 -13.42
N THR A 101 -12.86 44.42 -13.74
CA THR A 101 -13.47 43.14 -13.46
C THR A 101 -12.51 42.30 -12.64
N THR A 102 -12.93 41.88 -11.46
CA THR A 102 -12.05 41.15 -10.55
C THR A 102 -12.66 39.80 -10.22
N SER A 103 -11.85 38.75 -10.30
CA SER A 103 -12.31 37.41 -9.96
C SER A 103 -12.64 37.31 -8.49
N THR A 104 -13.67 36.51 -8.17
CA THR A 104 -14.14 36.33 -6.81
C THR A 104 -14.22 34.86 -6.44
N TYR A 105 -14.01 33.95 -7.40
CA TYR A 105 -14.27 32.54 -7.17
C TYR A 105 -13.39 31.98 -6.05
N ASP A 106 -12.11 32.34 -6.04
CA ASP A 106 -11.21 31.88 -4.99
C ASP A 106 -11.47 32.69 -3.74
N LYS A 107 -11.96 32.03 -2.69
CA LYS A 107 -12.37 32.72 -1.48
C LYS A 107 -11.18 33.13 -0.62
N TRP A 108 -10.07 32.41 -0.71
CA TRP A 108 -8.87 32.74 0.04
C TRP A 108 -7.95 33.71 -0.67
N SER A 109 -8.28 34.12 -1.88
CA SER A 109 -7.42 35.00 -2.66
C SER A 109 -7.36 36.39 -2.03
N GLY A 110 -6.24 37.07 -2.26
CA GLY A 110 -6.00 38.39 -1.71
C GLY A 110 -6.48 39.55 -2.57
N LEU A 111 -7.20 39.27 -3.66
CA LEU A 111 -7.72 40.33 -4.50
C LEU A 111 -9.01 40.93 -4.00
N HIS A 112 -9.59 40.41 -2.91
CA HIS A 112 -10.83 40.93 -2.40
C HIS A 112 -10.90 40.73 -0.90
N HIS A 113 -11.48 41.71 -0.20
CA HIS A 113 -11.64 41.68 1.25
C HIS A 113 -13.08 42.10 1.57
N ASP A 114 -13.99 41.12 1.55
CA ASP A 114 -15.37 41.31 2.01
C ASP A 114 -16.07 42.45 1.27
N GLY A 115 -15.99 42.44 -0.06
CA GLY A 115 -16.67 43.40 -0.89
C GLY A 115 -15.77 44.45 -1.50
N VAL A 116 -14.83 45.00 -0.73
CA VAL A 116 -13.87 45.95 -1.27
C VAL A 116 -12.74 45.16 -1.89
N MET A 117 -12.37 45.51 -3.11
CA MET A 117 -11.67 44.57 -3.98
C MET A 117 -10.55 45.26 -4.73
N ALA A 118 -9.63 44.44 -5.25
CA ALA A 118 -8.64 44.86 -6.23
C ALA A 118 -9.27 44.93 -7.61
N PHE A 119 -8.52 45.49 -8.55
CA PHE A 119 -8.97 45.69 -9.93
C PHE A 119 -7.95 45.01 -10.85
N SER A 120 -8.18 43.74 -11.16
CA SER A 120 -7.22 42.94 -11.93
C SER A 120 -7.23 43.25 -13.42
N SER A 121 -8.39 43.56 -14.00
CA SER A 121 -8.48 43.87 -15.42
C SER A 121 -9.14 45.22 -15.60
N TRP A 122 -8.74 45.95 -16.63
CA TRP A 122 -9.23 47.30 -16.87
C TRP A 122 -9.65 47.46 -18.33
N GLY A 123 -10.68 48.27 -18.53
CA GLY A 123 -11.09 48.66 -19.87
C GLY A 123 -10.29 49.83 -20.39
N GLN A 124 -10.49 50.13 -21.67
CA GLN A 124 -9.75 51.20 -22.32
C GLN A 124 -10.17 52.58 -21.83
N GLY A 125 -11.27 52.70 -21.11
CA GLY A 125 -11.68 53.97 -20.56
C GLY A 125 -12.48 54.81 -21.54
N THR A 126 -13.57 55.40 -21.09
CA THR A 126 -14.41 56.24 -21.92
C THR A 126 -14.35 57.67 -21.41
N LEU A 127 -14.17 58.63 -22.33
CA LEU A 127 -14.08 60.03 -21.96
C LEU A 127 -15.46 60.66 -22.04
N ILE A 128 -15.90 61.28 -20.94
CA ILE A 128 -17.17 62.00 -20.90
C ILE A 128 -16.85 63.44 -20.57
N SER A 129 -17.25 64.34 -21.47
CA SER A 129 -17.04 65.78 -21.30
C SER A 129 -18.40 66.45 -21.27
N VAL A 130 -18.66 67.21 -20.20
CA VAL A 130 -19.93 67.87 -20.04
C VAL A 130 -19.77 69.39 -20.14
N ASP B 1 -12.60 56.64 6.60
CA ASP B 1 -12.03 56.52 5.26
C ASP B 1 -10.52 56.72 5.30
N ILE B 2 -9.78 55.66 4.96
CA ILE B 2 -8.33 55.72 5.02
C ILE B 2 -7.80 56.56 3.86
N GLN B 3 -6.97 57.54 4.19
CA GLN B 3 -6.31 58.39 3.19
C GLN B 3 -4.86 57.95 3.06
N MET B 4 -4.43 57.71 1.82
CA MET B 4 -3.10 57.20 1.54
C MET B 4 -2.32 58.25 0.75
N THR B 5 -1.10 58.55 1.21
CA THR B 5 -0.29 59.61 0.63
C THR B 5 1.05 59.05 0.16
N GLN B 6 1.53 59.55 -0.97
CA GLN B 6 2.82 59.17 -1.52
C GLN B 6 3.76 60.37 -1.48
N SER B 7 4.94 60.17 -0.91
CA SER B 7 5.87 61.27 -0.70
C SER B 7 6.57 61.70 -1.99
N PRO B 8 7.29 60.81 -2.71
CA PRO B 8 8.06 61.32 -3.87
C PRO B 8 7.20 61.62 -5.08
N SER B 9 6.64 62.83 -5.09
CA SER B 9 5.71 63.22 -6.15
C SER B 9 6.35 63.18 -7.53
N THR B 10 7.67 63.34 -7.60
CA THR B 10 8.38 63.30 -8.87
C THR B 10 9.73 62.63 -8.65
N LEU B 11 10.10 61.73 -9.57
CA LEU B 11 11.37 61.03 -9.49
C LEU B 11 11.98 60.94 -10.88
N SER B 12 13.29 60.72 -10.91
CA SER B 12 14.02 60.56 -12.15
C SER B 12 15.09 59.50 -11.95
N ALA B 13 15.31 58.67 -12.97
CA ALA B 13 16.27 57.58 -12.86
C ALA B 13 16.73 57.19 -14.26
N SER B 14 17.84 56.47 -14.30
CA SER B 14 18.39 55.95 -15.54
C SER B 14 18.10 54.45 -15.67
N ILE B 15 18.31 53.93 -16.87
CA ILE B 15 18.07 52.52 -17.13
C ILE B 15 19.07 51.69 -16.34
N GLY B 16 18.58 50.68 -15.61
CA GLY B 16 19.39 49.87 -14.75
C GLY B 16 19.39 50.29 -13.29
N ASP B 17 18.76 51.41 -12.97
CA ASP B 17 18.72 51.91 -11.61
C ASP B 17 17.67 51.16 -10.79
N THR B 18 17.53 51.56 -9.53
CA THR B 18 16.53 51.01 -8.63
C THR B 18 15.75 52.16 -8.01
N VAL B 19 14.43 52.03 -7.96
CA VAL B 19 13.55 53.10 -7.49
C VAL B 19 12.71 52.58 -6.34
N ARG B 20 12.61 53.38 -5.28
CA ARG B 20 11.77 53.09 -4.13
C ARG B 20 10.65 54.12 -4.03
N ILE B 21 9.42 53.64 -3.92
CA ILE B 21 8.24 54.50 -3.78
C ILE B 21 7.55 54.12 -2.48
N SER B 22 7.20 55.13 -1.68
CA SER B 22 6.64 54.91 -0.36
C SER B 22 5.23 55.47 -0.28
N CYS B 23 4.32 54.68 0.28
CA CYS B 23 2.93 55.07 0.47
C CYS B 23 2.58 54.86 1.94
N ARG B 24 2.00 55.89 2.55
CA ARG B 24 1.69 55.89 3.98
C ARG B 24 0.20 56.13 4.18
N ALA B 25 -0.40 55.32 5.04
CA ALA B 25 -1.84 55.39 5.30
C ALA B 25 -2.11 56.12 6.61
N SER B 26 -3.34 56.62 6.74
CA SER B 26 -3.76 57.29 7.96
C SER B 26 -4.02 56.33 9.10
N GLN B 27 -4.24 55.05 8.81
CA GLN B 27 -4.46 54.03 9.82
C GLN B 27 -3.65 52.80 9.48
N SER B 28 -3.32 52.02 10.50
CA SER B 28 -2.60 50.77 10.28
C SER B 28 -3.49 49.76 9.59
N ILE B 29 -2.92 49.08 8.60
CA ILE B 29 -3.62 48.02 7.87
C ILE B 29 -2.87 46.73 8.19
N THR B 30 -3.36 45.99 9.18
CA THR B 30 -2.69 44.77 9.59
C THR B 30 -2.91 43.62 8.62
N GLY B 31 -3.87 43.76 7.70
CA GLY B 31 -4.14 42.74 6.72
C GLY B 31 -3.34 42.82 5.44
N ASN B 32 -2.41 43.76 5.35
CA ASN B 32 -1.62 43.97 4.13
C ASN B 32 -2.53 44.19 2.92
N TRP B 33 -3.59 44.97 3.12
CA TRP B 33 -4.64 45.17 2.13
C TRP B 33 -4.28 46.37 1.24
N VAL B 34 -3.21 46.21 0.47
CA VAL B 34 -2.72 47.28 -0.39
C VAL B 34 -2.40 46.75 -1.78
N ALA B 35 -2.51 47.64 -2.76
CA ALA B 35 -2.28 47.31 -4.17
C ALA B 35 -1.48 48.42 -4.84
N TRP B 36 -0.56 48.02 -5.71
CA TRP B 36 0.27 48.92 -6.49
C TRP B 36 -0.05 48.75 -7.97
N TYR B 37 -0.37 49.87 -8.62
CA TYR B 37 -0.75 49.93 -10.03
C TYR B 37 0.23 50.80 -10.82
N GLN B 38 0.36 50.49 -12.10
CA GLN B 38 1.14 51.25 -13.07
C GLN B 38 0.22 51.86 -14.11
N GLN B 39 0.57 53.05 -14.61
CA GLN B 39 -0.18 53.71 -15.66
C GLN B 39 0.76 54.48 -16.57
N ARG B 40 0.53 54.37 -17.86
CA ARG B 40 1.24 55.13 -18.89
C ARG B 40 0.30 56.12 -19.54
N PRO B 41 0.82 57.21 -20.10
CA PRO B 41 -0.06 58.23 -20.68
C PRO B 41 -0.93 57.66 -21.79
N GLY B 42 -2.22 58.01 -21.75
CA GLY B 42 -3.15 57.56 -22.77
C GLY B 42 -3.57 56.11 -22.66
N LYS B 43 -3.27 55.43 -21.56
CA LYS B 43 -3.57 54.02 -21.39
C LYS B 43 -4.22 53.78 -20.05
N ALA B 44 -4.83 52.61 -19.91
CA ALA B 44 -5.52 52.25 -18.68
C ALA B 44 -4.51 51.84 -17.60
N PRO B 45 -4.87 52.02 -16.32
CA PRO B 45 -4.00 51.53 -15.24
C PRO B 45 -3.87 50.02 -15.28
N ARG B 46 -2.72 49.54 -14.81
CA ARG B 46 -2.38 48.12 -14.82
C ARG B 46 -2.01 47.69 -13.40
N LEU B 47 -2.68 46.65 -12.91
CA LEU B 47 -2.36 46.10 -11.60
C LEU B 47 -1.00 45.43 -11.62
N LEU B 48 -0.20 45.70 -10.60
CA LEU B 48 1.14 45.14 -10.48
C LEU B 48 1.31 44.27 -9.24
N ILE B 49 0.90 44.76 -8.08
CA ILE B 49 1.07 43.99 -6.84
C ILE B 49 -0.18 44.11 -5.98
N TYR B 50 -0.60 42.99 -5.40
CA TYR B 50 -1.67 42.97 -4.40
C TYR B 50 -1.14 42.29 -3.14
N ARG B 51 -1.83 42.54 -2.02
CA ARG B 51 -1.43 42.01 -0.71
C ARG B 51 -0.02 42.48 -0.32
N GLY B 52 0.33 43.68 -0.75
CA GLY B 52 1.65 44.21 -0.41
C GLY B 52 2.81 43.60 -1.15
N ALA B 53 2.90 42.28 -1.19
CA ALA B 53 4.07 41.63 -1.78
C ALA B 53 3.73 40.42 -2.64
N ALA B 54 2.49 40.31 -3.13
CA ALA B 54 2.09 39.22 -4.01
C ALA B 54 2.10 39.73 -5.44
N LEU B 55 2.69 38.95 -6.33
CA LEU B 55 3.00 39.38 -7.70
C LEU B 55 2.07 38.67 -8.68
N LEU B 56 1.45 39.43 -9.57
CA LEU B 56 0.56 38.84 -10.56
C LEU B 56 1.33 38.06 -11.60
N GLY B 57 0.62 37.15 -12.26
CA GLY B 57 1.21 36.41 -13.36
C GLY B 57 1.52 37.34 -14.53
N GLY B 58 2.72 37.22 -15.07
CA GLY B 58 3.13 38.02 -16.21
C GLY B 58 3.87 39.29 -15.85
N VAL B 59 3.73 39.78 -14.63
CA VAL B 59 4.51 40.94 -14.20
C VAL B 59 5.93 40.46 -13.83
N PRO B 60 6.97 41.08 -14.36
CA PRO B 60 8.32 40.54 -14.17
C PRO B 60 8.75 40.55 -12.71
N SER B 61 9.73 39.70 -12.41
CA SER B 61 10.23 39.53 -11.06
C SER B 61 10.97 40.76 -10.55
N ARG B 62 11.26 41.74 -11.43
CA ARG B 62 11.97 42.93 -10.99
C ARG B 62 11.19 43.68 -9.93
N PHE B 63 9.87 43.81 -10.11
CA PHE B 63 9.05 44.52 -9.15
C PHE B 63 8.95 43.74 -7.85
N SER B 64 8.98 44.47 -6.73
CA SER B 64 8.82 43.85 -5.42
C SER B 64 8.14 44.84 -4.49
N GLY B 65 7.59 44.33 -3.41
CA GLY B 65 6.89 45.17 -2.46
C GLY B 65 7.09 44.70 -1.03
N SER B 66 6.93 45.64 -0.11
CA SER B 66 7.02 45.35 1.32
C SER B 66 5.92 46.12 2.04
N ALA B 67 5.38 45.51 3.08
CA ALA B 67 4.28 46.09 3.84
C ALA B 67 4.58 46.00 5.32
N ALA B 68 4.34 47.09 6.05
CA ALA B 68 4.53 47.09 7.50
C ALA B 68 3.67 48.18 8.09
N GLY B 69 2.58 47.81 8.74
CA GLY B 69 1.73 48.76 9.42
C GLY B 69 1.17 49.85 8.53
N THR B 70 1.68 51.07 8.69
CA THR B 70 1.24 52.21 7.89
C THR B 70 2.17 52.52 6.75
N ASP B 71 3.26 51.78 6.56
CA ASP B 71 4.25 52.08 5.55
C ASP B 71 4.33 50.95 4.53
N PHE B 72 4.19 51.30 3.26
CA PHE B 72 4.27 50.32 2.18
C PHE B 72 5.25 50.82 1.13
N THR B 73 6.09 49.91 0.64
CA THR B 73 7.18 50.27 -0.24
C THR B 73 7.13 49.43 -1.51
N LEU B 74 7.29 50.09 -2.65
CA LEU B 74 7.42 49.45 -3.95
C LEU B 74 8.84 49.65 -4.46
N THR B 75 9.52 48.56 -4.79
CA THR B 75 10.90 48.57 -5.23
C THR B 75 10.98 48.06 -6.66
N ILE B 76 11.60 48.84 -7.53
CA ILE B 76 11.79 48.48 -8.93
C ILE B 76 13.29 48.38 -9.17
N GLY B 77 13.77 47.17 -9.47
CA GLY B 77 15.17 46.94 -9.73
C GLY B 77 15.43 46.72 -11.21
N ASN B 78 16.60 47.17 -11.67
CA ASN B 78 17.00 47.10 -13.07
C ASN B 78 15.95 47.77 -13.95
N LEU B 79 15.72 49.05 -13.68
CA LEU B 79 14.66 49.81 -14.33
C LEU B 79 14.86 49.82 -15.84
N GLN B 80 13.78 49.59 -16.57
CA GLN B 80 13.79 49.57 -18.03
C GLN B 80 12.93 50.70 -18.57
N ALA B 81 12.92 50.81 -19.90
CA ALA B 81 12.19 51.91 -20.55
C ALA B 81 10.69 51.79 -20.35
N GLU B 82 10.16 50.56 -20.35
CA GLU B 82 8.72 50.37 -20.26
C GLU B 82 8.16 50.65 -18.87
N ASP B 83 9.01 50.86 -17.88
CA ASP B 83 8.56 51.00 -16.50
C ASP B 83 8.34 52.44 -16.08
N PHE B 84 8.48 53.40 -16.99
CA PHE B 84 8.25 54.79 -16.63
C PHE B 84 6.76 55.12 -16.67
N GLY B 85 6.37 56.15 -15.91
CA GLY B 85 4.97 56.51 -15.86
C GLY B 85 4.54 56.78 -14.43
N THR B 86 3.22 56.71 -14.20
CA THR B 86 2.63 57.08 -12.92
C THR B 86 2.24 55.84 -12.14
N PHE B 87 2.63 55.79 -10.87
CA PHE B 87 2.34 54.66 -10.00
C PHE B 87 1.34 55.07 -8.92
N TYR B 88 0.44 54.15 -8.59
CA TYR B 88 -0.61 54.41 -7.61
C TYR B 88 -0.65 53.32 -6.55
N CYS B 89 -1.02 53.72 -5.33
CA CYS B 89 -1.27 52.79 -4.22
C CYS B 89 -2.73 52.90 -3.80
N GLN B 90 -3.33 51.74 -3.49
CA GLN B 90 -4.73 51.66 -3.11
C GLN B 90 -4.88 50.73 -1.91
N GLN B 91 -5.90 50.99 -1.08
CA GLN B 91 -6.21 50.16 0.07
C GLN B 91 -7.48 49.36 -0.17
N TYR B 92 -7.58 48.22 0.54
CA TYR B 92 -8.74 47.35 0.46
C TYR B 92 -9.55 47.36 1.75
N ASP B 93 -8.99 47.87 2.85
CA ASP B 93 -9.49 47.52 4.18
C ASP B 93 -10.86 48.13 4.45
N THR B 94 -11.04 49.41 4.18
CA THR B 94 -12.26 50.11 4.53
C THR B 94 -13.02 50.50 3.27
N TYR B 95 -14.35 50.53 3.40
CA TYR B 95 -15.23 50.90 2.31
C TYR B 95 -15.50 52.40 2.32
N PRO B 96 -15.28 53.11 1.22
CA PRO B 96 -14.79 52.61 -0.06
C PRO B 96 -13.27 52.62 -0.18
N GLY B 97 -12.75 51.95 -1.21
CA GLY B 97 -11.34 52.00 -1.46
C GLY B 97 -10.89 53.38 -1.92
N THR B 98 -9.64 53.71 -1.60
CA THR B 98 -9.09 55.02 -1.91
C THR B 98 -7.71 54.87 -2.54
N PHE B 99 -7.41 55.73 -3.50
CA PHE B 99 -6.16 55.69 -4.25
C PHE B 99 -5.23 56.80 -3.79
N GLY B 100 -3.93 56.59 -4.02
CA GLY B 100 -2.96 57.62 -3.77
C GLY B 100 -2.90 58.64 -4.89
N GLN B 101 -2.13 59.71 -4.65
CA GLN B 101 -2.00 60.77 -5.64
C GLN B 101 -1.06 60.40 -6.78
N GLY B 102 -0.29 59.34 -6.63
CA GLY B 102 0.54 58.87 -7.74
C GLY B 102 1.91 59.51 -7.75
N THR B 103 2.89 58.72 -8.18
CA THR B 103 4.27 59.17 -8.32
C THR B 103 4.73 58.98 -9.75
N LYS B 104 5.38 59.99 -10.31
CA LYS B 104 5.78 59.98 -11.71
C LYS B 104 7.26 59.63 -11.81
N VAL B 105 7.57 58.59 -12.58
CA VAL B 105 8.94 58.16 -12.85
C VAL B 105 9.26 58.51 -14.29
N GLU B 106 10.27 59.37 -14.48
CA GLU B 106 10.65 59.88 -15.80
C GLU B 106 12.11 59.59 -16.09
N GLN C 1 40.32 -13.97 3.70
CA GLN C 1 40.52 -13.65 5.11
C GLN C 1 41.61 -12.62 5.29
N ILE C 2 42.08 -12.47 6.53
CA ILE C 2 43.13 -11.51 6.86
C ILE C 2 44.33 -12.29 7.38
N HIS C 3 45.48 -12.10 6.73
CA HIS C 3 46.73 -12.71 7.16
C HIS C 3 47.79 -11.63 7.30
N LEU C 4 48.46 -11.57 8.44
CA LEU C 4 49.53 -10.62 8.66
C LEU C 4 50.85 -11.37 8.73
N VAL C 5 51.83 -10.94 7.93
CA VAL C 5 53.13 -11.59 7.88
C VAL C 5 54.19 -10.58 8.28
N GLN C 6 55.19 -11.05 9.03
CA GLN C 6 56.27 -10.19 9.50
C GLN C 6 57.62 -10.77 9.11
N SER C 7 58.65 -9.97 9.34
CA SER C 7 60.02 -10.39 9.05
C SER C 7 60.49 -11.43 10.06
N GLY C 8 61.60 -12.07 9.73
CA GLY C 8 62.12 -13.16 10.53
C GLY C 8 62.92 -12.69 11.73
N THR C 9 63.52 -13.66 12.41
CA THR C 9 64.29 -13.39 13.61
C THR C 9 65.49 -12.50 13.28
N GLU C 10 65.82 -11.61 14.21
CA GLU C 10 66.92 -10.67 14.05
C GLU C 10 67.72 -10.61 15.34
N VAL C 11 69.03 -10.76 15.23
CA VAL C 11 69.93 -10.74 16.38
C VAL C 11 70.87 -9.55 16.21
N LYS C 12 70.87 -8.66 17.20
CA LYS C 12 71.64 -7.42 17.12
C LYS C 12 72.41 -7.21 18.41
N LYS C 13 73.22 -6.16 18.42
CA LYS C 13 74.03 -5.76 19.56
C LYS C 13 73.52 -4.44 20.12
N PRO C 14 73.78 -4.19 21.41
CA PRO C 14 73.33 -2.92 22.02
C PRO C 14 73.90 -1.70 21.30
N GLY C 15 73.09 -0.65 21.24
CA GLY C 15 73.47 0.58 20.58
C GLY C 15 72.96 0.72 19.17
N SER C 16 72.50 -0.35 18.55
CA SER C 16 72.04 -0.34 17.18
C SER C 16 70.54 -0.07 17.12
N SER C 17 69.99 -0.11 15.91
CA SER C 17 68.57 0.11 15.68
C SER C 17 68.01 -1.04 14.86
N VAL C 18 66.71 -1.31 15.04
CA VAL C 18 66.07 -2.42 14.34
C VAL C 18 64.77 -1.95 13.73
N THR C 19 64.36 -2.65 12.67
CA THR C 19 63.11 -2.38 11.98
C THR C 19 62.38 -3.69 11.70
N VAL C 20 61.07 -3.71 11.94
CA VAL C 20 60.22 -4.87 11.75
C VAL C 20 59.07 -4.47 10.85
N SER C 21 58.80 -5.28 9.84
CA SER C 21 57.75 -5.02 8.87
C SER C 21 56.54 -5.91 9.14
N CYS C 22 55.40 -5.49 8.60
CA CYS C 22 54.14 -6.19 8.79
C CYS C 22 53.27 -5.95 7.57
N LYS C 23 53.14 -6.97 6.73
CA LYS C 23 52.31 -6.89 5.53
C LYS C 23 50.94 -7.49 5.85
N ALA C 24 49.89 -6.76 5.50
CA ALA C 24 48.53 -7.10 5.90
C ALA C 24 47.72 -7.50 4.67
N TYR C 25 47.70 -8.79 4.37
CA TYR C 25 46.85 -9.33 3.31
C TYR C 25 45.41 -9.35 3.79
N GLY C 26 44.51 -8.80 2.99
CA GLY C 26 43.10 -8.75 3.32
C GLY C 26 42.62 -7.42 3.86
N VAL C 27 43.53 -6.54 4.23
CA VAL C 27 43.16 -5.21 4.72
C VAL C 27 43.03 -4.29 3.52
N ASN C 28 41.81 -3.79 3.26
CA ASN C 28 41.59 -2.95 2.11
C ASN C 28 42.34 -1.64 2.21
N THR C 29 42.34 -1.03 3.40
CA THR C 29 43.09 0.19 3.62
C THR C 29 43.28 0.38 5.12
N PHE C 30 44.31 1.14 5.48
CA PHE C 30 44.54 1.52 6.86
C PHE C 30 43.74 2.74 7.29
N GLY C 31 42.94 3.32 6.39
CA GLY C 31 41.99 4.33 6.82
C GLY C 31 40.81 3.79 7.57
N LEU C 32 40.50 2.50 7.37
CA LEU C 32 39.41 1.84 8.08
C LEU C 32 39.91 0.78 9.06
N TYR C 33 41.22 0.54 9.12
CA TYR C 33 41.82 -0.42 10.03
C TYR C 33 42.89 0.29 10.83
N ALA C 34 43.08 -0.14 12.07
CA ALA C 34 44.09 0.43 12.96
C ALA C 34 45.14 -0.62 13.26
N VAL C 35 46.41 -0.18 13.28
CA VAL C 35 47.55 -1.05 13.47
C VAL C 35 48.10 -0.81 14.87
N ASN C 36 48.30 -1.88 15.63
CA ASN C 36 48.83 -1.80 16.98
C ASN C 36 50.04 -2.72 17.09
N TRP C 37 51.13 -2.19 17.65
CA TRP C 37 52.35 -2.95 17.85
C TRP C 37 52.47 -3.26 19.34
N VAL C 38 52.70 -4.54 19.65
CA VAL C 38 52.70 -5.07 21.01
C VAL C 38 54.00 -5.83 21.26
N ARG C 39 54.44 -5.84 22.51
CA ARG C 39 55.65 -6.54 22.93
C ARG C 39 55.29 -7.69 23.87
N GLN C 40 56.12 -8.73 23.86
CA GLN C 40 55.97 -9.84 24.79
C GLN C 40 57.36 -10.34 25.16
N ALA C 41 57.81 -10.02 26.37
CA ALA C 41 59.06 -10.56 26.86
C ALA C 41 58.91 -12.06 27.12
N PRO C 42 60.00 -12.83 27.05
CA PRO C 42 59.88 -14.28 27.23
C PRO C 42 59.48 -14.63 28.66
N GLY C 43 58.38 -15.37 28.79
CA GLY C 43 57.88 -15.75 30.10
C GLY C 43 57.10 -14.67 30.83
N GLN C 44 56.78 -13.56 30.17
CA GLN C 44 56.04 -12.47 30.77
C GLN C 44 54.73 -12.26 30.00
N SER C 45 54.04 -11.17 30.32
CA SER C 45 52.78 -10.83 29.69
C SER C 45 53.01 -9.83 28.56
N LEU C 46 51.93 -9.41 27.92
CA LEU C 46 52.00 -8.54 26.76
C LEU C 46 52.10 -7.08 27.18
N GLU C 47 52.77 -6.28 26.36
CA GLU C 47 52.95 -4.87 26.62
C GLU C 47 52.68 -4.07 25.35
N TYR C 48 51.82 -3.06 25.47
CA TYR C 48 51.50 -2.19 24.34
C TYR C 48 52.71 -1.35 23.97
N ILE C 49 52.98 -1.23 22.66
CA ILE C 49 54.07 -0.39 22.18
C ILE C 49 53.51 0.85 21.50
N GLY C 50 52.72 0.65 20.45
CA GLY C 50 52.33 1.84 19.70
C GLY C 50 51.19 1.60 18.75
N GLN C 51 50.82 2.66 18.04
CA GLN C 51 49.60 2.67 17.24
C GLN C 51 49.75 3.54 16.01
N ILE C 52 49.22 3.07 14.89
CA ILE C 52 48.93 3.88 13.71
C ILE C 52 47.42 3.81 13.49
N TRP C 53 46.78 4.97 13.51
CA TRP C 53 45.32 5.04 13.42
C TRP C 53 44.95 6.30 12.67
N ARG C 54 44.20 6.14 11.58
CA ARG C 54 43.80 7.25 10.72
C ARG C 54 45.01 8.08 10.30
N TRP C 55 46.11 7.40 10.01
CA TRP C 55 47.37 8.00 9.58
C TRP C 55 47.95 8.92 10.64
N LYS C 56 47.64 8.67 11.91
CA LYS C 56 48.26 9.34 13.04
C LYS C 56 49.04 8.32 13.84
N SER C 57 50.26 8.69 14.21
CA SER C 57 51.18 7.80 14.91
C SER C 57 51.28 8.17 16.38
N SER C 58 51.20 7.17 17.24
CA SER C 58 51.27 7.40 18.68
C SER C 58 52.08 6.29 19.33
N ALA C 59 52.76 6.65 20.42
CA ALA C 59 53.51 5.70 21.22
C ALA C 59 53.26 5.97 22.70
N SER C 60 53.37 4.93 23.52
CA SER C 60 53.14 5.08 24.95
C SER C 60 54.26 5.89 25.59
N HIS C 61 54.07 6.21 26.87
CA HIS C 61 55.03 7.06 27.58
C HIS C 61 56.39 6.39 27.69
N HIS C 62 56.41 5.08 27.92
CA HIS C 62 57.68 4.37 28.12
C HIS C 62 58.51 4.27 26.84
N PHE C 63 57.94 4.59 25.68
CA PHE C 63 58.63 4.41 24.41
C PHE C 63 58.73 5.69 23.58
N ARG C 64 58.35 6.83 24.14
CA ARG C 64 58.40 8.07 23.37
C ARG C 64 59.85 8.45 23.05
N GLY C 65 60.09 8.79 21.79
CA GLY C 65 61.40 9.19 21.33
C GLY C 65 62.32 8.05 20.91
N ARG C 66 61.97 6.81 21.22
CA ARG C 66 62.77 5.65 20.86
C ARG C 66 62.14 4.80 19.78
N VAL C 67 60.82 4.84 19.64
CA VAL C 67 60.09 4.00 18.70
C VAL C 67 59.44 4.90 17.67
N LEU C 68 59.60 4.54 16.39
CA LEU C 68 58.95 5.24 15.29
C LEU C 68 58.14 4.24 14.47
N ILE C 69 56.86 4.54 14.26
CA ILE C 69 55.96 3.64 13.55
C ILE C 69 55.44 4.34 12.30
N SER C 70 55.51 3.64 11.18
CA SER C 70 55.09 4.17 9.88
C SER C 70 54.19 3.15 9.19
N ALA C 71 53.52 3.58 8.14
CA ALA C 71 52.62 2.70 7.41
C ALA C 71 52.32 3.28 6.04
N VAL C 72 52.22 2.41 5.04
CA VAL C 72 51.77 2.80 3.70
C VAL C 72 50.68 1.83 3.25
N ASP C 73 49.86 2.31 2.33
CA ASP C 73 48.63 1.64 1.95
C ASP C 73 48.84 0.72 0.74
N LEU C 74 47.74 0.18 0.22
CA LEU C 74 47.77 -0.69 -0.94
C LEU C 74 48.38 0.04 -2.14
N THR C 75 49.33 -0.61 -2.80
CA THR C 75 50.08 0.04 -3.87
C THR C 75 49.82 -0.53 -5.26
N GLY C 76 49.55 -1.82 -5.37
CA GLY C 76 49.37 -2.43 -6.68
C GLY C 76 50.19 -3.69 -6.85
N SER C 77 51.34 -3.74 -6.17
CA SER C 77 52.18 -4.92 -6.18
C SER C 77 52.35 -5.55 -4.80
N SER C 78 52.04 -4.81 -3.73
CA SER C 78 52.19 -5.34 -2.38
C SER C 78 51.01 -4.86 -1.54
N PRO C 79 50.63 -5.60 -0.51
CA PRO C 79 49.53 -5.17 0.36
C PRO C 79 49.97 -4.02 1.24
N PRO C 80 49.05 -3.41 1.99
CA PRO C 80 49.46 -2.37 2.94
C PRO C 80 50.45 -2.92 3.95
N ILE C 81 51.41 -2.09 4.33
CA ILE C 81 52.46 -2.51 5.25
C ILE C 81 52.64 -1.48 6.34
N SER C 82 53.09 -1.97 7.50
CA SER C 82 53.42 -1.16 8.65
C SER C 82 54.83 -1.49 9.10
N SER C 83 55.49 -0.52 9.71
CA SER C 83 56.90 -0.65 10.08
C SER C 83 57.12 -0.09 11.47
N LEU C 84 57.84 -0.85 12.29
CA LEU C 84 58.17 -0.50 13.66
C LEU C 84 59.69 -0.37 13.75
N GLU C 85 60.18 0.76 14.24
CA GLU C 85 61.61 1.00 14.33
C GLU C 85 61.97 1.34 15.76
N ILE C 86 63.00 0.66 16.28
CA ILE C 86 63.55 0.92 17.61
C ILE C 86 64.93 1.52 17.43
N LYS C 87 65.13 2.72 17.99
CA LYS C 87 66.35 3.48 17.75
C LYS C 87 67.53 2.93 18.53
N ASP C 88 67.42 2.91 19.86
CA ASP C 88 68.50 2.45 20.73
C ASP C 88 68.06 1.18 21.42
N LEU C 89 68.79 0.10 21.20
CA LEU C 89 68.46 -1.17 21.82
C LEU C 89 69.25 -1.38 23.10
N THR C 90 68.68 -2.20 23.99
CA THR C 90 69.31 -2.57 25.24
C THR C 90 68.97 -4.03 25.53
N SER C 91 69.56 -4.57 26.60
CA SER C 91 69.38 -5.97 26.92
C SER C 91 67.96 -6.31 27.32
N ASP C 92 67.15 -5.31 27.69
CA ASP C 92 65.79 -5.54 28.13
C ASP C 92 64.78 -5.55 27.00
N ASP C 93 65.19 -5.21 25.78
CA ASP C 93 64.27 -5.15 24.65
C ASP C 93 64.12 -6.49 23.94
N THR C 94 64.87 -7.51 24.32
CA THR C 94 64.73 -8.82 23.71
C THR C 94 63.35 -9.40 24.00
N ALA C 95 62.58 -9.67 22.96
CA ALA C 95 61.19 -10.06 23.12
C ALA C 95 60.62 -10.45 21.76
N VAL C 96 59.38 -10.91 21.78
CA VAL C 96 58.61 -11.18 20.57
C VAL C 96 57.69 -9.99 20.32
N TYR C 97 57.79 -9.42 19.13
CA TYR C 97 57.00 -8.26 18.74
C TYR C 97 55.86 -8.71 17.83
N PHE C 98 54.66 -8.22 18.12
CA PHE C 98 53.45 -8.62 17.42
C PHE C 98 52.82 -7.42 16.73
N CYS C 99 52.29 -7.67 15.54
CA CYS C 99 51.53 -6.72 14.75
C CYS C 99 50.08 -7.13 14.76
N THR C 100 49.19 -6.23 15.18
CA THR C 100 47.77 -6.52 15.25
C THR C 100 47.01 -5.46 14.47
N THR C 101 45.86 -5.87 13.95
CA THR C 101 45.01 -4.97 13.16
C THR C 101 43.57 -5.14 13.58
N THR C 102 42.88 -4.01 13.77
CA THR C 102 41.50 -4.03 14.22
C THR C 102 40.66 -3.10 13.36
N SER C 103 39.47 -3.56 12.98
CA SER C 103 38.57 -2.78 12.16
C SER C 103 38.00 -1.59 12.93
N THR C 104 37.88 -0.44 12.25
CA THR C 104 37.35 0.77 12.84
C THR C 104 36.21 1.37 12.02
N TYR C 105 35.67 0.62 11.05
CA TYR C 105 34.69 1.19 10.14
C TYR C 105 33.39 1.54 10.85
N ASP C 106 32.94 0.68 11.76
CA ASP C 106 31.69 0.91 12.49
C ASP C 106 32.00 1.62 13.80
N LYS C 107 31.34 2.76 14.02
CA LYS C 107 31.51 3.49 15.27
C LYS C 107 30.92 2.74 16.46
N TRP C 108 30.00 1.82 16.22
CA TRP C 108 29.33 1.06 17.27
C TRP C 108 29.87 -0.36 17.40
N SER C 109 31.10 -0.59 16.93
CA SER C 109 31.60 -1.96 16.83
C SER C 109 31.74 -2.61 18.20
N GLY C 110 32.24 -1.88 19.18
CA GLY C 110 32.55 -2.45 20.48
C GLY C 110 33.95 -2.99 20.60
N LEU C 111 34.71 -3.03 19.52
CA LEU C 111 36.10 -3.44 19.54
C LEU C 111 37.06 -2.29 19.74
N HIS C 112 36.56 -1.06 19.83
CA HIS C 112 37.42 0.10 20.03
C HIS C 112 36.67 1.13 20.87
N HIS C 113 37.41 1.82 21.73
CA HIS C 113 36.86 2.85 22.61
C HIS C 113 37.71 4.10 22.48
N ASP C 114 37.36 4.93 21.50
CA ASP C 114 37.95 6.26 21.32
C ASP C 114 39.48 6.21 21.24
N GLY C 115 40.01 5.25 20.48
CA GLY C 115 41.43 5.13 20.23
C GLY C 115 42.08 3.91 20.87
N VAL C 116 41.70 3.59 22.09
CA VAL C 116 42.23 2.42 22.77
C VAL C 116 41.38 1.23 22.37
N MET C 117 42.03 0.14 21.96
CA MET C 117 41.37 -0.83 21.10
C MET C 117 41.70 -2.26 21.52
N ALA C 118 40.86 -3.18 21.07
CA ALA C 118 41.15 -4.60 21.09
C ALA C 118 41.85 -5.00 19.81
N PHE C 119 42.29 -6.26 19.75
CA PHE C 119 43.11 -6.75 18.63
C PHE C 119 42.47 -8.00 18.05
N SER C 120 41.71 -7.84 16.97
CA SER C 120 40.99 -8.96 16.38
C SER C 120 41.91 -9.90 15.61
N SER C 121 42.86 -9.37 14.85
CA SER C 121 43.76 -10.15 14.02
C SER C 121 45.19 -9.99 14.51
N TRP C 122 45.94 -11.07 14.54
CA TRP C 122 47.30 -11.08 15.03
C TRP C 122 48.23 -11.67 13.99
N GLY C 123 49.47 -11.18 13.98
CA GLY C 123 50.51 -11.76 13.16
C GLY C 123 51.30 -12.82 13.91
N GLN C 124 52.10 -13.58 13.17
CA GLN C 124 52.88 -14.64 13.79
C GLN C 124 53.98 -14.11 14.68
N GLY C 125 54.29 -12.82 14.62
CA GLY C 125 55.24 -12.23 15.53
C GLY C 125 56.68 -12.52 15.21
N THR C 126 57.55 -11.56 15.41
CA THR C 126 58.98 -11.72 15.17
C THR C 126 59.71 -11.75 16.51
N LEU C 127 60.92 -12.29 16.50
CA LEU C 127 61.74 -12.38 17.70
C LEU C 127 62.97 -11.50 17.54
N ILE C 128 63.19 -10.62 18.52
CA ILE C 128 64.35 -9.73 18.53
C ILE C 128 65.16 -10.05 19.77
N SER C 129 66.41 -10.45 19.57
CA SER C 129 67.34 -10.75 20.65
C SER C 129 68.53 -9.82 20.56
N VAL C 130 68.88 -9.19 21.66
CA VAL C 130 69.98 -8.23 21.68
C VAL C 130 71.19 -8.82 22.39
N ASP D 1 46.80 3.13 33.28
CA ASP D 1 46.64 3.33 34.71
C ASP D 1 45.99 2.13 35.37
N ILE D 2 44.98 1.57 34.71
CA ILE D 2 44.22 0.46 35.25
C ILE D 2 45.06 -0.80 35.20
N GLN D 3 45.36 -1.36 36.36
CA GLN D 3 46.16 -2.58 36.48
C GLN D 3 45.24 -3.73 36.83
N MET D 4 45.23 -4.76 35.99
CA MET D 4 44.33 -5.89 36.15
C MET D 4 45.08 -7.11 36.66
N THR D 5 44.42 -7.90 37.49
CA THR D 5 45.01 -9.06 38.13
C THR D 5 44.11 -10.27 37.94
N GLN D 6 44.71 -11.41 37.60
CA GLN D 6 44.00 -12.66 37.46
C GLN D 6 44.40 -13.59 38.59
N SER D 7 43.41 -14.12 39.31
CA SER D 7 43.68 -14.87 40.53
C SER D 7 44.22 -16.27 40.24
N PRO D 8 43.50 -17.14 39.51
CA PRO D 8 44.02 -18.53 39.39
C PRO D 8 45.18 -18.63 38.40
N SER D 9 46.38 -18.34 38.89
CA SER D 9 47.56 -18.32 38.03
C SER D 9 47.81 -19.69 37.40
N THR D 10 47.65 -20.76 38.18
CA THR D 10 47.79 -22.12 37.69
C THR D 10 46.48 -22.85 37.91
N LEU D 11 45.98 -23.52 36.88
CA LEU D 11 44.70 -24.21 36.95
C LEU D 11 44.77 -25.47 36.10
N SER D 12 44.15 -26.54 36.58
CA SER D 12 44.12 -27.82 35.90
C SER D 12 42.69 -28.34 35.81
N ALA D 13 42.41 -29.08 34.75
CA ALA D 13 41.07 -29.60 34.52
C ALA D 13 41.15 -30.76 33.54
N SER D 14 40.03 -31.47 33.40
CA SER D 14 39.91 -32.61 32.50
C SER D 14 38.94 -32.30 31.39
N ILE D 15 38.94 -33.16 30.37
CA ILE D 15 38.06 -32.97 29.22
C ILE D 15 36.62 -33.15 29.65
N GLY D 16 35.76 -32.24 29.20
CA GLY D 16 34.37 -32.23 29.60
C GLY D 16 34.06 -31.39 30.83
N ASP D 17 35.07 -30.83 31.48
CA ASP D 17 34.87 -30.05 32.68
C ASP D 17 34.44 -28.62 32.32
N THR D 18 34.25 -27.80 33.34
CA THR D 18 33.91 -26.39 33.18
C THR D 18 34.80 -25.58 34.12
N VAL D 19 35.40 -24.51 33.59
CA VAL D 19 36.35 -23.72 34.36
C VAL D 19 35.95 -22.25 34.33
N ARG D 20 36.38 -21.52 35.36
CA ARG D 20 36.12 -20.10 35.50
C ARG D 20 37.43 -19.38 35.77
N ILE D 21 37.61 -18.23 35.12
CA ILE D 21 38.78 -17.37 35.32
C ILE D 21 38.29 -15.97 35.65
N SER D 22 38.93 -15.33 36.62
CA SER D 22 38.45 -14.06 37.16
C SER D 22 39.51 -12.97 37.02
N CYS D 23 39.07 -11.78 36.62
CA CYS D 23 39.91 -10.60 36.51
C CYS D 23 39.37 -9.52 37.43
N ARG D 24 40.27 -8.90 38.20
CA ARG D 24 39.94 -7.78 39.07
C ARG D 24 40.74 -6.57 38.61
N ALA D 25 40.06 -5.44 38.45
CA ALA D 25 40.70 -4.21 38.03
C ALA D 25 40.84 -3.24 39.19
N SER D 26 41.82 -2.35 39.10
CA SER D 26 42.01 -1.35 40.14
C SER D 26 40.91 -0.30 40.15
N GLN D 27 40.16 -0.17 39.05
CA GLN D 27 39.05 0.75 38.96
C GLN D 27 37.88 0.06 38.27
N SER D 28 36.67 0.52 38.58
CA SER D 28 35.49 -0.02 37.94
C SER D 28 35.43 0.40 36.48
N ILE D 29 35.10 -0.53 35.62
CA ILE D 29 34.94 -0.29 34.19
C ILE D 29 33.45 -0.44 33.88
N THR D 30 32.75 0.68 33.82
CA THR D 30 31.31 0.64 33.61
C THR D 30 30.93 0.35 32.16
N GLY D 31 31.85 0.54 31.22
CA GLY D 31 31.58 0.30 29.82
C GLY D 31 31.84 -1.11 29.35
N ASN D 32 32.19 -2.02 30.25
CA ASN D 32 32.50 -3.41 29.89
C ASN D 32 33.61 -3.49 28.83
N TRP D 33 34.63 -2.66 28.99
CA TRP D 33 35.76 -2.64 28.06
C TRP D 33 36.82 -3.65 28.51
N VAL D 34 36.48 -4.94 28.37
CA VAL D 34 37.37 -6.03 28.73
C VAL D 34 37.34 -7.08 27.63
N ALA D 35 38.52 -7.59 27.28
CA ALA D 35 38.68 -8.61 26.25
C ALA D 35 39.45 -9.80 26.80
N TRP D 36 39.08 -10.98 26.29
CA TRP D 36 39.67 -12.25 26.69
C TRP D 36 40.35 -12.88 25.48
N TYR D 37 41.64 -13.22 25.64
CA TYR D 37 42.46 -13.82 24.60
C TYR D 37 42.91 -15.21 25.03
N GLN D 38 43.20 -16.05 24.03
CA GLN D 38 43.75 -17.39 24.24
C GLN D 38 45.06 -17.53 23.48
N GLN D 39 46.05 -18.17 24.11
CA GLN D 39 47.36 -18.37 23.49
C GLN D 39 47.84 -19.78 23.74
N ARG D 40 48.24 -20.46 22.68
CA ARG D 40 48.89 -21.75 22.78
C ARG D 40 50.40 -21.56 22.62
N PRO D 41 51.21 -22.48 23.16
CA PRO D 41 52.66 -22.29 23.09
C PRO D 41 53.15 -22.19 21.66
N GLY D 42 54.06 -21.24 21.43
CA GLY D 42 54.66 -21.05 20.12
C GLY D 42 53.77 -20.41 19.08
N LYS D 43 52.62 -19.87 19.48
CA LYS D 43 51.67 -19.28 18.55
C LYS D 43 51.21 -17.92 19.05
N ALA D 44 50.72 -17.10 18.13
CA ALA D 44 50.20 -15.80 18.48
C ALA D 44 48.88 -15.93 19.25
N PRO D 45 48.61 -15.02 20.19
CA PRO D 45 47.34 -15.07 20.91
C PRO D 45 46.16 -14.77 20.00
N ARG D 46 45.02 -15.37 20.34
CA ARG D 46 43.79 -15.23 19.58
C ARG D 46 42.73 -14.58 20.44
N LEU D 47 42.05 -13.57 19.89
CA LEU D 47 41.00 -12.88 20.63
C LEU D 47 39.75 -13.75 20.64
N LEU D 48 39.14 -13.88 21.81
CA LEU D 48 37.95 -14.69 22.00
C LEU D 48 36.74 -13.90 22.45
N ILE D 49 36.90 -12.99 23.40
CA ILE D 49 35.78 -12.23 23.94
C ILE D 49 36.12 -10.75 23.88
N TYR D 50 35.18 -9.93 23.42
CA TYR D 50 35.30 -8.49 23.49
C TYR D 50 34.01 -7.91 24.06
N ARG D 51 34.12 -6.70 24.61
CA ARG D 51 32.98 -6.04 25.26
C ARG D 51 32.42 -6.91 26.38
N GLY D 52 33.31 -7.56 27.11
CA GLY D 52 32.90 -8.36 28.26
C GLY D 52 32.24 -9.68 27.97
N ALA D 53 31.21 -9.70 27.13
CA ALA D 53 30.43 -10.92 26.92
C ALA D 53 30.00 -11.09 25.46
N ALA D 54 30.80 -10.64 24.51
CA ALA D 54 30.47 -10.79 23.10
C ALA D 54 31.47 -11.74 22.43
N LEU D 55 30.96 -12.53 21.49
CA LEU D 55 31.73 -13.54 20.78
C LEU D 55 32.10 -13.07 19.39
N LEU D 56 33.33 -13.39 18.97
CA LEU D 56 33.73 -13.17 17.59
C LEU D 56 33.12 -14.23 16.67
N GLY D 57 33.20 -13.97 15.38
CA GLY D 57 32.78 -14.96 14.41
C GLY D 57 33.71 -16.16 14.43
N GLY D 58 33.13 -17.36 14.52
CA GLY D 58 33.90 -18.58 14.51
C GLY D 58 34.31 -19.09 15.88
N VAL D 59 34.23 -18.26 16.91
CA VAL D 59 34.55 -18.73 18.26
C VAL D 59 33.47 -19.70 18.71
N PRO D 60 33.82 -20.86 19.28
CA PRO D 60 32.80 -21.81 19.70
C PRO D 60 31.89 -21.22 20.77
N SER D 61 30.63 -21.66 20.75
CA SER D 61 29.64 -21.17 21.70
C SER D 61 29.92 -21.58 23.14
N ARG D 62 30.86 -22.51 23.36
CA ARG D 62 31.15 -22.96 24.71
C ARG D 62 31.67 -21.82 25.57
N PHE D 63 32.55 -20.99 25.04
CA PHE D 63 33.09 -19.87 25.79
C PHE D 63 31.98 -18.86 26.11
N SER D 64 32.07 -18.26 27.30
CA SER D 64 31.13 -17.22 27.68
C SER D 64 31.81 -16.30 28.68
N GLY D 65 31.22 -15.13 28.88
CA GLY D 65 31.81 -14.16 29.78
C GLY D 65 30.74 -13.36 30.51
N SER D 66 31.17 -12.74 31.61
CA SER D 66 30.30 -11.90 32.41
C SER D 66 31.11 -10.74 32.96
N ALA D 67 30.47 -9.58 33.10
CA ALA D 67 31.13 -8.37 33.56
C ALA D 67 30.28 -7.73 34.64
N ALA D 68 30.92 -7.29 35.73
CA ALA D 68 30.23 -6.59 36.80
C ALA D 68 31.24 -5.71 37.52
N GLY D 69 31.27 -4.42 37.17
CA GLY D 69 32.13 -3.47 37.82
C GLY D 69 33.60 -3.80 37.70
N THR D 70 34.23 -4.20 38.80
CA THR D 70 35.63 -4.59 38.80
C THR D 70 35.85 -6.07 38.60
N ASP D 71 34.80 -6.88 38.56
CA ASP D 71 34.91 -8.33 38.50
C ASP D 71 34.48 -8.82 37.12
N PHE D 72 35.39 -9.49 36.42
CA PHE D 72 35.09 -10.04 35.11
C PHE D 72 35.40 -11.52 35.11
N THR D 73 34.55 -12.31 34.46
CA THR D 73 34.63 -13.76 34.53
C THR D 73 34.54 -14.37 33.14
N LEU D 74 35.42 -15.32 32.87
CA LEU D 74 35.38 -16.13 31.66
C LEU D 74 35.06 -17.57 32.04
N THR D 75 34.03 -18.14 31.41
CA THR D 75 33.56 -19.47 31.69
C THR D 75 33.74 -20.34 30.45
N ILE D 76 34.37 -21.50 30.63
CA ILE D 76 34.58 -22.45 29.54
C ILE D 76 33.89 -23.75 29.93
N GLY D 77 32.91 -24.15 29.13
CA GLY D 77 32.15 -25.37 29.37
C GLY D 77 32.50 -26.44 28.34
N ASN D 78 32.43 -27.69 28.77
CA ASN D 78 32.79 -28.83 27.93
C ASN D 78 34.20 -28.66 27.37
N LEU D 79 35.16 -28.54 28.29
CA LEU D 79 36.54 -28.26 27.91
C LEU D 79 37.10 -29.36 27.02
N GLN D 80 37.79 -28.96 25.96
CA GLN D 80 38.39 -29.87 25.00
C GLN D 80 39.90 -29.73 25.02
N ALA D 81 40.56 -30.55 24.21
CA ALA D 81 42.02 -30.57 24.20
C ALA D 81 42.60 -29.27 23.63
N GLU D 82 41.93 -28.70 22.64
CA GLU D 82 42.44 -27.50 21.98
C GLU D 82 42.31 -26.24 22.83
N ASP D 83 41.61 -26.32 23.97
CA ASP D 83 41.33 -25.15 24.78
C ASP D 83 42.37 -24.92 25.88
N PHE D 84 43.43 -25.72 25.92
CA PHE D 84 44.44 -25.56 26.95
C PHE D 84 45.46 -24.51 26.53
N GLY D 85 46.20 -23.99 27.52
CA GLY D 85 47.16 -22.95 27.22
C GLY D 85 46.97 -21.77 28.15
N THR D 86 47.50 -20.62 27.75
CA THR D 86 47.50 -19.44 28.59
C THR D 86 46.39 -18.48 28.15
N PHE D 87 45.52 -18.13 29.08
CA PHE D 87 44.43 -17.20 28.83
C PHE D 87 44.80 -15.82 29.39
N TYR D 88 44.58 -14.80 28.58
CA TYR D 88 44.97 -13.43 28.89
C TYR D 88 43.75 -12.52 28.95
N CYS D 89 43.89 -11.45 29.72
CA CYS D 89 42.79 -10.56 30.08
C CYS D 89 43.25 -9.13 29.87
N GLN D 90 42.48 -8.35 29.10
CA GLN D 90 42.90 -7.01 28.71
C GLN D 90 41.78 -6.01 28.95
N GLN D 91 42.17 -4.77 29.28
CA GLN D 91 41.25 -3.65 29.37
C GLN D 91 41.59 -2.63 28.30
N TYR D 92 40.57 -1.94 27.80
CA TYR D 92 40.79 -0.82 26.88
C TYR D 92 39.84 0.32 27.21
N ASP D 93 39.71 0.62 28.50
CA ASP D 93 38.93 1.78 28.94
C ASP D 93 39.78 3.04 29.03
N THR D 94 40.94 2.95 29.68
CA THR D 94 41.80 4.10 29.90
C THR D 94 43.13 3.87 29.20
N TYR D 95 43.56 4.87 28.44
CA TYR D 95 44.83 4.78 27.72
C TYR D 95 46.00 4.74 28.70
N PRO D 96 46.99 3.87 28.48
CA PRO D 96 47.05 2.81 27.47
C PRO D 96 46.41 1.51 27.91
N GLY D 97 46.11 0.63 26.96
CA GLY D 97 45.60 -0.68 27.32
C GLY D 97 46.61 -1.49 28.10
N THR D 98 46.09 -2.31 29.02
CA THR D 98 46.93 -3.10 29.91
C THR D 98 46.41 -4.52 29.99
N PHE D 99 47.33 -5.49 29.92
CA PHE D 99 47.01 -6.90 29.96
C PHE D 99 47.22 -7.47 31.37
N GLY D 100 46.60 -8.62 31.61
CA GLY D 100 46.83 -9.34 32.84
C GLY D 100 48.05 -10.24 32.76
N GLN D 101 48.36 -10.87 33.90
CA GLN D 101 49.52 -11.76 33.96
C GLN D 101 49.23 -13.14 33.41
N GLY D 102 47.98 -13.46 33.12
CA GLY D 102 47.68 -14.70 32.41
C GLY D 102 47.47 -15.88 33.35
N THR D 103 46.61 -16.79 32.92
CA THR D 103 46.29 -17.99 33.68
C THR D 103 46.53 -19.21 32.80
N LYS D 104 47.24 -20.20 33.31
CA LYS D 104 47.60 -21.39 32.55
C LYS D 104 46.61 -22.51 32.85
N VAL D 105 46.05 -23.09 31.80
CA VAL D 105 45.18 -24.24 31.89
C VAL D 105 45.93 -25.43 31.31
N GLU D 106 46.15 -26.44 32.15
CA GLU D 106 47.01 -27.58 31.84
C GLU D 106 46.20 -28.81 31.45
N GLN E 1 -31.99 -24.69 11.64
CA GLN E 1 -32.87 -25.82 11.38
C GLN E 1 -32.89 -26.77 12.56
N ILE E 2 -33.06 -26.22 13.77
CA ILE E 2 -33.06 -27.01 14.99
C ILE E 2 -34.48 -27.52 15.21
N HIS E 3 -34.68 -28.82 15.06
CA HIS E 3 -35.95 -29.46 15.34
C HIS E 3 -35.77 -30.37 16.55
N LEU E 4 -36.54 -30.13 17.61
CA LEU E 4 -36.48 -30.94 18.80
C LEU E 4 -37.70 -31.86 18.83
N VAL E 5 -37.46 -33.17 18.85
CA VAL E 5 -38.52 -34.17 18.85
C VAL E 5 -38.54 -34.86 20.19
N GLN E 6 -39.71 -34.93 20.81
CA GLN E 6 -39.87 -35.49 22.13
C GLN E 6 -40.77 -36.72 22.08
N SER E 7 -40.74 -37.49 23.16
CA SER E 7 -41.53 -38.70 23.24
C SER E 7 -43.02 -38.38 23.33
N GLY E 8 -43.85 -39.42 23.42
CA GLY E 8 -45.28 -39.25 23.45
C GLY E 8 -45.84 -39.13 24.86
N THR E 9 -47.15 -38.95 24.93
CA THR E 9 -47.82 -38.83 26.21
C THR E 9 -47.75 -40.14 26.98
N GLU E 10 -47.63 -40.03 28.30
CA GLU E 10 -47.59 -41.20 29.16
C GLU E 10 -48.47 -40.94 30.38
N VAL E 11 -49.20 -41.98 30.79
CA VAL E 11 -50.10 -41.92 31.94
C VAL E 11 -49.58 -42.90 32.97
N LYS E 12 -49.29 -42.41 34.18
CA LYS E 12 -48.64 -43.20 35.20
C LYS E 12 -49.38 -43.07 36.52
N LYS E 13 -48.97 -43.86 37.47
CA LYS E 13 -49.51 -43.93 38.81
C LYS E 13 -48.54 -43.34 39.81
N PRO E 14 -49.05 -42.81 40.93
CA PRO E 14 -48.16 -42.27 41.96
C PRO E 14 -47.19 -43.32 42.48
N GLY E 15 -45.98 -42.87 42.81
CA GLY E 15 -44.93 -43.72 43.29
C GLY E 15 -44.00 -44.24 42.22
N SER E 16 -44.34 -44.05 40.94
CA SER E 16 -43.54 -44.57 39.84
C SER E 16 -42.55 -43.51 39.36
N SER E 17 -41.75 -43.88 38.37
CA SER E 17 -40.76 -42.99 37.78
C SER E 17 -40.96 -42.96 36.27
N VAL E 18 -40.65 -41.82 35.66
CA VAL E 18 -40.84 -41.65 34.23
C VAL E 18 -39.56 -41.12 33.60
N THR E 19 -39.44 -41.34 32.30
CA THR E 19 -38.31 -40.89 31.50
C THR E 19 -38.82 -40.21 30.25
N VAL E 20 -38.33 -39.00 29.99
CA VAL E 20 -38.71 -38.22 28.82
C VAL E 20 -37.45 -37.95 28.00
N SER E 21 -37.53 -38.21 26.69
CA SER E 21 -36.40 -38.09 25.80
C SER E 21 -36.57 -36.89 24.88
N CYS E 22 -35.46 -36.41 24.34
CA CYS E 22 -35.45 -35.24 23.46
C CYS E 22 -34.32 -35.42 22.45
N LYS E 23 -34.67 -35.53 21.18
CA LYS E 23 -33.72 -35.67 20.09
C LYS E 23 -33.57 -34.33 19.39
N ALA E 24 -32.33 -33.88 19.25
CA ALA E 24 -32.04 -32.54 18.76
C ALA E 24 -31.48 -32.61 17.34
N TYR E 25 -32.38 -32.59 16.36
CA TYR E 25 -31.94 -32.52 14.97
C TYR E 25 -31.42 -31.12 14.68
N GLY E 26 -30.24 -31.04 14.07
CA GLY E 26 -29.62 -29.79 13.73
C GLY E 26 -28.60 -29.30 14.74
N VAL E 27 -28.56 -29.87 15.93
CA VAL E 27 -27.58 -29.49 16.94
C VAL E 27 -26.31 -30.29 16.69
N ASN E 28 -25.20 -29.59 16.45
CA ASN E 28 -23.96 -30.28 16.14
C ASN E 28 -23.40 -30.99 17.37
N THR E 29 -23.42 -30.33 18.51
CA THR E 29 -22.97 -30.94 19.75
C THR E 29 -23.56 -30.18 20.93
N PHE E 30 -23.64 -30.87 22.07
CA PHE E 30 -24.01 -30.23 23.32
C PHE E 30 -22.85 -29.54 24.02
N GLY E 31 -21.63 -29.64 23.49
CA GLY E 31 -20.54 -28.83 24.01
C GLY E 31 -20.68 -27.36 23.68
N LEU E 32 -21.48 -27.03 22.66
CA LEU E 32 -21.77 -25.65 22.30
C LEU E 32 -23.21 -25.26 22.54
N TYR E 33 -24.11 -26.21 22.81
CA TYR E 33 -25.51 -25.95 23.05
C TYR E 33 -25.87 -26.41 24.45
N ALA E 34 -26.58 -25.57 25.20
CA ALA E 34 -27.07 -25.93 26.52
C ALA E 34 -28.50 -26.41 26.43
N VAL E 35 -28.82 -27.43 27.22
CA VAL E 35 -30.13 -28.07 27.21
C VAL E 35 -30.85 -27.72 28.50
N ASN E 36 -32.06 -27.20 28.38
CA ASN E 36 -32.88 -26.81 29.52
C ASN E 36 -34.22 -27.54 29.48
N TRP E 37 -34.61 -28.06 30.64
CA TRP E 37 -35.89 -28.76 30.78
C TRP E 37 -36.79 -27.92 31.67
N VAL E 38 -37.99 -27.62 31.18
CA VAL E 38 -38.95 -26.78 31.89
C VAL E 38 -40.30 -27.47 31.96
N ARG E 39 -41.15 -26.98 32.86
CA ARG E 39 -42.45 -27.56 33.16
C ARG E 39 -43.54 -26.51 32.96
N GLN E 40 -44.73 -26.96 32.55
CA GLN E 40 -45.88 -26.08 32.42
C GLN E 40 -47.11 -26.84 32.92
N ALA E 41 -47.60 -26.45 34.09
CA ALA E 41 -48.84 -27.03 34.59
C ALA E 41 -50.02 -26.53 33.76
N PRO E 42 -51.11 -27.29 33.70
CA PRO E 42 -52.26 -26.87 32.88
C PRO E 42 -52.91 -25.62 33.47
N GLY E 43 -52.89 -24.54 32.70
CA GLY E 43 -53.47 -23.28 33.15
C GLY E 43 -52.59 -22.44 34.02
N GLN E 44 -51.31 -22.76 34.14
CA GLN E 44 -50.37 -21.98 34.93
C GLN E 44 -49.21 -21.54 34.06
N SER E 45 -48.18 -20.98 34.70
CA SER E 45 -47.03 -20.43 34.01
C SER E 45 -45.87 -21.43 34.01
N LEU E 46 -44.86 -21.13 33.19
CA LEU E 46 -43.74 -22.04 33.00
C LEU E 46 -42.85 -22.06 34.23
N GLU E 47 -42.34 -23.25 34.53
CA GLU E 47 -41.41 -23.44 35.66
C GLU E 47 -40.16 -24.15 35.15
N TYR E 48 -39.01 -23.70 35.61
CA TYR E 48 -37.72 -24.24 35.18
C TYR E 48 -37.36 -25.45 36.03
N ILE E 49 -37.02 -26.56 35.38
CA ILE E 49 -36.73 -27.81 36.07
C ILE E 49 -35.22 -28.00 36.21
N GLY E 50 -34.52 -28.01 35.09
CA GLY E 50 -33.09 -28.28 35.19
C GLY E 50 -32.36 -28.02 33.89
N GLN E 51 -31.08 -28.33 33.89
CA GLN E 51 -30.27 -28.10 32.71
C GLN E 51 -29.07 -29.02 32.68
N ILE E 52 -28.54 -29.20 31.48
CA ILE E 52 -27.22 -29.78 31.26
C ILE E 52 -26.44 -28.84 30.35
N TRP E 53 -25.23 -28.50 30.77
CA TRP E 53 -24.43 -27.48 30.12
C TRP E 53 -22.96 -27.84 30.30
N ARG E 54 -22.23 -27.92 29.19
CA ARG E 54 -20.82 -28.31 29.20
C ARG E 54 -20.63 -29.62 29.94
N TRP E 55 -21.57 -30.54 29.73
CA TRP E 55 -21.56 -31.86 30.35
C TRP E 55 -21.57 -31.78 31.88
N LYS E 56 -22.25 -30.78 32.41
CA LYS E 56 -22.53 -30.67 33.83
C LYS E 56 -24.04 -30.54 34.01
N SER E 57 -24.60 -31.35 34.90
CA SER E 57 -26.04 -31.40 35.11
C SER E 57 -26.41 -30.71 36.40
N SER E 58 -27.55 -30.00 36.39
CA SER E 58 -28.01 -29.30 37.57
C SER E 58 -29.53 -29.23 37.57
N ALA E 59 -30.10 -29.12 38.76
CA ALA E 59 -31.54 -28.97 38.94
C ALA E 59 -31.81 -27.92 39.99
N SER E 60 -33.02 -27.36 39.95
CA SER E 60 -33.41 -26.33 40.89
C SER E 60 -33.63 -26.93 42.28
N HIS E 61 -33.81 -26.05 43.26
CA HIS E 61 -33.94 -26.48 44.65
C HIS E 61 -35.18 -27.35 44.86
N HIS E 62 -36.30 -26.98 44.22
CA HIS E 62 -37.53 -27.72 44.41
C HIS E 62 -37.47 -29.13 43.85
N PHE E 63 -36.49 -29.44 43.00
CA PHE E 63 -36.42 -30.73 42.33
C PHE E 63 -35.15 -31.52 42.65
N ARG E 64 -34.31 -31.05 43.55
CA ARG E 64 -33.05 -31.73 43.81
C ARG E 64 -33.32 -33.11 44.43
N GLY E 65 -32.64 -34.12 43.89
CA GLY E 65 -32.73 -35.48 44.40
C GLY E 65 -33.78 -36.35 43.74
N ARG E 66 -34.72 -35.77 43.00
CA ARG E 66 -35.77 -36.55 42.36
C ARG E 66 -35.83 -36.37 40.85
N VAL E 67 -35.01 -35.51 40.27
CA VAL E 67 -34.89 -35.37 38.82
C VAL E 67 -33.45 -35.60 38.43
N LEU E 68 -33.24 -36.48 37.46
CA LEU E 68 -31.91 -36.78 36.94
C LEU E 68 -31.88 -36.49 35.45
N ILE E 69 -30.94 -35.65 35.02
CA ILE E 69 -30.84 -35.21 33.63
C ILE E 69 -29.59 -35.82 33.02
N SER E 70 -29.75 -36.44 31.85
CA SER E 70 -28.64 -37.06 31.16
C SER E 70 -28.64 -36.61 29.70
N ALA E 71 -27.49 -36.77 29.05
CA ALA E 71 -27.37 -36.41 27.64
C ALA E 71 -26.23 -37.19 27.00
N VAL E 72 -26.41 -37.48 25.72
CA VAL E 72 -25.36 -38.08 24.89
C VAL E 72 -25.27 -37.30 23.59
N ASP E 73 -24.06 -37.26 23.03
CA ASP E 73 -23.76 -36.41 21.90
C ASP E 73 -24.10 -37.10 20.59
N LEU E 74 -23.71 -36.48 19.47
CA LEU E 74 -24.00 -37.00 18.15
C LEU E 74 -23.32 -38.35 17.94
N THR E 75 -24.08 -39.32 17.48
CA THR E 75 -23.57 -40.65 17.16
C THR E 75 -23.76 -40.90 15.66
N GLY E 76 -23.43 -42.13 15.23
CA GLY E 76 -23.49 -42.44 13.82
C GLY E 76 -24.89 -42.61 13.27
N SER E 77 -25.87 -42.86 14.13
CA SER E 77 -27.23 -43.15 13.68
C SER E 77 -28.29 -42.21 14.23
N SER E 78 -28.05 -41.54 15.35
CA SER E 78 -29.07 -40.71 15.97
C SER E 78 -28.49 -39.36 16.34
N PRO E 79 -29.31 -38.32 16.40
CA PRO E 79 -28.84 -36.99 16.79
C PRO E 79 -28.53 -36.94 18.27
N PRO E 80 -28.09 -35.79 18.79
CA PRO E 80 -27.89 -35.67 20.24
C PRO E 80 -29.18 -35.92 21.00
N ILE E 81 -29.05 -36.56 22.16
CA ILE E 81 -30.19 -36.96 22.98
C ILE E 81 -30.03 -36.36 24.37
N SER E 82 -31.15 -35.89 24.94
CA SER E 82 -31.22 -35.50 26.34
C SER E 82 -32.41 -36.20 26.97
N SER E 83 -32.37 -36.37 28.28
CA SER E 83 -33.40 -37.17 28.95
C SER E 83 -33.58 -36.73 30.40
N LEU E 84 -34.86 -36.66 30.80
CA LEU E 84 -35.29 -36.43 32.17
C LEU E 84 -35.74 -37.73 32.79
N GLU E 85 -35.36 -37.95 34.05
CA GLU E 85 -35.89 -39.05 34.85
C GLU E 85 -36.49 -38.45 36.12
N ILE E 86 -37.77 -38.73 36.35
CA ILE E 86 -38.52 -38.19 37.48
C ILE E 86 -38.90 -39.35 38.39
N LYS E 87 -38.52 -39.24 39.65
CA LYS E 87 -38.77 -40.25 40.66
C LYS E 87 -39.85 -39.77 41.63
N ASP E 88 -40.57 -40.74 42.21
CA ASP E 88 -41.58 -40.48 43.24
C ASP E 88 -42.61 -39.46 42.77
N LEU E 89 -43.34 -39.84 41.73
CA LEU E 89 -44.36 -38.95 41.18
C LEU E 89 -45.50 -38.76 42.15
N THR E 90 -46.10 -37.57 42.12
CA THR E 90 -47.28 -37.24 42.90
C THR E 90 -48.30 -36.59 41.97
N SER E 91 -49.50 -36.32 42.52
CA SER E 91 -50.58 -35.80 41.70
C SER E 91 -50.32 -34.39 41.19
N ASP E 92 -49.32 -33.70 41.72
CA ASP E 92 -49.01 -32.33 41.32
C ASP E 92 -48.04 -32.25 40.16
N ASP E 93 -47.48 -33.37 39.70
CA ASP E 93 -46.51 -33.36 38.62
C ASP E 93 -47.14 -33.45 37.24
N THR E 94 -48.45 -33.60 37.15
CA THR E 94 -49.11 -33.65 35.85
C THR E 94 -48.96 -32.31 35.13
N ALA E 95 -48.30 -32.34 33.97
CA ALA E 95 -47.95 -31.10 33.28
C ALA E 95 -47.37 -31.45 31.92
N VAL E 96 -47.09 -30.42 31.14
CA VAL E 96 -46.40 -30.55 29.87
C VAL E 96 -44.94 -30.18 30.08
N TYR E 97 -44.04 -31.09 29.74
CA TYR E 97 -42.61 -30.89 29.91
C TYR E 97 -41.99 -30.50 28.57
N PHE E 98 -41.17 -29.47 28.59
CA PHE E 98 -40.57 -28.92 27.38
C PHE E 98 -39.05 -29.06 27.45
N CYS E 99 -38.47 -29.41 26.29
CA CYS E 99 -37.04 -29.49 26.09
C CYS E 99 -36.62 -28.33 25.21
N THR E 100 -35.60 -27.58 25.64
CA THR E 100 -35.14 -26.40 24.94
C THR E 100 -33.62 -26.44 24.80
N THR E 101 -33.11 -25.84 23.73
CA THR E 101 -31.68 -25.74 23.50
C THR E 101 -31.33 -24.31 23.17
N THR E 102 -30.21 -23.84 23.71
CA THR E 102 -29.74 -22.49 23.42
C THR E 102 -28.25 -22.51 23.13
N SER E 103 -27.84 -21.80 22.08
CA SER E 103 -26.44 -21.76 21.70
C SER E 103 -25.61 -21.01 22.73
N THR E 104 -24.42 -21.56 23.01
CA THR E 104 -23.48 -20.94 23.93
C THR E 104 -22.13 -20.65 23.30
N TYR E 105 -21.99 -20.78 21.99
CA TYR E 105 -20.69 -20.64 21.36
C TYR E 105 -20.17 -19.21 21.45
N ASP E 106 -21.02 -18.23 21.17
CA ASP E 106 -20.63 -16.83 21.23
C ASP E 106 -20.72 -16.37 22.68
N LYS E 107 -19.56 -16.06 23.27
CA LYS E 107 -19.53 -15.69 24.68
C LYS E 107 -20.15 -14.32 24.92
N TRP E 108 -20.15 -13.44 23.91
CA TRP E 108 -20.71 -12.11 24.04
C TRP E 108 -22.19 -12.05 23.74
N SER E 109 -22.81 -13.16 23.37
CA SER E 109 -24.22 -13.14 23.01
C SER E 109 -25.09 -12.86 24.23
N GLY E 110 -26.24 -12.25 23.98
CA GLY E 110 -27.17 -11.89 25.03
C GLY E 110 -28.16 -12.97 25.40
N LEU E 111 -28.00 -14.18 24.85
CA LEU E 111 -28.91 -15.26 25.14
C LEU E 111 -28.56 -16.04 26.40
N HIS E 112 -27.45 -15.71 27.07
CA HIS E 112 -27.06 -16.43 28.26
C HIS E 112 -26.27 -15.51 29.17
N HIS E 113 -26.37 -15.78 30.48
CA HIS E 113 -25.69 -14.96 31.51
C HIS E 113 -25.13 -15.93 32.55
N ASP E 114 -23.91 -16.41 32.31
CA ASP E 114 -23.16 -17.21 33.28
C ASP E 114 -23.96 -18.41 33.79
N GLY E 115 -24.64 -19.11 32.88
CA GLY E 115 -25.37 -20.32 33.20
C GLY E 115 -26.87 -20.19 33.11
N VAL E 116 -27.42 -19.07 33.56
CA VAL E 116 -28.86 -18.84 33.50
C VAL E 116 -29.16 -18.22 32.14
N MET E 117 -30.14 -18.77 31.44
CA MET E 117 -30.18 -18.63 29.99
C MET E 117 -31.60 -18.39 29.50
N ALA E 118 -31.69 -17.90 28.27
CA ALA E 118 -32.91 -17.88 27.50
C ALA E 118 -33.04 -19.18 26.69
N PHE E 119 -34.21 -19.37 26.07
CA PHE E 119 -34.53 -20.60 25.37
C PHE E 119 -34.94 -20.28 23.93
N SER E 120 -33.99 -20.43 23.00
CA SER E 120 -34.22 -20.03 21.61
C SER E 120 -35.10 -21.03 20.86
N SER E 121 -34.90 -22.32 21.08
CA SER E 121 -35.63 -23.36 20.36
C SER E 121 -36.39 -24.23 21.35
N TRP E 122 -37.61 -24.60 20.99
CA TRP E 122 -38.49 -25.35 21.87
C TRP E 122 -38.98 -26.63 21.19
N GLY E 123 -39.11 -27.69 21.99
CA GLY E 123 -39.73 -28.91 21.51
C GLY E 123 -41.24 -28.86 21.63
N GLN E 124 -41.89 -29.87 21.05
CA GLN E 124 -43.35 -29.91 21.04
C GLN E 124 -43.93 -30.23 22.41
N GLY E 125 -43.14 -30.72 23.35
CA GLY E 125 -43.61 -30.95 24.69
C GLY E 125 -44.29 -32.28 24.90
N THR E 126 -44.09 -32.89 26.07
CA THR E 126 -44.69 -34.16 26.41
C THR E 126 -45.66 -33.97 27.55
N LEU E 127 -46.89 -34.45 27.38
CA LEU E 127 -47.90 -34.38 28.42
C LEU E 127 -47.77 -35.58 29.33
N ILE E 128 -47.61 -35.34 30.64
CA ILE E 128 -47.52 -36.39 31.63
C ILE E 128 -48.67 -36.20 32.61
N SER E 129 -49.51 -37.23 32.74
CA SER E 129 -50.64 -37.22 33.65
C SER E 129 -50.45 -38.33 34.68
N VAL E 130 -50.56 -37.98 35.95
CA VAL E 130 -50.36 -38.93 37.02
C VAL E 130 -51.65 -39.10 37.82
N ASP F 1 -33.92 -14.27 44.08
CA ASP F 1 -35.16 -14.92 43.66
C ASP F 1 -36.14 -13.89 43.12
N ILE F 2 -35.85 -13.37 41.94
CA ILE F 2 -36.63 -12.29 41.36
C ILE F 2 -37.98 -12.82 40.89
N GLN F 3 -39.05 -12.18 41.34
CA GLN F 3 -40.40 -12.50 40.93
C GLN F 3 -40.95 -11.38 40.06
N MET F 4 -41.41 -11.74 38.86
CA MET F 4 -41.87 -10.76 37.89
C MET F 4 -43.39 -10.85 37.73
N THR F 5 -44.02 -9.68 37.64
CA THR F 5 -45.47 -9.59 37.53
C THR F 5 -45.84 -8.81 36.27
N GLN F 6 -46.91 -9.25 35.61
CA GLN F 6 -47.47 -8.58 34.45
C GLN F 6 -48.84 -8.03 34.81
N SER F 7 -49.04 -6.73 34.57
CA SER F 7 -50.27 -6.07 35.00
C SER F 7 -51.46 -6.43 34.12
N PRO F 8 -51.42 -6.18 32.79
CA PRO F 8 -52.65 -6.43 32.00
C PRO F 8 -52.88 -7.91 31.73
N SER F 9 -53.50 -8.59 32.71
CA SER F 9 -53.70 -10.02 32.62
C SER F 9 -54.58 -10.41 31.43
N THR F 10 -55.45 -9.51 30.98
CA THR F 10 -56.31 -9.75 29.84
C THR F 10 -56.39 -8.49 28.99
N LEU F 11 -56.27 -8.66 27.67
CA LEU F 11 -56.35 -7.55 26.76
C LEU F 11 -57.19 -7.94 25.55
N SER F 12 -57.66 -6.92 24.83
CA SER F 12 -58.41 -7.12 23.60
C SER F 12 -58.06 -6.00 22.63
N ALA F 13 -58.02 -6.33 21.34
CA ALA F 13 -57.65 -5.36 20.32
C ALA F 13 -58.14 -5.85 18.97
N SER F 14 -58.06 -4.96 17.99
CA SER F 14 -58.44 -5.25 16.63
C SER F 14 -57.21 -5.22 15.72
N ILE F 15 -57.39 -5.72 14.50
CA ILE F 15 -56.28 -5.79 13.55
C ILE F 15 -55.83 -4.39 13.19
N GLY F 16 -54.51 -4.16 13.23
CA GLY F 16 -53.94 -2.85 12.97
C GLY F 16 -53.71 -2.00 14.21
N ASP F 17 -54.14 -2.47 15.39
CA ASP F 17 -53.97 -1.71 16.60
C ASP F 17 -52.52 -1.81 17.10
N THR F 18 -52.27 -1.21 18.27
CA THR F 18 -50.98 -1.26 18.94
C THR F 18 -51.19 -1.67 20.38
N VAL F 19 -50.37 -2.60 20.86
CA VAL F 19 -50.56 -3.21 22.18
C VAL F 19 -49.28 -3.01 23.00
N ARG F 20 -49.45 -2.63 24.26
CA ARG F 20 -48.35 -2.47 25.21
C ARG F 20 -48.54 -3.46 26.36
N ILE F 21 -47.48 -4.19 26.70
CA ILE F 21 -47.49 -5.13 27.80
C ILE F 21 -46.31 -4.80 28.72
N SER F 22 -46.55 -4.82 30.03
CA SER F 22 -45.57 -4.35 31.00
C SER F 22 -45.23 -5.44 32.02
N CYS F 23 -43.95 -5.54 32.34
CA CYS F 23 -43.44 -6.42 33.37
C CYS F 23 -42.73 -5.60 34.44
N ARG F 24 -42.97 -5.95 35.69
CA ARG F 24 -42.33 -5.32 36.83
C ARG F 24 -41.62 -6.39 37.64
N ALA F 25 -40.36 -6.12 38.00
CA ALA F 25 -39.54 -7.06 38.74
C ALA F 25 -39.35 -6.60 40.17
N SER F 26 -39.15 -7.57 41.07
CA SER F 26 -38.91 -7.24 42.47
C SER F 26 -37.57 -6.57 42.68
N GLN F 27 -36.64 -6.71 41.73
CA GLN F 27 -35.34 -6.06 41.81
C GLN F 27 -35.00 -5.43 40.46
N SER F 28 -34.16 -4.41 40.49
CA SER F 28 -33.69 -3.80 39.26
C SER F 28 -32.72 -4.73 38.55
N ILE F 29 -32.90 -4.88 37.25
CA ILE F 29 -32.02 -5.69 36.41
C ILE F 29 -31.31 -4.72 35.49
N THR F 30 -30.10 -4.30 35.89
CA THR F 30 -29.37 -3.29 35.14
C THR F 30 -28.77 -3.82 33.86
N GLY F 31 -28.67 -5.14 33.71
CA GLY F 31 -28.16 -5.75 32.51
C GLY F 31 -29.18 -6.04 31.44
N ASN F 32 -30.43 -5.63 31.64
CA ASN F 32 -31.50 -5.85 30.67
C ASN F 32 -31.65 -7.33 30.35
N TRP F 33 -31.64 -8.17 31.38
CA TRP F 33 -31.63 -9.62 31.18
C TRP F 33 -33.07 -10.13 31.17
N VAL F 34 -33.81 -9.72 30.14
CA VAL F 34 -35.23 -10.01 30.06
C VAL F 34 -35.57 -10.53 28.67
N ALA F 35 -36.42 -11.56 28.61
CA ALA F 35 -36.84 -12.19 27.37
C ALA F 35 -38.36 -12.21 27.27
N TRP F 36 -38.85 -12.06 26.04
CA TRP F 36 -40.27 -12.02 25.72
C TRP F 36 -40.62 -13.17 24.78
N TYR F 37 -41.62 -13.96 25.17
CA TYR F 37 -42.07 -15.15 24.47
C TYR F 37 -43.53 -15.02 24.06
N GLN F 38 -43.93 -15.79 23.06
CA GLN F 38 -45.30 -15.89 22.59
C GLN F 38 -45.73 -17.35 22.54
N GLN F 39 -46.96 -17.63 22.98
CA GLN F 39 -47.50 -18.99 22.98
C GLN F 39 -48.92 -18.97 22.46
N ARG F 40 -49.16 -19.67 21.36
CA ARG F 40 -50.49 -19.92 20.85
C ARG F 40 -51.07 -21.19 21.47
N PRO F 41 -52.39 -21.32 21.53
CA PRO F 41 -52.97 -22.50 22.18
C PRO F 41 -52.55 -23.78 21.48
N GLY F 42 -52.18 -24.78 22.28
CA GLY F 42 -51.81 -26.08 21.77
C GLY F 42 -50.45 -26.16 21.12
N LYS F 43 -49.59 -25.14 21.30
CA LYS F 43 -48.28 -25.12 20.68
C LYS F 43 -47.23 -24.70 21.70
N ALA F 44 -45.98 -25.01 21.37
CA ALA F 44 -44.86 -24.64 22.22
C ALA F 44 -44.64 -23.13 22.16
N PRO F 45 -44.19 -22.53 23.27
CA PRO F 45 -43.89 -21.10 23.24
C PRO F 45 -42.70 -20.78 22.34
N ARG F 46 -42.72 -19.57 21.79
CA ARG F 46 -41.72 -19.09 20.85
C ARG F 46 -41.04 -17.86 21.45
N LEU F 47 -39.71 -17.82 21.37
CA LEU F 47 -38.96 -16.69 21.89
C LEU F 47 -38.90 -15.58 20.83
N LEU F 48 -39.21 -14.36 21.25
CA LEU F 48 -39.22 -13.20 20.36
C LEU F 48 -38.19 -12.14 20.73
N ILE F 49 -38.02 -11.83 22.01
CA ILE F 49 -37.12 -10.74 22.42
C ILE F 49 -36.14 -11.27 23.46
N TYR F 50 -34.87 -10.92 23.31
CA TYR F 50 -33.87 -11.13 24.35
C TYR F 50 -33.07 -9.85 24.54
N ARG F 51 -32.49 -9.71 25.73
CA ARG F 51 -31.78 -8.50 26.15
C ARG F 51 -32.67 -7.27 26.09
N GLY F 52 -33.96 -7.45 26.37
CA GLY F 52 -34.89 -6.34 26.43
C GLY F 52 -35.36 -5.82 25.09
N ALA F 53 -34.43 -5.59 24.16
CA ALA F 53 -34.80 -4.90 22.91
C ALA F 53 -34.08 -5.47 21.69
N ALA F 54 -33.81 -6.77 21.67
CA ALA F 54 -33.14 -7.40 20.54
C ALA F 54 -34.09 -8.39 19.87
N LEU F 55 -34.18 -8.31 18.54
CA LEU F 55 -35.00 -9.20 17.75
C LEU F 55 -34.22 -10.44 17.33
N LEU F 56 -34.94 -11.43 16.80
CA LEU F 56 -34.34 -12.65 16.28
C LEU F 56 -34.52 -12.73 14.78
N GLY F 57 -33.88 -13.73 14.19
CA GLY F 57 -34.03 -13.98 12.77
C GLY F 57 -35.44 -14.44 12.47
N GLY F 58 -36.14 -13.74 11.58
CA GLY F 58 -37.48 -14.09 11.18
C GLY F 58 -38.57 -13.41 11.98
N VAL F 59 -38.26 -12.89 13.15
CA VAL F 59 -39.27 -12.17 13.93
C VAL F 59 -39.57 -10.84 13.24
N PRO F 60 -40.84 -10.49 13.02
CA PRO F 60 -41.16 -9.27 12.28
C PRO F 60 -40.66 -8.03 13.00
N SER F 61 -40.37 -6.99 12.21
CA SER F 61 -39.92 -5.72 12.76
C SER F 61 -40.99 -5.00 13.55
N ARG F 62 -42.25 -5.46 13.48
CA ARG F 62 -43.33 -4.81 14.22
C ARG F 62 -43.09 -4.87 15.72
N PHE F 63 -42.58 -6.00 16.22
CA PHE F 63 -42.34 -6.17 17.64
C PHE F 63 -41.19 -5.29 18.10
N SER F 64 -41.32 -4.73 19.30
CA SER F 64 -40.26 -3.92 19.88
C SER F 64 -40.30 -4.05 21.39
N GLY F 65 -39.19 -3.70 22.03
CA GLY F 65 -39.11 -3.78 23.47
C GLY F 65 -38.31 -2.63 24.04
N SER F 66 -38.62 -2.29 25.29
CA SER F 66 -37.92 -1.27 26.03
C SER F 66 -37.64 -1.77 27.44
N ALA F 67 -36.50 -1.38 27.98
CA ALA F 67 -36.07 -1.83 29.30
C ALA F 67 -35.56 -0.65 30.11
N ALA F 68 -35.98 -0.58 31.38
CA ALA F 68 -35.47 0.46 32.28
C ALA F 68 -35.65 -0.02 33.71
N GLY F 69 -34.56 -0.40 34.36
CA GLY F 69 -34.58 -0.80 35.75
C GLY F 69 -35.51 -1.96 36.05
N THR F 70 -36.60 -1.69 36.77
CA THR F 70 -37.58 -2.71 37.11
C THR F 70 -38.74 -2.78 36.13
N ASP F 71 -38.80 -1.88 35.13
CA ASP F 71 -39.93 -1.79 34.23
C ASP F 71 -39.50 -2.21 32.83
N PHE F 72 -40.19 -3.20 32.27
CA PHE F 72 -39.91 -3.67 30.92
C PHE F 72 -41.20 -3.67 30.13
N THR F 73 -41.11 -3.31 28.85
CA THR F 73 -42.30 -3.13 28.03
C THR F 73 -42.12 -3.78 26.67
N LEU F 74 -43.16 -4.47 26.22
CA LEU F 74 -43.23 -5.04 24.89
C LEU F 74 -44.32 -4.30 24.11
N THR F 75 -43.96 -3.80 22.93
CA THR F 75 -44.84 -3.01 22.08
C THR F 75 -45.05 -3.73 20.77
N ILE F 76 -46.31 -3.89 20.37
CA ILE F 76 -46.67 -4.57 19.13
C ILE F 76 -47.43 -3.57 18.27
N GLY F 77 -46.91 -3.29 17.09
CA GLY F 77 -47.52 -2.34 16.18
C GLY F 77 -48.09 -3.04 14.96
N ASN F 78 -49.20 -2.49 14.44
CA ASN F 78 -49.91 -3.07 13.30
C ASN F 78 -50.24 -4.54 13.56
N LEU F 79 -50.99 -4.76 14.63
CA LEU F 79 -51.35 -6.11 15.06
C LEU F 79 -52.04 -6.88 13.95
N GLN F 80 -51.61 -8.12 13.74
CA GLN F 80 -52.18 -9.01 12.73
C GLN F 80 -52.88 -10.17 13.42
N ALA F 81 -53.42 -11.07 12.59
CA ALA F 81 -54.15 -12.22 13.13
C ALA F 81 -53.22 -13.17 13.87
N GLU F 82 -52.02 -13.38 13.35
CA GLU F 82 -51.09 -14.36 13.91
C GLU F 82 -50.63 -13.99 15.31
N ASP F 83 -50.72 -12.72 15.70
CA ASP F 83 -50.24 -12.27 17.00
C ASP F 83 -51.35 -12.42 18.04
N PHE F 84 -51.65 -13.68 18.36
CA PHE F 84 -52.69 -14.01 19.31
C PHE F 84 -52.13 -14.98 20.36
N GLY F 85 -52.76 -14.99 21.51
CA GLY F 85 -52.41 -15.94 22.54
C GLY F 85 -51.79 -15.29 23.76
N THR F 86 -50.99 -16.09 24.47
CA THR F 86 -50.43 -15.68 25.75
C THR F 86 -48.98 -15.26 25.58
N PHE F 87 -48.67 -14.04 25.99
CA PHE F 87 -47.30 -13.52 25.96
C PHE F 87 -46.68 -13.69 27.33
N TYR F 88 -45.45 -14.21 27.35
CA TYR F 88 -44.74 -14.54 28.57
C TYR F 88 -43.47 -13.72 28.69
N CYS F 89 -43.01 -13.57 29.93
CA CYS F 89 -41.98 -12.62 30.30
C CYS F 89 -41.03 -13.30 31.27
N GLN F 90 -39.74 -13.34 30.93
CA GLN F 90 -38.76 -14.11 31.68
C GLN F 90 -37.56 -13.25 32.03
N GLN F 91 -36.98 -13.50 33.21
CA GLN F 91 -35.70 -12.92 33.60
C GLN F 91 -34.67 -14.02 33.74
N TYR F 92 -33.42 -13.69 33.42
CA TYR F 92 -32.32 -14.60 33.62
C TYR F 92 -31.09 -13.87 34.13
N ASP F 93 -31.30 -12.91 35.04
CA ASP F 93 -30.18 -12.25 35.69
C ASP F 93 -29.71 -13.04 36.90
N THR F 94 -30.63 -13.64 37.64
CA THR F 94 -30.31 -14.43 38.81
C THR F 94 -30.74 -15.87 38.60
N TYR F 95 -30.33 -16.75 39.51
CA TYR F 95 -30.63 -18.16 39.44
C TYR F 95 -31.62 -18.55 40.54
N PRO F 96 -32.67 -19.31 40.22
CA PRO F 96 -33.04 -19.77 38.89
C PRO F 96 -33.79 -18.72 38.07
N GLY F 97 -33.95 -18.97 36.78
CA GLY F 97 -34.78 -18.10 35.96
C GLY F 97 -36.24 -18.19 36.35
N THR F 98 -36.99 -17.14 36.04
CA THR F 98 -38.39 -17.06 36.44
C THR F 98 -39.21 -16.44 35.32
N PHE F 99 -40.41 -16.95 35.13
CA PHE F 99 -41.33 -16.50 34.10
C PHE F 99 -42.46 -15.67 34.71
N GLY F 100 -43.09 -14.86 33.87
CA GLY F 100 -44.25 -14.10 34.28
C GLY F 100 -45.53 -14.92 34.21
N GLN F 101 -46.63 -14.26 34.59
CA GLN F 101 -47.94 -14.93 34.58
C GLN F 101 -48.62 -14.89 33.23
N GLY F 102 -48.07 -14.16 32.26
CA GLY F 102 -48.60 -14.18 30.92
C GLY F 102 -49.79 -13.27 30.71
N THR F 103 -49.87 -12.65 29.55
CA THR F 103 -50.96 -11.74 29.20
C THR F 103 -51.63 -12.23 27.93
N LYS F 104 -52.96 -12.27 27.93
CA LYS F 104 -53.70 -12.79 26.79
C LYS F 104 -54.05 -11.66 25.83
N VAL F 105 -53.74 -11.86 24.56
CA VAL F 105 -53.98 -10.88 23.50
C VAL F 105 -54.80 -11.56 22.42
N GLU F 106 -55.68 -10.78 21.79
CA GLU F 106 -56.70 -11.26 20.84
C GLU F 106 -57.77 -12.06 21.56
N GLY G 492 21.20 23.58 12.68
CA GLY G 492 20.34 22.91 11.73
C GLY G 492 20.10 21.45 12.09
N PHE G 493 19.50 20.71 11.17
CA PHE G 493 19.26 19.29 11.38
C PHE G 493 20.58 18.56 11.51
N LEU G 494 20.74 17.82 12.61
CA LEU G 494 21.97 17.14 12.99
C LEU G 494 23.15 18.07 13.14
N GLY G 495 22.92 19.38 13.20
CA GLY G 495 23.96 20.28 13.60
C GLY G 495 24.32 20.10 15.06
N ALA G 496 25.54 20.53 15.41
CA ALA G 496 26.08 20.31 16.75
C ALA G 496 26.09 18.83 17.11
N ALA G 497 26.34 17.96 16.13
CA ALA G 497 26.54 16.55 16.42
C ALA G 497 27.93 16.31 17.01
N GLY G 498 28.91 17.12 16.63
CA GLY G 498 30.23 17.09 17.22
C GLY G 498 30.38 17.97 18.45
N SER G 499 29.33 18.67 18.84
CA SER G 499 29.38 19.51 20.02
C SER G 499 29.15 18.69 21.28
N THR G 500 29.51 19.28 22.42
CA THR G 500 29.27 18.64 23.70
C THR G 500 27.79 18.60 24.01
N MET G 501 27.40 17.70 24.92
CA MET G 501 25.99 17.52 25.21
C MET G 501 25.38 18.75 25.88
N GLY G 502 26.19 19.53 26.60
CA GLY G 502 25.66 20.75 27.20
C GLY G 502 25.16 21.73 26.16
N ALA G 503 25.94 21.93 25.10
CA ALA G 503 25.52 22.80 24.01
C ALA G 503 24.48 22.14 23.12
N ALA G 504 24.53 20.80 22.98
CA ALA G 504 23.60 20.12 22.10
C ALA G 504 22.18 20.10 22.66
N SER G 505 22.04 20.00 23.98
CA SER G 505 20.72 19.91 24.58
C SER G 505 19.93 21.21 24.51
N ILE G 506 20.57 22.32 24.10
CA ILE G 506 19.89 23.61 24.10
C ILE G 506 18.83 23.64 23.00
N THR G 507 19.12 23.08 21.83
CA THR G 507 18.24 23.26 20.67
C THR G 507 17.79 21.93 20.07
N LEU G 508 17.29 21.03 20.92
CA LEU G 508 16.84 19.73 20.43
C LEU G 508 15.63 19.84 19.51
N THR G 509 14.86 20.92 19.65
CA THR G 509 13.62 21.05 18.86
C THR G 509 13.92 21.20 17.37
N VAL G 510 15.08 21.75 17.02
CA VAL G 510 15.44 21.89 15.61
C VAL G 510 15.50 20.52 14.95
N GLN G 511 16.10 19.55 15.62
CA GLN G 511 16.12 18.18 15.09
C GLN G 511 14.79 17.48 15.27
N ALA G 512 14.06 17.79 16.36
CA ALA G 512 12.81 17.09 16.63
C ALA G 512 11.73 17.46 15.62
N ARG G 513 11.72 18.69 15.12
CA ARG G 513 10.69 19.12 14.19
C ARG G 513 10.76 18.33 12.89
N GLN G 514 11.97 18.10 12.38
CA GLN G 514 12.12 17.43 11.08
C GLN G 514 11.81 15.94 11.18
N LEU G 515 11.88 15.35 12.36
CA LEU G 515 11.58 13.93 12.53
C LEU G 515 10.10 13.66 12.28
N THR G 527 -2.92 9.43 -9.40
CA THR G 527 -1.49 9.51 -9.11
C THR G 527 -1.00 8.20 -8.51
N VAL G 528 -0.35 7.39 -9.33
CA VAL G 528 0.18 6.09 -8.89
C VAL G 528 1.54 6.35 -8.25
N TRP G 529 1.60 6.18 -6.93
CA TRP G 529 2.82 6.50 -6.19
C TRP G 529 3.91 5.46 -6.37
N GLY G 530 3.55 4.18 -6.43
CA GLY G 530 4.53 3.12 -6.40
C GLY G 530 4.53 2.40 -5.07
N ILE G 531 4.83 1.10 -5.11
CA ILE G 531 4.73 0.29 -3.90
C ILE G 531 5.82 0.68 -2.90
N LYS G 532 7.01 1.03 -3.39
CA LYS G 532 8.11 1.34 -2.50
C LYS G 532 7.85 2.60 -1.71
N GLN G 533 7.24 3.61 -2.35
CA GLN G 533 6.91 4.84 -1.64
C GLN G 533 5.90 4.59 -0.53
N LEU G 534 4.88 3.77 -0.80
CA LEU G 534 3.92 3.42 0.24
C LEU G 534 4.61 2.69 1.40
N GLN G 535 5.49 1.74 1.08
CA GLN G 535 6.19 1.02 2.13
C GLN G 535 7.03 1.97 2.98
N ALA G 536 7.73 2.90 2.35
CA ALA G 536 8.55 3.85 3.09
C ALA G 536 7.70 4.73 3.99
N ARG G 537 6.57 5.23 3.49
CA ARG G 537 5.69 6.08 4.29
C ARG G 537 5.15 5.32 5.50
N VAL G 538 4.69 4.09 5.28
CA VAL G 538 4.14 3.30 6.38
C VAL G 538 5.21 3.02 7.43
N LEU G 539 6.43 2.69 6.98
CA LEU G 539 7.50 2.41 7.93
C LEU G 539 7.87 3.65 8.74
N ALA G 540 7.87 4.82 8.10
CA ALA G 540 8.16 6.07 8.82
C ALA G 540 7.11 6.32 9.88
N VAL G 541 5.83 6.16 9.53
CA VAL G 541 4.76 6.35 10.51
C VAL G 541 4.92 5.37 11.67
N GLU G 542 5.26 4.12 11.37
CA GLU G 542 5.42 3.12 12.41
C GLU G 542 6.57 3.47 13.36
N ARG G 543 7.69 3.94 12.82
CA ARG G 543 8.82 4.30 13.68
C ARG G 543 8.46 5.48 14.57
N TYR G 544 7.78 6.48 14.02
CA TYR G 544 7.35 7.61 14.85
C TYR G 544 6.44 7.15 15.96
N LEU G 545 5.50 6.25 15.65
CA LEU G 545 4.56 5.79 16.67
C LEU G 545 5.26 4.95 17.73
N LYS G 546 6.28 4.19 17.36
CA LYS G 546 7.03 3.42 18.35
C LYS G 546 7.76 4.35 19.32
N ASP G 547 8.40 5.39 18.78
CA ASP G 547 9.06 6.36 19.66
C ASP G 547 8.06 7.03 20.60
N GLN G 548 6.89 7.40 20.06
CA GLN G 548 5.88 8.03 20.90
C GLN G 548 5.35 7.07 21.95
N LYS G 549 5.23 5.78 21.63
CA LYS G 549 4.79 4.80 22.63
C LYS G 549 5.81 4.69 23.76
N PHE G 550 7.09 4.62 23.43
CA PHE G 550 8.10 4.59 24.49
C PHE G 550 8.05 5.84 25.35
N LEU G 551 7.91 7.02 24.73
CA LEU G 551 7.82 8.24 25.53
C LEU G 551 6.60 8.24 26.43
N GLY G 552 5.45 7.81 25.90
CA GLY G 552 4.23 7.85 26.69
C GLY G 552 4.18 6.80 27.79
N LEU G 553 4.95 5.73 27.64
CA LEU G 553 5.02 4.73 28.71
C LEU G 553 5.68 5.28 29.97
N TRP G 554 6.48 6.34 29.85
CA TRP G 554 7.21 6.90 30.97
C TRP G 554 6.62 8.20 31.49
N GLY G 555 5.49 8.64 30.95
CA GLY G 555 4.92 9.90 31.37
C GLY G 555 5.54 11.13 30.73
N CYS G 556 6.10 10.98 29.53
CA CYS G 556 6.75 12.08 28.80
C CYS G 556 6.18 12.17 27.39
N SER G 557 4.85 12.15 27.28
CA SER G 557 4.21 12.00 25.98
C SER G 557 4.51 13.18 25.06
N GLY G 558 4.36 14.40 25.56
CA GLY G 558 4.51 15.57 24.71
C GLY G 558 5.62 16.50 25.11
N LYS G 559 6.77 15.95 25.47
CA LYS G 559 7.88 16.75 25.98
C LYS G 559 9.16 16.39 25.21
N ILE G 560 10.08 17.34 25.21
CA ILE G 560 11.41 17.13 24.64
C ILE G 560 12.43 16.80 25.73
N ILE G 561 12.39 17.52 26.84
CA ILE G 561 13.17 17.20 28.03
C ILE G 561 12.20 16.83 29.13
N CYS G 562 12.32 15.62 29.65
CA CYS G 562 11.40 15.09 30.65
C CYS G 562 12.20 14.54 31.82
N CYS G 563 11.82 14.95 33.03
CA CYS G 563 12.49 14.52 34.24
C CYS G 563 11.72 13.37 34.88
N THR G 564 12.44 12.43 35.46
CA THR G 564 11.85 11.22 36.02
C THR G 564 12.27 11.05 37.48
N ASN G 565 11.75 10.00 38.11
CA ASN G 565 12.00 9.74 39.52
C ASN G 565 12.92 8.55 39.74
N VAL G 566 13.61 8.08 38.70
CA VAL G 566 14.52 6.94 38.82
C VAL G 566 15.90 7.48 39.16
N PRO G 567 16.46 7.14 40.31
CA PRO G 567 17.82 7.59 40.63
C PRO G 567 18.85 6.93 39.73
N TRP G 568 19.91 7.67 39.45
CA TRP G 568 20.97 7.18 38.58
C TRP G 568 21.87 6.24 39.36
N ASN G 569 21.91 4.97 38.95
CA ASN G 569 22.81 4.00 39.56
C ASN G 569 24.23 4.26 39.09
N SER G 570 25.18 4.24 40.03
CA SER G 570 26.57 4.50 39.67
C SER G 570 27.17 3.37 38.86
N THR G 571 26.59 2.17 38.89
CA THR G 571 27.10 1.09 38.06
C THR G 571 26.77 1.27 36.59
N TRP G 572 25.73 2.06 36.27
CA TRP G 572 25.45 2.37 34.87
C TRP G 572 26.55 3.26 34.28
N SER G 573 26.96 4.27 35.02
CA SER G 573 28.06 5.15 34.64
C SER G 573 28.49 5.95 35.86
N ASN G 574 29.78 5.96 36.17
CA ASN G 574 30.27 6.55 37.40
C ASN G 574 31.00 7.87 37.17
N LYS G 575 30.81 8.49 36.02
CA LYS G 575 31.58 9.68 35.70
C LYS G 575 30.97 10.91 36.35
N SER G 576 31.75 11.98 36.40
CA SER G 576 31.32 13.23 36.98
C SER G 576 30.31 13.93 36.09
N TYR G 577 29.53 14.82 36.70
CA TYR G 577 28.55 15.60 35.95
C TYR G 577 29.23 16.51 34.95
N GLU G 578 30.31 17.18 35.36
CA GLU G 578 31.02 18.08 34.46
C GLU G 578 31.64 17.33 33.30
N GLU G 579 32.21 16.16 33.58
CA GLU G 579 32.82 15.37 32.51
C GLU G 579 31.79 14.95 31.48
N ILE G 580 30.60 14.56 31.94
CA ILE G 580 29.54 14.17 31.01
C ILE G 580 29.08 15.37 30.18
N TRP G 581 28.77 16.48 30.84
CA TRP G 581 28.08 17.56 30.15
C TRP G 581 29.00 18.62 29.56
N ASN G 582 30.33 18.44 29.63
CA ASN G 582 31.24 19.41 29.06
C ASN G 582 32.38 18.83 28.24
N ASN G 583 32.54 17.51 28.17
CA ASN G 583 33.62 16.93 27.39
C ASN G 583 33.14 16.03 26.26
N MET G 584 32.29 15.04 26.54
CA MET G 584 31.91 14.09 25.52
C MET G 584 30.82 14.66 24.62
N THR G 585 30.52 13.91 23.56
CA THR G 585 29.41 14.18 22.67
C THR G 585 28.29 13.17 22.95
N TRP G 586 27.21 13.27 22.20
CA TRP G 586 26.07 12.39 22.43
C TRP G 586 26.35 10.97 21.95
N ILE G 587 27.06 10.82 20.83
CA ILE G 587 27.32 9.50 20.29
C ILE G 587 28.20 8.70 21.23
N GLU G 588 29.25 9.34 21.75
CA GLU G 588 30.14 8.66 22.69
C GLU G 588 29.40 8.24 23.96
N TRP G 589 28.56 9.12 24.48
CA TRP G 589 27.80 8.80 25.69
C TRP G 589 26.86 7.63 25.43
N GLU G 590 26.15 7.65 24.30
CA GLU G 590 25.21 6.58 24.01
C GLU G 590 25.91 5.25 23.79
N LYS G 591 27.13 5.28 23.25
CA LYS G 591 27.88 4.04 23.12
C LYS G 591 28.39 3.54 24.48
N GLU G 592 28.73 4.45 25.38
CA GLU G 592 29.27 4.05 26.68
C GLU G 592 28.25 3.25 27.49
N ILE G 593 26.99 3.66 27.47
CA ILE G 593 25.99 3.09 28.35
C ILE G 593 25.03 2.21 27.57
N SER G 594 25.51 1.62 26.48
CA SER G 594 24.63 0.86 25.59
C SER G 594 24.15 -0.45 26.20
N ASN G 595 24.81 -0.93 27.25
CA ASN G 595 24.45 -2.21 27.85
C ASN G 595 23.37 -2.10 28.92
N TYR G 596 22.98 -0.89 29.31
CA TYR G 596 22.03 -0.69 30.40
C TYR G 596 20.75 0.00 29.95
N THR G 597 20.55 0.20 28.65
CA THR G 597 19.38 0.95 28.18
C THR G 597 18.08 0.21 28.51
N ASN G 598 18.04 -1.11 28.30
CA ASN G 598 16.82 -1.87 28.56
C ASN G 598 16.45 -1.83 30.04
N ARG G 599 17.44 -1.94 30.92
CA ARG G 599 17.18 -1.83 32.35
C ARG G 599 16.55 -0.49 32.68
N ILE G 600 17.13 0.60 32.18
CA ILE G 600 16.63 1.93 32.50
C ILE G 600 15.21 2.08 31.97
N TYR G 601 14.94 1.55 30.78
CA TYR G 601 13.59 1.63 30.22
C TYR G 601 12.59 0.91 31.12
N ASP G 602 12.94 -0.30 31.59
CA ASP G 602 12.04 -1.05 32.45
C ASP G 602 11.80 -0.32 33.77
N LEU G 603 12.86 0.23 34.39
CA LEU G 603 12.68 0.99 35.62
C LEU G 603 11.83 2.24 35.41
N LEU G 604 11.98 2.92 34.27
CA LEU G 604 11.13 4.08 34.01
C LEU G 604 9.66 3.67 33.90
N THR G 605 9.39 2.56 33.20
CA THR G 605 8.01 2.10 33.09
C THR G 605 7.43 1.73 34.46
N GLU G 606 8.21 1.01 35.27
CA GLU G 606 7.75 0.63 36.60
C GLU G 606 7.50 1.86 37.48
N SER G 607 8.38 2.86 37.40
CA SER G 607 8.20 4.07 38.19
C SER G 607 6.93 4.81 37.78
N GLN G 608 6.66 4.91 36.48
CA GLN G 608 5.44 5.55 36.04
C GLN G 608 4.21 4.81 36.53
N ASN G 609 4.24 3.47 36.47
CA ASN G 609 3.10 2.68 36.94
C ASN G 609 2.87 2.89 38.43
N GLN G 610 3.94 2.88 39.22
CA GLN G 610 3.80 3.12 40.65
C GLN G 610 3.27 4.52 40.92
N GLN G 611 3.71 5.51 40.14
CA GLN G 611 3.20 6.87 40.32
C GLN G 611 1.70 6.93 40.06
N GLU G 612 1.25 6.28 38.99
CA GLU G 612 -0.18 6.31 38.68
C GLU G 612 -1.00 5.63 39.77
N ARG G 613 -0.55 4.46 40.22
CA ARG G 613 -1.30 3.74 41.25
C ARG G 613 -1.31 4.52 42.57
N ASN G 614 -0.19 5.11 42.94
CA ASN G 614 -0.14 5.89 44.18
C ASN G 614 -1.00 7.14 44.09
N GLU G 615 -1.04 7.80 42.93
CA GLU G 615 -1.90 8.95 42.77
C GLU G 615 -3.37 8.55 42.89
N LYS G 616 -3.74 7.41 42.29
CA LYS G 616 -5.11 6.93 42.42
C LYS G 616 -5.45 6.63 43.88
N ASP G 617 -4.53 5.99 44.60
CA ASP G 617 -4.78 5.70 46.01
C ASP G 617 -4.90 6.97 46.83
N LEU G 618 -4.05 7.96 46.56
CA LEU G 618 -4.12 9.22 47.29
C LEU G 618 -5.42 9.95 47.02
N LEU G 619 -5.87 9.97 45.76
CA LEU G 619 -7.15 10.60 45.45
C LEU G 619 -8.31 9.84 46.08
N GLU G 620 -8.18 8.53 46.25
CA GLU G 620 -9.21 7.79 46.98
C GLU G 620 -9.32 8.26 48.41
N LEU G 621 -8.19 8.54 49.06
CA LEU G 621 -8.19 9.04 50.43
C LEU G 621 -8.74 10.45 50.49
N GLY H 492 3.52 -11.96 30.24
CA GLY H 492 2.22 -12.16 30.84
C GLY H 492 1.09 -11.56 30.03
N PHE H 493 1.24 -11.57 28.71
CA PHE H 493 0.22 -11.03 27.82
C PHE H 493 -1.05 -11.87 27.94
N LEU H 494 -2.16 -11.21 28.29
CA LEU H 494 -3.45 -11.84 28.52
C LEU H 494 -3.44 -12.84 29.66
N GLY H 495 -2.41 -12.80 30.52
CA GLY H 495 -2.30 -13.77 31.59
C GLY H 495 -3.29 -13.59 32.71
N ALA H 496 -3.91 -12.40 32.80
CA ALA H 496 -4.87 -12.10 33.85
C ALA H 496 -6.32 -12.20 33.37
N ALA H 497 -6.56 -12.94 32.29
CA ALA H 497 -7.92 -13.07 31.78
C ALA H 497 -8.81 -13.80 32.76
N GLY H 498 -8.31 -14.84 33.39
CA GLY H 498 -9.06 -15.61 34.37
C GLY H 498 -8.97 -15.09 35.78
N SER H 499 -8.32 -13.95 35.99
CA SER H 499 -8.17 -13.37 37.31
C SER H 499 -9.23 -12.29 37.55
N THR H 500 -9.49 -12.03 38.82
CA THR H 500 -10.44 -10.99 39.20
C THR H 500 -9.89 -9.61 38.81
N MET H 501 -10.81 -8.67 38.59
CA MET H 501 -10.38 -7.31 38.23
C MET H 501 -9.54 -6.66 39.32
N GLY H 502 -9.66 -7.12 40.56
CA GLY H 502 -8.80 -6.58 41.61
C GLY H 502 -7.33 -6.86 41.35
N ALA H 503 -7.01 -8.06 40.88
CA ALA H 503 -5.65 -8.44 40.57
C ALA H 503 -5.26 -8.17 39.12
N ALA H 504 -6.23 -8.18 38.20
CA ALA H 504 -5.92 -7.91 36.81
C ALA H 504 -5.52 -6.46 36.58
N SER H 505 -6.11 -5.53 37.34
CA SER H 505 -5.80 -4.12 37.20
C SER H 505 -4.36 -3.78 37.57
N ILE H 506 -3.68 -4.67 38.27
CA ILE H 506 -2.27 -4.48 38.58
C ILE H 506 -1.43 -4.89 37.37
N THR H 507 -0.55 -4.00 36.93
CA THR H 507 0.36 -4.24 35.81
C THR H 507 -0.42 -4.55 34.54
N LEU H 508 -1.16 -3.53 34.10
CA LEU H 508 -1.81 -3.57 32.79
C LEU H 508 -0.86 -3.19 31.66
N THR H 509 0.34 -2.71 31.97
CA THR H 509 1.23 -2.20 30.93
C THR H 509 1.83 -3.30 30.08
N VAL H 510 1.72 -4.57 30.49
CA VAL H 510 2.15 -5.66 29.64
C VAL H 510 1.34 -5.67 28.35
N GLN H 511 0.01 -5.53 28.46
CA GLN H 511 -0.85 -5.47 27.29
C GLN H 511 -0.50 -4.26 26.43
N ALA H 512 -0.28 -3.10 27.07
CA ALA H 512 0.02 -1.89 26.32
C ALA H 512 1.34 -2.03 25.55
N ARG H 513 2.35 -2.63 26.18
CA ARG H 513 3.60 -2.88 25.48
C ARG H 513 3.40 -3.84 24.31
N GLN H 514 2.59 -4.88 24.52
CA GLN H 514 2.33 -5.83 23.44
C GLN H 514 1.45 -5.22 22.35
N LEU H 515 0.60 -4.27 22.69
CA LEU H 515 -0.27 -3.63 21.71
C LEU H 515 0.53 -2.75 20.74
N THR H 527 12.46 -5.18 1.63
CA THR H 527 12.16 -6.01 0.47
C THR H 527 10.80 -5.65 -0.12
N VAL H 528 10.28 -6.53 -0.96
CA VAL H 528 8.97 -6.34 -1.58
C VAL H 528 7.93 -6.98 -0.69
N TRP H 529 6.95 -6.18 -0.26
CA TRP H 529 5.92 -6.66 0.64
C TRP H 529 4.67 -7.04 -0.15
N GLY H 530 3.90 -7.97 0.40
CA GLY H 530 2.61 -8.29 -0.19
C GLY H 530 1.59 -7.21 0.09
N ILE H 531 0.51 -7.23 -0.68
CA ILE H 531 -0.58 -6.28 -0.45
C ILE H 531 -1.23 -6.53 0.91
N LYS H 532 -1.41 -7.81 1.26
CA LYS H 532 -2.09 -8.14 2.51
C LYS H 532 -1.28 -7.67 3.72
N GLN H 533 0.04 -7.84 3.69
CA GLN H 533 0.88 -7.39 4.79
C GLN H 533 0.79 -5.88 4.98
N LEU H 534 0.87 -5.13 3.89
CA LEU H 534 0.80 -3.68 3.98
C LEU H 534 -0.57 -3.22 4.48
N GLN H 535 -1.64 -3.86 4.01
CA GLN H 535 -2.97 -3.52 4.48
C GLN H 535 -3.12 -3.81 5.96
N ALA H 536 -2.57 -4.94 6.43
CA ALA H 536 -2.64 -5.27 7.84
C ALA H 536 -1.90 -4.24 8.69
N ARG H 537 -0.72 -3.82 8.24
CA ARG H 537 0.03 -2.80 8.98
C ARG H 537 -0.77 -1.50 9.07
N VAL H 538 -1.35 -1.07 7.96
CA VAL H 538 -2.11 0.17 7.96
C VAL H 538 -3.31 0.07 8.89
N LEU H 539 -4.00 -1.08 8.87
CA LEU H 539 -5.16 -1.25 9.73
C LEU H 539 -4.77 -1.24 11.21
N ALA H 540 -3.64 -1.86 11.55
CA ALA H 540 -3.18 -1.83 12.94
C ALA H 540 -2.87 -0.41 13.39
N VAL H 541 -2.20 0.36 12.53
CA VAL H 541 -1.92 1.76 12.86
C VAL H 541 -3.21 2.53 13.08
N GLU H 542 -4.19 2.31 12.21
CA GLU H 542 -5.46 3.02 12.34
C GLU H 542 -6.17 2.68 13.64
N ARG H 543 -6.16 1.40 14.03
CA ARG H 543 -6.80 1.02 15.29
C ARG H 543 -6.13 1.65 16.49
N TYR H 544 -4.79 1.64 16.51
CA TYR H 544 -4.08 2.28 17.61
C TYR H 544 -4.43 3.76 17.69
N LEU H 545 -4.47 4.43 16.53
CA LEU H 545 -4.77 5.86 16.53
C LEU H 545 -6.21 6.12 16.98
N LYS H 546 -7.14 5.24 16.63
CA LYS H 546 -8.52 5.42 17.08
C LYS H 546 -8.63 5.32 18.59
N ASP H 547 -7.98 4.31 19.18
CA ASP H 547 -8.01 4.19 20.63
C ASP H 547 -7.37 5.41 21.29
N GLN H 548 -6.26 5.89 20.72
CA GLN H 548 -5.63 7.08 21.28
C GLN H 548 -6.52 8.31 21.14
N LYS H 549 -7.29 8.42 20.07
CA LYS H 549 -8.23 9.53 19.92
C LYS H 549 -9.30 9.49 21.00
N PHE H 550 -9.87 8.30 21.25
CA PHE H 550 -10.84 8.19 22.34
C PHE H 550 -10.23 8.58 23.67
N LEU H 551 -9.01 8.10 23.96
CA LEU H 551 -8.38 8.46 25.23
C LEU H 551 -8.14 9.96 25.33
N GLY H 552 -7.69 10.57 24.25
CA GLY H 552 -7.39 11.99 24.28
C GLY H 552 -8.62 12.87 24.40
N LEU H 553 -9.77 12.39 23.91
CA LEU H 553 -10.99 13.17 24.06
C LEU H 553 -11.36 13.37 25.52
N TRP H 554 -11.04 12.41 26.38
CA TRP H 554 -11.42 12.44 27.78
C TRP H 554 -10.34 12.98 28.70
N GLY H 555 -9.20 13.41 28.16
CA GLY H 555 -8.11 13.86 29.00
C GLY H 555 -7.29 12.74 29.59
N CYS H 556 -7.19 11.61 28.90
CA CYS H 556 -6.48 10.43 29.37
C CYS H 556 -5.42 10.03 28.36
N SER H 557 -4.71 11.02 27.80
CA SER H 557 -3.92 10.81 26.59
C SER H 557 -2.77 9.83 26.83
N GLY H 558 -1.98 10.07 27.86
CA GLY H 558 -0.81 9.24 28.09
C GLY H 558 -0.86 8.48 29.40
N LYS H 559 -2.02 7.95 29.74
CA LYS H 559 -2.22 7.29 31.01
C LYS H 559 -2.83 5.91 30.80
N ILE H 560 -2.50 4.99 31.70
CA ILE H 560 -3.09 3.66 31.69
C ILE H 560 -4.24 3.57 32.69
N ILE H 561 -4.06 4.11 33.88
CA ILE H 561 -5.08 4.14 34.91
C ILE H 561 -5.51 5.60 35.03
N CYS H 562 -6.58 5.98 34.35
CA CYS H 562 -6.99 7.37 34.28
C CYS H 562 -8.29 7.57 35.05
N CYS H 563 -8.34 8.63 35.85
CA CYS H 563 -9.47 8.91 36.74
C CYS H 563 -10.25 10.08 36.14
N THR H 564 -11.56 10.08 36.35
CA THR H 564 -12.46 11.05 35.71
C THR H 564 -13.30 11.75 36.77
N ASN H 565 -14.23 12.60 36.30
CA ASN H 565 -15.09 13.40 37.16
C ASN H 565 -16.57 13.13 36.93
N VAL H 566 -16.92 12.02 36.28
CA VAL H 566 -18.30 11.66 36.01
C VAL H 566 -18.77 10.70 37.10
N PRO H 567 -19.78 11.06 37.89
CA PRO H 567 -20.26 10.13 38.92
C PRO H 567 -20.89 8.91 38.31
N TRP H 568 -20.78 7.79 39.02
CA TRP H 568 -21.32 6.53 38.54
C TRP H 568 -22.81 6.46 38.81
N ASN H 569 -23.60 6.35 37.74
CA ASN H 569 -25.05 6.22 37.84
C ASN H 569 -25.39 4.79 38.24
N SER H 570 -26.20 4.63 39.27
CA SER H 570 -26.52 3.30 39.78
C SER H 570 -27.39 2.51 38.80
N THR H 571 -28.02 3.17 37.84
CA THR H 571 -28.77 2.44 36.83
C THR H 571 -27.86 1.77 35.81
N TRP H 572 -26.60 2.21 35.69
CA TRP H 572 -25.65 1.50 34.85
C TRP H 572 -25.29 0.16 35.45
N SER H 573 -25.01 0.12 36.75
CA SER H 573 -24.76 -1.11 37.48
C SER H 573 -24.87 -0.84 38.98
N ASN H 574 -25.67 -1.63 39.68
CA ASN H 574 -25.94 -1.40 41.10
C ASN H 574 -25.17 -2.34 42.01
N LYS H 575 -24.16 -3.04 41.47
CA LYS H 575 -23.39 -3.97 42.27
C LYS H 575 -22.48 -3.23 43.24
N SER H 576 -22.17 -3.90 44.34
CA SER H 576 -21.29 -3.33 45.35
C SER H 576 -19.85 -3.27 44.84
N TYR H 577 -19.07 -2.40 45.47
CA TYR H 577 -17.66 -2.25 45.10
C TYR H 577 -16.89 -3.55 45.33
N GLU H 578 -17.13 -4.20 46.47
CA GLU H 578 -16.45 -5.46 46.76
C GLU H 578 -16.84 -6.54 45.76
N GLU H 579 -18.12 -6.60 45.40
CA GLU H 579 -18.57 -7.61 44.44
C GLU H 579 -17.94 -7.37 43.07
N ILE H 580 -17.85 -6.11 42.64
CA ILE H 580 -17.26 -5.81 41.34
C ILE H 580 -15.78 -6.16 41.33
N TRP H 581 -15.04 -5.69 42.33
CA TRP H 581 -13.58 -5.80 42.29
C TRP H 581 -13.06 -7.06 42.97
N ASN H 582 -13.93 -7.97 43.39
CA ASN H 582 -13.48 -9.15 44.14
C ASN H 582 -14.04 -10.48 43.63
N ASN H 583 -15.11 -10.50 42.85
CA ASN H 583 -15.73 -11.77 42.45
C ASN H 583 -16.15 -11.80 40.99
N MET H 584 -15.52 -11.00 40.14
CA MET H 584 -15.84 -11.01 38.71
C MET H 584 -14.57 -10.75 37.91
N THR H 585 -14.62 -11.12 36.63
CA THR H 585 -13.53 -10.86 35.70
C THR H 585 -13.88 -9.67 34.82
N TRP H 586 -12.91 -9.28 33.98
CA TRP H 586 -13.12 -8.13 33.12
C TRP H 586 -14.11 -8.44 32.00
N ILE H 587 -14.06 -9.66 31.46
CA ILE H 587 -14.94 -10.00 30.35
C ILE H 587 -16.39 -10.01 30.79
N GLU H 588 -16.68 -10.60 31.94
CA GLU H 588 -18.04 -10.62 32.46
C GLU H 588 -18.54 -9.20 32.74
N TRP H 589 -17.70 -8.37 33.36
CA TRP H 589 -18.10 -7.01 33.68
C TRP H 589 -18.39 -6.22 32.41
N GLU H 590 -17.53 -6.33 31.41
CA GLU H 590 -17.74 -5.59 30.17
C GLU H 590 -18.96 -6.10 29.43
N LYS H 591 -19.28 -7.39 29.56
CA LYS H 591 -20.52 -7.90 28.98
C LYS H 591 -21.73 -7.33 29.68
N GLU H 592 -21.65 -7.15 31.01
CA GLU H 592 -22.82 -6.71 31.77
C GLU H 592 -23.19 -5.27 31.44
N ILE H 593 -22.20 -4.40 31.26
CA ILE H 593 -22.44 -2.97 31.09
C ILE H 593 -22.36 -2.55 29.62
N SER H 594 -22.58 -3.49 28.69
CA SER H 594 -22.39 -3.19 27.27
C SER H 594 -23.38 -2.15 26.76
N ASN H 595 -24.57 -2.08 27.38
CA ASN H 595 -25.61 -1.20 26.86
C ASN H 595 -25.39 0.26 27.23
N TYR H 596 -24.43 0.56 28.11
CA TYR H 596 -24.23 1.92 28.59
C TYR H 596 -22.88 2.52 28.22
N THR H 597 -22.06 1.80 27.45
CA THR H 597 -20.74 2.30 27.11
C THR H 597 -20.83 3.58 26.28
N ASN H 598 -21.76 3.62 25.32
CA ASN H 598 -21.92 4.81 24.49
C ASN H 598 -22.36 6.01 25.30
N ARG H 599 -23.26 5.82 26.27
CA ARG H 599 -23.65 6.92 27.14
C ARG H 599 -22.46 7.42 27.95
N ILE H 600 -21.68 6.50 28.51
CA ILE H 600 -20.58 6.90 29.38
C ILE H 600 -19.51 7.65 28.59
N TYR H 601 -19.28 7.23 27.34
CA TYR H 601 -18.31 7.93 26.50
C TYR H 601 -18.72 9.38 26.26
N ASP H 602 -19.99 9.60 25.93
CA ASP H 602 -20.49 10.95 25.71
C ASP H 602 -20.40 11.79 26.97
N LEU H 603 -20.73 11.19 28.12
CA LEU H 603 -20.62 11.92 29.38
C LEU H 603 -19.18 12.32 29.66
N LEU H 604 -18.22 11.42 29.41
CA LEU H 604 -16.82 11.75 29.63
C LEU H 604 -16.37 12.89 28.73
N THR H 605 -16.77 12.84 27.45
CA THR H 605 -16.39 13.90 26.53
C THR H 605 -16.96 15.25 26.96
N GLU H 606 -18.23 15.27 27.36
CA GLU H 606 -18.84 16.50 27.82
C GLU H 606 -18.17 17.03 29.07
N SER H 607 -17.82 16.14 30.00
CA SER H 607 -17.14 16.56 31.22
C SER H 607 -15.79 17.17 30.91
N GLN H 608 -15.03 16.58 29.99
CA GLN H 608 -13.74 17.12 29.62
C GLN H 608 -13.88 18.51 28.99
N ASN H 609 -14.87 18.66 28.10
CA ASN H 609 -15.09 19.97 27.48
C ASN H 609 -15.45 21.02 28.52
N GLN H 610 -16.34 20.66 29.46
CA GLN H 610 -16.72 21.59 30.52
C GLN H 610 -15.51 21.97 31.36
N GLN H 611 -14.64 21.00 31.65
CA GLN H 611 -13.45 21.28 32.43
C GLN H 611 -12.54 22.26 31.71
N GLU H 612 -12.34 22.06 30.41
CA GLU H 612 -11.47 22.96 29.65
C GLU H 612 -12.03 24.37 29.63
N ARG H 613 -13.34 24.51 29.38
CA ARG H 613 -13.95 25.83 29.34
C ARG H 613 -13.89 26.51 30.70
N ASN H 614 -14.11 25.75 31.78
CA ASN H 614 -14.08 26.32 33.11
C ASN H 614 -12.67 26.75 33.49
N GLU H 615 -11.66 25.97 33.09
CA GLU H 615 -10.28 26.39 33.32
C GLU H 615 -9.96 27.67 32.58
N LYS H 616 -10.41 27.77 31.33
CA LYS H 616 -10.23 29.00 30.57
C LYS H 616 -10.86 30.19 31.27
N ASP H 617 -12.10 30.03 31.72
CA ASP H 617 -12.79 31.12 32.40
C ASP H 617 -12.10 31.49 33.70
N LEU H 618 -11.64 30.50 34.46
CA LEU H 618 -10.97 30.77 35.72
C LEU H 618 -9.66 31.51 35.51
N LEU H 619 -8.88 31.10 34.50
CA LEU H 619 -7.64 31.80 34.19
C LEU H 619 -7.89 33.17 33.57
N GLU H 620 -9.08 33.41 33.01
CA GLU H 620 -9.43 34.75 32.57
C GLU H 620 -9.55 35.71 33.76
N LEU H 621 -10.05 35.21 34.89
CA LEU H 621 -10.20 36.03 36.09
C LEU H 621 -8.84 36.36 36.70
N GLY I 492 -23.92 19.96 14.03
CA GLY I 492 -23.21 18.82 13.45
C GLY I 492 -21.85 19.19 12.91
N PHE I 493 -21.37 18.41 11.94
CA PHE I 493 -20.09 18.67 11.33
C PHE I 493 -20.15 19.97 10.53
N LEU I 494 -19.23 20.88 10.81
CA LEU I 494 -19.08 22.16 10.11
C LEU I 494 -20.29 23.07 10.27
N GLY I 495 -21.27 22.69 11.08
CA GLY I 495 -22.48 23.48 11.21
C GLY I 495 -22.26 24.84 11.83
N ALA I 496 -21.14 25.04 12.51
CA ALA I 496 -20.82 26.33 13.11
C ALA I 496 -20.31 27.34 12.09
N ALA I 497 -19.91 26.89 10.91
CA ALA I 497 -19.48 27.83 9.87
C ALA I 497 -20.63 28.75 9.50
N GLY I 498 -20.34 30.04 9.41
CA GLY I 498 -21.36 31.05 9.20
C GLY I 498 -21.81 31.73 10.47
N SER I 499 -21.57 31.11 11.63
CA SER I 499 -21.84 31.75 12.91
C SER I 499 -20.59 32.45 13.41
N THR I 500 -20.78 33.36 14.36
CA THR I 500 -19.66 34.11 14.90
C THR I 500 -18.73 33.21 15.70
N MET I 501 -17.49 33.67 15.88
CA MET I 501 -16.50 32.83 16.55
C MET I 501 -16.85 32.58 18.01
N GLY I 502 -17.58 33.50 18.64
CA GLY I 502 -18.01 33.26 20.01
C GLY I 502 -18.91 32.06 20.13
N ALA I 503 -19.85 31.91 19.20
CA ALA I 503 -20.75 30.75 19.21
C ALA I 503 -20.05 29.49 18.72
N ALA I 504 -19.10 29.63 17.79
CA ALA I 504 -18.43 28.46 17.23
C ALA I 504 -17.40 27.87 18.20
N SER I 505 -16.83 28.70 19.07
CA SER I 505 -15.76 28.23 19.95
C SER I 505 -16.24 27.25 21.01
N ILE I 506 -17.55 27.15 21.24
CA ILE I 506 -18.09 26.30 22.30
C ILE I 506 -18.51 24.93 21.80
N THR I 507 -18.35 24.66 20.50
CA THR I 507 -18.73 23.37 19.93
C THR I 507 -17.59 22.73 19.14
N LEU I 508 -16.35 23.00 19.51
CA LEU I 508 -15.20 22.47 18.78
C LEU I 508 -14.89 21.05 19.21
N THR I 509 -15.89 20.17 19.17
CA THR I 509 -15.69 18.78 19.54
C THR I 509 -16.23 17.87 18.45
N VAL I 510 -17.26 18.35 17.74
CA VAL I 510 -17.84 17.55 16.65
C VAL I 510 -16.83 17.36 15.53
N GLN I 511 -16.18 18.45 15.12
CA GLN I 511 -15.13 18.36 14.11
C GLN I 511 -13.97 17.51 14.61
N ALA I 512 -13.58 17.69 15.87
CA ALA I 512 -12.48 16.91 16.42
C ALA I 512 -12.81 15.43 16.44
N ARG I 513 -14.04 15.08 16.81
CA ARG I 513 -14.43 13.67 16.83
C ARG I 513 -14.54 13.09 15.42
N GLN I 514 -14.97 13.88 14.44
CA GLN I 514 -15.17 13.38 13.09
C GLN I 514 -13.98 13.61 12.17
N LEU I 515 -12.85 14.07 12.69
CA LEU I 515 -11.64 14.20 11.88
C LEU I 515 -10.82 12.91 11.94
N THR I 527 -9.47 -9.42 1.17
CA THR I 527 -10.13 -8.23 0.66
C THR I 527 -9.12 -7.32 -0.02
N VAL I 528 -9.20 -7.22 -1.35
CA VAL I 528 -8.31 -6.36 -2.12
C VAL I 528 -8.88 -4.96 -2.09
N TRP I 529 -8.28 -4.08 -1.30
CA TRP I 529 -8.81 -2.73 -1.13
C TRP I 529 -8.64 -1.91 -2.40
N GLY I 530 -7.49 -2.03 -3.06
CA GLY I 530 -7.16 -1.17 -4.17
C GLY I 530 -6.09 -0.17 -3.79
N ILE I 531 -5.34 0.28 -4.78
CA ILE I 531 -4.21 1.19 -4.52
C ILE I 531 -4.71 2.53 -4.00
N LYS I 532 -5.77 3.07 -4.63
CA LYS I 532 -6.22 4.41 -4.29
C LYS I 532 -6.74 4.49 -2.86
N GLN I 533 -7.53 3.50 -2.44
CA GLN I 533 -8.04 3.48 -1.07
C GLN I 533 -6.91 3.42 -0.05
N LEU I 534 -5.91 2.59 -0.30
CA LEU I 534 -4.79 2.46 0.61
C LEU I 534 -4.00 3.77 0.69
N GLN I 535 -3.76 4.40 -0.45
CA GLN I 535 -3.07 5.67 -0.47
C GLN I 535 -3.84 6.73 0.31
N ALA I 536 -5.16 6.76 0.13
CA ALA I 536 -5.97 7.74 0.84
C ALA I 536 -5.91 7.52 2.35
N ARG I 537 -5.97 6.26 2.79
CA ARG I 537 -5.88 5.96 4.22
C ARG I 537 -4.54 6.42 4.79
N VAL I 538 -3.44 6.12 4.09
CA VAL I 538 -2.13 6.51 4.57
C VAL I 538 -2.02 8.03 4.64
N LEU I 539 -2.54 8.73 3.64
CA LEU I 539 -2.46 10.19 3.64
C LEU I 539 -3.27 10.79 4.78
N ALA I 540 -4.45 10.21 5.07
CA ALA I 540 -5.24 10.71 6.19
C ALA I 540 -4.52 10.53 7.51
N VAL I 541 -3.89 9.36 7.70
CA VAL I 541 -3.10 9.13 8.91
C VAL I 541 -1.98 10.16 9.02
N GLU I 542 -1.32 10.43 7.89
CA GLU I 542 -0.22 11.39 7.90
C GLU I 542 -0.69 12.78 8.28
N ARG I 543 -1.83 13.22 7.75
CA ARG I 543 -2.35 14.54 8.09
C ARG I 543 -2.68 14.65 9.57
N TYR I 544 -3.35 13.62 10.11
CA TYR I 544 -3.68 13.64 11.53
C TYR I 544 -2.41 13.73 12.38
N LEU I 545 -1.40 12.94 12.02
CA LEU I 545 -0.19 12.92 12.83
C LEU I 545 0.58 14.24 12.71
N LYS I 546 0.54 14.89 11.54
CA LYS I 546 1.20 16.18 11.41
C LYS I 546 0.54 17.24 12.29
N ASP I 547 -0.81 17.28 12.29
CA ASP I 547 -1.50 18.22 13.16
C ASP I 547 -1.18 17.93 14.63
N GLN I 548 -1.15 16.66 15.00
CA GLN I 548 -0.79 16.31 16.37
C GLN I 548 0.65 16.69 16.70
N LYS I 549 1.57 16.63 15.74
CA LYS I 549 2.94 17.04 15.98
C LYS I 549 3.02 18.54 16.28
N PHE I 550 2.33 19.35 15.46
CA PHE I 550 2.29 20.79 15.75
C PHE I 550 1.69 21.05 17.12
N LEU I 551 0.59 20.37 17.45
CA LEU I 551 -0.02 20.58 18.76
C LEU I 551 0.93 20.19 19.89
N GLY I 552 1.66 19.09 19.73
CA GLY I 552 2.57 18.66 20.76
C GLY I 552 3.74 19.59 20.98
N LEU I 553 4.25 20.20 19.90
CA LEU I 553 5.38 21.12 20.05
C LEU I 553 5.03 22.32 20.91
N TRP I 554 3.75 22.66 21.03
CA TRP I 554 3.32 23.84 21.77
C TRP I 554 2.78 23.50 23.16
N GLY I 555 2.76 22.25 23.56
CA GLY I 555 2.22 21.89 24.86
C GLY I 555 0.72 21.75 24.93
N CYS I 556 0.07 21.45 23.80
CA CYS I 556 -1.38 21.29 23.73
C CYS I 556 -1.73 19.96 23.08
N SER I 557 -1.08 18.89 23.54
CA SER I 557 -1.17 17.60 22.86
C SER I 557 -2.59 17.04 22.90
N GLY I 558 -3.19 17.00 24.08
CA GLY I 558 -4.51 16.40 24.21
C GLY I 558 -5.59 17.39 24.57
N LYS I 559 -5.51 18.60 24.02
CA LYS I 559 -6.42 19.67 24.35
C LYS I 559 -7.05 20.23 23.08
N ILE I 560 -8.28 20.73 23.22
CA ILE I 560 -8.97 21.41 22.13
C ILE I 560 -8.79 22.91 22.24
N ILE I 561 -8.99 23.48 23.43
CA ILE I 561 -8.72 24.88 23.70
C ILE I 561 -7.51 24.95 24.61
N CYS I 562 -6.46 25.63 24.15
CA CYS I 562 -5.19 25.66 24.85
C CYS I 562 -4.68 27.09 24.93
N CYS I 563 -4.38 27.55 26.14
CA CYS I 563 -3.83 28.88 26.34
C CYS I 563 -2.31 28.81 26.38
N THR I 564 -1.66 29.88 25.91
CA THR I 564 -0.21 29.94 25.84
C THR I 564 0.28 31.21 26.53
N ASN I 565 1.60 31.32 26.63
CA ASN I 565 2.25 32.47 27.27
C ASN I 565 2.77 33.49 26.27
N VAL I 566 2.41 33.35 25.00
CA VAL I 566 2.88 34.26 23.95
C VAL I 566 1.94 35.47 23.94
N PRO I 567 2.45 36.68 24.17
CA PRO I 567 1.58 37.85 24.11
C PRO I 567 1.13 38.14 22.68
N TRP I 568 -0.04 38.75 22.56
CA TRP I 568 -0.57 39.08 21.25
C TRP I 568 -0.01 40.42 20.80
N ASN I 569 0.74 40.40 19.71
CA ASN I 569 1.27 41.61 19.11
C ASN I 569 0.17 42.38 18.40
N SER I 570 0.13 43.69 18.60
CA SER I 570 -0.91 44.50 17.98
C SER I 570 -0.74 44.62 16.47
N THR I 571 0.48 44.45 15.97
CA THR I 571 0.70 44.47 14.53
C THR I 571 0.10 43.27 13.83
N TRP I 572 -0.33 42.26 14.57
CA TRP I 572 -0.96 41.08 13.96
C TRP I 572 -2.42 41.35 13.63
N SER I 573 -3.20 41.82 14.60
CA SER I 573 -4.63 42.04 14.41
C SER I 573 -5.03 43.49 14.58
N ASN I 574 -4.69 44.12 15.71
CA ASN I 574 -5.06 45.50 16.01
C ASN I 574 -6.57 45.70 15.96
N LYS I 575 -7.30 44.73 16.50
CA LYS I 575 -8.75 44.74 16.48
C LYS I 575 -9.29 44.50 17.89
N SER I 576 -10.49 45.02 18.13
CA SER I 576 -11.11 44.91 19.45
C SER I 576 -11.53 43.48 19.73
N TYR I 577 -11.62 43.15 21.02
CA TYR I 577 -12.02 41.81 21.44
C TYR I 577 -13.46 41.54 21.05
N GLU I 578 -14.36 42.49 21.30
CA GLU I 578 -15.76 42.29 20.99
C GLU I 578 -15.99 42.20 19.48
N GLU I 579 -15.27 43.01 18.70
CA GLU I 579 -15.39 42.91 17.25
C GLU I 579 -14.92 41.57 16.73
N ILE I 580 -13.83 41.04 17.31
CA ILE I 580 -13.32 39.76 16.87
C ILE I 580 -14.31 38.64 17.22
N TRP I 581 -14.77 38.61 18.46
CA TRP I 581 -15.55 37.47 18.93
C TRP I 581 -17.06 37.65 18.77
N ASN I 582 -17.51 38.74 18.15
CA ASN I 582 -18.94 38.99 18.01
C ASN I 582 -19.39 39.40 16.61
N ASN I 583 -18.50 39.88 15.74
CA ASN I 583 -18.89 40.37 14.43
C ASN I 583 -18.09 39.75 13.29
N MET I 584 -17.53 38.55 13.50
CA MET I 584 -16.74 37.90 12.47
C MET I 584 -16.91 36.39 12.60
N THR I 585 -16.62 35.70 11.51
CA THR I 585 -16.58 34.24 11.49
C THR I 585 -15.14 33.76 11.41
N TRP I 586 -14.95 32.45 11.57
CA TRP I 586 -13.61 31.89 11.64
C TRP I 586 -12.86 32.04 10.32
N ILE I 587 -13.56 31.89 9.20
CA ILE I 587 -12.91 31.97 7.90
C ILE I 587 -12.34 33.36 7.67
N GLU I 588 -13.13 34.39 7.97
CA GLU I 588 -12.67 35.76 7.80
C GLU I 588 -11.46 36.05 8.67
N TRP I 589 -11.52 35.59 9.93
CA TRP I 589 -10.39 35.82 10.84
C TRP I 589 -9.13 35.14 10.34
N GLU I 590 -9.25 33.90 9.87
CA GLU I 590 -8.08 33.18 9.39
C GLU I 590 -7.53 33.82 8.13
N LYS I 591 -8.40 34.34 7.27
CA LYS I 591 -7.92 35.02 6.07
C LYS I 591 -7.20 36.32 6.42
N GLU I 592 -7.66 37.01 7.47
CA GLU I 592 -7.09 38.31 7.78
C GLU I 592 -5.66 38.19 8.30
N ILE I 593 -5.36 37.16 9.09
CA ILE I 593 -4.09 37.10 9.81
C ILE I 593 -3.17 36.02 9.22
N SER I 594 -3.37 35.68 7.95
CA SER I 594 -2.58 34.59 7.36
C SER I 594 -1.09 34.92 7.34
N ASN I 595 -0.75 36.15 6.93
CA ASN I 595 0.65 36.51 6.73
C ASN I 595 1.50 36.36 7.98
N TYR I 596 0.87 36.34 9.15
CA TYR I 596 1.61 36.25 10.41
C TYR I 596 1.58 34.87 11.03
N THR I 597 0.83 33.92 10.46
CA THR I 597 0.68 32.61 11.08
C THR I 597 2.03 31.95 11.30
N ASN I 598 2.85 31.87 10.24
CA ASN I 598 4.15 31.22 10.37
C ASN I 598 5.03 31.88 11.41
N ARG I 599 4.81 33.17 11.67
CA ARG I 599 5.51 33.80 12.79
C ARG I 599 5.02 33.20 14.11
N ILE I 600 3.72 33.30 14.35
CA ILE I 600 3.16 32.95 15.66
C ILE I 600 3.52 31.51 16.02
N TYR I 601 3.33 30.60 15.08
CA TYR I 601 3.70 29.20 15.28
C TYR I 601 5.09 29.11 15.90
N ASP I 602 6.09 29.68 15.22
CA ASP I 602 7.46 29.64 15.71
C ASP I 602 7.53 30.14 17.14
N LEU I 603 6.94 31.31 17.41
CA LEU I 603 6.96 31.87 18.75
C LEU I 603 6.47 30.85 19.76
N LEU I 604 5.32 30.24 19.48
CA LEU I 604 4.76 29.25 20.40
C LEU I 604 5.80 28.20 20.72
N THR I 605 6.42 27.63 19.69
CA THR I 605 7.43 26.59 19.90
C THR I 605 8.49 27.09 20.85
N GLU I 606 9.08 28.26 20.56
CA GLU I 606 10.13 28.78 21.40
C GLU I 606 9.67 28.87 22.84
N SER I 607 8.47 29.43 23.06
CA SER I 607 7.97 29.58 24.42
C SER I 607 7.99 28.24 25.13
N GLN I 608 7.42 27.21 24.50
CA GLN I 608 7.36 25.91 25.15
C GLN I 608 8.75 25.45 25.54
N ASN I 609 9.70 25.54 24.60
CA ASN I 609 11.06 25.14 24.89
C ASN I 609 11.57 25.86 26.12
N GLN I 610 11.43 27.20 26.12
CA GLN I 610 11.89 27.98 27.26
C GLN I 610 11.30 27.43 28.54
N GLN I 611 9.98 27.23 28.55
CA GLN I 611 9.31 26.75 29.75
C GLN I 611 9.98 25.50 30.27
N GLU I 612 10.16 24.50 29.39
CA GLU I 612 10.74 23.24 29.83
C GLU I 612 12.08 23.48 30.51
N ARG I 613 12.96 24.23 29.86
CA ARG I 613 14.28 24.46 30.43
C ARG I 613 14.14 25.15 31.78
N ASN I 614 13.28 26.16 31.86
CA ASN I 614 13.09 26.85 33.12
C ASN I 614 12.61 25.89 34.19
N GLU I 615 11.66 25.01 33.84
CA GLU I 615 11.19 24.04 34.82
C GLU I 615 12.34 23.20 35.33
N LYS I 616 13.23 22.77 34.43
CA LYS I 616 14.39 22.00 34.85
C LYS I 616 15.20 22.76 35.89
N ASP I 617 15.45 24.05 35.61
CA ASP I 617 16.16 24.87 36.59
C ASP I 617 15.38 24.95 37.89
N LEU I 618 14.06 25.16 37.80
CA LEU I 618 13.25 25.25 39.00
C LEU I 618 13.23 23.93 39.75
N LEU I 619 13.55 22.83 39.07
CA LEU I 619 13.61 21.54 39.76
C LEU I 619 15.01 21.22 40.25
N GLU I 620 16.04 21.92 39.75
CA GLU I 620 17.39 21.71 40.24
C GLU I 620 17.66 22.48 41.52
N LEU I 621 16.89 23.53 41.79
CA LEU I 621 17.06 24.32 42.98
C LEU I 621 16.35 23.69 44.17
N ASN J 1 22.56 11.64 44.03
CA ASN J 1 21.96 12.95 43.86
C ASN J 1 21.64 13.24 42.40
N LEU J 2 21.66 12.20 41.57
CA LEU J 2 21.41 12.33 40.15
C LEU J 2 20.23 11.46 39.74
N TRP J 3 19.44 11.96 38.81
CA TRP J 3 18.24 11.27 38.34
C TRP J 3 18.28 11.16 36.82
N VAL J 4 17.56 10.17 36.31
CA VAL J 4 17.51 9.92 34.88
C VAL J 4 16.65 10.99 34.20
N THR J 5 17.14 11.52 33.09
CA THR J 5 16.43 12.48 32.28
C THR J 5 16.38 11.98 30.85
N VAL J 6 15.23 12.12 30.21
CA VAL J 6 14.97 11.60 28.88
C VAL J 6 14.93 12.76 27.90
N TYR J 7 15.70 12.64 26.83
CA TYR J 7 15.81 13.67 25.80
C TYR J 7 15.32 13.10 24.48
N TYR J 8 14.53 13.88 23.75
CA TYR J 8 14.06 13.53 22.43
C TYR J 8 14.59 14.55 21.43
N GLY J 9 15.27 14.08 20.40
CA GLY J 9 15.96 14.93 19.47
C GLY J 9 17.48 14.88 19.52
N VAL J 10 18.03 13.83 20.11
CA VAL J 10 19.49 13.71 20.25
C VAL J 10 20.11 13.41 18.90
N PRO J 11 21.21 14.07 18.52
CA PRO J 11 21.87 13.82 17.22
C PRO J 11 22.79 12.61 17.23
N VAL J 12 22.19 11.42 17.13
CA VAL J 12 22.91 10.16 17.07
C VAL J 12 22.40 9.38 15.87
N TRP J 13 23.32 8.83 15.09
CA TRP J 13 22.96 8.09 13.89
C TRP J 13 23.73 6.78 13.83
N ARG J 14 23.19 5.85 13.07
CA ARG J 14 23.80 4.55 12.83
C ARG J 14 23.64 4.20 11.36
N ASP J 15 24.59 3.43 10.83
CA ASP J 15 24.51 3.00 9.43
C ASP J 15 23.28 2.15 9.21
N ALA J 16 22.58 2.39 8.10
CA ALA J 16 21.36 1.65 7.81
C ALA J 16 21.11 1.64 6.32
N ASP J 17 20.40 0.62 5.86
CA ASP J 17 19.98 0.48 4.47
C ASP J 17 18.48 0.59 4.40
N THR J 18 17.98 1.51 3.58
CA THR J 18 16.56 1.76 3.46
C THR J 18 16.19 1.98 2.01
N THR J 19 14.89 2.10 1.75
CA THR J 19 14.38 2.41 0.43
C THR J 19 14.25 3.93 0.30
N LEU J 20 15.01 4.52 -0.61
CA LEU J 20 15.03 5.95 -0.79
C LEU J 20 13.99 6.39 -1.82
N PHE J 21 13.33 7.50 -1.54
CA PHE J 21 12.44 8.10 -2.53
C PHE J 21 13.22 8.54 -3.76
N CYS J 22 12.56 8.46 -4.90
CA CYS J 22 13.08 8.97 -6.17
C CYS J 22 12.36 10.27 -6.50
N ALA J 23 13.13 11.30 -6.83
CA ALA J 23 12.56 12.60 -7.17
C ALA J 23 13.26 13.15 -8.40
N SER J 24 12.49 13.81 -9.26
CA SER J 24 13.06 14.34 -10.50
C SER J 24 12.15 15.43 -11.05
N ASP J 25 12.76 16.48 -11.58
CA ASP J 25 12.04 17.53 -12.30
C ASP J 25 13.02 18.41 -13.07
N THR J 39 3.16 0.44 -10.30
CA THR J 39 4.15 -0.42 -9.66
C THR J 39 5.37 0.38 -9.22
N HIS J 40 6.10 0.91 -10.18
CA HIS J 40 7.29 1.71 -9.92
C HIS J 40 7.16 3.05 -10.63
N ALA J 41 7.39 4.13 -9.89
CA ALA J 41 7.38 5.48 -10.45
C ALA J 41 8.01 6.42 -9.46
N CYS J 42 8.50 7.55 -9.96
CA CYS J 42 9.03 8.59 -9.07
C CYS J 42 8.90 9.93 -9.79
N VAL J 43 7.86 10.68 -9.45
CA VAL J 43 7.64 11.99 -10.08
C VAL J 43 7.27 13.07 -9.06
N PRO J 44 8.03 13.27 -7.97
CA PRO J 44 7.76 14.44 -7.13
C PRO J 44 8.29 15.72 -7.73
N THR J 45 8.16 16.83 -7.01
CA THR J 45 8.56 18.12 -7.53
C THR J 45 10.08 18.25 -7.54
N ASP J 46 10.55 19.41 -8.01
CA ASP J 46 11.99 19.65 -8.11
C ASP J 46 12.58 19.82 -6.72
N PRO J 47 13.60 19.05 -6.35
CA PRO J 47 14.21 19.22 -5.03
C PRO J 47 14.92 20.56 -4.92
N ASN J 48 14.97 21.06 -3.69
CA ASN J 48 15.68 22.29 -3.34
C ASN J 48 16.65 21.96 -2.23
N PRO J 49 17.85 21.47 -2.57
CA PRO J 49 18.75 20.94 -1.54
C PRO J 49 19.13 21.99 -0.51
N GLN J 50 19.21 21.55 0.74
CA GLN J 50 19.66 22.37 1.85
C GLN J 50 20.79 21.62 2.55
N GLU J 51 22.01 22.12 2.40
CA GLU J 51 23.20 21.46 2.90
C GLU J 51 23.56 22.04 4.26
N ILE J 52 23.61 21.19 5.29
CA ILE J 52 23.97 21.63 6.63
C ILE J 52 25.33 21.02 6.96
N PRO J 53 26.39 21.81 7.05
CA PRO J 53 27.69 21.25 7.44
C PRO J 53 27.68 20.80 8.88
N LEU J 54 28.44 19.74 9.16
CA LEU J 54 28.62 19.23 10.52
C LEU J 54 30.06 19.50 10.93
N GLU J 55 30.21 20.20 12.06
CA GLU J 55 31.53 20.59 12.52
C GLU J 55 32.06 19.59 13.55
N ASN J 56 33.37 19.35 13.50
CA ASN J 56 34.05 18.42 14.41
C ASN J 56 33.48 17.01 14.30
N VAL J 57 33.09 16.62 13.09
CA VAL J 57 32.52 15.30 12.83
C VAL J 57 33.39 14.61 11.79
N THR J 58 33.90 13.43 12.14
CA THR J 58 34.66 12.59 11.23
C THR J 58 33.88 11.31 10.98
N GLU J 59 33.59 11.03 9.72
CA GLU J 59 32.75 9.90 9.36
C GLU J 59 33.47 8.98 8.39
N ASN J 60 33.33 7.67 8.58
CA ASN J 60 33.97 6.70 7.70
C ASN J 60 33.10 6.44 6.48
N PHE J 61 33.73 6.34 5.31
CA PHE J 61 33.04 6.07 4.07
C PHE J 61 33.66 4.87 3.37
N ASN J 62 32.83 4.16 2.60
CA ASN J 62 33.28 3.02 1.80
C ASN J 62 32.33 2.91 0.62
N MET J 63 32.78 3.35 -0.56
CA MET J 63 31.92 3.38 -1.73
C MET J 63 31.59 1.99 -2.27
N TRP J 64 32.38 0.98 -1.90
CA TRP J 64 32.20 -0.37 -2.43
C TRP J 64 31.23 -1.20 -1.63
N LYS J 65 30.66 -0.67 -0.56
CA LYS J 65 29.64 -1.33 0.24
C LYS J 65 28.47 -0.39 0.47
N ASN J 66 27.98 0.23 -0.61
CA ASN J 66 26.92 1.22 -0.55
C ASN J 66 25.70 0.67 -1.28
N ASN J 67 24.57 0.59 -0.58
CA ASN J 67 23.35 0.04 -1.16
C ASN J 67 22.68 0.98 -2.15
N MET J 68 23.09 2.24 -2.20
CA MET J 68 22.52 3.17 -3.16
C MET J 68 22.77 2.71 -4.59
N VAL J 69 23.93 2.12 -4.84
CA VAL J 69 24.25 1.64 -6.19
C VAL J 69 23.31 0.51 -6.60
N GLU J 70 23.06 -0.44 -5.68
CA GLU J 70 22.14 -1.52 -5.97
C GLU J 70 20.72 -0.99 -6.19
N GLN J 71 20.29 -0.04 -5.36
CA GLN J 71 18.96 0.52 -5.52
C GLN J 71 18.83 1.23 -6.87
N MET J 72 19.87 1.95 -7.28
CA MET J 72 19.83 2.62 -8.58
C MET J 72 19.79 1.62 -9.73
N GLN J 73 20.56 0.54 -9.63
CA GLN J 73 20.50 -0.50 -10.65
C GLN J 73 19.10 -1.05 -10.78
N GLU J 74 18.47 -1.38 -9.65
CA GLU J 74 17.12 -1.93 -9.69
C GLU J 74 16.14 -0.92 -10.26
N ASP J 75 16.26 0.35 -9.88
CA ASP J 75 15.35 1.37 -10.40
C ASP J 75 15.48 1.53 -11.90
N VAL J 76 16.71 1.55 -12.42
CA VAL J 76 16.89 1.68 -13.86
C VAL J 76 16.34 0.47 -14.60
N ILE J 77 16.59 -0.74 -14.09
CA ILE J 77 16.05 -1.93 -14.72
C ILE J 77 14.52 -1.88 -14.74
N SER J 78 13.92 -1.51 -13.61
CA SER J 78 12.46 -1.47 -13.53
C SER J 78 11.88 -0.43 -14.48
N LEU J 79 12.49 0.75 -14.55
CA LEU J 79 11.99 1.78 -15.45
C LEU J 79 12.09 1.34 -16.91
N TRP J 80 13.23 0.76 -17.30
CA TRP J 80 13.39 0.36 -18.69
C TRP J 80 12.40 -0.76 -19.05
N ASP J 81 12.20 -1.70 -18.12
CA ASP J 81 11.26 -2.78 -18.39
C ASP J 81 9.82 -2.28 -18.44
N GLN J 82 9.45 -1.35 -17.56
CA GLN J 82 8.09 -0.83 -17.57
C GLN J 82 7.81 0.02 -18.80
N SER J 83 8.82 0.71 -19.33
CA SER J 83 8.60 1.52 -20.51
C SER J 83 8.33 0.67 -21.75
N LEU J 84 8.91 -0.52 -21.82
CA LEU J 84 8.80 -1.37 -22.99
C LEU J 84 7.60 -2.30 -22.96
N LYS J 85 6.86 -2.35 -21.86
CA LYS J 85 5.75 -3.30 -21.75
C LYS J 85 4.64 -3.06 -22.77
N PRO J 86 4.10 -1.84 -22.93
CA PRO J 86 2.95 -1.66 -23.82
C PRO J 86 3.32 -1.23 -25.25
N CYS J 87 4.08 -2.06 -25.94
CA CYS J 87 4.26 -1.85 -27.38
C CYS J 87 4.74 -3.15 -28.03
N VAL J 88 5.09 -3.04 -29.32
CA VAL J 88 4.97 -4.16 -30.25
C VAL J 88 5.95 -5.27 -29.90
N LYS J 89 5.44 -6.51 -29.91
CA LYS J 89 6.29 -7.69 -29.89
C LYS J 89 6.59 -8.11 -31.32
N LEU J 90 7.86 -8.42 -31.58
CA LEU J 90 8.33 -8.70 -32.92
C LEU J 90 8.53 -10.19 -33.16
N THR J 91 7.63 -11.01 -32.61
CA THR J 91 7.72 -12.45 -32.82
C THR J 91 7.50 -12.90 -34.26
N PRO J 92 6.76 -12.19 -35.13
CA PRO J 92 6.72 -12.63 -36.54
C PRO J 92 8.02 -12.43 -37.29
N LEU J 93 8.99 -11.71 -36.74
CA LEU J 93 10.21 -11.41 -37.48
C LEU J 93 11.19 -12.57 -37.54
N CYS J 94 10.99 -13.61 -36.73
CA CYS J 94 11.86 -14.79 -36.78
C CYS J 94 11.45 -15.67 -37.97
N VAL J 95 11.81 -15.20 -39.16
CA VAL J 95 11.60 -15.94 -40.40
C VAL J 95 12.92 -16.02 -41.14
N THR J 96 12.93 -16.82 -42.20
CA THR J 96 14.13 -16.96 -43.03
C THR J 96 14.23 -15.77 -43.98
N LEU J 97 15.29 -14.99 -43.83
CA LEU J 97 15.50 -13.79 -44.62
C LEU J 97 16.39 -14.12 -45.79
N ASN J 98 16.00 -13.67 -46.99
CA ASN J 98 16.81 -13.84 -48.20
C ASN J 98 17.56 -12.54 -48.42
N CYS J 99 18.83 -12.50 -48.01
CA CYS J 99 19.59 -11.27 -47.95
C CYS J 99 20.66 -11.26 -49.05
N THR J 100 20.72 -10.17 -49.79
CA THR J 100 21.70 -9.96 -50.85
C THR J 100 22.38 -8.60 -50.64
N LYS J 101 23.31 -8.29 -51.53
CA LYS J 101 24.05 -7.05 -51.43
C LYS J 101 23.15 -5.86 -51.75
N ALA J 102 23.32 -4.78 -50.99
CA ALA J 102 22.51 -3.59 -51.18
C ALA J 102 22.95 -2.82 -52.42
N ASN J 103 22.01 -2.06 -52.98
CA ASN J 103 22.27 -1.18 -54.11
C ASN J 103 22.21 0.26 -53.62
N LEU J 104 23.33 0.75 -53.10
CA LEU J 104 23.43 2.11 -52.59
C LEU J 104 24.02 3.08 -53.60
N THR J 105 24.27 2.63 -54.83
CA THR J 105 24.90 3.46 -55.85
C THR J 105 23.92 4.39 -56.55
N HIS J 106 22.64 4.32 -56.22
CA HIS J 106 21.65 5.21 -56.82
C HIS J 106 21.30 6.34 -55.85
N ILE J 124 32.65 2.63 -55.43
CA ILE J 124 32.62 2.01 -54.11
C ILE J 124 32.12 2.99 -53.05
N GLY J 125 31.20 2.52 -52.21
CA GLY J 125 30.73 3.30 -51.09
C GLY J 125 31.54 3.05 -49.84
N ASN J 126 30.94 3.40 -48.70
CA ASN J 126 31.55 3.17 -47.40
C ASN J 126 30.78 2.20 -46.51
N ILE J 127 29.45 2.19 -46.56
CA ILE J 127 28.65 1.31 -45.73
C ILE J 127 28.00 0.20 -46.55
N THR J 128 28.42 0.02 -47.81
CA THR J 128 27.85 -1.04 -48.63
C THR J 128 28.22 -2.42 -48.12
N ASP J 129 29.27 -2.53 -47.30
CA ASP J 129 29.66 -3.81 -46.73
C ASP J 129 29.06 -4.04 -45.35
N GLU J 130 28.25 -3.11 -44.85
CA GLU J 130 27.62 -3.23 -43.55
C GLU J 130 26.11 -3.39 -43.60
N VAL J 131 25.49 -3.17 -44.75
CA VAL J 131 24.04 -3.27 -44.90
C VAL J 131 23.74 -4.39 -45.88
N LYS J 132 22.69 -5.14 -45.59
CA LYS J 132 22.18 -6.20 -46.46
C LYS J 132 20.73 -5.91 -46.80
N ASN J 133 20.37 -6.12 -48.06
CA ASN J 133 18.98 -6.00 -48.52
C ASN J 133 18.32 -7.36 -48.35
N CYS J 134 17.44 -7.48 -47.36
CA CYS J 134 16.81 -8.75 -47.02
C CYS J 134 15.35 -8.72 -47.44
N THR J 135 14.96 -9.69 -48.28
CA THR J 135 13.59 -9.90 -48.68
C THR J 135 13.03 -11.10 -47.95
N PHE J 136 11.83 -10.96 -47.40
CA PHE J 136 11.23 -12.02 -46.62
C PHE J 136 9.71 -11.89 -46.65
N ASN J 137 9.04 -12.84 -46.00
CA ASN J 137 7.59 -12.91 -45.91
C ASN J 137 7.16 -12.54 -44.50
N MET J 138 6.04 -11.83 -44.38
CA MET J 138 5.44 -11.52 -43.10
C MET J 138 3.94 -11.75 -43.12
N THR J 139 3.40 -12.01 -41.94
CA THR J 139 1.97 -12.01 -41.73
C THR J 139 1.43 -10.59 -41.84
N THR J 140 0.11 -10.48 -41.97
CA THR J 140 -0.52 -9.19 -42.17
C THR J 140 -1.73 -9.12 -41.25
N GLU J 141 -2.58 -8.14 -41.52
CA GLU J 141 -3.82 -7.96 -40.75
C GLU J 141 -4.61 -9.26 -40.67
N ILE J 142 -4.80 -9.92 -41.80
CA ILE J 142 -5.59 -11.14 -41.90
C ILE J 142 -4.65 -12.33 -42.00
N ARG J 143 -4.95 -13.38 -41.24
CA ARG J 143 -3.99 -14.46 -41.05
C ARG J 143 -3.73 -15.28 -42.30
N ASP J 144 -4.68 -15.31 -43.24
CA ASP J 144 -4.60 -16.28 -44.33
C ASP J 144 -3.82 -15.79 -45.53
N LYS J 145 -3.38 -14.53 -45.54
CA LYS J 145 -2.52 -14.04 -46.61
C LYS J 145 -1.26 -13.44 -46.01
N GLN J 146 -0.18 -13.47 -46.80
CA GLN J 146 1.13 -13.01 -46.38
C GLN J 146 1.69 -12.05 -47.40
N GLN J 147 2.52 -11.13 -46.94
CA GLN J 147 3.10 -10.10 -47.79
C GLN J 147 4.61 -10.29 -47.87
N LYS J 148 5.14 -10.15 -49.09
CA LYS J 148 6.57 -10.24 -49.34
C LYS J 148 7.13 -8.83 -49.31
N VAL J 149 7.97 -8.54 -48.31
CA VAL J 149 8.51 -7.21 -48.07
C VAL J 149 10.03 -7.30 -48.00
N HIS J 150 10.67 -6.13 -47.84
CA HIS J 150 12.11 -6.05 -47.79
C HIS J 150 12.53 -5.03 -46.74
N ALA J 151 13.79 -5.15 -46.31
CA ALA J 151 14.36 -4.25 -45.31
C ALA J 151 15.86 -4.19 -45.50
N LEU J 152 16.48 -3.19 -44.87
CA LEU J 152 17.93 -3.01 -44.90
C LEU J 152 18.47 -3.27 -43.50
N PHE J 153 19.15 -4.38 -43.32
CA PHE J 153 19.63 -4.80 -42.01
C PHE J 153 21.14 -4.67 -41.92
N TYR J 154 21.61 -4.09 -40.82
CA TYR J 154 23.05 -4.05 -40.58
C TYR J 154 23.57 -5.46 -40.34
N ALA J 155 24.77 -5.73 -40.84
CA ALA J 155 25.31 -7.09 -40.84
C ALA J 155 25.50 -7.64 -39.43
N LEU J 156 25.60 -6.78 -38.43
CA LEU J 156 25.76 -7.25 -37.05
C LEU J 156 24.47 -7.73 -36.43
N ASP J 157 23.32 -7.43 -37.04
CA ASP J 157 22.03 -7.82 -36.52
C ASP J 157 21.49 -9.09 -37.16
N ILE J 158 22.25 -9.73 -38.05
CA ILE J 158 21.80 -10.94 -38.73
C ILE J 158 22.93 -11.95 -38.73
N VAL J 159 22.56 -13.22 -38.87
CA VAL J 159 23.50 -14.34 -38.90
C VAL J 159 23.18 -15.22 -40.09
N GLN J 160 24.20 -15.91 -40.59
CA GLN J 160 24.07 -16.81 -41.72
C GLN J 160 23.81 -18.22 -41.22
N MET J 161 22.78 -18.87 -41.77
CA MET J 161 22.40 -20.20 -41.31
C MET J 161 23.29 -21.27 -41.91
N LYS J 162 23.32 -21.37 -43.23
CA LYS J 162 24.16 -22.34 -43.94
C LYS J 162 25.28 -21.61 -44.65
N GLU J 163 26.48 -22.19 -44.56
CA GLU J 163 27.67 -21.53 -45.09
C GLU J 163 27.56 -21.33 -46.59
N ASN J 164 28.07 -20.20 -47.07
CA ASN J 164 28.07 -19.80 -48.47
C ASN J 164 26.65 -19.66 -49.04
N GLY J 165 25.63 -19.69 -48.19
CA GLY J 165 24.26 -19.57 -48.63
C GLY J 165 23.76 -18.14 -48.59
N SER J 166 22.48 -17.97 -48.88
CA SER J 166 21.84 -16.67 -48.89
C SER J 166 20.73 -16.55 -47.86
N GLU J 167 20.64 -17.49 -46.92
CA GLU J 167 19.64 -17.45 -45.87
C GLU J 167 20.21 -16.82 -44.61
N TYR J 168 19.43 -15.94 -43.99
CA TYR J 168 19.87 -15.25 -42.79
C TYR J 168 18.74 -15.25 -41.76
N ARG J 169 19.14 -15.10 -40.50
CA ARG J 169 18.24 -15.13 -39.36
C ARG J 169 18.59 -13.96 -38.44
N LEU J 170 17.58 -13.42 -37.77
CA LEU J 170 17.85 -12.39 -36.77
C LEU J 170 18.68 -12.97 -35.64
N ILE J 171 19.57 -12.14 -35.10
CA ILE J 171 20.56 -12.60 -34.12
C ILE J 171 19.89 -13.15 -32.87
N SER J 172 18.76 -12.56 -32.48
CA SER J 172 18.13 -12.87 -31.21
C SER J 172 17.08 -13.98 -31.29
N CYS J 173 16.86 -14.58 -32.45
CA CYS J 173 15.79 -15.54 -32.59
C CYS J 173 16.06 -16.84 -31.86
N ASN J 174 17.31 -17.12 -31.49
CA ASN J 174 17.62 -18.30 -30.70
C ASN J 174 17.79 -18.00 -29.22
N THR J 175 17.62 -16.75 -28.80
CA THR J 175 17.83 -16.37 -27.42
C THR J 175 16.56 -15.87 -26.73
N SER J 176 15.89 -14.88 -27.32
CA SER J 176 14.74 -14.27 -26.67
C SER J 176 13.88 -13.58 -27.70
N VAL J 177 12.69 -13.18 -27.27
CA VAL J 177 11.77 -12.42 -28.11
C VAL J 177 12.08 -10.94 -27.94
N ILE J 178 11.98 -10.19 -29.03
CA ILE J 178 12.37 -8.78 -29.05
C ILE J 178 11.12 -7.91 -29.14
N LYS J 179 11.10 -6.85 -28.34
CA LYS J 179 10.05 -5.84 -28.38
C LYS J 179 10.60 -4.58 -29.01
N GLN J 180 9.87 -4.04 -29.97
CA GLN J 180 10.25 -2.77 -30.56
C GLN J 180 10.12 -1.65 -29.54
N ALA J 181 11.10 -0.75 -29.53
CA ALA J 181 11.01 0.40 -28.65
C ALA J 181 9.77 1.22 -29.00
N CYS J 182 8.99 1.56 -27.97
CA CYS J 182 7.75 2.27 -28.20
C CYS J 182 8.05 3.59 -28.91
N PRO J 183 7.34 3.92 -29.99
CA PRO J 183 7.67 5.13 -30.76
C PRO J 183 7.88 6.39 -29.93
N LYS J 184 7.27 6.51 -28.75
CA LYS J 184 7.30 7.73 -27.98
C LYS J 184 8.33 7.72 -26.85
N ILE J 185 9.18 6.69 -26.78
CA ILE J 185 10.17 6.61 -25.71
C ILE J 185 11.32 7.57 -26.03
N SER J 186 11.65 8.41 -25.07
CA SER J 186 12.80 9.29 -25.18
C SER J 186 13.99 8.65 -24.49
N PHE J 187 15.10 8.52 -25.22
CA PHE J 187 16.30 7.89 -24.68
C PHE J 187 17.23 8.89 -24.01
N ASP J 188 16.83 10.15 -23.92
CA ASP J 188 17.64 11.16 -23.25
C ASP J 188 17.51 10.98 -21.75
N PRO J 189 18.61 10.72 -21.03
CA PRO J 189 18.50 10.56 -19.57
C PRO J 189 18.09 11.85 -18.88
N ILE J 190 17.38 11.69 -17.77
CA ILE J 190 16.91 12.80 -16.95
C ILE J 190 17.56 12.67 -15.58
N PRO J 191 17.99 13.77 -14.96
CA PRO J 191 18.59 13.67 -13.64
C PRO J 191 17.65 13.06 -12.62
N ILE J 192 18.20 12.22 -11.75
CA ILE J 192 17.45 11.52 -10.72
C ILE J 192 18.07 11.84 -9.36
N HIS J 193 17.25 12.28 -8.42
CA HIS J 193 17.66 12.53 -7.05
C HIS J 193 17.08 11.46 -6.15
N TYR J 194 17.84 11.08 -5.12
CA TYR J 194 17.43 10.04 -4.18
C TYR J 194 17.24 10.67 -2.81
N CYS J 195 15.98 10.96 -2.45
CA CYS J 195 15.66 11.68 -1.23
C CYS J 195 15.20 10.73 -0.14
N ALA J 196 15.89 10.77 1.00
CA ALA J 196 15.70 9.86 2.12
C ALA J 196 14.42 10.19 2.90
N PRO J 197 13.75 9.19 3.45
CA PRO J 197 12.53 9.43 4.20
C PRO J 197 12.81 10.03 5.56
N ALA J 198 11.73 10.33 6.28
CA ALA J 198 11.83 10.86 7.63
C ALA J 198 12.49 9.83 8.54
N GLY J 199 13.34 10.31 9.44
CA GLY J 199 14.12 9.43 10.28
C GLY J 199 15.43 8.97 9.68
N TYR J 200 15.78 9.44 8.49
CA TYR J 200 17.03 9.11 7.84
C TYR J 200 17.67 10.38 7.30
N ALA J 201 18.97 10.31 7.04
CA ALA J 201 19.72 11.44 6.49
C ALA J 201 20.76 10.92 5.53
N ILE J 202 21.23 11.80 4.63
CA ILE J 202 22.30 11.45 3.70
C ILE J 202 23.51 12.30 4.03
N LEU J 203 24.62 11.66 4.35
CA LEU J 203 25.86 12.36 4.62
C LEU J 203 26.72 12.41 3.36
N LYS J 204 27.31 13.57 3.11
CA LYS J 204 28.15 13.82 1.95
C LYS J 204 29.55 14.20 2.42
N CYS J 205 30.56 13.60 1.80
CA CYS J 205 31.95 13.91 2.09
C CYS J 205 32.43 14.98 1.11
N ASN J 206 32.86 16.11 1.65
CA ASN J 206 33.28 17.25 0.84
C ASN J 206 34.79 17.31 0.67
N ASP J 207 35.52 16.29 1.11
CA ASP J 207 36.96 16.26 0.91
C ASP J 207 37.25 16.13 -0.58
N LYS J 208 37.99 17.11 -1.12
CA LYS J 208 38.19 17.19 -2.56
C LYS J 208 39.13 16.13 -3.10
N LYS J 209 40.03 15.60 -2.28
CA LYS J 209 40.93 14.52 -2.68
C LYS J 209 40.43 13.16 -2.20
N PHE J 210 39.11 12.95 -2.20
CA PHE J 210 38.54 11.72 -1.68
C PHE J 210 38.63 10.61 -2.72
N ASN J 211 38.99 9.41 -2.27
CA ASN J 211 39.14 8.24 -3.12
C ASN J 211 38.20 7.11 -2.76
N GLY J 212 37.11 7.38 -2.05
CA GLY J 212 36.07 6.39 -1.87
C GLY J 212 36.04 5.71 -0.52
N THR J 213 37.20 5.35 0.00
CA THR J 213 37.29 4.63 1.27
C THR J 213 38.11 5.44 2.27
N GLY J 214 37.65 5.47 3.50
CA GLY J 214 38.41 6.05 4.59
C GLY J 214 37.66 7.11 5.36
N PRO J 215 38.35 7.81 6.24
CA PRO J 215 37.72 8.86 7.03
C PRO J 215 37.51 10.13 6.22
N CYS J 216 36.49 10.88 6.62
CA CYS J 216 36.20 12.20 6.06
C CYS J 216 36.05 13.17 7.22
N LYS J 217 36.79 14.28 7.15
CA LYS J 217 36.80 15.29 8.20
C LYS J 217 35.97 16.51 7.86
N ASN J 218 35.38 16.56 6.67
CA ASN J 218 34.50 17.66 6.26
C ASN J 218 33.21 17.02 5.76
N VAL J 219 32.25 16.88 6.65
CA VAL J 219 31.01 16.18 6.36
C VAL J 219 29.86 17.17 6.36
N SER J 220 28.94 16.97 5.41
CA SER J 220 27.71 17.74 5.38
C SER J 220 26.54 16.78 5.37
N THR J 221 25.39 17.26 5.80
CA THR J 221 24.17 16.46 5.77
C THR J 221 23.17 17.10 4.82
N VAL J 222 22.46 16.23 4.09
CA VAL J 222 21.47 16.63 3.09
C VAL J 222 20.30 15.68 3.17
N GLN J 223 19.20 16.11 2.56
CA GLN J 223 18.05 15.24 2.36
C GLN J 223 18.16 14.44 1.08
N CYS J 224 18.76 15.00 0.03
CA CYS J 224 19.02 14.22 -1.18
C CYS J 224 20.01 14.90 -2.10
N THR J 225 20.38 14.15 -3.14
CA THR J 225 21.59 14.33 -3.91
C THR J 225 21.40 15.34 -5.03
N HIS J 226 22.45 15.47 -5.85
CA HIS J 226 22.40 16.31 -7.03
C HIS J 226 21.82 15.51 -8.20
N GLY J 227 21.71 16.15 -9.35
CA GLY J 227 21.19 15.48 -10.51
C GLY J 227 22.12 14.40 -11.04
N ILE J 228 21.72 13.15 -10.88
CA ILE J 228 22.49 12.00 -11.36
C ILE J 228 21.81 11.47 -12.60
N LYS J 229 22.52 11.49 -13.72
CA LYS J 229 21.97 11.07 -15.00
C LYS J 229 22.32 9.62 -15.27
N PRO J 230 21.34 8.75 -15.52
CA PRO J 230 21.64 7.35 -15.84
C PRO J 230 22.12 7.16 -17.27
N VAL J 231 23.37 7.54 -17.50
CA VAL J 231 24.00 7.41 -18.81
C VAL J 231 24.66 6.04 -18.90
N VAL J 232 24.37 5.31 -19.96
CA VAL J 232 24.94 3.98 -20.18
C VAL J 232 26.08 4.11 -21.18
N SER J 233 27.27 3.67 -20.78
CA SER J 233 28.45 3.69 -21.61
C SER J 233 29.39 2.60 -21.10
N THR J 234 30.37 2.25 -21.93
CA THR J 234 31.23 1.10 -21.63
C THR J 234 32.65 1.50 -21.23
N GLN J 235 33.35 2.25 -22.08
CA GLN J 235 34.76 2.53 -21.83
C GLN J 235 35.04 3.96 -21.40
N LEU J 236 34.20 4.91 -21.77
CA LEU J 236 34.36 6.30 -21.39
C LEU J 236 33.09 6.79 -20.73
N LEU J 237 33.24 7.42 -19.57
CA LEU J 237 32.11 7.97 -18.84
C LEU J 237 31.74 9.34 -19.43
N LEU J 238 30.47 9.52 -19.72
CA LEU J 238 30.00 10.67 -20.48
C LEU J 238 29.01 11.50 -19.66
N ASN J 239 29.08 12.81 -19.83
CA ASN J 239 28.10 13.74 -19.27
C ASN J 239 27.98 13.58 -17.76
N GLY J 240 29.12 13.45 -17.08
CA GLY J 240 29.15 13.32 -15.65
C GLY J 240 29.81 14.50 -14.97
N SER J 241 29.91 14.40 -13.64
CA SER J 241 30.57 15.42 -12.86
C SER J 241 32.08 15.29 -12.96
N LEU J 242 32.78 16.35 -12.55
CA LEU J 242 34.23 16.41 -12.65
C LEU J 242 34.83 16.58 -11.25
N ALA J 243 36.05 16.06 -11.09
CA ALA J 243 36.75 16.19 -9.83
C ALA J 243 37.13 17.65 -9.58
N GLU J 244 37.12 18.04 -8.30
CA GLU J 244 37.32 19.44 -7.96
C GLU J 244 38.77 19.87 -8.17
N GLU J 245 39.72 19.07 -7.72
CA GLU J 245 41.12 19.48 -7.78
C GLU J 245 41.97 18.62 -8.70
N GLU J 246 42.03 17.30 -8.47
CA GLU J 246 42.95 16.46 -9.22
C GLU J 246 42.24 15.20 -9.69
N ILE J 247 42.90 14.50 -10.61
CA ILE J 247 42.39 13.23 -11.12
C ILE J 247 42.39 12.20 -9.99
N ILE J 248 41.28 11.48 -9.85
CA ILE J 248 41.12 10.50 -8.78
C ILE J 248 41.08 9.11 -9.38
N ILE J 249 41.74 8.16 -8.72
CA ILE J 249 41.78 6.77 -9.14
C ILE J 249 41.10 5.92 -8.07
N ARG J 250 40.04 5.22 -8.45
CA ARG J 250 39.30 4.36 -7.54
C ARG J 250 39.44 2.91 -7.97
N SER J 251 39.57 2.02 -7.00
CA SER J 251 39.59 0.60 -7.27
C SER J 251 39.30 -0.14 -5.97
N GLU J 252 38.46 -1.18 -6.06
CA GLU J 252 38.14 -1.96 -4.87
C GLU J 252 39.37 -2.65 -4.31
N ASN J 253 40.24 -3.13 -5.18
CA ASN J 253 41.47 -3.79 -4.75
C ASN J 253 42.49 -3.60 -5.87
N LEU J 254 43.47 -2.72 -5.65
CA LEU J 254 44.45 -2.43 -6.68
C LEU J 254 45.29 -3.66 -7.03
N THR J 255 45.67 -4.45 -6.03
CA THR J 255 46.50 -5.62 -6.26
C THR J 255 45.77 -6.74 -6.97
N ASN J 256 44.46 -6.64 -7.13
CA ASN J 256 43.67 -7.63 -7.85
C ASN J 256 43.48 -7.17 -9.29
N ASN J 257 43.90 -8.00 -10.24
CA ASN J 257 43.80 -7.65 -11.65
C ASN J 257 42.38 -7.74 -12.17
N ALA J 258 41.50 -8.44 -11.47
CA ALA J 258 40.11 -8.61 -11.92
C ALA J 258 39.22 -7.46 -11.50
N LYS J 259 39.74 -6.47 -10.79
CA LYS J 259 38.97 -5.33 -10.33
C LYS J 259 39.29 -4.13 -11.21
N ASN J 260 38.24 -3.51 -11.76
CA ASN J 260 38.40 -2.40 -12.67
C ASN J 260 38.91 -1.17 -11.94
N ILE J 261 39.48 -0.25 -12.71
CA ILE J 261 40.01 1.01 -12.20
C ILE J 261 39.18 2.14 -12.80
N ILE J 262 38.58 2.96 -11.94
CA ILE J 262 37.81 4.12 -12.37
C ILE J 262 38.71 5.34 -12.28
N VAL J 263 38.94 6.00 -13.40
CA VAL J 263 39.74 7.22 -13.44
C VAL J 263 38.79 8.38 -13.66
N HIS J 264 38.70 9.26 -12.67
CA HIS J 264 37.81 10.41 -12.69
C HIS J 264 38.65 11.66 -12.97
N LEU J 265 38.32 12.35 -14.05
CA LEU J 265 39.09 13.50 -14.52
C LEU J 265 38.56 14.79 -13.93
N ASN J 266 39.36 15.85 -14.07
CA ASN J 266 38.96 17.19 -13.66
C ASN J 266 38.81 18.13 -14.84
N LYS J 267 39.06 17.67 -16.07
CA LYS J 267 38.87 18.47 -17.26
C LYS J 267 38.27 17.58 -18.34
N SER J 268 37.03 17.83 -18.70
CA SER J 268 36.32 16.99 -19.66
C SER J 268 36.85 17.21 -21.07
N VAL J 269 36.68 16.18 -21.91
CA VAL J 269 37.12 16.24 -23.31
C VAL J 269 35.89 16.13 -24.19
N SER J 270 35.68 17.11 -25.05
CA SER J 270 34.49 17.13 -25.90
C SER J 270 34.65 16.12 -27.04
N ILE J 271 33.61 15.32 -27.27
CA ILE J 271 33.62 14.32 -28.32
C ILE J 271 32.30 14.39 -29.08
N SER J 272 32.39 14.45 -30.41
CA SER J 272 31.19 14.49 -31.24
C SER J 272 31.06 13.18 -32.00
N CYS J 273 29.83 12.77 -32.28
CA CYS J 273 29.61 11.50 -32.96
C CYS J 273 28.42 11.63 -33.90
N THR J 274 28.59 11.23 -35.15
CA THR J 274 27.58 11.48 -36.16
C THR J 274 27.39 10.28 -37.07
N ARG J 275 26.17 10.16 -37.58
CA ARG J 275 25.80 9.26 -38.68
C ARG J 275 25.27 10.11 -39.83
N PRO J 276 25.93 10.08 -40.99
CA PRO J 276 25.51 10.89 -42.14
C PRO J 276 24.64 10.18 -43.16
N SER J 277 24.16 8.97 -42.90
CA SER J 277 23.58 8.15 -43.96
C SER J 277 22.20 8.62 -44.40
N ASN J 278 21.46 9.32 -43.53
CA ASN J 278 20.09 9.76 -43.81
C ASN J 278 19.19 8.57 -44.12
N ASN J 279 18.98 7.75 -43.10
CA ASN J 279 18.07 6.62 -43.20
C ASN J 279 16.65 7.09 -43.53
N THR J 280 15.87 6.20 -44.14
CA THR J 280 14.46 6.44 -44.40
C THR J 280 13.64 5.46 -43.58
N ARG J 281 12.73 5.99 -42.76
CA ARG J 281 11.88 5.18 -41.91
C ARG J 281 10.58 4.87 -42.64
N THR J 282 10.29 3.59 -42.83
CA THR J 282 9.06 3.14 -43.47
C THR J 282 8.42 2.06 -42.61
N SER J 283 7.10 1.99 -42.69
CA SER J 283 6.32 1.16 -41.78
C SER J 283 5.65 0.01 -42.52
N ILE J 284 5.54 -1.13 -41.83
CA ILE J 284 4.83 -2.30 -42.30
C ILE J 284 3.82 -2.69 -41.23
N ARG J 285 2.56 -2.83 -41.60
CA ARG J 285 1.53 -3.23 -40.65
C ARG J 285 1.55 -4.75 -40.55
N ILE J 286 2.02 -5.27 -39.42
CA ILE J 286 2.28 -6.69 -39.25
C ILE J 286 1.21 -7.38 -38.43
N GLY J 287 0.14 -6.69 -38.08
CA GLY J 287 -0.92 -7.28 -37.30
C GLY J 287 -2.05 -6.31 -37.05
N PRO J 288 -3.01 -6.71 -36.23
CA PRO J 288 -4.14 -5.83 -35.93
C PRO J 288 -3.74 -4.66 -35.05
N GLY J 289 -3.19 -3.62 -35.66
CA GLY J 289 -2.74 -2.46 -34.93
C GLY J 289 -1.28 -2.46 -34.54
N GLN J 290 -0.48 -3.36 -35.11
CA GLN J 290 0.93 -3.47 -34.79
C GLN J 290 1.74 -3.01 -36.00
N MET J 291 2.63 -2.04 -35.76
CA MET J 291 3.37 -1.37 -36.81
C MET J 291 4.86 -1.63 -36.60
N PHE J 292 5.56 -1.97 -37.67
CA PHE J 292 6.98 -2.29 -37.61
C PHE J 292 7.72 -1.29 -38.48
N TYR J 293 8.64 -0.53 -37.86
CA TYR J 293 9.37 0.52 -38.55
C TYR J 293 10.75 0.02 -38.94
N ARG J 294 11.15 0.25 -40.18
CA ARG J 294 12.41 -0.26 -40.68
C ARG J 294 13.01 0.70 -41.69
N THR J 295 14.29 0.46 -41.99
CA THR J 295 15.02 1.27 -42.96
C THR J 295 14.63 0.85 -44.37
N GLY J 296 14.22 1.81 -45.18
CA GLY J 296 13.82 1.52 -46.54
C GLY J 296 14.93 1.71 -47.55
N ASP J 297 15.62 2.85 -47.49
CA ASP J 297 16.69 3.12 -48.43
C ASP J 297 17.64 4.13 -47.82
N ILE J 298 18.85 4.19 -48.36
CA ILE J 298 19.89 5.13 -47.92
C ILE J 298 20.11 6.07 -49.09
N ILE J 299 19.45 7.23 -49.06
CA ILE J 299 19.37 8.07 -50.25
C ILE J 299 20.59 8.98 -50.38
N GLY J 300 21.10 9.50 -49.27
CA GLY J 300 22.10 10.53 -49.34
C GLY J 300 23.54 10.07 -49.20
N ASP J 301 24.24 10.62 -48.22
CA ASP J 301 25.65 10.31 -48.03
C ASP J 301 25.84 8.84 -47.67
N ILE J 302 26.90 8.25 -48.20
CA ILE J 302 27.27 6.87 -47.91
C ILE J 302 28.64 6.94 -47.23
N ARG J 303 28.63 7.01 -45.91
CA ARG J 303 29.87 7.09 -45.16
C ARG J 303 29.61 6.60 -43.73
N LYS J 304 30.58 5.88 -43.19
CA LYS J 304 30.42 5.26 -41.89
C LYS J 304 30.25 6.31 -40.79
N ALA J 305 29.43 5.98 -39.80
CA ALA J 305 29.30 6.83 -38.64
C ALA J 305 30.62 6.93 -37.91
N TYR J 306 30.94 8.12 -37.40
CA TYR J 306 32.26 8.33 -36.83
C TYR J 306 32.19 9.33 -35.69
N CYS J 307 33.22 9.28 -34.85
CA CYS J 307 33.36 10.20 -33.71
C CYS J 307 34.60 11.05 -33.90
N GLU J 308 34.44 12.36 -33.79
CA GLU J 308 35.54 13.33 -33.83
C GLU J 308 35.95 13.72 -32.42
N LEU J 309 37.26 13.73 -32.19
CA LEU J 309 37.84 14.09 -30.91
C LEU J 309 39.08 14.94 -31.18
N ASN J 310 39.51 15.72 -30.19
CA ASN J 310 40.68 16.57 -30.35
C ASN J 310 41.92 15.85 -29.84
N GLY J 311 42.94 15.74 -30.69
CA GLY J 311 44.12 14.96 -30.33
C GLY J 311 44.94 15.57 -29.21
N THR J 312 45.11 16.89 -29.22
CA THR J 312 45.95 17.54 -28.21
C THR J 312 45.34 17.41 -26.82
N GLU J 313 44.03 17.60 -26.70
CA GLU J 313 43.38 17.45 -25.40
C GLU J 313 43.48 16.03 -24.89
N TRP J 314 43.30 15.05 -25.77
CA TRP J 314 43.42 13.66 -25.35
C TRP J 314 44.86 13.35 -24.93
N ASN J 315 45.84 13.91 -25.64
CA ASN J 315 47.24 13.72 -25.25
C ASN J 315 47.49 14.26 -23.86
N GLU J 316 46.99 15.47 -23.58
CA GLU J 316 47.17 16.06 -22.25
C GLU J 316 46.49 15.22 -21.18
N THR J 317 45.26 14.78 -21.45
CA THR J 317 44.53 13.96 -20.47
C THR J 317 45.25 12.65 -20.19
N LEU J 318 45.75 12.00 -21.24
CA LEU J 318 46.47 10.75 -21.06
C LEU J 318 47.77 10.95 -20.30
N ASN J 319 48.48 12.05 -20.56
CA ASN J 319 49.68 12.35 -19.79
C ASN J 319 49.35 12.54 -18.32
N LYS J 320 48.27 13.28 -18.02
CA LYS J 320 47.89 13.49 -16.63
C LYS J 320 47.51 12.18 -15.95
N VAL J 321 46.75 11.33 -16.65
CA VAL J 321 46.36 10.05 -16.07
C VAL J 321 47.57 9.18 -15.82
N THR J 322 48.53 9.17 -16.75
CA THR J 322 49.76 8.41 -16.55
C THR J 322 50.52 8.90 -15.33
N GLU J 323 50.65 10.22 -15.19
CA GLU J 323 51.37 10.76 -14.03
C GLU J 323 50.67 10.40 -12.73
N LYS J 324 49.33 10.47 -12.71
CA LYS J 324 48.61 10.12 -11.50
C LYS J 324 48.73 8.63 -11.18
N LEU J 325 48.69 7.77 -12.20
CA LEU J 325 48.78 6.34 -11.96
C LEU J 325 50.18 5.93 -11.54
N LYS J 326 51.21 6.68 -11.93
CA LYS J 326 52.56 6.35 -11.48
C LYS J 326 52.72 6.49 -9.97
N GLU J 327 51.81 7.19 -9.30
CA GLU J 327 51.88 7.30 -7.85
C GLU J 327 51.59 5.97 -7.16
N HIS J 328 50.83 5.07 -7.80
CA HIS J 328 50.47 3.79 -7.24
C HIS J 328 51.35 2.66 -7.76
N PHE J 329 51.48 2.53 -9.08
CA PHE J 329 52.35 1.55 -9.70
C PHE J 329 53.69 2.21 -10.00
N ASN J 330 54.77 1.57 -9.58
CA ASN J 330 56.11 2.13 -9.73
C ASN J 330 56.76 1.77 -11.06
N LYS J 331 56.06 1.06 -11.94
CA LYS J 331 56.59 0.64 -13.22
C LYS J 331 56.18 1.63 -14.31
N THR J 332 56.78 1.46 -15.48
CA THR J 332 56.37 2.24 -16.65
C THR J 332 54.98 1.84 -17.08
N ILE J 333 54.16 2.83 -17.40
CA ILE J 333 52.74 2.62 -17.68
C ILE J 333 52.50 2.83 -19.17
N VAL J 334 51.90 1.82 -19.81
CA VAL J 334 51.56 1.86 -21.22
C VAL J 334 50.10 1.51 -21.39
N PHE J 335 49.53 1.95 -22.50
CA PHE J 335 48.13 1.73 -22.83
C PHE J 335 48.03 0.86 -24.08
N GLN J 336 47.16 -0.14 -24.04
CA GLN J 336 46.99 -1.07 -25.14
C GLN J 336 45.51 -1.24 -25.45
N PRO J 337 45.17 -1.57 -26.68
CA PRO J 337 43.76 -1.76 -27.05
C PRO J 337 43.18 -2.99 -26.39
N PRO J 338 41.86 -3.06 -26.24
CA PRO J 338 41.25 -4.23 -25.60
C PRO J 338 41.43 -5.49 -26.45
N SER J 339 41.31 -6.62 -25.78
CA SER J 339 41.43 -7.92 -26.42
C SER J 339 40.22 -8.78 -26.06
N GLY J 340 39.92 -9.74 -26.95
CA GLY J 340 38.83 -10.66 -26.72
C GLY J 340 38.02 -10.97 -27.96
N GLY J 341 37.89 -10.00 -28.87
CA GLY J 341 37.25 -10.20 -30.14
C GLY J 341 35.75 -9.96 -30.17
N ASP J 342 35.09 -9.93 -29.01
CA ASP J 342 33.67 -9.68 -28.98
C ASP J 342 33.38 -8.20 -29.26
N LEU J 343 32.24 -7.95 -29.90
CA LEU J 343 31.85 -6.57 -30.18
C LEU J 343 31.61 -5.79 -28.90
N GLU J 344 30.94 -6.41 -27.93
CA GLU J 344 30.88 -5.84 -26.60
C GLU J 344 32.16 -6.20 -25.84
N THR J 345 32.44 -5.44 -24.79
CA THR J 345 33.64 -5.53 -23.97
C THR J 345 34.91 -5.17 -24.74
N THR J 346 34.79 -4.76 -25.99
CA THR J 346 35.92 -4.26 -26.77
C THR J 346 35.64 -2.90 -27.38
N MET J 347 34.40 -2.63 -27.78
CA MET J 347 34.04 -1.37 -28.40
C MET J 347 33.32 -0.46 -27.41
N HIS J 348 33.43 0.84 -27.66
CA HIS J 348 32.80 1.85 -26.82
C HIS J 348 31.34 1.99 -27.22
N HIS J 349 30.43 1.61 -26.35
CA HIS J 349 29.01 1.56 -26.62
C HIS J 349 28.33 2.78 -26.01
N PHE J 350 27.50 3.45 -26.80
CA PHE J 350 26.72 4.56 -26.27
C PHE J 350 25.49 4.77 -27.14
N ASN J 351 24.72 5.81 -26.82
CA ASN J 351 23.45 6.09 -27.45
C ASN J 351 23.39 7.54 -27.90
N CYS J 352 22.89 7.76 -29.12
CA CYS J 352 22.76 9.11 -29.68
C CYS J 352 21.37 9.23 -30.30
N ARG J 353 20.50 9.99 -29.64
CA ARG J 353 19.16 10.32 -30.10
C ARG J 353 18.28 9.08 -30.25
N GLY J 354 18.81 7.90 -29.93
CA GLY J 354 18.09 6.66 -30.10
C GLY J 354 18.85 5.59 -30.85
N GLU J 355 19.91 5.93 -31.59
CA GLU J 355 20.71 4.91 -32.25
C GLU J 355 21.84 4.48 -31.34
N PHE J 356 22.17 3.19 -31.41
CA PHE J 356 23.15 2.58 -30.53
C PHE J 356 24.46 2.41 -31.28
N PHE J 357 25.47 3.16 -30.83
CA PHE J 357 26.77 3.26 -31.47
C PHE J 357 27.77 2.36 -30.77
N TYR J 358 28.55 1.63 -31.56
CA TYR J 358 29.69 0.85 -31.10
C TYR J 358 30.92 1.39 -31.83
N CYS J 359 31.82 2.02 -31.09
CA CYS J 359 32.93 2.77 -31.68
C CYS J 359 34.26 2.11 -31.36
N ASN J 360 35.13 2.08 -32.35
CA ASN J 360 36.45 1.46 -32.26
C ASN J 360 37.43 2.48 -31.70
N THR J 361 37.97 2.19 -30.51
CA THR J 361 38.87 3.10 -29.81
C THR J 361 40.31 2.60 -29.79
N THR J 362 40.68 1.78 -30.76
CA THR J 362 42.05 1.27 -30.82
C THR J 362 43.04 2.40 -31.06
N LYS J 363 42.68 3.34 -31.95
CA LYS J 363 43.51 4.51 -32.17
C LYS J 363 43.63 5.38 -30.92
N LEU J 364 42.63 5.34 -30.05
CA LEU J 364 42.58 6.27 -28.92
C LEU J 364 43.49 5.82 -27.79
N PHE J 365 43.59 4.51 -27.56
CA PHE J 365 44.47 3.91 -26.55
C PHE J 365 45.52 3.06 -27.26
N ASN J 366 46.66 3.67 -27.58
CA ASN J 366 47.73 2.92 -28.23
C ASN J 366 49.06 3.62 -27.98
N THR J 367 49.91 3.00 -27.17
CA THR J 367 51.24 3.53 -26.91
C THR J 367 52.16 2.45 -26.36
N GLU J 374 50.44 11.77 -35.58
CA GLU J 374 49.91 11.06 -34.42
C GLU J 374 49.55 12.04 -33.31
N PHE J 375 48.25 12.09 -32.97
CA PHE J 375 47.74 12.99 -31.94
C PHE J 375 48.06 14.45 -32.24
N ASN J 376 48.06 14.82 -33.53
CA ASN J 376 48.43 16.15 -33.96
C ASN J 376 47.28 16.89 -34.63
N GLY J 377 46.06 16.64 -34.18
CA GLY J 377 44.90 17.27 -34.79
C GLY J 377 43.59 16.64 -34.36
N THR J 378 42.75 16.31 -35.34
CA THR J 378 41.47 15.67 -35.05
C THR J 378 41.59 14.17 -35.22
N ILE J 379 41.12 13.43 -34.22
CA ILE J 379 41.06 11.97 -34.26
C ILE J 379 39.67 11.55 -34.70
N ILE J 380 39.61 10.72 -35.74
CA ILE J 380 38.37 10.16 -36.26
C ILE J 380 38.32 8.69 -35.85
N LEU J 381 37.27 8.33 -35.11
CA LEU J 381 37.09 6.96 -34.65
C LEU J 381 35.94 6.33 -35.41
N PRO J 382 36.16 5.19 -36.08
CA PRO J 382 35.06 4.52 -36.76
C PRO J 382 34.02 4.00 -35.79
N CYS J 383 32.77 3.98 -36.25
CA CYS J 383 31.67 3.50 -35.44
C CYS J 383 30.69 2.72 -36.31
N ARG J 384 29.93 1.86 -35.66
CA ARG J 384 28.90 1.06 -36.32
C ARG J 384 27.62 1.15 -35.49
N ILE J 385 26.49 0.95 -36.16
CA ILE J 385 25.19 1.07 -35.51
C ILE J 385 24.58 -0.31 -35.36
N LYS J 386 23.99 -0.57 -34.20
CA LYS J 386 23.25 -1.80 -33.97
C LYS J 386 21.80 -1.48 -33.63
N GLN J 387 20.90 -2.33 -34.09
CA GLN J 387 19.47 -2.15 -33.84
C GLN J 387 18.91 -3.11 -32.79
N ILE J 388 19.36 -4.35 -32.79
CA ILE J 388 18.96 -5.32 -31.77
C ILE J 388 19.98 -5.26 -30.65
N VAL J 389 19.60 -4.64 -29.54
CA VAL J 389 20.53 -4.37 -28.44
C VAL J 389 20.05 -5.10 -27.19
N ASN J 390 21.02 -5.42 -26.32
CA ASN J 390 20.76 -6.06 -25.03
C ASN J 390 21.61 -5.31 -24.01
N MET J 391 21.04 -4.26 -23.41
CA MET J 391 21.81 -3.36 -22.58
C MET J 391 22.21 -3.97 -21.25
N TRP J 392 21.33 -4.81 -20.68
CA TRP J 392 21.52 -5.32 -19.33
C TRP J 392 21.90 -6.79 -19.31
N GLN J 393 22.50 -7.29 -20.40
CA GLN J 393 23.02 -8.65 -20.48
C GLN J 393 21.94 -9.70 -20.18
N GLY J 394 20.77 -9.53 -20.79
CA GLY J 394 19.73 -10.53 -20.74
C GLY J 394 18.69 -10.35 -19.65
N VAL J 395 18.87 -9.39 -18.75
CA VAL J 395 17.85 -9.14 -17.74
C VAL J 395 16.56 -8.65 -18.37
N GLY J 396 16.66 -7.75 -19.35
CA GLY J 396 15.49 -7.23 -20.02
C GLY J 396 15.25 -7.81 -21.41
N GLN J 397 15.70 -9.05 -21.61
CA GLN J 397 15.62 -9.73 -22.90
C GLN J 397 16.38 -8.95 -23.97
N ALA J 398 15.65 -8.41 -24.95
CA ALA J 398 16.28 -7.69 -26.05
C ALA J 398 15.30 -6.68 -26.60
N MET J 399 15.82 -5.62 -27.20
CA MET J 399 15.03 -4.51 -27.69
C MET J 399 15.46 -4.17 -29.11
N TYR J 400 14.48 -3.88 -29.97
CA TYR J 400 14.72 -3.43 -31.33
C TYR J 400 14.57 -1.93 -31.38
N ALA J 401 15.63 -1.24 -31.81
CA ALA J 401 15.60 0.22 -31.89
C ALA J 401 15.18 0.64 -33.28
N PRO J 402 14.05 1.33 -33.44
CA PRO J 402 13.64 1.74 -34.78
C PRO J 402 14.59 2.75 -35.36
N PRO J 403 14.74 2.80 -36.69
CA PRO J 403 15.64 3.77 -37.29
C PRO J 403 15.14 5.19 -37.12
N ILE J 404 16.08 6.13 -37.11
CA ILE J 404 15.79 7.55 -36.98
C ILE J 404 16.16 8.22 -38.29
N SER J 405 15.24 8.99 -38.84
CA SER J 405 15.43 9.62 -40.15
C SER J 405 16.13 10.95 -40.00
N GLY J 406 17.22 11.13 -40.73
CA GLY J 406 17.94 12.37 -40.77
C GLY J 406 19.41 12.21 -40.36
N ILE J 407 20.16 13.26 -40.65
CA ILE J 407 21.58 13.32 -40.27
C ILE J 407 21.64 13.43 -38.76
N ILE J 408 22.28 12.48 -38.10
CA ILE J 408 22.28 12.43 -36.64
C ILE J 408 23.66 12.83 -36.13
N ASN J 409 23.68 13.66 -35.09
CA ASN J 409 24.93 14.23 -34.59
C ASN J 409 24.73 14.61 -33.12
N CYS J 410 25.51 13.99 -32.24
CA CYS J 410 25.48 14.28 -30.82
C CYS J 410 26.84 14.77 -30.36
N THR J 411 26.85 15.54 -29.28
CA THR J 411 28.08 16.02 -28.65
C THR J 411 28.03 15.70 -27.16
N SER J 412 29.14 15.23 -26.62
CA SER J 412 29.19 14.80 -25.23
C SER J 412 30.54 15.17 -24.62
N ASN J 413 30.62 15.02 -23.30
CA ASN J 413 31.82 15.29 -22.54
C ASN J 413 32.35 14.00 -21.93
N ILE J 414 33.62 13.71 -22.15
CA ILE J 414 34.30 12.62 -21.47
C ILE J 414 34.79 13.15 -20.13
N THR J 415 34.32 12.52 -19.05
CA THR J 415 34.70 12.89 -17.70
C THR J 415 35.41 11.79 -16.93
N GLY J 416 35.41 10.56 -17.44
CA GLY J 416 36.08 9.47 -16.74
C GLY J 416 36.29 8.29 -17.65
N ILE J 417 37.22 7.44 -17.24
CA ILE J 417 37.58 6.24 -17.99
C ILE J 417 37.51 5.04 -17.06
N ILE J 418 37.28 3.87 -17.65
CA ILE J 418 37.34 2.59 -16.94
C ILE J 418 38.46 1.77 -17.56
N LEU J 419 39.37 1.29 -16.73
CA LEU J 419 40.54 0.56 -17.18
C LEU J 419 40.64 -0.77 -16.48
N THR J 420 41.45 -1.66 -17.05
CA THR J 420 41.71 -2.97 -16.48
C THR J 420 43.18 -3.31 -16.69
N ARG J 421 43.83 -3.83 -15.66
CA ARG J 421 45.25 -4.12 -15.71
C ARG J 421 45.47 -5.56 -16.13
N ASP J 422 46.41 -5.78 -17.05
CA ASP J 422 46.73 -7.11 -17.52
C ASP J 422 47.55 -7.83 -16.45
N GLY J 423 46.96 -8.83 -15.82
CA GLY J 423 47.64 -9.57 -14.77
C GLY J 423 48.64 -10.57 -15.29
N GLY J 424 49.73 -10.07 -15.87
CA GLY J 424 50.78 -10.96 -16.33
C GLY J 424 51.46 -11.70 -15.20
N ASN J 425 51.65 -11.03 -14.07
CA ASN J 425 52.28 -11.62 -12.89
C ASN J 425 53.65 -12.20 -13.21
N GLY J 426 54.39 -11.50 -14.06
CA GLY J 426 55.72 -11.91 -14.45
C GLY J 426 56.77 -10.86 -14.13
N ASN J 427 58.01 -11.17 -14.49
CA ASN J 427 59.14 -10.27 -14.27
C ASN J 427 59.28 -9.34 -15.47
N THR J 428 58.30 -8.46 -15.61
CA THR J 428 58.29 -7.46 -16.67
C THR J 428 58.60 -6.08 -16.09
N THR J 429 58.94 -5.15 -16.98
CA THR J 429 59.24 -3.78 -16.61
C THR J 429 58.13 -2.81 -16.96
N ASP J 430 57.00 -3.30 -17.45
CA ASP J 430 55.91 -2.44 -17.90
C ASP J 430 54.58 -2.96 -17.38
N GLU J 431 53.69 -2.04 -17.03
CA GLU J 431 52.31 -2.36 -16.67
C GLU J 431 51.41 -1.88 -17.80
N THR J 432 50.61 -2.79 -18.35
CA THR J 432 49.76 -2.50 -19.49
C THR J 432 48.32 -2.39 -19.03
N PHE J 433 47.70 -1.25 -19.29
CA PHE J 433 46.30 -1.02 -18.99
C PHE J 433 45.49 -1.04 -20.28
N ARG J 434 44.30 -1.64 -20.22
CA ARG J 434 43.44 -1.74 -21.38
C ARG J 434 42.06 -1.17 -21.04
N PRO J 435 41.40 -0.51 -21.99
CA PRO J 435 40.01 -0.13 -21.77
C PRO J 435 39.16 -1.37 -21.55
N GLY J 436 38.23 -1.27 -20.62
CA GLY J 436 37.41 -2.42 -20.28
C GLY J 436 36.12 -1.98 -19.64
N GLY J 437 35.04 -2.65 -20.01
CA GLY J 437 33.74 -2.39 -19.44
C GLY J 437 33.53 -3.17 -18.17
N GLY J 438 32.38 -3.84 -18.08
CA GLY J 438 32.06 -4.60 -16.90
C GLY J 438 30.64 -4.33 -16.44
N ASN J 439 30.43 -4.33 -15.13
CA ASN J 439 29.10 -4.06 -14.62
C ASN J 439 28.74 -2.60 -14.82
N ILE J 440 27.47 -2.33 -15.11
CA ILE J 440 27.01 -0.96 -15.27
C ILE J 440 27.06 -0.21 -13.95
N LYS J 441 27.13 -0.93 -12.82
CA LYS J 441 27.23 -0.28 -11.53
C LYS J 441 28.46 0.62 -11.44
N ASP J 442 29.51 0.29 -12.19
CA ASP J 442 30.71 1.13 -12.17
C ASP J 442 30.45 2.53 -12.72
N ASN J 443 29.42 2.69 -13.57
CA ASN J 443 29.05 4.02 -14.03
C ASN J 443 28.26 4.80 -12.99
N TRP J 444 27.76 4.13 -11.96
CA TRP J 444 27.00 4.75 -10.89
C TRP J 444 27.74 4.80 -9.57
N ARG J 445 28.83 4.04 -9.43
CA ARG J 445 29.70 4.23 -8.27
C ARG J 445 30.52 5.51 -8.40
N SER J 446 30.74 5.98 -9.63
CA SER J 446 31.54 7.17 -9.86
C SER J 446 30.81 8.46 -9.49
N GLU J 447 29.51 8.39 -9.20
CA GLU J 447 28.76 9.57 -8.80
C GLU J 447 28.03 9.41 -7.47
N LEU J 448 27.94 8.20 -6.93
CA LEU J 448 27.35 7.97 -5.62
C LEU J 448 28.40 7.64 -4.57
N TYR J 449 29.68 7.86 -4.86
CA TYR J 449 30.74 7.46 -3.95
C TYR J 449 30.79 8.34 -2.72
N LYS J 450 30.34 9.59 -2.82
CA LYS J 450 30.43 10.56 -1.73
C LYS J 450 29.15 10.65 -0.92
N TYR J 451 28.30 9.63 -0.96
CA TYR J 451 27.04 9.65 -0.24
C TYR J 451 26.94 8.44 0.67
N LYS J 452 26.37 8.64 1.85
CA LYS J 452 26.11 7.61 2.83
C LYS J 452 24.72 7.82 3.40
N VAL J 453 24.03 6.73 3.74
CA VAL J 453 22.68 6.79 4.29
C VAL J 453 22.74 6.37 5.75
N VAL J 454 22.17 7.19 6.64
CA VAL J 454 22.20 6.90 8.06
C VAL J 454 20.81 7.04 8.66
N GLN J 455 20.57 6.33 9.75
CA GLN J 455 19.31 6.31 10.47
C GLN J 455 19.49 6.99 11.82
N ILE J 456 18.55 7.86 12.17
CA ILE J 456 18.65 8.71 13.34
C ILE J 456 17.94 8.05 14.51
N GLU J 457 18.64 7.95 15.64
CA GLU J 457 18.06 7.46 16.89
C GLU J 457 17.89 8.62 17.85
N PRO J 458 16.67 9.11 18.05
CA PRO J 458 16.47 10.38 18.76
C PRO J 458 16.21 10.28 20.27
N LEU J 459 16.36 9.11 20.89
CA LEU J 459 16.14 8.97 22.32
C LEU J 459 17.48 8.98 23.06
N GLY J 460 17.55 9.76 24.11
CA GLY J 460 18.75 9.82 24.93
C GLY J 460 18.42 9.80 26.41
N ILE J 461 19.32 9.19 27.18
CA ILE J 461 19.18 9.06 28.62
C ILE J 461 20.42 9.67 29.26
N ALA J 462 20.20 10.60 30.19
CA ALA J 462 21.34 11.29 30.80
C ALA J 462 21.13 11.45 32.30
N PRO J 463 22.22 11.53 33.07
CA PRO J 463 22.08 11.87 34.49
C PRO J 463 22.04 13.37 34.73
N THR J 464 20.92 13.88 35.24
CA THR J 464 20.79 15.29 35.61
C THR J 464 20.21 15.38 37.00
N ARG J 465 20.55 16.45 37.70
CA ARG J 465 20.07 16.65 39.06
C ARG J 465 18.67 17.25 39.08
N CYS J 466 17.76 16.59 38.36
CA CYS J 466 16.37 17.00 38.24
C CYS J 466 15.48 15.87 38.69
N LYS J 467 14.59 16.14 39.64
CA LYS J 467 13.64 15.16 40.13
C LYS J 467 12.23 15.62 39.78
N ARG J 468 11.44 14.71 39.23
CA ARG J 468 10.07 15.05 38.85
C ARG J 468 9.26 15.41 40.09
N ARG J 469 8.52 16.51 40.00
CA ARG J 469 7.74 17.00 41.13
C ARG J 469 6.55 17.81 40.64
N ASN K 1 -21.16 7.14 46.10
CA ASN K 1 -20.07 8.06 45.81
C ASN K 1 -18.96 7.36 45.04
N LEU K 2 -19.26 6.98 43.80
CA LEU K 2 -18.32 6.31 42.92
C LEU K 2 -18.20 7.09 41.62
N TRP K 3 -17.02 7.03 41.02
CA TRP K 3 -16.73 7.77 39.80
C TRP K 3 -16.17 6.85 38.74
N VAL K 4 -16.37 7.22 37.48
CA VAL K 4 -15.88 6.44 36.36
C VAL K 4 -14.36 6.46 36.34
N THR K 5 -13.76 5.32 36.02
CA THR K 5 -12.32 5.20 35.86
C THR K 5 -12.04 4.41 34.60
N VAL K 6 -11.11 4.89 33.79
CA VAL K 6 -10.80 4.34 32.48
C VAL K 6 -9.51 3.55 32.58
N TYR K 7 -9.53 2.31 32.08
CA TYR K 7 -8.39 1.41 32.10
C TYR K 7 -8.04 1.05 30.66
N TYR K 8 -6.77 1.22 30.30
CA TYR K 8 -6.27 0.85 28.99
C TYR K 8 -5.32 -0.33 29.14
N GLY K 9 -5.64 -1.43 28.47
CA GLY K 9 -4.86 -2.65 28.62
C GLY K 9 -5.64 -3.73 29.32
N VAL K 10 -6.95 -3.68 29.21
CA VAL K 10 -7.81 -4.69 29.83
C VAL K 10 -7.72 -5.98 29.04
N PRO K 11 -7.58 -7.14 29.69
CA PRO K 11 -7.53 -8.44 28.98
C PRO K 11 -8.91 -8.96 28.55
N VAL K 12 -9.45 -8.36 27.49
CA VAL K 12 -10.77 -8.72 26.97
C VAL K 12 -10.64 -8.93 25.47
N TRP K 13 -11.16 -10.05 24.98
CA TRP K 13 -11.08 -10.38 23.56
C TRP K 13 -12.45 -10.75 23.01
N ARG K 14 -12.56 -10.71 21.70
CA ARG K 14 -13.77 -11.08 20.98
C ARG K 14 -13.39 -11.84 19.73
N ASP K 15 -14.23 -12.78 19.32
CA ASP K 15 -13.98 -13.54 18.10
C ASP K 15 -13.98 -12.60 16.89
N ALA K 16 -12.99 -12.78 16.01
CA ALA K 16 -12.87 -11.92 14.84
C ALA K 16 -12.10 -12.64 13.75
N ASP K 17 -12.26 -12.16 12.52
CA ASP K 17 -11.58 -12.68 11.35
C ASP K 17 -10.76 -11.56 10.72
N THR K 18 -9.47 -11.81 10.54
CA THR K 18 -8.57 -10.82 9.96
C THR K 18 -7.58 -11.53 9.05
N THR K 19 -6.74 -10.74 8.38
CA THR K 19 -5.65 -11.28 7.59
C THR K 19 -4.43 -11.48 8.49
N LEU K 20 -3.75 -12.61 8.32
CA LEU K 20 -2.65 -12.99 9.18
C LEU K 20 -1.33 -12.98 8.41
N PHE K 21 -0.27 -12.56 9.09
CA PHE K 21 1.07 -12.59 8.52
C PHE K 21 1.52 -14.02 8.29
N CYS K 22 2.30 -14.23 7.24
CA CYS K 22 2.89 -15.54 6.94
C CYS K 22 4.39 -15.44 7.17
N ALA K 23 4.92 -16.30 8.03
CA ALA K 23 6.33 -16.34 8.35
C ALA K 23 6.92 -17.70 7.96
N SER K 24 8.23 -17.71 7.71
CA SER K 24 8.91 -18.92 7.29
C SER K 24 10.32 -18.94 7.87
N ASP K 25 10.93 -20.12 7.86
CA ASP K 25 12.30 -20.33 8.31
C ASP K 25 12.49 -19.84 9.74
N THR K 39 3.13 -8.87 -5.29
CA THR K 39 1.73 -9.09 -5.00
C THR K 39 1.56 -9.94 -3.75
N HIS K 40 2.15 -11.13 -3.77
CA HIS K 40 2.09 -12.06 -2.64
C HIS K 40 3.50 -12.42 -2.22
N ALA K 41 3.78 -12.34 -0.92
CA ALA K 41 5.09 -12.66 -0.40
C ALA K 41 4.96 -13.07 1.06
N CYS K 42 5.68 -14.12 1.43
CA CYS K 42 5.73 -14.64 2.81
C CYS K 42 7.20 -14.84 3.16
N VAL K 43 7.88 -13.77 3.58
CA VAL K 43 9.31 -13.85 3.90
C VAL K 43 9.73 -13.12 5.17
N PRO K 44 9.01 -13.18 6.28
CA PRO K 44 9.65 -12.92 7.57
C PRO K 44 10.40 -14.15 8.06
N THR K 45 11.50 -13.90 8.77
CA THR K 45 12.41 -14.96 9.16
C THR K 45 12.61 -15.07 10.67
N ASP K 46 11.59 -14.70 11.46
CA ASP K 46 11.65 -14.79 12.91
C ASP K 46 10.43 -15.53 13.41
N PRO K 47 10.40 -16.85 13.27
CA PRO K 47 9.23 -17.63 13.73
C PRO K 47 9.35 -18.07 15.18
N ASN K 48 10.28 -17.48 15.93
CA ASN K 48 10.57 -17.88 17.30
C ASN K 48 9.32 -17.79 18.17
N PRO K 49 8.78 -18.93 18.61
CA PRO K 49 7.48 -18.91 19.29
C PRO K 49 7.59 -18.48 20.75
N GLN K 50 6.45 -18.09 21.29
CA GLN K 50 6.32 -17.72 22.70
C GLN K 50 4.90 -18.02 23.14
N GLU K 51 4.76 -18.76 24.23
CA GLU K 51 3.47 -19.27 24.68
C GLU K 51 3.19 -18.79 26.10
N ILE K 52 1.95 -18.36 26.35
CA ILE K 52 1.54 -17.93 27.68
C ILE K 52 0.26 -18.68 28.05
N PRO K 53 0.28 -19.53 29.07
CA PRO K 53 -0.97 -20.17 29.51
C PRO K 53 -1.93 -19.17 30.08
N LEU K 54 -3.22 -19.44 29.91
CA LEU K 54 -4.28 -18.58 30.45
C LEU K 54 -5.04 -19.39 31.50
N GLU K 55 -4.78 -19.11 32.77
CA GLU K 55 -5.36 -19.88 33.85
C GLU K 55 -6.82 -19.50 34.08
N ASN K 56 -7.62 -20.50 34.43
CA ASN K 56 -9.04 -20.34 34.73
C ASN K 56 -9.82 -19.77 33.55
N VAL K 57 -9.40 -20.07 32.32
CA VAL K 57 -10.08 -19.60 31.12
C VAL K 57 -10.56 -20.80 30.33
N THR K 58 -11.86 -20.83 30.04
CA THR K 58 -12.48 -21.86 29.22
C THR K 58 -12.98 -21.24 27.94
N GLU K 59 -12.54 -21.76 26.79
CA GLU K 59 -12.83 -21.14 25.51
C GLU K 59 -13.50 -22.15 24.58
N ASN K 60 -14.50 -21.68 23.84
CA ASN K 60 -15.22 -22.54 22.90
C ASN K 60 -14.51 -22.53 21.55
N PHE K 61 -14.25 -23.73 21.02
CA PHE K 61 -13.61 -23.90 19.73
C PHE K 61 -14.55 -24.60 18.75
N ASN K 62 -14.40 -24.27 17.48
CA ASN K 62 -15.14 -24.94 16.40
C ASN K 62 -14.24 -24.94 15.17
N MET K 63 -13.66 -26.09 14.84
CA MET K 63 -12.71 -26.18 13.75
C MET K 63 -13.36 -26.05 12.38
N TRP K 64 -14.66 -26.33 12.28
CA TRP K 64 -15.34 -26.30 10.99
C TRP K 64 -15.85 -24.92 10.62
N LYS K 65 -15.70 -23.93 11.48
CA LYS K 65 -16.02 -22.54 11.20
C LYS K 65 -14.81 -21.65 11.42
N ASN K 66 -13.65 -22.10 10.94
CA ASN K 66 -12.39 -21.39 11.11
C ASN K 66 -11.96 -20.78 9.78
N ASN K 67 -11.61 -19.49 9.81
CA ASN K 67 -11.19 -18.79 8.61
C ASN K 67 -9.74 -19.06 8.23
N MET K 68 -8.96 -19.64 9.14
CA MET K 68 -7.56 -19.93 8.86
C MET K 68 -7.42 -20.92 7.70
N VAL K 69 -8.37 -21.85 7.56
CA VAL K 69 -8.27 -22.83 6.48
C VAL K 69 -8.51 -22.17 5.13
N GLU K 70 -9.48 -21.24 5.05
CA GLU K 70 -9.67 -20.49 3.80
C GLU K 70 -8.47 -19.63 3.49
N GLN K 71 -7.88 -18.99 4.51
CA GLN K 71 -6.69 -18.20 4.27
C GLN K 71 -5.55 -19.05 3.74
N MET K 72 -5.36 -20.25 4.30
CA MET K 72 -4.29 -21.13 3.82
C MET K 72 -4.56 -21.61 2.40
N GLN K 73 -5.82 -21.97 2.10
CA GLN K 73 -6.18 -22.32 0.73
C GLN K 73 -5.78 -21.22 -0.24
N GLU K 74 -6.20 -19.99 0.06
CA GLU K 74 -5.92 -18.87 -0.83
C GLU K 74 -4.42 -18.63 -0.97
N ASP K 75 -3.69 -18.73 0.15
CA ASP K 75 -2.24 -18.49 0.10
C ASP K 75 -1.53 -19.53 -0.75
N VAL K 76 -1.91 -20.81 -0.62
CA VAL K 76 -1.26 -21.85 -1.40
C VAL K 76 -1.58 -21.68 -2.88
N ILE K 77 -2.84 -21.39 -3.21
CA ILE K 77 -3.20 -21.13 -4.60
C ILE K 77 -2.41 -19.95 -5.16
N SER K 78 -2.29 -18.87 -4.39
CA SER K 78 -1.56 -17.70 -4.86
C SER K 78 -0.09 -18.01 -5.09
N LEU K 79 0.53 -18.76 -4.18
CA LEU K 79 1.93 -19.11 -4.35
C LEU K 79 2.12 -19.99 -5.58
N TRP K 80 1.22 -20.95 -5.79
CA TRP K 80 1.31 -21.82 -6.95
C TRP K 80 1.20 -21.01 -8.24
N ASP K 81 0.24 -20.10 -8.30
CA ASP K 81 0.06 -19.29 -9.51
C ASP K 81 1.24 -18.35 -9.73
N GLN K 82 1.77 -17.76 -8.66
CA GLN K 82 2.89 -16.83 -8.83
C GLN K 82 4.15 -17.54 -9.25
N SER K 83 4.35 -18.78 -8.81
CA SER K 83 5.54 -19.53 -9.22
C SER K 83 5.51 -19.84 -10.71
N LEU K 84 4.34 -20.19 -11.24
CA LEU K 84 4.20 -20.60 -12.64
C LEU K 84 4.00 -19.43 -13.59
N LYS K 85 4.02 -18.19 -13.09
CA LYS K 85 3.78 -17.04 -13.95
C LYS K 85 4.83 -16.88 -15.06
N PRO K 86 6.14 -16.94 -14.81
CA PRO K 86 7.10 -16.52 -15.83
C PRO K 86 7.60 -17.59 -16.79
N CYS K 87 7.36 -18.87 -16.55
CA CYS K 87 8.05 -19.88 -17.33
C CYS K 87 7.14 -20.46 -18.41
N VAL K 88 7.62 -21.50 -19.10
CA VAL K 88 7.27 -21.76 -20.49
C VAL K 88 5.80 -22.15 -20.63
N LYS K 89 5.16 -21.63 -21.66
CA LYS K 89 3.84 -22.06 -22.09
C LYS K 89 3.98 -23.10 -23.20
N LEU K 90 3.09 -24.09 -23.17
CA LEU K 90 3.17 -25.24 -24.06
C LEU K 90 2.00 -25.28 -25.03
N THR K 91 1.65 -24.12 -25.58
CA THR K 91 0.58 -24.08 -26.58
C THR K 91 0.93 -24.79 -27.90
N PRO K 92 2.19 -24.90 -28.33
CA PRO K 92 2.44 -25.69 -29.56
C PRO K 92 2.24 -27.18 -29.39
N LEU K 93 2.17 -27.69 -28.15
CA LEU K 93 2.09 -29.13 -27.96
C LEU K 93 0.76 -29.72 -28.40
N CYS K 94 -0.28 -28.90 -28.57
CA CYS K 94 -1.56 -29.39 -29.06
C CYS K 94 -1.45 -29.66 -30.57
N VAL K 95 -0.78 -30.78 -30.87
CA VAL K 95 -0.56 -31.24 -32.22
C VAL K 95 -0.89 -32.73 -32.25
N THR K 96 -1.49 -33.16 -33.36
CA THR K 96 -1.90 -34.54 -33.49
C THR K 96 -0.69 -35.46 -33.46
N LEU K 97 -0.64 -36.36 -32.49
CA LEU K 97 0.50 -37.23 -32.25
C LEU K 97 0.30 -38.57 -32.94
N ASN K 98 1.39 -39.12 -33.49
CA ASN K 98 1.41 -40.45 -34.08
C ASN K 98 2.12 -41.36 -33.07
N CYS K 99 1.35 -42.09 -32.29
CA CYS K 99 1.90 -42.86 -31.17
C CYS K 99 1.83 -44.35 -31.47
N THR K 100 2.96 -45.03 -31.26
CA THR K 100 3.07 -46.47 -31.41
C THR K 100 3.63 -47.06 -30.11
N LYS K 101 3.77 -48.37 -30.09
CA LYS K 101 4.32 -49.08 -28.94
C LYS K 101 5.80 -48.78 -28.80
N ALA K 102 6.23 -48.55 -27.57
CA ALA K 102 7.63 -48.24 -27.30
C ALA K 102 8.49 -49.47 -27.48
N ASN K 103 9.79 -49.24 -27.71
CA ASN K 103 10.78 -50.31 -27.83
C ASN K 103 11.77 -50.16 -26.68
N LEU K 104 11.55 -50.93 -25.62
CA LEU K 104 12.40 -50.91 -24.44
C LEU K 104 13.31 -52.13 -24.36
N THR K 105 13.48 -52.83 -25.48
CA THR K 105 14.32 -54.03 -25.48
C THR K 105 15.77 -53.70 -25.17
N HIS K 106 16.26 -52.58 -25.69
CA HIS K 106 17.64 -52.18 -25.45
C HIS K 106 17.84 -51.78 -23.99
N ILE K 124 4.97 -54.90 -9.26
CA ILE K 124 5.73 -55.96 -9.91
C ILE K 124 5.27 -56.11 -11.36
N GLY K 125 6.06 -55.57 -12.28
CA GLY K 125 5.73 -55.58 -13.68
C GLY K 125 6.40 -54.44 -14.39
N ASN K 126 6.50 -54.58 -15.70
CA ASN K 126 7.23 -53.61 -16.52
C ASN K 126 6.28 -52.56 -17.09
N ILE K 127 6.86 -51.47 -17.58
CA ILE K 127 6.11 -50.30 -18.00
C ILE K 127 5.92 -50.25 -19.52
N THR K 128 6.07 -51.38 -20.20
CA THR K 128 5.91 -51.37 -21.65
C THR K 128 4.47 -51.13 -22.08
N ASP K 129 3.50 -51.36 -21.21
CA ASP K 129 2.10 -51.14 -21.53
C ASP K 129 1.61 -49.75 -21.11
N GLU K 130 2.47 -48.93 -20.52
CA GLU K 130 2.09 -47.59 -20.09
C GLU K 130 2.79 -46.48 -20.83
N VAL K 131 3.91 -46.75 -21.48
CA VAL K 131 4.69 -45.74 -22.19
C VAL K 131 4.49 -45.94 -23.68
N LYS K 132 4.19 -44.84 -24.38
CA LYS K 132 3.97 -44.86 -25.81
C LYS K 132 4.93 -43.89 -26.49
N ASN K 133 5.46 -44.32 -27.64
CA ASN K 133 6.44 -43.56 -28.41
C ASN K 133 5.68 -42.75 -29.45
N CYS K 134 5.66 -41.44 -29.29
CA CYS K 134 4.85 -40.55 -30.12
C CYS K 134 5.75 -39.65 -30.96
N THR K 135 5.53 -39.65 -32.26
CA THR K 135 6.20 -38.76 -33.20
C THR K 135 5.24 -37.67 -33.63
N PHE K 136 5.74 -36.45 -33.72
CA PHE K 136 4.93 -35.30 -34.11
C PHE K 136 5.81 -34.23 -34.72
N ASN K 137 5.17 -33.14 -35.15
CA ASN K 137 5.85 -31.98 -35.69
C ASN K 137 5.77 -30.83 -34.68
N MET K 138 6.83 -30.05 -34.60
CA MET K 138 6.86 -28.92 -33.68
C MET K 138 7.49 -27.72 -34.35
N THR K 139 7.12 -26.55 -33.85
CA THR K 139 7.64 -25.30 -34.38
C THR K 139 9.03 -25.04 -33.84
N THR K 140 9.94 -24.65 -34.73
CA THR K 140 11.29 -24.25 -34.37
C THR K 140 11.26 -22.76 -34.03
N GLU K 141 12.41 -22.21 -33.67
CA GLU K 141 12.49 -20.78 -33.37
C GLU K 141 12.28 -19.91 -34.61
N ILE K 142 12.30 -20.50 -35.80
CA ILE K 142 11.91 -19.82 -37.04
C ILE K 142 10.55 -20.34 -37.44
N ARG K 143 9.62 -19.44 -37.76
CA ARG K 143 8.26 -19.85 -38.04
C ARG K 143 8.13 -20.61 -39.36
N ASP K 144 9.12 -20.53 -40.24
CA ASP K 144 8.97 -21.11 -41.56
C ASP K 144 9.35 -22.58 -41.62
N LYS K 145 10.07 -23.11 -40.63
CA LYS K 145 10.50 -24.50 -40.65
C LYS K 145 9.94 -25.24 -39.45
N GLN K 146 9.55 -26.50 -39.67
CA GLN K 146 9.05 -27.36 -38.63
C GLN K 146 9.99 -28.55 -38.46
N GLN K 147 10.07 -29.07 -37.24
CA GLN K 147 10.96 -30.18 -36.92
C GLN K 147 10.15 -31.38 -36.48
N LYS K 148 10.51 -32.56 -36.99
CA LYS K 148 9.83 -33.79 -36.65
C LYS K 148 10.57 -34.45 -35.49
N VAL K 149 9.90 -34.55 -34.34
CA VAL K 149 10.51 -35.03 -33.11
C VAL K 149 9.67 -36.14 -32.52
N HIS K 150 10.20 -36.76 -31.48
CA HIS K 150 9.54 -37.87 -30.80
C HIS K 150 9.68 -37.71 -29.29
N ALA K 151 8.74 -38.31 -28.56
CA ALA K 151 8.75 -38.27 -27.11
C ALA K 151 8.06 -39.51 -26.57
N LEU K 152 8.40 -39.87 -25.34
CA LEU K 152 7.76 -40.98 -24.65
C LEU K 152 6.73 -40.43 -23.66
N PHE K 153 5.46 -40.73 -23.90
CA PHE K 153 4.39 -40.21 -23.05
C PHE K 153 3.68 -41.36 -22.35
N TYR K 154 3.21 -41.09 -21.14
CA TYR K 154 2.43 -42.07 -20.40
C TYR K 154 1.01 -42.10 -20.93
N ALA K 155 0.43 -43.31 -20.96
CA ALA K 155 -0.89 -43.49 -21.57
C ALA K 155 -1.99 -42.72 -20.84
N LEU K 156 -1.78 -42.37 -19.57
CA LEU K 156 -2.78 -41.60 -18.85
C LEU K 156 -2.83 -40.15 -19.30
N ASP K 157 -1.82 -39.68 -20.01
CA ASP K 157 -1.75 -38.30 -20.47
C ASP K 157 -2.13 -38.15 -21.94
N ILE K 158 -2.71 -39.18 -22.54
CA ILE K 158 -3.01 -39.18 -23.98
C ILE K 158 -4.44 -39.67 -24.18
N VAL K 159 -5.12 -39.07 -25.17
CA VAL K 159 -6.46 -39.45 -25.58
C VAL K 159 -6.42 -39.89 -27.02
N GLN K 160 -7.17 -40.95 -27.35
CA GLN K 160 -7.23 -41.46 -28.70
C GLN K 160 -8.35 -40.77 -29.47
N MET K 161 -8.04 -40.32 -30.69
CA MET K 161 -8.98 -39.54 -31.48
C MET K 161 -9.95 -40.40 -32.29
N LYS K 162 -9.52 -41.55 -32.79
CA LYS K 162 -10.35 -42.44 -33.58
C LYS K 162 -10.37 -43.83 -32.96
N GLU K 163 -11.50 -44.51 -33.09
CA GLU K 163 -11.73 -45.75 -32.35
C GLU K 163 -10.65 -46.79 -32.62
N ASN K 164 -10.18 -46.89 -33.85
CA ASN K 164 -9.12 -47.84 -34.21
C ASN K 164 -8.12 -47.10 -35.08
N GLY K 165 -7.10 -46.53 -34.46
CA GLY K 165 -6.11 -45.78 -35.21
C GLY K 165 -4.96 -45.37 -34.30
N SER K 166 -3.94 -44.78 -34.94
CA SER K 166 -2.75 -44.33 -34.25
C SER K 166 -2.76 -42.84 -34.01
N GLU K 167 -3.94 -42.21 -34.00
CA GLU K 167 -4.04 -40.76 -33.92
C GLU K 167 -4.33 -40.39 -32.47
N TYR K 168 -3.45 -39.60 -31.87
CA TYR K 168 -3.49 -39.35 -30.44
C TYR K 168 -3.30 -37.86 -30.18
N ARG K 169 -3.82 -37.41 -29.03
CA ARG K 169 -3.66 -36.03 -28.61
C ARG K 169 -3.45 -35.98 -27.11
N LEU K 170 -3.13 -34.80 -26.60
CA LEU K 170 -2.92 -34.64 -25.17
C LEU K 170 -4.25 -34.53 -24.43
N ILE K 171 -4.21 -34.83 -23.13
CA ILE K 171 -5.41 -34.86 -22.31
C ILE K 171 -6.01 -33.47 -22.15
N SER K 172 -5.17 -32.43 -22.07
CA SER K 172 -5.61 -31.10 -21.70
C SER K 172 -5.91 -30.19 -22.88
N CYS K 173 -5.76 -30.68 -24.12
CA CYS K 173 -5.91 -29.81 -25.27
C CYS K 173 -7.35 -29.32 -25.47
N ASN K 174 -8.33 -30.03 -24.94
CA ASN K 174 -9.72 -29.61 -25.05
C ASN K 174 -10.22 -28.89 -23.80
N THR K 175 -9.36 -28.66 -22.82
CA THR K 175 -9.77 -28.05 -21.56
C THR K 175 -9.06 -26.74 -21.27
N SER K 176 -7.73 -26.70 -21.38
CA SER K 176 -6.98 -25.52 -20.99
C SER K 176 -5.62 -25.54 -21.67
N VAL K 177 -4.80 -24.54 -21.37
CA VAL K 177 -3.45 -24.44 -21.88
C VAL K 177 -2.49 -24.71 -20.73
N ILE K 178 -1.48 -25.52 -20.99
CA ILE K 178 -0.58 -26.00 -19.95
C ILE K 178 0.70 -25.18 -19.96
N LYS K 179 1.32 -25.07 -18.79
CA LYS K 179 2.57 -24.36 -18.61
C LYS K 179 3.57 -25.29 -17.95
N GLN K 180 4.79 -25.34 -18.49
CA GLN K 180 5.79 -26.27 -18.00
C GLN K 180 6.23 -25.88 -16.59
N ALA K 181 6.32 -26.88 -15.71
CA ALA K 181 6.88 -26.65 -14.38
C ALA K 181 8.33 -26.22 -14.54
N CYS K 182 8.61 -24.99 -14.14
CA CYS K 182 9.88 -24.37 -14.48
C CYS K 182 11.01 -25.07 -13.74
N PRO K 183 12.16 -25.25 -14.38
CA PRO K 183 13.21 -26.12 -13.79
C PRO K 183 13.66 -25.71 -12.41
N LYS K 184 13.64 -24.42 -12.09
CA LYS K 184 14.14 -23.94 -10.79
C LYS K 184 13.12 -24.07 -9.68
N ILE K 185 11.89 -24.48 -9.97
CA ILE K 185 10.85 -24.61 -8.95
C ILE K 185 11.13 -25.84 -8.10
N SER K 186 11.12 -25.67 -6.79
CA SER K 186 11.28 -26.77 -5.85
C SER K 186 9.91 -27.21 -5.35
N PHE K 187 9.64 -28.51 -5.41
CA PHE K 187 8.33 -29.04 -5.08
C PHE K 187 8.22 -29.49 -3.63
N ASP K 188 9.30 -29.39 -2.85
CA ASP K 188 9.16 -29.82 -1.47
C ASP K 188 8.42 -28.76 -0.65
N PRO K 189 7.64 -29.17 0.35
CA PRO K 189 6.97 -28.20 1.22
C PRO K 189 7.95 -27.53 2.17
N ILE K 190 7.62 -26.31 2.56
CA ILE K 190 8.35 -25.55 3.57
C ILE K 190 7.37 -25.20 4.67
N PRO K 191 7.73 -25.37 5.94
CA PRO K 191 6.80 -25.02 7.02
C PRO K 191 6.40 -23.56 6.97
N ILE K 192 5.13 -23.30 7.25
CA ILE K 192 4.56 -21.96 7.22
C ILE K 192 3.96 -21.67 8.59
N HIS K 193 4.34 -20.54 9.17
CA HIS K 193 3.76 -20.08 10.42
C HIS K 193 2.81 -18.93 10.14
N TYR K 194 1.71 -18.87 10.87
CA TYR K 194 0.74 -17.80 10.74
C TYR K 194 0.77 -16.95 12.00
N CYS K 195 1.05 -15.67 11.84
CA CYS K 195 1.26 -14.75 12.95
C CYS K 195 0.20 -13.67 12.95
N ALA K 196 -0.50 -13.50 14.07
CA ALA K 196 -1.55 -12.51 14.16
C ALA K 196 -0.94 -11.11 14.27
N PRO K 197 -1.49 -10.12 13.58
CA PRO K 197 -0.96 -8.75 13.68
C PRO K 197 -1.24 -8.16 15.05
N ALA K 198 -0.74 -6.94 15.24
CA ALA K 198 -0.92 -6.25 16.50
C ALA K 198 -2.39 -5.97 16.75
N GLY K 199 -2.82 -6.14 17.99
CA GLY K 199 -4.21 -6.04 18.34
C GLY K 199 -4.98 -7.34 18.26
N TYR K 200 -4.34 -8.44 17.87
CA TYR K 200 -4.97 -9.75 17.80
C TYR K 200 -4.09 -10.76 18.52
N ALA K 201 -4.63 -11.97 18.70
CA ALA K 201 -3.89 -13.05 19.33
C ALA K 201 -4.40 -14.38 18.80
N ILE K 202 -3.59 -15.43 18.94
CA ILE K 202 -3.98 -16.77 18.55
C ILE K 202 -4.10 -17.60 19.81
N LEU K 203 -5.32 -18.02 20.14
CA LEU K 203 -5.55 -18.93 21.24
C LEU K 203 -5.38 -20.36 20.75
N LYS K 204 -4.77 -21.19 21.59
CA LYS K 204 -4.43 -22.57 21.28
C LYS K 204 -5.03 -23.47 22.35
N CYS K 205 -5.74 -24.50 21.92
CA CYS K 205 -6.35 -25.45 22.83
C CYS K 205 -5.37 -26.60 23.08
N ASN K 206 -5.04 -26.83 24.34
CA ASN K 206 -4.06 -27.84 24.71
C ASN K 206 -4.70 -29.12 25.25
N ASP K 207 -6.02 -29.26 25.14
CA ASP K 207 -6.66 -30.49 25.56
C ASP K 207 -6.16 -31.63 24.71
N LYS K 208 -5.70 -32.70 25.36
CA LYS K 208 -4.97 -33.75 24.66
C LYS K 208 -5.90 -34.69 23.90
N LYS K 209 -7.19 -34.70 24.22
CA LYS K 209 -8.19 -35.51 23.52
C LYS K 209 -9.24 -34.62 22.85
N PHE K 210 -8.79 -33.55 22.20
CA PHE K 210 -9.70 -32.60 21.58
C PHE K 210 -10.18 -33.11 20.24
N ASN K 211 -11.47 -32.92 19.96
CA ASN K 211 -12.09 -33.35 18.71
C ASN K 211 -12.60 -32.19 17.87
N GLY K 212 -12.10 -30.98 18.12
CA GLY K 212 -12.31 -29.86 17.24
C GLY K 212 -13.50 -28.98 17.56
N THR K 213 -14.46 -29.47 18.33
CA THR K 213 -15.63 -28.70 18.70
C THR K 213 -15.90 -28.82 20.19
N GLY K 214 -16.17 -27.69 20.83
CA GLY K 214 -16.58 -27.69 22.21
C GLY K 214 -15.71 -26.83 23.11
N PRO K 215 -15.92 -26.94 24.41
CA PRO K 215 -15.11 -26.17 25.36
C PRO K 215 -13.71 -26.73 25.49
N CYS K 216 -12.77 -25.83 25.81
CA CYS K 216 -11.39 -26.16 26.12
C CYS K 216 -11.06 -25.51 27.45
N LYS K 217 -10.57 -26.32 28.39
CA LYS K 217 -10.30 -25.85 29.74
C LYS K 217 -8.84 -25.50 29.98
N ASN K 218 -7.95 -25.89 29.06
CA ASN K 218 -6.52 -25.60 29.18
C ASN K 218 -6.10 -24.88 27.90
N VAL K 219 -6.10 -23.55 27.95
CA VAL K 219 -5.82 -22.76 26.77
C VAL K 219 -4.55 -21.94 26.99
N SER K 220 -3.85 -21.71 25.88
CA SER K 220 -2.67 -20.87 25.87
C SER K 220 -2.83 -19.82 24.77
N THR K 221 -1.99 -18.81 24.82
CA THR K 221 -1.98 -17.76 23.82
C THR K 221 -0.61 -17.67 23.17
N VAL K 222 -0.61 -17.43 21.87
CA VAL K 222 0.59 -17.34 21.05
C VAL K 222 0.40 -16.23 20.02
N GLN K 223 1.51 -15.90 19.36
CA GLN K 223 1.54 -14.99 18.24
C GLN K 223 1.63 -15.73 16.91
N CYS K 224 2.47 -16.75 16.82
CA CYS K 224 2.67 -17.51 15.59
C CYS K 224 2.37 -18.99 15.85
N THR K 225 1.62 -19.60 14.93
CA THR K 225 1.33 -21.02 15.03
C THR K 225 2.59 -21.83 14.74
N HIS K 226 2.52 -23.12 15.05
CA HIS K 226 3.62 -24.02 14.75
C HIS K 226 3.71 -24.24 13.25
N GLY K 227 4.91 -24.62 12.80
CA GLY K 227 5.15 -24.81 11.38
C GLY K 227 4.26 -25.85 10.74
N ILE K 228 3.58 -25.47 9.65
CA ILE K 228 2.67 -26.36 8.94
C ILE K 228 3.18 -26.50 7.51
N LYS K 229 3.35 -27.74 7.07
CA LYS K 229 3.83 -28.01 5.73
C LYS K 229 2.65 -28.20 4.78
N PRO K 230 2.55 -27.44 3.70
CA PRO K 230 1.43 -27.63 2.77
C PRO K 230 1.59 -28.87 1.91
N VAL K 231 1.58 -30.04 2.55
CA VAL K 231 1.70 -31.30 1.83
C VAL K 231 0.36 -31.65 1.20
N VAL K 232 0.39 -32.05 -0.06
CA VAL K 232 -0.81 -32.42 -0.80
C VAL K 232 -0.88 -33.94 -0.90
N SER K 233 -2.03 -34.49 -0.52
CA SER K 233 -2.30 -35.92 -0.61
C SER K 233 -3.81 -36.10 -0.66
N THR K 234 -4.23 -37.30 -1.06
CA THR K 234 -5.65 -37.57 -1.26
C THR K 234 -6.25 -38.48 -0.19
N GLN K 235 -5.69 -39.66 0.01
CA GLN K 235 -6.30 -40.65 0.90
C GLN K 235 -5.61 -40.75 2.25
N LEU K 236 -4.29 -40.65 2.28
CA LEU K 236 -3.52 -40.76 3.51
C LEU K 236 -2.75 -39.46 3.73
N LEU K 237 -2.90 -38.88 4.91
CA LEU K 237 -2.21 -37.65 5.26
C LEU K 237 -0.76 -37.96 5.62
N LEU K 238 0.16 -37.19 5.06
CA LEU K 238 1.58 -37.50 5.09
C LEU K 238 2.36 -36.39 5.77
N ASN K 239 3.42 -36.80 6.48
CA ASN K 239 4.39 -35.87 7.06
C ASN K 239 3.72 -34.85 7.97
N GLY K 240 2.73 -35.28 8.74
CA GLY K 240 2.01 -34.42 9.64
C GLY K 240 2.36 -34.66 11.09
N SER K 241 1.64 -33.97 11.96
CA SER K 241 1.81 -34.12 13.39
C SER K 241 1.02 -35.32 13.89
N LEU K 242 1.37 -35.78 15.10
CA LEU K 242 0.74 -36.93 15.71
C LEU K 242 -0.08 -36.51 16.92
N ALA K 243 -1.19 -37.20 17.12
CA ALA K 243 -1.99 -37.00 18.32
C ALA K 243 -1.20 -37.41 19.56
N GLU K 244 -1.41 -36.66 20.64
CA GLU K 244 -0.60 -36.86 21.83
C GLU K 244 -0.98 -38.13 22.59
N GLU K 245 -2.28 -38.41 22.73
CA GLU K 245 -2.74 -39.49 23.59
C GLU K 245 -3.30 -40.67 22.81
N GLU K 246 -4.32 -40.46 21.98
CA GLU K 246 -5.00 -41.55 21.30
C GLU K 246 -5.48 -41.08 19.94
N ILE K 247 -6.04 -42.01 19.17
CA ILE K 247 -6.53 -41.71 17.84
C ILE K 247 -7.77 -40.82 17.95
N ILE K 248 -7.86 -39.82 17.09
CA ILE K 248 -8.97 -38.86 17.12
C ILE K 248 -9.78 -39.00 15.83
N ILE K 249 -11.09 -39.12 15.99
CA ILE K 249 -12.03 -39.15 14.87
C ILE K 249 -12.71 -37.80 14.79
N ARG K 250 -12.65 -37.15 13.64
CA ARG K 250 -13.18 -35.82 13.45
C ARG K 250 -14.10 -35.79 12.24
N SER K 251 -15.24 -35.12 12.38
CA SER K 251 -16.14 -34.94 11.26
C SER K 251 -17.08 -33.78 11.56
N GLU K 252 -17.48 -33.07 10.50
CA GLU K 252 -18.45 -32.00 10.67
C GLU K 252 -19.77 -32.53 11.18
N ASN K 253 -20.21 -33.68 10.66
CA ASN K 253 -21.51 -34.24 11.01
C ASN K 253 -21.43 -35.74 10.79
N LEU K 254 -21.37 -36.51 11.88
CA LEU K 254 -21.24 -37.95 11.75
C LEU K 254 -22.46 -38.56 11.08
N THR K 255 -23.66 -38.09 11.42
CA THR K 255 -24.89 -38.65 10.86
C THR K 255 -25.02 -38.40 9.37
N ASN K 256 -24.31 -37.44 8.81
CA ASN K 256 -24.36 -37.14 7.39
C ASN K 256 -23.28 -37.95 6.69
N ASN K 257 -23.70 -38.89 5.84
CA ASN K 257 -22.77 -39.75 5.14
C ASN K 257 -21.95 -39.02 4.09
N ALA K 258 -22.32 -37.79 3.73
CA ALA K 258 -21.58 -37.03 2.75
C ALA K 258 -20.42 -36.25 3.35
N LYS K 259 -20.23 -36.30 4.66
CA LYS K 259 -19.16 -35.57 5.34
C LYS K 259 -17.99 -36.51 5.57
N ASN K 260 -16.81 -36.08 5.14
CA ASN K 260 -15.60 -36.89 5.28
C ASN K 260 -15.20 -37.02 6.74
N ILE K 261 -14.54 -38.13 7.05
CA ILE K 261 -14.06 -38.41 8.40
C ILE K 261 -12.54 -38.34 8.39
N ILE K 262 -11.97 -37.52 9.26
CA ILE K 262 -10.53 -37.40 9.43
C ILE K 262 -10.13 -38.24 10.63
N VAL K 263 -9.21 -39.17 10.43
CA VAL K 263 -8.70 -40.03 11.47
C VAL K 263 -7.25 -39.64 11.70
N HIS K 264 -6.97 -39.12 12.89
CA HIS K 264 -5.64 -38.66 13.27
C HIS K 264 -5.02 -39.71 14.18
N LEU K 265 -3.87 -40.22 13.77
CA LEU K 265 -3.18 -41.31 14.46
C LEU K 265 -2.15 -40.76 15.45
N ASN K 266 -1.82 -41.58 16.44
CA ASN K 266 -0.75 -41.26 17.38
C ASN K 266 0.54 -42.02 17.10
N LYS K 267 0.57 -42.83 16.05
CA LYS K 267 1.78 -43.55 15.67
C LYS K 267 1.82 -43.62 14.15
N SER K 268 2.79 -42.93 13.55
CA SER K 268 2.92 -42.86 12.11
C SER K 268 3.41 -44.18 11.54
N VAL K 269 3.02 -44.44 10.29
CA VAL K 269 3.42 -45.66 9.58
C VAL K 269 4.33 -45.27 8.43
N SER K 270 5.53 -45.83 8.38
CA SER K 270 6.49 -45.44 7.36
C SER K 270 6.14 -46.08 6.04
N ILE K 271 6.11 -45.27 4.97
CA ILE K 271 5.82 -45.73 3.63
C ILE K 271 6.88 -45.19 2.68
N SER K 272 7.45 -46.07 1.86
CA SER K 272 8.57 -45.69 1.00
C SER K 272 8.23 -46.00 -0.45
N CYS K 273 8.21 -44.97 -1.28
CA CYS K 273 7.81 -45.07 -2.67
C CYS K 273 8.97 -44.81 -3.60
N THR K 274 9.09 -45.63 -4.64
CA THR K 274 10.20 -45.53 -5.57
C THR K 274 9.72 -45.76 -7.00
N ARG K 275 10.47 -45.20 -7.94
CA ARG K 275 10.31 -45.47 -9.36
C ARG K 275 11.65 -46.00 -9.88
N PRO K 276 11.75 -47.28 -10.23
CA PRO K 276 13.06 -47.86 -10.56
C PRO K 276 13.54 -47.55 -11.97
N SER K 277 12.73 -46.91 -12.80
CA SER K 277 13.09 -46.63 -14.18
C SER K 277 14.06 -45.46 -14.27
N ASN K 278 15.03 -45.56 -15.17
CA ASN K 278 16.02 -44.52 -15.39
C ASN K 278 15.62 -43.72 -16.63
N ASN K 279 15.10 -42.51 -16.42
CA ASN K 279 14.66 -41.66 -17.52
C ASN K 279 15.80 -40.82 -18.06
N THR K 280 15.60 -40.30 -19.26
CA THR K 280 16.53 -39.38 -19.89
C THR K 280 15.80 -38.06 -20.13
N ARG K 281 16.28 -37.00 -19.51
CA ARG K 281 15.70 -35.67 -19.66
C ARG K 281 16.37 -34.99 -20.85
N THR K 282 15.68 -34.95 -21.98
CA THR K 282 16.22 -34.37 -23.20
C THR K 282 15.37 -33.17 -23.58
N SER K 283 16.03 -32.13 -24.11
CA SER K 283 15.40 -30.85 -24.35
C SER K 283 15.23 -30.57 -25.84
N ILE K 284 14.11 -29.95 -26.20
CA ILE K 284 13.81 -29.51 -27.55
C ILE K 284 13.54 -28.01 -27.50
N ARG K 285 14.19 -27.27 -28.39
CA ARG K 285 13.97 -25.82 -28.47
C ARG K 285 12.74 -25.58 -29.33
N ILE K 286 11.67 -25.09 -28.72
CA ILE K 286 10.37 -24.97 -29.38
C ILE K 286 10.03 -23.53 -29.69
N GLY K 287 10.94 -22.59 -29.44
CA GLY K 287 10.69 -21.21 -29.70
C GLY K 287 11.88 -20.34 -29.35
N PRO K 288 11.73 -19.02 -29.48
CA PRO K 288 12.82 -18.11 -29.16
C PRO K 288 13.09 -18.03 -27.67
N GLY K 289 13.82 -19.01 -27.14
CA GLY K 289 14.12 -19.07 -25.73
C GLY K 289 13.23 -19.98 -24.92
N GLN K 290 12.31 -20.68 -25.56
CA GLN K 290 11.41 -21.61 -24.88
C GLN K 290 11.93 -23.02 -25.08
N MET K 291 12.15 -23.74 -23.99
CA MET K 291 12.77 -25.05 -24.01
C MET K 291 11.80 -26.05 -23.39
N PHE K 292 11.59 -27.18 -24.06
CA PHE K 292 10.64 -28.19 -23.64
C PHE K 292 11.39 -29.46 -23.29
N TYR K 293 11.23 -29.93 -22.06
CA TYR K 293 11.93 -31.10 -21.57
C TYR K 293 11.04 -32.33 -21.65
N ARG K 294 11.61 -33.46 -22.03
CA ARG K 294 10.85 -34.67 -22.29
C ARG K 294 11.70 -35.88 -21.96
N THR K 295 11.10 -37.05 -22.06
CA THR K 295 11.76 -38.33 -21.81
C THR K 295 12.21 -38.91 -23.15
N GLY K 296 13.53 -39.03 -23.32
CA GLY K 296 14.06 -39.59 -24.55
C GLY K 296 13.86 -41.09 -24.64
N ASP K 297 14.40 -41.83 -23.67
CA ASP K 297 14.27 -43.28 -23.66
C ASP K 297 14.38 -43.76 -22.22
N ILE K 298 13.90 -44.98 -22.00
CA ILE K 298 13.97 -45.62 -20.68
C ILE K 298 15.25 -46.43 -20.66
N ILE K 299 16.23 -45.97 -19.89
CA ILE K 299 17.59 -46.49 -19.99
C ILE K 299 17.64 -47.96 -19.56
N GLY K 300 17.00 -48.29 -18.44
CA GLY K 300 17.03 -49.66 -17.96
C GLY K 300 16.15 -49.81 -16.75
N ASP K 301 16.15 -51.04 -16.22
CA ASP K 301 15.39 -51.40 -15.03
C ASP K 301 13.90 -51.13 -15.25
N ILE K 302 13.32 -51.90 -16.16
CA ILE K 302 11.94 -51.70 -16.59
C ILE K 302 10.99 -52.32 -15.57
N ARG K 303 10.56 -51.54 -14.59
CA ARG K 303 9.59 -52.00 -13.61
C ARG K 303 8.68 -50.84 -13.21
N LYS K 304 7.45 -51.18 -12.85
CA LYS K 304 6.49 -50.19 -12.42
C LYS K 304 6.91 -49.57 -11.09
N ALA K 305 6.53 -48.32 -10.88
CA ALA K 305 6.77 -47.67 -9.61
C ALA K 305 5.93 -48.31 -8.52
N TYR K 306 6.47 -48.35 -7.31
CA TYR K 306 5.74 -49.03 -6.24
C TYR K 306 6.04 -48.37 -4.89
N CYS K 307 5.10 -48.57 -3.97
CA CYS K 307 5.24 -48.12 -2.59
C CYS K 307 5.28 -49.33 -1.66
N GLU K 308 6.25 -49.35 -0.77
CA GLU K 308 6.45 -50.42 0.20
C GLU K 308 6.00 -49.95 1.57
N LEU K 309 5.33 -50.85 2.29
CA LEU K 309 4.76 -50.58 3.60
C LEU K 309 4.88 -51.84 4.44
N ASN K 310 4.89 -51.68 5.76
CA ASN K 310 4.99 -52.81 6.65
C ASN K 310 3.61 -53.35 7.00
N GLY K 311 3.40 -54.64 6.76
CA GLY K 311 2.07 -55.22 6.95
C GLY K 311 1.63 -55.24 8.40
N THR K 312 2.54 -55.58 9.32
CA THR K 312 2.15 -55.70 10.72
C THR K 312 1.79 -54.35 11.33
N GLU K 313 2.57 -53.31 11.01
CA GLU K 313 2.26 -51.98 11.52
C GLU K 313 0.91 -51.51 11.00
N TRP K 314 0.62 -51.76 9.72
CA TRP K 314 -0.67 -51.36 9.17
C TRP K 314 -1.80 -52.16 9.80
N ASN K 315 -1.57 -53.44 10.08
CA ASN K 315 -2.58 -54.25 10.77
C ASN K 315 -2.89 -53.67 12.15
N GLU K 316 -1.85 -53.31 12.89
CA GLU K 316 -2.06 -52.73 14.23
C GLU K 316 -2.79 -51.39 14.13
N THR K 317 -2.39 -50.54 13.18
CA THR K 317 -3.03 -49.24 13.02
C THR K 317 -4.50 -49.39 12.66
N LEU K 318 -4.81 -50.31 11.74
CA LEU K 318 -6.19 -50.54 11.35
C LEU K 318 -7.01 -51.09 12.50
N ASN K 319 -6.42 -51.98 13.30
CA ASN K 319 -7.11 -52.50 14.48
C ASN K 319 -7.45 -51.38 15.46
N LYS K 320 -6.49 -50.50 15.71
CA LYS K 320 -6.73 -49.39 16.63
C LYS K 320 -7.80 -48.45 16.09
N VAL K 321 -7.76 -48.16 14.79
CA VAL K 321 -8.77 -47.28 14.20
C VAL K 321 -10.15 -47.91 14.32
N THR K 322 -10.25 -49.22 14.05
CA THR K 322 -11.54 -49.89 14.17
C THR K 322 -12.05 -49.84 15.60
N GLU K 323 -11.18 -50.08 16.58
CA GLU K 323 -11.60 -50.04 17.97
C GLU K 323 -12.07 -48.64 18.37
N LYS K 324 -11.36 -47.60 17.91
CA LYS K 324 -11.78 -46.24 18.22
C LYS K 324 -13.11 -45.90 17.56
N LEU K 325 -13.31 -46.34 16.31
CA LEU K 325 -14.56 -46.05 15.62
C LEU K 325 -15.73 -46.83 16.18
N LYS K 326 -15.48 -47.93 16.89
CA LYS K 326 -16.56 -48.63 17.57
C LYS K 326 -17.28 -47.74 18.58
N GLU K 327 -16.62 -46.68 19.06
CA GLU K 327 -17.22 -45.81 20.05
C GLU K 327 -18.34 -44.94 19.47
N HIS K 328 -18.32 -44.70 18.16
CA HIS K 328 -19.30 -43.82 17.53
C HIS K 328 -20.36 -44.54 16.74
N PHE K 329 -20.03 -45.67 16.13
CA PHE K 329 -21.00 -46.47 15.37
C PHE K 329 -21.16 -47.81 16.07
N ASN K 330 -22.41 -48.18 16.36
CA ASN K 330 -22.70 -49.41 17.07
C ASN K 330 -22.96 -50.57 16.12
N LYS K 331 -22.04 -50.78 15.18
CA LYS K 331 -22.14 -51.85 14.20
C LYS K 331 -20.75 -52.36 13.87
N THR K 332 -20.69 -53.54 13.28
CA THR K 332 -19.43 -54.08 12.78
C THR K 332 -18.86 -53.15 11.72
N ILE K 333 -17.54 -52.94 11.78
CA ILE K 333 -16.86 -51.96 10.94
C ILE K 333 -15.97 -52.70 9.95
N VAL K 334 -16.17 -52.44 8.66
CA VAL K 334 -15.37 -53.05 7.60
C VAL K 334 -14.86 -51.94 6.69
N PHE K 335 -13.78 -52.26 5.99
CA PHE K 335 -13.15 -51.33 5.04
C PHE K 335 -13.24 -51.91 3.64
N GLN K 336 -13.62 -51.06 2.69
CA GLN K 336 -13.73 -51.46 1.30
C GLN K 336 -13.05 -50.42 0.41
N PRO K 337 -12.57 -50.83 -0.76
CA PRO K 337 -11.92 -49.88 -1.67
C PRO K 337 -12.93 -48.86 -2.19
N PRO K 338 -12.45 -47.76 -2.78
CA PRO K 338 -13.38 -46.75 -3.29
C PRO K 338 -14.33 -47.33 -4.33
N SER K 339 -15.58 -46.85 -4.28
CA SER K 339 -16.63 -47.43 -5.11
C SER K 339 -16.36 -47.24 -6.59
N GLY K 340 -15.92 -46.05 -6.99
CA GLY K 340 -15.66 -45.80 -8.39
C GLY K 340 -15.26 -44.36 -8.61
N GLY K 341 -15.10 -44.01 -9.88
CA GLY K 341 -14.70 -42.69 -10.31
C GLY K 341 -13.53 -42.75 -11.26
N ASP K 342 -12.88 -41.60 -11.44
CA ASP K 342 -11.75 -41.48 -12.34
C ASP K 342 -10.47 -41.83 -11.59
N LEU K 343 -9.32 -41.56 -12.20
CA LEU K 343 -8.04 -41.83 -11.57
C LEU K 343 -7.79 -40.90 -10.39
N GLU K 344 -8.34 -39.68 -10.43
CA GLU K 344 -8.02 -38.69 -9.42
C GLU K 344 -8.73 -38.98 -8.09
N THR K 345 -9.98 -39.40 -8.14
CA THR K 345 -10.79 -39.55 -6.94
C THR K 345 -10.78 -40.97 -6.37
N THR K 346 -10.02 -41.88 -6.96
CA THR K 346 -9.99 -43.26 -6.51
C THR K 346 -8.65 -43.69 -5.92
N MET K 347 -7.54 -43.22 -6.45
CA MET K 347 -6.23 -43.69 -6.04
C MET K 347 -5.47 -42.63 -5.28
N HIS K 348 -4.58 -43.08 -4.40
CA HIS K 348 -3.81 -42.22 -3.50
C HIS K 348 -2.84 -41.39 -4.33
N HIS K 349 -3.14 -40.11 -4.47
CA HIS K 349 -2.29 -39.17 -5.20
C HIS K 349 -1.32 -38.49 -4.25
N PHE K 350 -0.07 -38.40 -4.66
CA PHE K 350 0.91 -37.62 -3.90
C PHE K 350 2.02 -37.18 -4.85
N ASN K 351 2.94 -36.40 -4.31
CA ASN K 351 4.03 -35.82 -5.09
C ASN K 351 5.29 -35.82 -4.25
N CYS K 352 6.40 -36.24 -4.84
CA CYS K 352 7.68 -35.99 -4.20
C CYS K 352 8.81 -36.13 -5.22
N ARG K 353 9.90 -35.42 -4.94
CA ARG K 353 11.01 -35.22 -5.86
C ARG K 353 10.61 -34.45 -7.12
N GLY K 354 9.33 -34.10 -7.23
CA GLY K 354 8.81 -33.55 -8.46
C GLY K 354 8.05 -34.53 -9.31
N GLU K 355 7.96 -35.79 -8.91
CA GLU K 355 7.16 -36.77 -9.61
C GLU K 355 5.80 -36.90 -8.94
N PHE K 356 4.77 -37.13 -9.75
CA PHE K 356 3.38 -37.13 -9.33
C PHE K 356 2.84 -38.55 -9.44
N PHE K 357 2.65 -39.18 -8.29
CA PHE K 357 2.31 -40.59 -8.16
C PHE K 357 0.82 -40.77 -7.90
N TYR K 358 0.24 -41.78 -8.52
CA TYR K 358 -1.10 -42.27 -8.23
C TYR K 358 -0.98 -43.74 -7.88
N CYS K 359 -1.23 -44.08 -6.62
CA CYS K 359 -0.99 -45.42 -6.10
C CYS K 359 -2.31 -46.12 -5.79
N ASN K 360 -2.36 -47.41 -6.09
CA ASN K 360 -3.57 -48.21 -5.96
C ASN K 360 -3.60 -48.81 -4.57
N THR K 361 -4.42 -48.24 -3.69
CA THR K 361 -4.51 -48.67 -2.30
C THR K 361 -5.69 -49.63 -2.11
N THR K 362 -5.60 -50.78 -2.77
CA THR K 362 -6.62 -51.81 -2.65
C THR K 362 -6.17 -52.97 -1.76
N LYS K 363 -4.87 -53.24 -1.68
CA LYS K 363 -4.38 -54.18 -0.68
C LYS K 363 -4.67 -53.68 0.72
N LEU K 364 -4.42 -52.40 0.98
CA LEU K 364 -4.99 -51.75 2.15
C LEU K 364 -6.47 -51.50 1.91
N PHE K 365 -7.20 -51.28 3.00
CA PHE K 365 -8.62 -50.97 2.93
C PHE K 365 -9.41 -52.06 2.19
N ASN K 366 -9.18 -53.30 2.59
CA ASN K 366 -9.92 -54.42 2.01
C ASN K 366 -10.09 -55.49 3.08
N THR K 367 -11.28 -55.54 3.69
CA THR K 367 -11.59 -56.53 4.70
C THR K 367 -13.09 -56.81 4.76
N GLU K 374 -3.22 -61.33 3.68
CA GLU K 374 -2.59 -61.94 4.84
C GLU K 374 -1.89 -60.90 5.70
N PHE K 375 -1.50 -59.79 5.06
CA PHE K 375 -0.86 -58.66 5.73
C PHE K 375 0.44 -59.06 6.42
N ASN K 376 1.12 -60.09 5.90
CA ASN K 376 2.40 -60.51 6.45
C ASN K 376 3.53 -59.82 5.71
N GLY K 377 4.59 -59.48 6.44
CA GLY K 377 5.77 -58.90 5.85
C GLY K 377 5.57 -57.54 5.22
N THR K 378 5.89 -57.43 3.93
CA THR K 378 5.85 -56.16 3.23
C THR K 378 4.69 -56.13 2.23
N ILE K 379 3.92 -55.04 2.29
CA ILE K 379 2.86 -54.77 1.34
C ILE K 379 3.43 -53.87 0.25
N ILE K 380 3.28 -54.29 -1.00
CA ILE K 380 3.76 -53.56 -2.16
C ILE K 380 2.57 -53.10 -2.98
N LEU K 381 2.45 -51.79 -3.17
CA LEU K 381 1.34 -51.20 -3.91
C LEU K 381 1.84 -50.64 -5.23
N PRO K 382 1.24 -51.02 -6.34
CA PRO K 382 1.62 -50.45 -7.64
C PRO K 382 1.22 -48.98 -7.73
N CYS K 383 1.97 -48.24 -8.53
CA CYS K 383 1.70 -46.83 -8.74
C CYS K 383 1.98 -46.48 -10.20
N ARG K 384 1.29 -45.45 -10.67
CA ARG K 384 1.51 -44.90 -12.00
C ARG K 384 1.89 -43.44 -11.87
N ILE K 385 2.67 -42.96 -12.83
CA ILE K 385 3.17 -41.58 -12.82
C ILE K 385 2.37 -40.78 -13.82
N LYS K 386 2.08 -39.53 -13.47
CA LYS K 386 1.46 -38.61 -14.43
C LYS K 386 2.29 -37.35 -14.56
N GLN K 387 2.28 -36.79 -15.76
CA GLN K 387 3.00 -35.55 -16.06
C GLN K 387 2.08 -34.35 -16.18
N ILE K 388 0.96 -34.49 -16.87
CA ILE K 388 -0.04 -33.42 -16.95
C ILE K 388 -0.95 -33.55 -15.74
N VAL K 389 -0.81 -32.62 -14.80
CA VAL K 389 -1.58 -32.66 -13.56
C VAL K 389 -2.32 -31.33 -13.39
N ASN K 390 -3.44 -31.40 -12.69
CA ASN K 390 -4.21 -30.23 -12.28
C ASN K 390 -4.43 -30.28 -10.77
N MET K 391 -3.42 -29.79 -10.03
CA MET K 391 -3.40 -29.99 -8.58
C MET K 391 -4.58 -29.34 -7.89
N TRP K 392 -4.91 -28.11 -8.28
CA TRP K 392 -6.03 -27.38 -7.71
C TRP K 392 -7.09 -27.20 -8.78
N GLN K 393 -8.32 -27.61 -8.46
CA GLN K 393 -9.39 -27.60 -9.44
C GLN K 393 -9.69 -26.18 -9.92
N GLY K 394 -9.43 -25.92 -11.19
CA GLY K 394 -9.64 -24.60 -11.78
C GLY K 394 -8.54 -23.60 -11.52
N VAL K 395 -7.44 -24.00 -10.86
CA VAL K 395 -6.33 -23.12 -10.56
C VAL K 395 -5.11 -23.58 -11.33
N GLY K 396 -4.50 -22.65 -12.06
CA GLY K 396 -3.35 -22.98 -12.88
C GLY K 396 -3.70 -23.77 -14.12
N GLN K 397 -4.99 -24.05 -14.34
CA GLN K 397 -5.48 -24.77 -15.50
C GLN K 397 -4.91 -26.18 -15.52
N ALA K 398 -3.61 -26.30 -15.80
CA ALA K 398 -2.90 -27.57 -15.72
C ALA K 398 -1.41 -27.28 -15.73
N MET K 399 -0.63 -28.23 -15.24
CA MET K 399 0.81 -28.11 -15.18
C MET K 399 1.45 -29.35 -15.79
N TYR K 400 2.51 -29.13 -16.57
CA TYR K 400 3.31 -30.21 -17.13
C TYR K 400 4.56 -30.35 -16.28
N ALA K 401 4.75 -31.52 -15.67
CA ALA K 401 5.89 -31.76 -14.82
C ALA K 401 6.99 -32.42 -15.63
N PRO K 402 8.15 -31.79 -15.80
CA PRO K 402 9.23 -32.43 -16.56
C PRO K 402 9.76 -33.63 -15.81
N PRO K 403 10.31 -34.61 -16.52
CA PRO K 403 10.84 -35.80 -15.84
C PRO K 403 12.15 -35.50 -15.13
N ILE K 404 12.56 -36.46 -14.30
CA ILE K 404 13.80 -36.39 -13.54
C ILE K 404 14.70 -37.52 -13.99
N SER K 405 16.00 -37.23 -14.14
CA SER K 405 16.91 -38.16 -14.80
C SER K 405 17.07 -39.46 -14.01
N GLY K 406 17.37 -39.36 -12.72
CA GLY K 406 17.77 -40.51 -11.94
C GLY K 406 16.59 -41.32 -11.44
N ILE K 407 16.92 -42.33 -10.63
CA ILE K 407 15.92 -43.16 -9.97
C ILE K 407 15.37 -42.39 -8.78
N ILE K 408 14.04 -42.29 -8.70
CA ILE K 408 13.38 -41.56 -7.64
C ILE K 408 13.08 -42.52 -6.49
N ASN K 409 13.48 -42.12 -5.28
CA ASN K 409 13.27 -42.90 -4.07
C ASN K 409 12.91 -41.93 -2.96
N CYS K 410 11.91 -42.28 -2.17
CA CYS K 410 11.23 -41.28 -1.35
C CYS K 410 10.58 -41.97 -0.16
N THR K 411 10.57 -41.30 0.99
CA THR K 411 10.00 -41.86 2.21
C THR K 411 9.07 -40.85 2.87
N SER K 412 8.08 -41.37 3.60
CA SER K 412 7.12 -40.49 4.25
C SER K 412 6.47 -41.22 5.41
N ASN K 413 5.79 -40.46 6.26
CA ASN K 413 5.06 -40.97 7.40
C ASN K 413 3.56 -40.77 7.21
N ILE K 414 2.79 -41.85 7.33
CA ILE K 414 1.35 -41.77 7.36
C ILE K 414 0.94 -41.39 8.77
N THR K 415 0.26 -40.24 8.89
CA THR K 415 -0.20 -39.75 10.18
C THR K 415 -1.71 -39.53 10.23
N GLY K 416 -2.43 -39.85 9.16
CA GLY K 416 -3.87 -39.65 9.14
C GLY K 416 -4.50 -40.32 7.95
N ILE K 417 -5.79 -40.56 8.07
CA ILE K 417 -6.57 -41.21 7.01
C ILE K 417 -7.87 -40.45 6.82
N ILE K 418 -8.26 -40.23 5.57
CA ILE K 418 -9.54 -39.62 5.23
C ILE K 418 -10.47 -40.71 4.72
N LEU K 419 -11.64 -40.83 5.33
CA LEU K 419 -12.59 -41.89 5.02
C LEU K 419 -13.95 -41.30 4.70
N THR K 420 -14.79 -42.12 4.05
CA THR K 420 -16.15 -41.77 3.74
C THR K 420 -17.04 -42.98 4.01
N ARG K 421 -18.20 -42.72 4.63
CA ARG K 421 -19.10 -43.78 5.04
C ARG K 421 -20.21 -43.96 4.01
N ASP K 422 -20.33 -45.16 3.47
CA ASP K 422 -21.35 -45.45 2.47
C ASP K 422 -22.73 -45.36 3.08
N GLY K 423 -23.67 -44.77 2.35
CA GLY K 423 -25.03 -44.64 2.82
C GLY K 423 -25.69 -45.97 3.06
N GLY K 424 -26.13 -46.19 4.30
CA GLY K 424 -26.76 -47.44 4.67
C GLY K 424 -28.24 -47.47 4.32
N ASN K 425 -28.85 -48.62 4.58
CA ASN K 425 -30.28 -48.82 4.36
C ASN K 425 -31.04 -49.07 5.65
N GLY K 426 -30.37 -49.12 6.80
CA GLY K 426 -31.00 -49.45 8.05
C GLY K 426 -31.20 -50.93 8.29
N ASN K 427 -30.80 -51.79 7.35
CA ASN K 427 -30.98 -53.22 7.48
C ASN K 427 -29.66 -53.98 7.57
N THR K 428 -28.57 -53.45 7.00
CA THR K 428 -27.29 -54.12 7.07
C THR K 428 -26.78 -54.15 8.51
N THR K 429 -26.02 -55.20 8.82
CA THR K 429 -25.45 -55.36 10.15
C THR K 429 -24.06 -54.76 10.27
N ASP K 430 -23.54 -54.12 9.22
CA ASP K 430 -22.21 -53.56 9.26
C ASP K 430 -22.16 -52.26 8.46
N GLU K 431 -21.19 -51.43 8.79
CA GLU K 431 -20.96 -50.16 8.12
C GLU K 431 -19.65 -50.23 7.33
N THR K 432 -19.69 -49.76 6.09
CA THR K 432 -18.54 -49.83 5.19
C THR K 432 -17.90 -48.45 5.07
N PHE K 433 -16.61 -48.37 5.36
CA PHE K 433 -15.83 -47.15 5.22
C PHE K 433 -14.90 -47.30 4.04
N ARG K 434 -14.84 -46.28 3.19
CA ARG K 434 -13.97 -46.33 2.03
C ARG K 434 -12.98 -45.17 2.06
N PRO K 435 -11.73 -45.39 1.67
CA PRO K 435 -10.80 -44.27 1.58
C PRO K 435 -11.23 -43.32 0.48
N GLY K 436 -11.42 -42.05 0.86
CA GLY K 436 -11.92 -41.07 -0.08
C GLY K 436 -11.26 -39.73 0.15
N GLY K 437 -11.17 -38.97 -0.92
CA GLY K 437 -10.59 -37.64 -0.88
C GLY K 437 -11.65 -36.57 -0.70
N GLY K 438 -11.57 -35.54 -1.54
CA GLY K 438 -12.50 -34.43 -1.44
C GLY K 438 -11.77 -33.11 -1.46
N ASN K 439 -12.25 -32.14 -0.68
CA ASN K 439 -11.56 -30.87 -0.60
C ASN K 439 -10.21 -31.05 0.07
N ILE K 440 -9.21 -30.29 -0.42
CA ILE K 440 -7.90 -30.32 0.21
C ILE K 440 -7.85 -29.54 1.51
N LYS K 441 -8.92 -28.79 1.82
CA LYS K 441 -9.00 -28.14 3.13
C LYS K 441 -8.91 -29.16 4.25
N ASP K 442 -9.40 -30.37 4.03
CA ASP K 442 -9.31 -31.41 5.05
C ASP K 442 -7.86 -31.75 5.37
N ASN K 443 -6.95 -31.56 4.42
CA ASN K 443 -5.54 -31.80 4.68
C ASN K 443 -4.94 -30.75 5.60
N TRP K 444 -5.61 -29.61 5.77
CA TRP K 444 -5.13 -28.54 6.62
C TRP K 444 -5.96 -28.32 7.86
N ARG K 445 -7.24 -28.70 7.83
CA ARG K 445 -8.04 -28.70 9.05
C ARG K 445 -7.45 -29.60 10.10
N SER K 446 -6.74 -30.66 9.69
CA SER K 446 -6.09 -31.55 10.63
C SER K 446 -4.87 -30.92 11.30
N GLU K 447 -4.43 -29.75 10.83
CA GLU K 447 -3.30 -29.06 11.44
C GLU K 447 -3.67 -27.75 12.09
N LEU K 448 -4.81 -27.16 11.75
CA LEU K 448 -5.26 -25.89 12.29
C LEU K 448 -6.49 -26.02 13.17
N TYR K 449 -6.81 -27.24 13.62
CA TYR K 449 -8.01 -27.45 14.42
C TYR K 449 -7.89 -26.88 15.83
N LYS K 450 -6.66 -26.67 16.31
CA LYS K 450 -6.44 -26.23 17.68
C LYS K 450 -6.06 -24.75 17.76
N TYR K 451 -6.47 -23.95 16.79
CA TYR K 451 -6.13 -22.53 16.76
C TYR K 451 -7.38 -21.69 16.59
N LYS K 452 -7.35 -20.49 17.17
CA LYS K 452 -8.44 -19.54 17.10
C LYS K 452 -7.86 -18.14 17.07
N VAL K 453 -8.45 -17.25 16.29
CA VAL K 453 -7.98 -15.88 16.17
C VAL K 453 -8.94 -14.96 16.93
N VAL K 454 -8.40 -14.12 17.81
CA VAL K 454 -9.22 -13.25 18.64
C VAL K 454 -8.69 -11.82 18.54
N GLN K 455 -9.58 -10.88 18.81
CA GLN K 455 -9.33 -9.44 18.73
C GLN K 455 -9.35 -8.85 20.13
N ILE K 456 -8.31 -8.10 20.46
CA ILE K 456 -8.22 -7.47 21.79
C ILE K 456 -9.05 -6.20 21.81
N GLU K 457 -9.73 -5.97 22.93
CA GLU K 457 -10.55 -4.77 23.14
C GLU K 457 -10.10 -4.12 24.44
N PRO K 458 -9.00 -3.38 24.41
CA PRO K 458 -8.37 -2.86 25.64
C PRO K 458 -8.88 -1.50 26.07
N LEU K 459 -10.13 -1.43 26.52
CA LEU K 459 -10.67 -0.16 27.01
C LEU K 459 -11.81 -0.48 27.96
N GLY K 460 -11.55 -0.40 29.26
CA GLY K 460 -12.54 -0.72 30.26
C GLY K 460 -12.95 0.47 31.11
N ILE K 461 -14.18 0.43 31.62
CA ILE K 461 -14.74 1.49 32.45
C ILE K 461 -15.25 0.86 33.72
N ALA K 462 -14.77 1.34 34.87
CA ALA K 462 -15.13 0.72 36.14
C ALA K 462 -15.43 1.80 37.17
N PRO K 463 -16.31 1.51 38.13
CA PRO K 463 -16.55 2.45 39.22
C PRO K 463 -15.47 2.36 40.29
N THR K 464 -14.90 3.51 40.65
CA THR K 464 -13.86 3.57 41.66
C THR K 464 -14.03 4.86 42.45
N ARG K 465 -13.57 4.84 43.71
CA ARG K 465 -13.77 5.94 44.63
C ARG K 465 -12.96 7.17 44.28
N CYS K 466 -12.06 7.08 43.31
CA CYS K 466 -11.19 8.20 42.93
C CYS K 466 -11.96 9.31 42.25
N LYS K 467 -11.39 10.51 42.30
CA LYS K 467 -11.91 11.70 41.61
C LYS K 467 -10.73 12.56 41.20
N ARG K 468 -10.83 13.23 40.05
CA ARG K 468 -9.76 14.13 39.63
C ARG K 468 -9.66 15.34 40.54
N ARG K 469 -8.43 15.78 40.77
CA ARG K 469 -8.18 16.97 41.58
C ARG K 469 -6.83 17.59 41.24
N ASN L 1 -2.92 43.05 26.86
CA ASN L 1 -3.67 42.24 27.81
C ASN L 1 -4.28 41.02 27.13
N LEU L 2 -3.81 40.71 25.93
CA LEU L 2 -4.30 39.58 25.16
C LEU L 2 -3.19 38.56 24.93
N TRP L 3 -3.58 37.29 24.88
CA TRP L 3 -2.63 36.20 24.71
C TRP L 3 -3.12 35.28 23.61
N VAL L 4 -2.17 34.54 23.03
CA VAL L 4 -2.49 33.62 21.94
C VAL L 4 -3.17 32.38 22.51
N THR L 5 -4.29 32.00 21.90
CA THR L 5 -5.02 30.80 22.25
C THR L 5 -5.18 29.94 21.01
N VAL L 6 -4.99 28.63 21.17
CA VAL L 6 -4.99 27.67 20.07
C VAL L 6 -6.26 26.85 20.15
N TYR L 7 -6.99 26.79 19.03
CA TYR L 7 -8.23 26.05 18.93
C TYR L 7 -8.09 24.96 17.89
N TYR L 8 -8.51 23.75 18.24
CA TYR L 8 -8.52 22.61 17.33
C TYR L 8 -9.95 22.22 17.02
N GLY L 9 -10.29 22.22 15.74
CA GLY L 9 -11.63 21.94 15.30
C GLY L 9 -12.40 23.12 14.73
N VAL L 10 -11.72 24.17 14.29
CA VAL L 10 -12.41 25.34 13.74
C VAL L 10 -13.07 24.96 12.41
N PRO L 11 -14.25 25.47 12.10
CA PRO L 11 -14.92 25.18 10.81
C PRO L 11 -14.40 26.03 9.66
N VAL L 12 -13.22 25.67 9.18
CA VAL L 12 -12.54 26.39 8.10
C VAL L 12 -12.17 25.37 7.02
N TRP L 13 -12.46 25.70 5.76
CA TRP L 13 -12.20 24.80 4.66
C TRP L 13 -11.58 25.55 3.49
N ARG L 14 -10.92 24.78 2.63
CA ARG L 14 -10.29 25.29 1.42
C ARG L 14 -10.54 24.31 0.29
N ASP L 15 -10.67 24.84 -0.93
CA ASP L 15 -10.86 24.00 -2.10
C ASP L 15 -9.66 23.07 -2.30
N ALA L 16 -9.93 21.82 -2.62
CA ALA L 16 -8.87 20.83 -2.77
C ALA L 16 -9.33 19.72 -3.69
N ASP L 17 -8.34 19.02 -4.25
CA ASP L 17 -8.57 17.84 -5.08
C ASP L 17 -7.93 16.64 -4.40
N THR L 18 -8.71 15.59 -4.19
CA THR L 18 -8.23 14.38 -3.53
C THR L 18 -8.82 13.16 -4.22
N THR L 19 -8.40 11.98 -3.76
CA THR L 19 -8.95 10.72 -4.24
C THR L 19 -10.12 10.31 -3.36
N LEU L 20 -11.27 10.11 -3.97
CA LEU L 20 -12.49 9.80 -3.24
C LEU L 20 -12.73 8.30 -3.20
N PHE L 21 -13.15 7.80 -2.04
CA PHE L 21 -13.58 6.41 -1.91
C PHE L 21 -14.79 6.16 -2.79
N CYS L 22 -14.89 4.94 -3.29
CA CYS L 22 -16.03 4.52 -4.11
C CYS L 22 -16.81 3.46 -3.36
N ALA L 23 -18.08 3.71 -3.12
CA ALA L 23 -18.93 2.83 -2.34
C ALA L 23 -20.14 2.41 -3.19
N SER L 24 -20.74 1.28 -2.82
CA SER L 24 -21.91 0.77 -3.53
C SER L 24 -22.74 -0.07 -2.58
N ASP L 25 -23.99 -0.29 -2.96
CA ASP L 25 -24.89 -1.12 -2.17
C ASP L 25 -24.60 -2.60 -2.40
N THR L 39 -6.34 -3.81 -7.93
CA THR L 39 -5.93 -2.49 -8.39
C THR L 39 -6.99 -1.44 -8.07
N HIS L 40 -8.21 -1.66 -8.55
CA HIS L 40 -9.31 -0.73 -8.34
C HIS L 40 -10.56 -1.52 -7.96
N ALA L 41 -11.28 -1.04 -6.95
CA ALA L 41 -12.50 -1.70 -6.50
C ALA L 41 -13.33 -0.72 -5.70
N CYS L 42 -14.61 -1.07 -5.52
CA CYS L 42 -15.56 -0.31 -4.70
C CYS L 42 -16.16 -1.27 -3.69
N VAL L 43 -15.46 -1.46 -2.57
CA VAL L 43 -15.87 -2.45 -1.57
C VAL L 43 -16.92 -1.95 -0.58
N PRO L 44 -16.85 -0.70 -0.05
CA PRO L 44 -17.70 -0.37 1.10
C PRO L 44 -19.18 -0.47 0.77
N THR L 45 -19.96 -0.81 1.79
CA THR L 45 -21.39 -1.01 1.64
C THR L 45 -22.09 0.32 1.39
N ASP L 46 -23.41 0.26 1.23
CA ASP L 46 -24.20 1.43 0.91
C ASP L 46 -24.17 2.42 2.05
N PRO L 47 -23.77 3.67 1.82
CA PRO L 47 -23.73 4.65 2.91
C PRO L 47 -25.13 5.10 3.31
N ASN L 48 -25.23 5.54 4.57
CA ASN L 48 -26.46 6.13 5.07
C ASN L 48 -26.25 7.64 5.11
N PRO L 49 -26.90 8.41 4.24
CA PRO L 49 -26.59 9.84 4.15
C PRO L 49 -26.88 10.58 5.45
N GLN L 50 -26.00 11.51 5.81
CA GLN L 50 -26.16 12.38 6.96
C GLN L 50 -25.91 13.81 6.47
N GLU L 51 -26.96 14.44 5.98
CA GLU L 51 -26.86 15.79 5.42
C GLU L 51 -26.97 16.82 6.53
N ILE L 52 -26.01 17.75 6.58
CA ILE L 52 -26.04 18.80 7.59
C ILE L 52 -26.14 20.16 6.90
N PRO L 53 -27.21 20.92 7.11
CA PRO L 53 -27.32 22.25 6.49
C PRO L 53 -26.29 23.20 7.08
N LEU L 54 -25.91 24.20 6.29
CA LEU L 54 -24.92 25.19 6.72
C LEU L 54 -25.55 26.58 6.61
N GLU L 55 -26.00 27.12 7.74
CA GLU L 55 -26.68 28.40 7.73
C GLU L 55 -25.69 29.55 7.55
N ASN L 56 -26.14 30.59 6.84
CA ASN L 56 -25.35 31.79 6.59
C ASN L 56 -24.06 31.51 5.86
N VAL L 57 -24.03 30.47 5.03
CA VAL L 57 -22.84 30.11 4.25
C VAL L 57 -23.18 30.24 2.78
N THR L 58 -22.41 31.05 2.07
CA THR L 58 -22.52 31.20 0.62
C THR L 58 -21.27 30.64 -0.03
N GLU L 59 -21.45 29.70 -0.94
CA GLU L 59 -20.32 28.99 -1.53
C GLU L 59 -20.35 29.12 -3.04
N ASN L 60 -19.20 29.38 -3.64
CA ASN L 60 -19.09 29.51 -5.09
C ASN L 60 -18.87 28.15 -5.73
N PHE L 61 -19.66 27.84 -6.76
CA PHE L 61 -19.57 26.58 -7.48
C PHE L 61 -19.20 26.83 -8.93
N ASN L 62 -18.48 25.87 -9.52
CA ASN L 62 -18.12 25.91 -10.93
C ASN L 62 -18.08 24.46 -11.42
N MET L 63 -19.15 24.04 -12.11
CA MET L 63 -19.28 22.64 -12.49
C MET L 63 -18.33 22.24 -13.62
N TRP L 64 -17.80 23.20 -14.37
CA TRP L 64 -16.93 22.90 -15.49
C TRP L 64 -15.46 22.83 -15.11
N LYS L 65 -15.13 23.06 -13.84
CA LYS L 65 -13.78 22.93 -13.33
C LYS L 65 -13.76 22.03 -12.11
N ASN L 66 -14.39 20.87 -12.22
CA ASN L 66 -14.55 19.94 -11.11
C ASN L 66 -13.78 18.65 -11.42
N ASN L 67 -13.02 18.18 -10.44
CA ASN L 67 -12.18 16.99 -10.62
C ASN L 67 -12.99 15.70 -10.45
N MET L 68 -14.19 15.79 -9.90
CA MET L 68 -15.00 14.59 -9.66
C MET L 68 -15.34 13.90 -10.97
N VAL L 69 -15.61 14.67 -12.02
CA VAL L 69 -15.95 14.07 -13.32
C VAL L 69 -14.73 13.35 -13.89
N GLU L 70 -13.54 13.93 -13.74
CA GLU L 70 -12.33 13.28 -14.20
C GLU L 70 -12.11 11.96 -13.47
N GLN L 71 -12.26 11.97 -12.15
CA GLN L 71 -12.09 10.76 -11.37
C GLN L 71 -13.11 9.69 -11.75
N MET L 72 -14.36 10.11 -11.98
CA MET L 72 -15.39 9.14 -12.35
C MET L 72 -15.11 8.53 -13.72
N GLN L 73 -14.67 9.35 -14.68
CA GLN L 73 -14.33 8.81 -15.99
C GLN L 73 -13.19 7.80 -15.88
N GLU L 74 -12.16 8.13 -15.10
CA GLU L 74 -11.05 7.20 -14.93
C GLU L 74 -11.51 5.91 -14.26
N ASP L 75 -12.39 6.02 -13.26
CA ASP L 75 -12.87 4.82 -12.57
C ASP L 75 -13.68 3.94 -13.50
N VAL L 76 -14.52 4.53 -14.35
CA VAL L 76 -15.31 3.75 -15.29
C VAL L 76 -14.40 3.05 -16.29
N ILE L 77 -13.40 3.76 -16.81
CA ILE L 77 -12.45 3.14 -17.74
C ILE L 77 -11.73 1.98 -17.06
N SER L 78 -11.30 2.17 -15.81
CA SER L 78 -10.58 1.12 -15.10
C SER L 78 -11.46 -0.10 -14.87
N LEU L 79 -12.71 0.11 -14.46
CA LEU L 79 -13.61 -1.02 -14.24
C LEU L 79 -13.87 -1.77 -15.55
N TRP L 80 -14.07 -1.03 -16.64
CA TRP L 80 -14.30 -1.65 -17.93
C TRP L 80 -13.11 -2.49 -18.35
N ASP L 81 -11.90 -1.96 -18.18
CA ASP L 81 -10.70 -2.69 -18.57
C ASP L 81 -10.45 -3.89 -17.65
N GLN L 82 -10.84 -3.78 -16.38
CA GLN L 82 -10.64 -4.89 -15.45
C GLN L 82 -11.59 -6.03 -15.73
N SER L 83 -12.84 -5.71 -16.12
CA SER L 83 -13.80 -6.77 -16.39
C SER L 83 -13.41 -7.62 -17.60
N LEU L 84 -12.69 -7.03 -18.56
CA LEU L 84 -12.29 -7.72 -19.77
C LEU L 84 -10.91 -8.34 -19.70
N LYS L 85 -10.28 -8.33 -18.52
CA LYS L 85 -8.93 -8.90 -18.41
C LYS L 85 -8.87 -10.39 -18.68
N PRO L 86 -9.72 -11.24 -18.08
CA PRO L 86 -9.65 -12.68 -18.38
C PRO L 86 -10.50 -13.13 -19.56
N CYS L 87 -11.00 -12.22 -20.37
CA CYS L 87 -11.90 -12.57 -21.45
C CYS L 87 -11.14 -13.24 -22.61
N VAL L 88 -11.90 -13.85 -23.50
CA VAL L 88 -11.33 -14.58 -24.63
C VAL L 88 -10.87 -13.59 -25.69
N LYS L 89 -9.64 -13.75 -26.14
CA LYS L 89 -9.05 -12.87 -27.14
C LYS L 89 -9.31 -13.46 -28.52
N LEU L 90 -10.04 -12.73 -29.35
CA LEU L 90 -10.53 -13.24 -30.63
C LEU L 90 -9.58 -12.89 -31.77
N THR L 91 -8.31 -13.29 -31.64
CA THR L 91 -7.37 -13.07 -32.73
C THR L 91 -7.58 -14.01 -33.93
N PRO L 92 -8.10 -15.24 -33.79
CA PRO L 92 -8.30 -16.06 -34.98
C PRO L 92 -9.45 -15.61 -35.88
N LEU L 93 -10.23 -14.61 -35.48
CA LEU L 93 -11.38 -14.19 -36.29
C LEU L 93 -11.00 -13.29 -37.46
N CYS L 94 -9.78 -12.76 -37.50
CA CYS L 94 -9.34 -11.98 -38.65
C CYS L 94 -8.96 -12.94 -39.79
N VAL L 95 -10.01 -13.48 -40.41
CA VAL L 95 -9.88 -14.37 -41.56
C VAL L 95 -10.80 -13.84 -42.65
N THR L 96 -10.43 -14.11 -43.89
CA THR L 96 -11.24 -13.69 -45.02
C THR L 96 -12.58 -14.41 -44.99
N LEU L 97 -13.66 -13.67 -44.81
CA LEU L 97 -15.00 -14.23 -44.69
C LEU L 97 -15.67 -14.22 -46.06
N ASN L 98 -16.21 -15.38 -46.45
CA ASN L 98 -16.97 -15.50 -47.68
C ASN L 98 -18.43 -15.28 -47.33
N CYS L 99 -18.93 -14.08 -47.60
CA CYS L 99 -20.24 -13.65 -47.11
C CYS L 99 -21.24 -13.56 -48.26
N THR L 100 -22.41 -14.16 -48.06
CA THR L 100 -23.50 -14.14 -49.02
C THR L 100 -24.77 -13.69 -48.31
N LYS L 101 -25.85 -13.59 -49.09
CA LYS L 101 -27.14 -13.20 -48.55
C LYS L 101 -27.70 -14.29 -47.66
N ALA L 102 -28.33 -13.88 -46.57
CA ALA L 102 -28.88 -14.83 -45.60
C ALA L 102 -30.21 -15.39 -46.08
N ASN L 103 -30.51 -16.60 -45.63
CA ASN L 103 -31.78 -17.26 -45.93
C ASN L 103 -32.75 -17.08 -44.78
N LEU L 104 -33.12 -15.83 -44.53
CA LEU L 104 -34.06 -15.50 -43.47
C LEU L 104 -35.51 -15.76 -43.87
N THR L 105 -35.76 -16.13 -45.12
CA THR L 105 -37.10 -16.36 -45.63
C THR L 105 -37.55 -17.81 -45.51
N HIS L 106 -37.05 -18.52 -44.50
CA HIS L 106 -37.42 -19.92 -44.30
C HIS L 106 -38.87 -20.05 -43.88
N ILE L 124 -42.21 -0.92 -40.64
CA ILE L 124 -40.83 -1.29 -40.33
C ILE L 124 -40.41 -2.46 -41.20
N GLY L 125 -39.26 -2.34 -41.87
CA GLY L 125 -38.77 -3.38 -42.74
C GLY L 125 -38.19 -4.54 -41.95
N ASN L 126 -37.66 -5.51 -42.70
CA ASN L 126 -37.06 -6.69 -42.11
C ASN L 126 -35.54 -6.62 -42.19
N ILE L 127 -34.88 -7.58 -41.56
CA ILE L 127 -33.44 -7.55 -41.37
C ILE L 127 -32.71 -8.37 -42.43
N THR L 128 -33.35 -8.67 -43.55
CA THR L 128 -32.68 -9.42 -44.60
C THR L 128 -31.60 -8.61 -45.29
N ASP L 129 -31.64 -7.29 -45.20
CA ASP L 129 -30.62 -6.43 -45.80
C ASP L 129 -29.55 -6.00 -44.82
N GLU L 130 -29.59 -6.49 -43.57
CA GLU L 130 -28.62 -6.12 -42.57
C GLU L 130 -27.79 -7.28 -42.05
N VAL L 131 -28.23 -8.52 -42.24
CA VAL L 131 -27.53 -9.70 -41.75
C VAL L 131 -27.00 -10.48 -42.94
N LYS L 132 -25.73 -10.87 -42.88
CA LYS L 132 -25.08 -11.64 -43.94
C LYS L 132 -24.58 -12.96 -43.39
N ASN L 133 -24.69 -14.00 -44.22
CA ASN L 133 -24.26 -15.35 -43.85
C ASN L 133 -22.83 -15.53 -44.33
N CYS L 134 -21.89 -15.64 -43.40
CA CYS L 134 -20.46 -15.65 -43.72
C CYS L 134 -19.86 -17.00 -43.34
N THR L 135 -19.14 -17.59 -44.29
CA THR L 135 -18.44 -18.85 -44.09
C THR L 135 -16.94 -18.59 -44.06
N PHE L 136 -16.25 -19.22 -43.10
CA PHE L 136 -14.82 -19.00 -42.94
C PHE L 136 -14.19 -20.25 -42.33
N ASN L 137 -12.88 -20.16 -42.10
CA ASN L 137 -12.09 -21.24 -41.51
C ASN L 137 -11.59 -20.82 -40.13
N MET L 138 -11.59 -21.76 -39.19
CA MET L 138 -11.19 -21.48 -37.83
C MET L 138 -10.22 -22.56 -37.34
N THR L 139 -9.29 -22.13 -36.50
CA THR L 139 -8.40 -23.06 -35.82
C THR L 139 -9.15 -23.74 -34.68
N THR L 140 -8.84 -25.02 -34.49
CA THR L 140 -9.44 -25.84 -33.45
C THR L 140 -8.49 -25.92 -32.25
N GLU L 141 -8.84 -26.78 -31.29
CA GLU L 141 -7.93 -27.05 -30.19
C GLU L 141 -6.64 -27.69 -30.65
N ILE L 142 -6.62 -28.26 -31.85
CA ILE L 142 -5.43 -28.85 -32.45
C ILE L 142 -4.97 -27.91 -33.56
N ARG L 143 -3.67 -27.62 -33.58
CA ARG L 143 -3.15 -26.64 -34.52
C ARG L 143 -3.19 -27.14 -35.96
N ASP L 144 -3.17 -28.46 -36.16
CA ASP L 144 -3.13 -29.02 -37.50
C ASP L 144 -4.50 -29.12 -38.16
N LYS L 145 -5.58 -28.94 -37.40
CA LYS L 145 -6.93 -29.14 -37.90
C LYS L 145 -7.63 -27.81 -38.05
N GLN L 146 -8.28 -27.61 -39.20
CA GLN L 146 -9.07 -26.43 -39.48
C GLN L 146 -10.52 -26.83 -39.66
N GLN L 147 -11.44 -26.01 -39.15
CA GLN L 147 -12.87 -26.26 -39.25
C GLN L 147 -13.52 -25.16 -40.06
N LYS L 148 -14.30 -25.55 -41.07
CA LYS L 148 -15.04 -24.60 -41.89
C LYS L 148 -16.40 -24.38 -41.25
N VAL L 149 -16.64 -23.15 -40.78
CA VAL L 149 -17.83 -22.82 -40.02
C VAL L 149 -18.51 -21.61 -40.64
N HIS L 150 -19.70 -21.29 -40.13
CA HIS L 150 -20.51 -20.19 -40.63
C HIS L 150 -21.07 -19.40 -39.45
N ALA L 151 -21.38 -18.13 -39.73
CA ALA L 151 -21.96 -17.25 -38.73
C ALA L 151 -22.76 -16.16 -39.43
N LEU L 152 -23.73 -15.61 -38.70
CA LEU L 152 -24.57 -14.52 -39.20
C LEU L 152 -24.07 -13.22 -38.60
N PHE L 153 -23.51 -12.36 -39.43
CA PHE L 153 -22.93 -11.10 -38.97
C PHE L 153 -23.74 -9.93 -39.48
N TYR L 154 -23.87 -8.90 -38.65
CA TYR L 154 -24.52 -7.67 -39.08
C TYR L 154 -23.61 -6.92 -40.04
N ALA L 155 -24.22 -6.27 -41.03
CA ALA L 155 -23.46 -5.63 -42.09
C ALA L 155 -22.66 -4.43 -41.61
N LEU L 156 -23.02 -3.86 -40.47
CA LEU L 156 -22.25 -2.73 -39.93
C LEU L 156 -20.91 -3.16 -39.35
N ASP L 157 -20.73 -4.46 -39.09
CA ASP L 157 -19.51 -4.97 -38.48
C ASP L 157 -18.59 -5.63 -39.49
N ILE L 158 -18.74 -5.32 -40.78
CA ILE L 158 -18.00 -6.00 -41.83
C ILE L 158 -17.58 -4.99 -42.89
N VAL L 159 -16.38 -5.18 -43.44
CA VAL L 159 -15.83 -4.36 -44.51
C VAL L 159 -15.58 -5.23 -45.73
N GLN L 160 -15.93 -4.73 -46.90
CA GLN L 160 -15.69 -5.41 -48.15
C GLN L 160 -14.30 -5.08 -48.68
N MET L 161 -13.58 -6.09 -49.15
CA MET L 161 -12.23 -5.91 -49.67
C MET L 161 -12.22 -5.50 -51.14
N LYS L 162 -12.85 -6.27 -52.01
CA LYS L 162 -12.88 -6.01 -53.44
C LYS L 162 -14.20 -5.36 -53.83
N GLU L 163 -14.12 -4.46 -54.81
CA GLU L 163 -15.26 -3.58 -55.10
C GLU L 163 -16.52 -4.37 -55.45
N ASN L 164 -16.37 -5.53 -56.08
CA ASN L 164 -17.52 -6.35 -56.44
C ASN L 164 -17.37 -7.79 -55.98
N GLY L 165 -16.40 -8.08 -55.10
CA GLY L 165 -16.14 -9.43 -54.68
C GLY L 165 -16.99 -9.86 -53.50
N SER L 166 -16.80 -11.11 -53.09
CA SER L 166 -17.49 -11.68 -51.95
C SER L 166 -16.58 -11.85 -50.74
N GLU L 167 -15.36 -11.30 -50.78
CA GLU L 167 -14.44 -11.39 -49.66
C GLU L 167 -14.70 -10.25 -48.69
N TYR L 168 -14.86 -10.59 -47.42
CA TYR L 168 -15.22 -9.62 -46.40
C TYR L 168 -14.36 -9.88 -45.17
N ARG L 169 -14.14 -8.82 -44.39
CA ARG L 169 -13.36 -8.94 -43.16
C ARG L 169 -14.06 -8.17 -42.04
N LEU L 170 -13.60 -8.38 -40.81
CA LEU L 170 -14.18 -7.69 -39.68
C LEU L 170 -13.74 -6.23 -39.65
N ILE L 171 -14.56 -5.41 -38.98
CA ILE L 171 -14.32 -3.97 -38.92
C ILE L 171 -13.03 -3.64 -38.19
N SER L 172 -12.68 -4.42 -37.18
CA SER L 172 -11.61 -4.07 -36.25
C SER L 172 -10.25 -4.65 -36.63
N CYS L 173 -10.17 -5.41 -37.73
CA CYS L 173 -8.92 -6.11 -38.03
C CYS L 173 -7.78 -5.17 -38.38
N ASN L 174 -8.07 -3.93 -38.78
CA ASN L 174 -7.03 -2.96 -39.07
C ASN L 174 -6.85 -1.93 -37.95
N THR L 175 -7.57 -2.08 -36.84
CA THR L 175 -7.47 -1.14 -35.73
C THR L 175 -6.86 -1.74 -34.48
N SER L 176 -7.44 -2.82 -33.97
CA SER L 176 -6.96 -3.43 -32.74
C SER L 176 -7.51 -4.85 -32.63
N VAL L 177 -7.07 -5.56 -31.61
CA VAL L 177 -7.56 -6.89 -31.32
C VAL L 177 -8.80 -6.75 -30.44
N ILE L 178 -9.75 -7.66 -30.62
CA ILE L 178 -11.02 -7.61 -29.91
C ILE L 178 -11.07 -8.71 -28.87
N LYS L 179 -11.79 -8.43 -27.78
CA LYS L 179 -12.01 -9.38 -26.71
C LYS L 179 -13.51 -9.58 -26.54
N GLN L 180 -13.91 -10.84 -26.38
CA GLN L 180 -15.32 -11.17 -26.21
C GLN L 180 -15.73 -11.01 -24.76
N ALA L 181 -16.83 -10.31 -24.52
CA ALA L 181 -17.33 -10.15 -23.17
C ALA L 181 -17.83 -11.49 -22.64
N CYS L 182 -17.38 -11.85 -21.44
CA CYS L 182 -17.76 -13.12 -20.85
C CYS L 182 -19.25 -13.10 -20.49
N PRO L 183 -19.91 -14.27 -20.51
CA PRO L 183 -21.33 -14.31 -20.12
C PRO L 183 -21.59 -13.88 -18.70
N LYS L 184 -20.58 -13.93 -17.82
CA LYS L 184 -20.75 -13.50 -16.44
C LYS L 184 -20.68 -11.99 -16.27
N ILE L 185 -20.33 -11.24 -17.31
CA ILE L 185 -20.26 -9.80 -17.21
C ILE L 185 -21.66 -9.21 -17.35
N SER L 186 -22.05 -8.39 -16.39
CA SER L 186 -23.35 -7.74 -16.40
C SER L 186 -23.18 -6.30 -16.88
N PHE L 187 -24.02 -5.92 -17.85
CA PHE L 187 -23.99 -4.58 -18.43
C PHE L 187 -24.97 -3.63 -17.76
N ASP L 188 -25.66 -4.08 -16.71
CA ASP L 188 -26.60 -3.23 -16.00
C ASP L 188 -25.83 -2.31 -15.06
N PRO L 189 -25.95 -0.98 -15.22
CA PRO L 189 -25.25 -0.08 -14.31
C PRO L 189 -25.70 -0.24 -12.86
N ILE L 190 -24.75 -0.17 -11.95
CA ILE L 190 -25.00 -0.21 -10.52
C ILE L 190 -24.60 1.14 -9.94
N PRO L 191 -25.47 1.81 -9.20
CA PRO L 191 -25.12 3.14 -8.68
C PRO L 191 -23.91 3.10 -7.77
N ILE L 192 -23.06 4.12 -7.90
CA ILE L 192 -21.84 4.23 -7.12
C ILE L 192 -21.81 5.59 -6.45
N HIS L 193 -21.45 5.60 -5.16
CA HIS L 193 -21.31 6.80 -4.37
C HIS L 193 -19.84 7.14 -4.19
N TYR L 194 -19.55 8.42 -4.04
CA TYR L 194 -18.17 8.90 -3.93
C TYR L 194 -17.98 9.55 -2.56
N CYS L 195 -17.40 8.80 -1.63
CA CYS L 195 -17.32 9.22 -0.23
C CYS L 195 -15.92 9.70 0.11
N ALA L 196 -15.85 10.91 0.67
CA ALA L 196 -14.62 11.66 0.91
C ALA L 196 -13.82 11.08 2.07
N PRO L 197 -12.50 11.17 2.01
CA PRO L 197 -11.66 10.65 3.11
C PRO L 197 -11.78 11.51 4.36
N ALA L 198 -11.21 11.01 5.44
CA ALA L 198 -11.16 11.77 6.68
C ALA L 198 -10.36 13.05 6.47
N GLY L 199 -10.89 14.16 6.98
CA GLY L 199 -10.30 15.46 6.77
C GLY L 199 -10.82 16.21 5.57
N TYR L 200 -11.84 15.69 4.89
CA TYR L 200 -12.46 16.35 3.76
C TYR L 200 -13.97 16.33 3.94
N ALA L 201 -14.66 17.05 3.06
CA ALA L 201 -16.12 17.07 3.07
C ALA L 201 -16.63 17.38 1.67
N ILE L 202 -17.88 17.00 1.40
CA ILE L 202 -18.51 17.32 0.13
C ILE L 202 -19.62 18.32 0.38
N LEU L 203 -19.47 19.51 -0.20
CA LEU L 203 -20.50 20.53 -0.15
C LEU L 203 -21.48 20.33 -1.28
N LYS L 204 -22.76 20.48 -0.98
CA LYS L 204 -23.84 20.25 -1.92
C LYS L 204 -24.69 21.51 -2.01
N CYS L 205 -24.96 21.95 -3.23
CA CYS L 205 -25.75 23.15 -3.46
C CYS L 205 -27.22 22.74 -3.63
N ASN L 206 -28.05 23.15 -2.68
CA ASN L 206 -29.47 22.83 -2.70
C ASN L 206 -30.30 23.89 -3.40
N ASP L 207 -29.68 24.94 -3.91
CA ASP L 207 -30.40 26.02 -4.56
C ASP L 207 -31.04 25.50 -5.84
N LYS L 208 -32.36 25.45 -5.87
CA LYS L 208 -33.08 25.05 -7.06
C LYS L 208 -32.91 26.09 -8.16
N LYS L 209 -33.05 25.66 -9.41
CA LYS L 209 -32.75 26.49 -10.57
C LYS L 209 -31.28 26.93 -10.57
N PHE L 210 -30.40 25.95 -10.39
CA PHE L 210 -28.96 26.18 -10.37
C PHE L 210 -28.36 25.72 -11.68
N ASN L 211 -27.60 26.61 -12.33
CA ASN L 211 -27.02 26.35 -13.64
C ASN L 211 -25.54 25.96 -13.56
N GLY L 212 -25.03 25.66 -12.38
CA GLY L 212 -23.72 25.06 -12.22
C GLY L 212 -22.58 26.02 -11.96
N THR L 213 -22.75 27.31 -12.24
CA THR L 213 -21.72 28.30 -11.98
C THR L 213 -22.31 29.45 -11.18
N GLY L 214 -21.64 29.82 -10.10
CA GLY L 214 -22.02 30.98 -9.35
C GLY L 214 -22.19 30.73 -7.86
N PRO L 215 -22.72 31.72 -7.15
CA PRO L 215 -22.94 31.55 -5.71
C PRO L 215 -24.11 30.64 -5.41
N CYS L 216 -24.01 29.98 -4.25
CA CYS L 216 -25.09 29.16 -3.70
C CYS L 216 -25.32 29.62 -2.28
N LYS L 217 -26.56 30.00 -1.97
CA LYS L 217 -26.93 30.52 -0.67
C LYS L 217 -27.55 29.48 0.25
N ASN L 218 -27.81 28.27 -0.25
CA ASN L 218 -28.35 27.17 0.54
C ASN L 218 -27.44 25.97 0.33
N VAL L 219 -26.47 25.80 1.22
CA VAL L 219 -25.49 24.73 1.08
C VAL L 219 -25.64 23.74 2.22
N SER L 220 -25.28 22.50 1.93
CA SER L 220 -25.27 21.44 2.92
C SER L 220 -23.95 20.69 2.81
N THR L 221 -23.61 19.96 3.86
CA THR L 221 -22.41 19.14 3.85
C THR L 221 -22.81 17.68 3.98
N VAL L 222 -22.09 16.84 3.23
CA VAL L 222 -22.31 15.40 3.23
C VAL L 222 -20.97 14.69 3.22
N GLN L 223 -21.03 13.42 3.65
CA GLN L 223 -19.91 12.52 3.46
C GLN L 223 -19.81 12.05 2.01
N CYS L 224 -20.94 11.77 1.38
CA CYS L 224 -20.93 11.38 -0.02
C CYS L 224 -22.31 11.44 -0.66
N THR L 225 -22.28 11.27 -1.99
CA THR L 225 -23.35 11.65 -2.89
C THR L 225 -24.40 10.56 -2.99
N HIS L 226 -25.46 10.87 -3.73
CA HIS L 226 -26.47 9.88 -4.07
C HIS L 226 -25.91 8.91 -5.11
N GLY L 227 -26.60 7.79 -5.27
CA GLY L 227 -26.19 6.81 -6.25
C GLY L 227 -26.22 7.35 -7.66
N ILE L 228 -25.09 7.28 -8.35
CA ILE L 228 -24.97 7.74 -9.73
C ILE L 228 -24.70 6.53 -10.60
N LYS L 229 -25.56 6.31 -11.59
CA LYS L 229 -25.45 5.14 -12.45
C LYS L 229 -24.60 5.49 -13.66
N PRO L 230 -23.50 4.77 -13.91
CA PRO L 230 -22.70 5.04 -15.11
C PRO L 230 -23.39 4.58 -16.38
N VAL L 231 -24.39 5.32 -16.83
CA VAL L 231 -25.14 4.99 -18.03
C VAL L 231 -24.51 5.72 -19.21
N VAL L 232 -24.21 4.98 -20.27
CA VAL L 232 -23.58 5.53 -21.46
C VAL L 232 -24.65 5.75 -22.53
N SER L 233 -24.72 6.98 -23.03
CA SER L 233 -25.66 7.36 -24.08
C SER L 233 -25.06 8.51 -24.85
N THR L 234 -25.65 8.82 -26.00
CA THR L 234 -25.08 9.83 -26.89
C THR L 234 -25.95 11.07 -27.00
N GLN L 235 -27.21 10.94 -27.40
CA GLN L 235 -28.04 12.09 -27.68
C GLN L 235 -29.05 12.41 -26.59
N LEU L 236 -29.54 11.39 -25.89
CA LEU L 236 -30.53 11.56 -24.85
C LEU L 236 -30.03 10.94 -23.56
N LEU L 237 -30.09 11.68 -22.47
CA LEU L 237 -29.67 11.17 -21.17
C LEU L 237 -30.78 10.30 -20.58
N LEU L 238 -30.39 9.12 -20.10
CA LEU L 238 -31.33 8.07 -19.75
C LEU L 238 -31.18 7.69 -18.28
N ASN L 239 -32.32 7.41 -17.64
CA ASN L 239 -32.37 6.88 -16.29
C ASN L 239 -31.64 7.77 -15.28
N GLY L 240 -31.77 9.08 -15.47
CA GLY L 240 -31.12 10.04 -14.60
C GLY L 240 -32.09 10.70 -13.64
N SER L 241 -31.58 11.68 -12.91
CA SER L 241 -32.37 12.46 -11.98
C SER L 241 -33.09 13.59 -12.70
N LEU L 242 -34.12 14.11 -12.05
CA LEU L 242 -34.95 15.17 -12.60
C LEU L 242 -34.71 16.48 -11.88
N ALA L 243 -34.82 17.57 -12.62
CA ALA L 243 -34.73 18.90 -12.02
C ALA L 243 -35.92 19.14 -11.10
N GLU L 244 -35.67 19.88 -10.03
CA GLU L 244 -36.70 20.06 -9.00
C GLU L 244 -37.85 20.93 -9.49
N GLU L 245 -37.54 22.08 -10.09
CA GLU L 245 -38.59 23.03 -10.45
C GLU L 245 -38.73 23.24 -11.95
N GLU L 246 -37.66 23.64 -12.64
CA GLU L 246 -37.77 24.02 -14.04
C GLU L 246 -36.66 23.36 -14.84
N ILE L 247 -36.79 23.45 -16.16
CA ILE L 247 -35.78 22.90 -17.06
C ILE L 247 -34.52 23.75 -16.96
N ILE L 248 -33.37 23.10 -16.85
CA ILE L 248 -32.09 23.77 -16.65
C ILE L 248 -31.26 23.62 -17.92
N ILE L 249 -30.78 24.73 -18.44
CA ILE L 249 -29.90 24.76 -19.61
C ILE L 249 -28.51 25.09 -19.13
N ARG L 250 -27.55 24.20 -19.40
CA ARG L 250 -26.18 24.35 -18.95
C ARG L 250 -25.24 24.36 -20.15
N SER L 251 -24.23 25.21 -20.10
CA SER L 251 -23.20 25.24 -21.13
C SER L 251 -21.97 25.95 -20.58
N GLU L 252 -20.80 25.44 -20.93
CA GLU L 252 -19.56 26.06 -20.49
C GLU L 252 -19.40 27.47 -21.06
N ASN L 253 -19.78 27.65 -22.31
CA ASN L 253 -19.71 28.95 -22.96
C ASN L 253 -20.81 29.00 -24.02
N LEU L 254 -21.89 29.74 -23.72
CA LEU L 254 -23.01 29.81 -24.65
C LEU L 254 -22.62 30.47 -25.97
N THR L 255 -21.80 31.52 -25.92
CA THR L 255 -21.41 32.22 -27.14
C THR L 255 -20.49 31.40 -28.04
N ASN L 256 -19.96 30.29 -27.55
CA ASN L 256 -19.10 29.41 -28.33
C ASN L 256 -19.95 28.25 -28.84
N ASN L 257 -20.05 28.11 -30.16
CA ASN L 257 -20.88 27.06 -30.74
C ASN L 257 -20.23 25.69 -30.66
N ALA L 258 -18.95 25.60 -30.30
CA ALA L 258 -18.28 24.32 -30.16
C ALA L 258 -18.48 23.68 -28.80
N LYS L 259 -19.19 24.34 -27.90
CA LYS L 259 -19.46 23.82 -26.56
C LYS L 259 -20.88 23.27 -26.51
N ASN L 260 -21.03 22.05 -26.02
CA ASN L 260 -22.33 21.40 -26.00
C ASN L 260 -23.25 22.06 -24.98
N ILE L 261 -24.55 21.81 -25.15
CA ILE L 261 -25.59 22.31 -24.27
C ILE L 261 -26.29 21.12 -23.63
N ILE L 262 -26.41 21.15 -22.32
CA ILE L 262 -27.11 20.11 -21.57
C ILE L 262 -28.46 20.66 -21.14
N VAL L 263 -29.53 20.00 -21.58
CA VAL L 263 -30.88 20.37 -21.21
C VAL L 263 -31.38 19.32 -20.24
N HIS L 264 -31.63 19.73 -19.00
CA HIS L 264 -32.09 18.85 -17.94
C HIS L 264 -33.58 19.12 -17.70
N LEU L 265 -34.39 18.07 -17.80
CA LEU L 265 -35.83 18.17 -17.73
C LEU L 265 -36.33 17.85 -16.33
N ASN L 266 -37.56 18.26 -16.05
CA ASN L 266 -38.23 17.95 -14.79
C ASN L 266 -39.34 16.92 -14.95
N LYS L 267 -39.56 16.41 -16.16
CA LYS L 267 -40.57 15.40 -16.40
C LYS L 267 -40.02 14.43 -17.44
N SER L 268 -39.71 13.21 -17.02
CA SER L 268 -39.07 12.24 -17.91
C SER L 268 -40.05 11.75 -18.97
N VAL L 269 -39.49 11.34 -20.11
CA VAL L 269 -40.29 10.80 -21.21
C VAL L 269 -39.94 9.33 -21.36
N SER L 270 -40.95 8.47 -21.27
CA SER L 270 -40.69 7.03 -21.29
C SER L 270 -40.46 6.55 -22.71
N ILE L 271 -39.41 5.77 -22.91
CA ILE L 271 -39.07 5.23 -24.22
C ILE L 271 -38.78 3.74 -24.08
N SER L 272 -39.39 2.92 -24.94
CA SER L 272 -39.27 1.46 -24.83
C SER L 272 -38.69 0.91 -26.12
N CYS L 273 -37.51 0.30 -26.04
CA CYS L 273 -36.80 -0.20 -27.20
C CYS L 273 -36.76 -1.71 -27.19
N THR L 274 -36.94 -2.31 -28.37
CA THR L 274 -37.07 -3.76 -28.48
C THR L 274 -36.37 -4.27 -29.73
N ARG L 275 -35.96 -5.52 -29.63
CA ARG L 275 -35.48 -6.33 -30.76
C ARG L 275 -36.33 -7.59 -30.81
N PRO L 276 -37.16 -7.76 -31.83
CA PRO L 276 -38.14 -8.86 -31.86
C PRO L 276 -37.71 -10.12 -32.60
N SER L 277 -36.50 -10.18 -33.14
CA SER L 277 -36.04 -11.38 -33.82
C SER L 277 -35.41 -12.33 -32.81
N ASN L 278 -35.73 -13.62 -32.95
CA ASN L 278 -35.29 -14.65 -32.03
C ASN L 278 -33.91 -15.13 -32.49
N ASN L 279 -32.87 -14.79 -31.72
CA ASN L 279 -31.51 -15.14 -32.06
C ASN L 279 -31.17 -16.51 -31.50
N THR L 280 -30.39 -17.27 -32.27
CA THR L 280 -29.90 -18.56 -31.81
C THR L 280 -28.42 -18.41 -31.49
N ARG L 281 -28.07 -18.44 -30.21
CA ARG L 281 -26.68 -18.35 -29.77
C ARG L 281 -26.08 -19.75 -29.77
N THR L 282 -24.99 -19.94 -30.51
CA THR L 282 -24.27 -21.19 -30.58
C THR L 282 -22.83 -20.97 -30.16
N SER L 283 -22.08 -22.06 -30.07
CA SER L 283 -20.73 -22.03 -29.55
C SER L 283 -19.78 -22.73 -30.51
N ILE L 284 -18.59 -22.17 -30.68
CA ILE L 284 -17.52 -22.75 -31.48
C ILE L 284 -16.25 -22.72 -30.64
N ARG L 285 -15.60 -23.88 -30.52
CA ARG L 285 -14.35 -23.96 -29.77
C ARG L 285 -13.19 -23.59 -30.69
N ILE L 286 -12.52 -22.48 -30.39
CA ILE L 286 -11.48 -21.93 -31.24
C ILE L 286 -10.10 -22.14 -30.65
N GLY L 287 -9.99 -22.82 -29.51
CA GLY L 287 -8.72 -23.07 -28.89
C GLY L 287 -8.90 -23.85 -27.61
N PRO L 288 -7.80 -24.08 -26.89
CA PRO L 288 -7.90 -24.81 -25.62
C PRO L 288 -8.66 -24.02 -24.57
N GLY L 289 -9.87 -24.46 -24.27
CA GLY L 289 -10.68 -23.77 -23.28
C GLY L 289 -11.24 -22.44 -23.71
N GLN L 290 -11.14 -22.09 -24.98
CA GLN L 290 -11.60 -20.80 -25.49
C GLN L 290 -12.83 -21.05 -26.36
N MET L 291 -13.93 -20.40 -26.02
CA MET L 291 -15.22 -20.65 -26.64
C MET L 291 -15.72 -19.36 -27.28
N PHE L 292 -16.23 -19.46 -28.50
CA PHE L 292 -16.69 -18.31 -29.27
C PHE L 292 -18.18 -18.42 -29.51
N TYR L 293 -18.92 -17.39 -29.13
CA TYR L 293 -20.37 -17.38 -29.21
C TYR L 293 -20.81 -16.54 -30.39
N ARG L 294 -21.71 -17.09 -31.21
CA ARG L 294 -22.09 -16.49 -32.48
C ARG L 294 -23.59 -16.56 -32.66
N THR L 295 -24.08 -15.93 -33.72
CA THR L 295 -25.50 -15.94 -34.07
C THR L 295 -25.73 -17.09 -35.04
N GLY L 296 -26.19 -18.22 -34.53
CA GLY L 296 -26.40 -19.38 -35.38
C GLY L 296 -27.51 -19.18 -36.39
N ASP L 297 -28.64 -18.63 -35.95
CA ASP L 297 -29.79 -18.51 -36.83
C ASP L 297 -30.71 -17.41 -36.34
N ILE L 298 -31.53 -16.92 -37.27
CA ILE L 298 -32.52 -15.88 -37.01
C ILE L 298 -33.89 -16.50 -37.24
N ILE L 299 -34.71 -16.55 -36.19
CA ILE L 299 -36.05 -17.13 -36.34
C ILE L 299 -37.08 -16.19 -35.73
N GLY L 300 -38.34 -16.64 -35.71
CA GLY L 300 -39.41 -15.81 -35.22
C GLY L 300 -39.65 -14.64 -36.15
N ASP L 301 -40.02 -13.49 -35.57
CA ASP L 301 -40.19 -12.29 -36.37
C ASP L 301 -38.84 -11.87 -36.94
N ILE L 302 -38.89 -11.20 -38.10
CA ILE L 302 -37.70 -10.70 -38.75
C ILE L 302 -37.72 -9.19 -38.88
N ARG L 303 -38.61 -8.52 -38.16
CA ARG L 303 -38.68 -7.06 -38.22
C ARG L 303 -37.48 -6.43 -37.54
N LYS L 304 -37.14 -5.22 -37.97
CA LYS L 304 -36.00 -4.51 -37.42
C LYS L 304 -36.26 -4.09 -35.98
N ALA L 305 -35.18 -3.88 -35.23
CA ALA L 305 -35.31 -3.38 -33.88
C ALA L 305 -35.81 -1.93 -33.90
N TYR L 306 -36.60 -1.58 -32.89
CA TYR L 306 -37.20 -0.25 -32.90
C TYR L 306 -37.44 0.25 -31.50
N CYS L 307 -37.54 1.57 -31.38
CA CYS L 307 -37.88 2.24 -30.13
C CYS L 307 -39.24 2.92 -30.26
N GLU L 308 -40.02 2.86 -29.19
CA GLU L 308 -41.38 3.36 -29.14
C GLU L 308 -41.47 4.49 -28.13
N LEU L 309 -42.07 5.61 -28.55
CA LEU L 309 -42.16 6.80 -27.74
C LEU L 309 -43.54 7.43 -27.96
N ASN L 310 -43.98 8.24 -27.00
CA ASN L 310 -45.29 8.87 -27.08
C ASN L 310 -45.16 10.27 -27.68
N GLY L 311 -45.93 10.53 -28.73
CA GLY L 311 -45.77 11.77 -29.48
C GLY L 311 -46.12 13.02 -28.69
N THR L 312 -47.23 12.97 -27.94
CA THR L 312 -47.68 14.16 -27.23
C THR L 312 -46.69 14.59 -26.16
N GLU L 313 -46.15 13.62 -25.42
CA GLU L 313 -45.17 13.96 -24.38
C GLU L 313 -43.92 14.58 -25.00
N TRP L 314 -43.46 14.04 -26.13
CA TRP L 314 -42.32 14.62 -26.80
C TRP L 314 -42.62 16.02 -27.28
N ASN L 315 -43.83 16.24 -27.80
CA ASN L 315 -44.22 17.57 -28.28
C ASN L 315 -44.21 18.58 -27.14
N GLU L 316 -44.77 18.21 -25.98
CA GLU L 316 -44.80 19.14 -24.87
C GLU L 316 -43.40 19.38 -24.30
N THR L 317 -42.55 18.34 -24.31
CA THR L 317 -41.18 18.52 -23.86
C THR L 317 -40.42 19.48 -24.77
N LEU L 318 -40.59 19.33 -26.08
CA LEU L 318 -39.95 20.27 -27.01
C LEU L 318 -40.48 21.69 -26.82
N ASN L 319 -41.79 21.83 -26.59
CA ASN L 319 -42.35 23.14 -26.35
C ASN L 319 -41.72 23.79 -25.12
N LYS L 320 -41.62 23.04 -24.03
CA LYS L 320 -41.00 23.58 -22.82
C LYS L 320 -39.54 23.92 -23.05
N VAL L 321 -38.81 23.06 -23.76
CA VAL L 321 -37.39 23.29 -24.00
C VAL L 321 -37.18 24.54 -24.83
N THR L 322 -37.99 24.74 -25.87
CA THR L 322 -37.81 25.92 -26.70
C THR L 322 -38.23 27.19 -25.95
N GLU L 323 -39.27 27.12 -25.11
CA GLU L 323 -39.62 28.28 -24.29
C GLU L 323 -38.48 28.63 -23.34
N LYS L 324 -37.84 27.63 -22.75
CA LYS L 324 -36.73 27.90 -21.85
C LYS L 324 -35.51 28.44 -22.60
N LEU L 325 -35.24 27.90 -23.78
CA LEU L 325 -34.09 28.35 -24.57
C LEU L 325 -34.28 29.74 -25.14
N LYS L 326 -35.52 30.18 -25.34
CA LYS L 326 -35.77 31.53 -25.84
C LYS L 326 -35.27 32.59 -24.86
N GLU L 327 -35.04 32.22 -23.60
CA GLU L 327 -34.50 33.16 -22.63
C GLU L 327 -33.04 33.53 -22.91
N HIS L 328 -32.26 32.62 -23.47
CA HIS L 328 -30.84 32.85 -23.73
C HIS L 328 -30.55 33.24 -25.17
N PHE L 329 -31.31 32.74 -26.13
CA PHE L 329 -31.16 33.10 -27.53
C PHE L 329 -32.40 33.86 -27.97
N ASN L 330 -32.18 35.02 -28.58
CA ASN L 330 -33.27 35.92 -28.93
C ASN L 330 -33.92 35.59 -30.26
N LYS L 331 -33.41 34.60 -30.98
CA LYS L 331 -33.89 34.26 -32.32
C LYS L 331 -34.90 33.12 -32.25
N THR L 332 -35.57 32.88 -33.37
CA THR L 332 -36.45 31.73 -33.48
C THR L 332 -35.65 30.44 -33.37
N ILE L 333 -36.17 29.49 -32.59
CA ILE L 333 -35.45 28.26 -32.27
C ILE L 333 -36.06 27.13 -33.07
N VAL L 334 -35.20 26.45 -33.85
CA VAL L 334 -35.61 25.30 -34.65
C VAL L 334 -34.66 24.15 -34.36
N PHE L 335 -35.14 22.94 -34.61
CA PHE L 335 -34.39 21.72 -34.43
C PHE L 335 -34.18 21.04 -35.77
N GLN L 336 -33.00 20.46 -35.96
CA GLN L 336 -32.65 19.75 -37.18
C GLN L 336 -31.90 18.48 -36.82
N PRO L 337 -31.97 17.45 -37.66
CA PRO L 337 -31.19 16.24 -37.42
C PRO L 337 -29.71 16.50 -37.56
N PRO L 338 -28.85 15.63 -37.01
CA PRO L 338 -27.41 15.87 -37.08
C PRO L 338 -26.93 16.00 -38.52
N SER L 339 -25.97 16.91 -38.72
CA SER L 339 -25.54 17.26 -40.06
C SER L 339 -24.91 16.08 -40.80
N GLY L 340 -24.04 15.33 -40.12
CA GLY L 340 -23.40 14.20 -40.77
C GLY L 340 -22.37 13.58 -39.85
N GLY L 341 -21.63 12.64 -40.42
CA GLY L 341 -20.60 11.89 -39.72
C GLY L 341 -20.81 10.41 -39.89
N ASP L 342 -20.16 9.64 -39.04
CA ASP L 342 -20.27 8.18 -39.07
C ASP L 342 -21.51 7.76 -38.30
N LEU L 343 -21.63 6.45 -38.06
CA LEU L 343 -22.76 5.94 -37.29
C LEU L 343 -22.68 6.35 -35.83
N GLU L 344 -21.46 6.56 -35.32
CA GLU L 344 -21.29 6.81 -33.89
C GLU L 344 -21.74 8.21 -33.50
N THR L 345 -21.43 9.21 -34.32
CA THR L 345 -21.65 10.61 -33.98
C THR L 345 -22.96 11.16 -34.49
N THR L 346 -23.79 10.35 -35.14
CA THR L 346 -25.05 10.82 -35.70
C THR L 346 -26.28 10.18 -35.06
N MET L 347 -26.20 8.92 -34.67
CA MET L 347 -27.36 8.18 -34.18
C MET L 347 -27.25 7.93 -32.68
N HIS L 348 -28.42 7.87 -32.05
CA HIS L 348 -28.51 7.69 -30.60
C HIS L 348 -28.02 6.29 -30.23
N HIS L 349 -26.84 6.21 -29.65
CA HIS L 349 -26.25 4.95 -29.24
C HIS L 349 -26.57 4.68 -27.79
N PHE L 350 -27.02 3.46 -27.49
CA PHE L 350 -27.22 3.06 -26.11
C PHE L 350 -27.09 1.56 -25.99
N ASN L 351 -27.24 1.06 -24.77
CA ASN L 351 -26.98 -0.33 -24.42
C ASN L 351 -27.99 -0.79 -23.40
N CYS L 352 -28.51 -2.01 -23.59
CA CYS L 352 -29.19 -2.68 -22.50
C CYS L 352 -29.43 -4.15 -22.84
N ARG L 353 -29.53 -4.97 -21.79
CA ARG L 353 -29.55 -6.43 -21.89
C ARG L 353 -28.38 -6.95 -22.73
N GLY L 354 -27.25 -6.27 -22.69
CA GLY L 354 -26.08 -6.68 -23.43
C GLY L 354 -26.13 -6.37 -24.90
N GLU L 355 -27.17 -5.68 -25.38
CA GLU L 355 -27.31 -5.36 -26.79
C GLU L 355 -27.03 -3.88 -27.00
N PHE L 356 -26.30 -3.57 -28.08
CA PHE L 356 -25.84 -2.22 -28.39
C PHE L 356 -26.65 -1.69 -29.56
N PHE L 357 -27.54 -0.74 -29.27
CA PHE L 357 -28.48 -0.18 -30.22
C PHE L 357 -27.96 1.15 -30.75
N TYR L 358 -28.16 1.37 -32.04
CA TYR L 358 -27.91 2.66 -32.69
C TYR L 358 -29.22 3.07 -33.35
N CYS L 359 -29.88 4.09 -32.80
CA CYS L 359 -31.25 4.42 -33.16
C CYS L 359 -31.31 5.74 -33.90
N ASN L 360 -32.13 5.78 -34.95
CA ASN L 360 -32.35 6.96 -35.75
C ASN L 360 -33.34 7.88 -35.06
N THR L 361 -32.96 9.15 -34.88
CA THR L 361 -33.76 10.12 -34.16
C THR L 361 -34.14 11.31 -35.04
N THR L 362 -34.34 11.08 -36.34
CA THR L 362 -34.70 12.17 -37.23
C THR L 362 -36.14 12.64 -37.00
N LYS L 363 -37.03 11.70 -36.66
CA LYS L 363 -38.42 12.08 -36.38
C LYS L 363 -38.52 12.97 -35.16
N LEU L 364 -37.75 12.67 -34.11
CA LEU L 364 -37.83 13.46 -32.89
C LEU L 364 -37.39 14.90 -33.12
N PHE L 365 -36.31 15.10 -33.87
CA PHE L 365 -35.72 16.43 -34.05
C PHE L 365 -35.86 16.81 -35.53
N ASN L 366 -37.02 17.37 -35.88
CA ASN L 366 -37.25 17.82 -37.25
C ASN L 366 -38.34 18.88 -37.22
N THR L 367 -37.94 20.15 -37.35
CA THR L 367 -38.88 21.25 -37.39
C THR L 367 -38.26 22.49 -38.02
N GLU L 374 -48.32 15.23 -36.87
CA GLU L 374 -47.12 14.41 -36.98
C GLU L 374 -46.86 13.62 -35.71
N PHE L 375 -47.07 14.27 -34.57
CA PHE L 375 -46.84 13.67 -33.27
C PHE L 375 -48.11 13.06 -32.67
N ASN L 376 -49.17 12.92 -33.46
CA ASN L 376 -50.45 12.40 -32.97
C ASN L 376 -50.33 10.90 -32.78
N GLY L 377 -49.88 10.51 -31.58
CA GLY L 377 -49.87 9.11 -31.23
C GLY L 377 -48.51 8.59 -30.82
N THR L 378 -48.05 7.54 -31.51
CA THR L 378 -46.80 6.87 -31.20
C THR L 378 -45.74 7.16 -32.26
N ILE L 379 -44.52 7.40 -31.80
CA ILE L 379 -43.35 7.58 -32.65
C ILE L 379 -42.52 6.31 -32.59
N ILE L 380 -42.22 5.76 -33.76
CA ILE L 380 -41.40 4.56 -33.91
C ILE L 380 -40.08 4.96 -34.55
N LEU L 381 -38.97 4.62 -33.90
CA LEU L 381 -37.65 4.95 -34.39
C LEU L 381 -36.91 3.67 -34.76
N PRO L 382 -36.41 3.56 -35.99
CA PRO L 382 -35.62 2.39 -36.36
C PRO L 382 -34.30 2.35 -35.61
N CYS L 383 -33.81 1.14 -35.40
CA CYS L 383 -32.53 0.95 -34.73
C CYS L 383 -31.78 -0.19 -35.39
N ARG L 384 -30.46 -0.16 -35.26
CA ARG L 384 -29.58 -1.21 -35.75
C ARG L 384 -28.70 -1.70 -34.62
N ILE L 385 -28.51 -3.00 -34.55
CA ILE L 385 -27.70 -3.63 -33.51
C ILE L 385 -26.27 -3.74 -34.00
N LYS L 386 -25.32 -3.47 -33.12
CA LYS L 386 -23.91 -3.65 -33.42
C LYS L 386 -23.28 -4.60 -32.41
N GLN L 387 -22.32 -5.39 -32.87
CA GLN L 387 -21.63 -6.36 -32.03
C GLN L 387 -20.21 -5.95 -31.66
N ILE L 388 -19.48 -5.33 -32.58
CA ILE L 388 -18.13 -4.85 -32.31
C ILE L 388 -18.22 -3.38 -31.98
N VAL L 389 -17.99 -3.03 -30.71
CA VAL L 389 -18.19 -1.67 -30.23
C VAL L 389 -16.95 -1.18 -29.50
N ASN L 390 -16.84 0.15 -29.41
CA ASN L 390 -15.80 0.80 -28.62
C ASN L 390 -16.36 2.13 -28.11
N MET L 391 -16.92 2.10 -26.90
CA MET L 391 -17.60 3.27 -26.36
C MET L 391 -16.63 4.43 -26.15
N TRP L 392 -15.44 4.15 -25.63
CA TRP L 392 -14.42 5.17 -25.43
C TRP L 392 -13.28 4.90 -26.41
N GLN L 393 -13.03 5.87 -27.29
CA GLN L 393 -12.04 5.69 -28.35
C GLN L 393 -10.64 5.60 -27.74
N GLY L 394 -9.87 4.61 -28.19
CA GLY L 394 -8.52 4.43 -27.70
C GLY L 394 -8.43 3.63 -26.42
N VAL L 395 -8.85 4.23 -25.30
CA VAL L 395 -8.76 3.56 -24.02
C VAL L 395 -9.65 2.34 -23.95
N GLY L 396 -10.82 2.40 -24.58
CA GLY L 396 -11.76 1.29 -24.56
C GLY L 396 -11.44 0.15 -25.50
N GLN L 397 -10.40 0.28 -26.32
CA GLN L 397 -10.00 -0.75 -27.27
C GLN L 397 -11.16 -1.13 -28.18
N ALA L 398 -11.52 -2.40 -28.18
CA ALA L 398 -12.68 -2.88 -28.95
C ALA L 398 -13.21 -4.13 -28.28
N MET L 399 -14.54 -4.25 -28.23
CA MET L 399 -15.20 -5.37 -27.58
C MET L 399 -16.16 -6.02 -28.54
N TYR L 400 -16.24 -7.35 -28.49
CA TYR L 400 -17.24 -8.11 -29.23
C TYR L 400 -18.33 -8.54 -28.25
N ALA L 401 -19.56 -8.11 -28.52
CA ALA L 401 -20.69 -8.42 -27.64
C ALA L 401 -21.37 -9.70 -28.12
N PRO L 402 -21.38 -10.76 -27.33
CA PRO L 402 -22.02 -12.00 -27.77
C PRO L 402 -23.52 -11.82 -27.86
N PRO L 403 -24.20 -12.61 -28.70
CA PRO L 403 -25.65 -12.44 -28.86
C PRO L 403 -26.41 -12.85 -27.61
N ILE L 404 -27.61 -12.30 -27.48
CA ILE L 404 -28.52 -12.61 -26.38
C ILE L 404 -29.74 -13.31 -26.96
N SER L 405 -30.02 -14.52 -26.48
CA SER L 405 -31.13 -15.30 -26.99
C SER L 405 -32.45 -14.77 -26.47
N GLY L 406 -33.47 -14.84 -27.31
CA GLY L 406 -34.80 -14.41 -26.95
C GLY L 406 -35.18 -13.06 -27.52
N ILE L 407 -36.31 -12.56 -27.06
CA ILE L 407 -36.82 -11.25 -27.47
C ILE L 407 -36.32 -10.22 -26.48
N ILE L 408 -35.85 -9.09 -26.99
CA ILE L 408 -35.31 -8.04 -26.14
C ILE L 408 -36.33 -6.91 -26.04
N ASN L 409 -36.68 -6.55 -24.81
CA ASN L 409 -37.57 -5.42 -24.55
C ASN L 409 -37.02 -4.67 -23.34
N CYS L 410 -37.01 -3.35 -23.41
CA CYS L 410 -36.19 -2.55 -22.51
C CYS L 410 -36.76 -1.15 -22.39
N THR L 411 -37.25 -0.79 -21.21
CA THR L 411 -37.92 0.48 -20.98
C THR L 411 -37.00 1.40 -20.19
N SER L 412 -37.02 2.70 -20.52
CA SER L 412 -36.15 3.67 -19.87
C SER L 412 -36.82 5.03 -19.84
N ASN L 413 -36.25 5.92 -19.02
CA ASN L 413 -36.70 7.30 -18.89
C ASN L 413 -35.71 8.22 -19.59
N ILE L 414 -36.23 9.21 -20.31
CA ILE L 414 -35.42 10.28 -20.86
C ILE L 414 -35.50 11.45 -19.89
N THR L 415 -34.33 11.86 -19.38
CA THR L 415 -34.23 12.92 -18.39
C THR L 415 -33.41 14.11 -18.87
N GLY L 416 -32.80 14.03 -20.04
CA GLY L 416 -31.97 15.13 -20.52
C GLY L 416 -31.59 14.94 -21.96
N ILE L 417 -31.19 16.05 -22.58
CA ILE L 417 -30.77 16.08 -23.97
C ILE L 417 -29.43 16.82 -24.06
N ILE L 418 -28.66 16.48 -25.09
CA ILE L 418 -27.43 17.19 -25.43
C ILE L 418 -27.62 17.80 -26.81
N LEU L 419 -27.32 19.10 -26.92
CA LEU L 419 -27.55 19.84 -28.15
C LEU L 419 -26.28 20.59 -28.55
N THR L 420 -26.21 20.93 -29.84
CA THR L 420 -25.15 21.76 -30.37
C THR L 420 -25.74 22.68 -31.42
N ARG L 421 -25.34 23.95 -31.39
CA ARG L 421 -25.91 24.94 -32.29
C ARG L 421 -24.92 25.29 -33.38
N ASP L 422 -25.44 25.53 -34.58
CA ASP L 422 -24.62 25.89 -35.72
C ASP L 422 -24.36 27.39 -35.74
N GLY L 423 -23.19 27.77 -36.24
CA GLY L 423 -22.81 29.17 -36.35
C GLY L 423 -22.66 29.61 -37.80
N GLY L 424 -22.30 30.89 -37.94
CA GLY L 424 -22.10 31.44 -39.28
C GLY L 424 -23.40 31.66 -40.00
N ASN L 425 -23.39 31.40 -41.30
CA ASN L 425 -24.55 31.55 -42.19
C ASN L 425 -25.05 32.99 -42.26
N GLY L 426 -24.19 33.96 -41.92
CA GLY L 426 -24.61 35.34 -41.98
C GLY L 426 -25.62 35.68 -40.90
N ASN L 427 -26.44 36.69 -41.19
CA ASN L 427 -27.47 37.16 -40.26
C ASN L 427 -28.77 36.44 -40.57
N THR L 428 -28.91 35.22 -40.06
CA THR L 428 -30.14 34.48 -40.21
C THR L 428 -31.17 34.96 -39.18
N THR L 429 -32.43 34.60 -39.42
CA THR L 429 -33.50 34.92 -38.50
C THR L 429 -33.81 33.79 -37.52
N ASP L 430 -33.08 32.68 -37.59
CA ASP L 430 -33.35 31.55 -36.71
C ASP L 430 -32.04 30.86 -36.34
N GLU L 431 -32.07 30.17 -35.22
CA GLU L 431 -30.94 29.40 -34.72
C GLU L 431 -31.26 27.91 -34.78
N THR L 432 -30.31 27.13 -35.29
CA THR L 432 -30.50 25.70 -35.51
C THR L 432 -29.77 24.90 -34.44
N PHE L 433 -30.49 23.99 -33.79
CA PHE L 433 -29.93 23.09 -32.79
C PHE L 433 -30.03 21.65 -33.28
N ARG L 434 -28.95 20.90 -33.11
CA ARG L 434 -28.88 19.52 -33.52
C ARG L 434 -28.41 18.65 -32.37
N PRO L 435 -28.92 17.43 -32.25
CA PRO L 435 -28.40 16.51 -31.24
C PRO L 435 -26.95 16.15 -31.54
N GLY L 436 -26.20 15.89 -30.48
CA GLY L 436 -24.79 15.59 -30.66
C GLY L 436 -24.08 15.47 -29.32
N GLY L 437 -22.78 15.72 -29.35
CA GLY L 437 -21.96 15.61 -28.16
C GLY L 437 -21.24 14.28 -28.09
N GLY L 438 -19.94 14.29 -28.38
CA GLY L 438 -19.16 13.07 -28.39
C GLY L 438 -18.29 12.89 -27.17
N ASN L 439 -18.62 13.58 -26.09
CA ASN L 439 -17.85 13.53 -24.85
C ASN L 439 -18.68 12.83 -23.79
N ILE L 440 -18.13 11.74 -23.23
CA ILE L 440 -18.84 10.99 -22.20
C ILE L 440 -18.90 11.79 -20.90
N LYS L 441 -17.94 12.69 -20.68
CA LYS L 441 -17.94 13.51 -19.47
C LYS L 441 -19.25 14.25 -19.29
N ASP L 442 -19.86 14.67 -20.40
CA ASP L 442 -21.10 15.42 -20.33
C ASP L 442 -22.20 14.66 -19.62
N ASN L 443 -22.16 13.33 -19.67
CA ASN L 443 -23.11 12.54 -18.89
C ASN L 443 -22.83 12.69 -17.40
N TRP L 444 -21.57 12.49 -16.98
CA TRP L 444 -21.26 12.57 -15.56
C TRP L 444 -21.55 13.95 -15.00
N ARG L 445 -21.24 15.00 -15.75
CA ARG L 445 -21.50 16.36 -15.30
C ARG L 445 -22.98 16.61 -15.07
N SER L 446 -23.86 15.82 -15.65
CA SER L 446 -25.29 16.00 -15.41
C SER L 446 -25.70 15.54 -14.01
N GLU L 447 -24.84 14.83 -13.28
CA GLU L 447 -25.15 14.39 -11.94
C GLU L 447 -24.22 14.91 -10.86
N LEU L 448 -23.01 15.32 -11.22
CA LEU L 448 -22.02 15.80 -10.25
C LEU L 448 -21.92 17.32 -10.22
N TYR L 449 -22.85 18.03 -10.84
CA TYR L 449 -22.79 19.48 -10.87
C TYR L 449 -23.11 20.11 -9.53
N LYS L 450 -23.71 19.36 -8.61
CA LYS L 450 -24.11 19.89 -7.30
C LYS L 450 -23.02 19.77 -6.24
N TYR L 451 -21.90 19.12 -6.54
CA TYR L 451 -20.97 18.70 -5.51
C TYR L 451 -19.63 19.41 -5.65
N LYS L 452 -19.05 19.74 -4.49
CA LYS L 452 -17.73 20.36 -4.38
C LYS L 452 -16.96 19.63 -3.28
N VAL L 453 -15.66 19.50 -3.47
CA VAL L 453 -14.80 18.81 -2.51
C VAL L 453 -13.95 19.84 -1.79
N VAL L 454 -13.94 19.78 -0.45
CA VAL L 454 -13.16 20.73 0.34
C VAL L 454 -12.36 19.99 1.39
N GLN L 455 -11.21 20.58 1.76
CA GLN L 455 -10.38 20.07 2.85
C GLN L 455 -10.52 20.98 4.06
N ILE L 456 -10.64 20.37 5.23
CA ILE L 456 -10.84 21.09 6.48
C ILE L 456 -9.49 21.48 7.05
N GLU L 457 -9.39 22.73 7.52
CA GLU L 457 -8.20 23.21 8.21
C GLU L 457 -8.57 23.46 9.66
N PRO L 458 -8.28 22.53 10.58
CA PRO L 458 -8.87 22.56 11.92
C PRO L 458 -8.07 23.29 12.99
N LEU L 459 -7.05 24.05 12.64
CA LEU L 459 -6.17 24.68 13.63
C LEU L 459 -6.28 26.19 13.51
N GLY L 460 -6.61 26.86 14.61
CA GLY L 460 -6.82 28.30 14.58
C GLY L 460 -6.16 28.97 15.77
N ILE L 461 -5.86 30.25 15.59
CA ILE L 461 -5.17 31.06 16.59
C ILE L 461 -6.00 32.32 16.84
N ALA L 462 -6.23 32.64 18.10
CA ALA L 462 -7.07 33.78 18.44
C ALA L 462 -6.50 34.55 19.62
N PRO L 463 -6.82 35.83 19.74
CA PRO L 463 -6.48 36.56 20.97
C PRO L 463 -7.54 36.35 22.04
N THR L 464 -7.08 36.08 23.26
CA THR L 464 -7.97 35.82 24.37
C THR L 464 -7.30 36.23 25.67
N ARG L 465 -8.10 36.71 26.63
CA ARG L 465 -7.60 37.18 27.92
C ARG L 465 -7.32 35.98 28.84
N CYS L 466 -6.36 35.16 28.43
CA CYS L 466 -6.06 33.94 29.16
C CYS L 466 -4.57 33.67 29.09
N LYS L 467 -3.91 33.67 30.24
CA LYS L 467 -2.50 33.33 30.35
C LYS L 467 -2.37 31.87 30.76
N ARG L 468 -1.27 31.24 30.37
CA ARG L 468 -1.12 29.81 30.54
C ARG L 468 -1.13 29.42 32.02
N ARG L 469 -0.38 30.12 32.84
CA ARG L 469 -0.29 29.79 34.26
C ARG L 469 -1.37 30.48 35.07
C1 NAG M . 26.94 -4.76 25.44
C2 NAG M . 27.20 -6.25 25.65
C3 NAG M . 27.88 -6.85 24.42
C4 NAG M . 27.12 -6.51 23.15
C5 NAG M . 26.91 -4.99 23.07
C6 NAG M . 26.07 -4.57 21.89
C7 NAG M . 27.55 -7.04 27.95
C8 NAG M . 28.53 -7.19 29.08
N2 NAG M . 28.02 -6.47 26.84
O3 NAG M . 27.95 -8.26 24.56
O4 NAG M . 27.85 -6.94 22.01
O5 NAG M . 26.22 -4.55 24.25
O6 NAG M . 25.59 -3.24 22.05
O7 NAG M . 26.39 -7.44 28.04
C1 NAG M . 27.09 -7.87 21.23
C2 NAG M . 27.50 -7.71 19.77
C3 NAG M . 26.77 -8.71 18.89
C4 NAG M . 26.96 -10.12 19.43
C5 NAG M . 26.57 -10.20 20.89
C6 NAG M . 26.84 -11.54 21.51
C7 NAG M . 28.23 -5.55 18.84
C8 NAG M . 27.80 -4.19 18.40
N2 NAG M . 27.26 -6.36 19.30
O3 NAG M . 27.24 -8.62 17.55
O4 NAG M . 26.17 -11.04 18.67
O5 NAG M . 27.31 -9.22 21.65
O6 NAG M . 27.97 -12.16 20.92
O7 NAG M . 29.40 -5.92 18.78
C1 NAG N . -27.99 -4.24 24.76
C2 NAG N . -29.27 -4.07 23.95
C3 NAG N . -29.48 -5.29 23.04
C4 NAG N . -28.25 -5.58 22.21
C5 NAG N . -27.04 -5.71 23.12
C6 NAG N . -25.74 -5.90 22.37
C7 NAG N . -30.88 -2.70 25.20
C8 NAG N . -32.05 -2.71 26.12
N2 NAG N . -30.41 -3.89 24.83
O3 NAG N . -30.59 -5.03 22.18
O4 NAG N . -28.43 -6.80 21.50
O5 NAG N . -26.90 -4.51 23.89
O6 NAG N . -24.95 -4.71 22.40
O7 NAG N . -30.37 -1.66 24.80
C1 NAG N . -28.31 -6.59 20.08
C2 NAG N . -27.72 -7.86 19.46
C3 NAG N . -27.62 -7.71 17.94
C4 NAG N . -28.97 -7.32 17.36
C5 NAG N . -29.50 -6.07 18.05
C6 NAG N . -30.88 -5.69 17.60
C7 NAG N . -26.06 -9.40 20.41
C8 NAG N . -24.68 -9.52 20.98
N2 NAG N . -26.42 -8.16 20.02
O3 NAG N . -27.17 -8.94 17.38
O4 NAG N . -28.83 -7.06 15.97
O5 NAG N . -29.57 -6.29 19.47
O6 NAG N . -31.07 -5.98 16.22
O7 NAG N . -26.81 -10.36 20.30
C1 NAG O . 0.39 37.30 2.53
C2 NAG O . 1.50 37.77 1.61
C3 NAG O . 1.11 37.60 0.14
C4 NAG O . 0.61 36.18 -0.12
C5 NAG O . -0.48 35.81 0.87
C6 NAG O . -0.95 34.38 0.74
C7 NAG O . 2.80 39.53 2.73
C8 NAG O . 3.00 41.01 2.89
N2 NAG O . 1.83 39.16 1.89
O3 NAG O . 2.22 37.89 -0.68
O4 NAG O . 0.09 36.11 -1.44
O5 NAG O . 0.02 35.97 2.20
O6 NAG O . -0.38 33.56 1.75
O7 NAG O . 3.49 38.71 3.34
C1 NAG O . 0.82 35.14 -2.22
C2 NAG O . -0.13 34.60 -3.30
C3 NAG O . 0.61 33.60 -4.19
C4 NAG O . 1.88 34.24 -4.76
C5 NAG O . 2.74 34.78 -3.62
C6 NAG O . 3.96 35.52 -4.11
C7 NAG O . -2.54 34.36 -2.95
C8 NAG O . -3.62 33.60 -2.23
N2 NAG O . -1.28 33.97 -2.70
O3 NAG O . -0.24 33.20 -5.25
O4 NAG O . 2.62 33.27 -5.48
O5 NAG O . 1.97 35.72 -2.83
O6 NAG O . 4.44 34.98 -5.32
O7 NAG O . -2.79 35.29 -3.70
C1 NAG P . 16.14 -4.24 -52.14
C2 NAG P . 16.39 -2.97 -52.96
C3 NAG P . 15.10 -2.50 -53.63
C4 NAG P . 14.49 -3.62 -54.44
C5 NAG P . 14.27 -4.84 -53.54
C6 NAG P . 13.76 -6.05 -54.30
C7 NAG P . 18.25 -1.58 -52.15
C8 NAG P . 18.66 -0.47 -51.23
N2 NAG P . 16.96 -1.91 -52.14
O3 NAG P . 15.37 -1.38 -54.46
O4 NAG P . 13.25 -3.21 -55.00
O5 NAG P . 15.53 -5.23 -52.97
O6 NAG P . 14.69 -7.11 -54.29
O7 NAG P . 19.06 -2.16 -52.87
C1 NAG P . 13.39 -3.20 -56.43
C2 NAG P . 12.01 -2.98 -57.06
C3 NAG P . 12.12 -2.95 -58.58
C4 NAG P . 13.15 -1.91 -59.00
C5 NAG P . 14.48 -2.15 -58.30
C6 NAG P . 15.51 -1.08 -58.58
C7 NAG P . 10.21 -3.86 -55.64
C8 NAG P . 9.32 -5.03 -55.34
N2 NAG P . 11.09 -4.02 -56.64
O3 NAG P . 10.85 -2.63 -59.13
O4 NAG P . 13.35 -1.97 -60.42
O5 NAG P . 14.29 -2.17 -56.87
O6 NAG P . 15.63 -0.84 -59.98
O7 NAG P . 10.13 -2.80 -55.02
C1 NAG Q . 22.54 -18.24 -30.67
C2 NAG Q . 23.38 -19.03 -29.67
C3 NAG Q . 24.77 -18.41 -29.54
C4 NAG Q . 25.42 -18.26 -30.91
C5 NAG Q . 24.50 -17.48 -31.84
C6 NAG Q . 25.01 -17.38 -33.26
C7 NAG Q . 22.40 -20.23 -27.76
C8 NAG Q . 21.74 -20.09 -26.42
N2 NAG Q . 22.73 -19.09 -28.37
O3 NAG Q . 25.58 -19.24 -28.72
O4 NAG Q . 26.66 -17.57 -30.79
O5 NAG Q . 23.23 -18.14 -31.92
O6 NAG Q . 24.08 -16.73 -34.11
O7 NAG Q . 22.63 -21.32 -28.27
C1 NAG Q . 27.73 -18.43 -31.25
C2 NAG Q . 28.95 -17.57 -31.53
C3 NAG Q . 30.12 -18.46 -31.98
C4 NAG Q . 30.37 -19.56 -30.96
C5 NAG Q . 29.09 -20.34 -30.69
C6 NAG Q . 29.23 -21.37 -29.60
C7 NAG Q . 28.32 -15.31 -32.22
C8 NAG Q . 28.06 -14.39 -33.37
N2 NAG Q . 28.67 -16.56 -32.53
O3 NAG Q . 31.29 -17.66 -32.12
O4 NAG Q . 31.37 -20.45 -31.45
O5 NAG Q . 28.05 -19.44 -30.27
O6 NAG Q . 30.48 -22.04 -29.68
O7 NAG Q . 28.24 -14.92 -31.05
C1 NAG R . 43.04 7.23 -0.33
C2 NAG R . 44.35 6.45 -0.43
C3 NAG R . 45.13 6.53 0.88
C4 NAG R . 45.31 7.98 1.31
C5 NAG R . 43.95 8.67 1.37
C6 NAG R . 44.06 10.16 1.66
C7 NAG R . 44.70 4.44 -1.79
C8 NAG R . 44.32 3.01 -2.01
N2 NAG R . 44.10 5.06 -0.78
O3 NAG R . 46.40 5.91 0.72
O4 NAG R . 45.88 8.03 2.62
O5 NAG R . 43.31 8.56 0.09
O6 NAG R . 43.75 10.93 0.51
O7 NAG R . 45.52 5.01 -2.51
C1 NAG R . 47.26 8.38 2.58
C2 NAG R . 47.53 9.34 3.74
C3 NAG R . 49.03 9.64 3.84
C4 NAG R . 49.83 8.35 3.90
C5 NAG R . 49.46 7.47 2.71
C6 NAG R . 50.13 6.12 2.73
C7 NAG R . 46.44 11.36 4.59
C8 NAG R . 45.65 12.58 4.24
N2 NAG R . 46.78 10.57 3.58
O3 NAG R . 49.26 10.41 5.02
O4 NAG R . 51.21 8.66 3.88
O5 NAG R . 48.05 7.23 2.72
O6 NAG R . 49.92 5.42 1.50
O7 NAG R . 46.76 11.10 5.75
C1 BMA R . 51.92 7.98 4.94
C2 BMA R . 53.40 8.09 4.61
C3 BMA R . 54.20 7.35 5.65
C4 BMA R . 53.81 7.79 7.07
C5 BMA R . 52.28 7.81 7.27
C6 BMA R . 51.90 8.45 8.58
O2 BMA R . 53.81 9.44 4.71
O3 BMA R . 55.59 7.54 5.45
O4 BMA R . 54.39 6.91 8.02
O5 BMA R . 51.68 8.55 6.21
O6 BMA R . 52.89 9.43 8.86
C1 MAN R . 56.14 6.44 4.70
C2 MAN R . 57.64 6.37 5.02
C3 MAN R . 58.32 7.60 4.48
C4 MAN R . 58.05 7.76 2.99
C5 MAN R . 56.54 7.79 2.74
C6 MAN R . 56.19 7.78 1.27
O2 MAN R . 58.24 5.28 4.34
O3 MAN R . 59.72 7.57 4.72
O4 MAN R . 58.62 8.96 2.53
O5 MAN R . 55.93 6.61 3.32
O6 MAN R . 56.98 8.76 0.62
C1 MAN R . 58.70 4.33 5.33
C2 MAN R . 59.94 3.58 4.74
C3 MAN R . 59.53 2.46 3.79
C4 MAN R . 58.45 1.61 4.40
C5 MAN R . 57.25 2.49 4.71
C6 MAN R . 56.08 1.73 5.26
O2 MAN R . 60.71 2.97 5.74
O3 MAN R . 60.65 1.66 3.43
O4 MAN R . 58.08 0.59 3.50
O5 MAN R . 57.64 3.45 5.69
O6 MAN R . 56.57 0.77 6.18
C1 MAN R . 61.98 3.65 5.82
C2 MAN R . 63.02 2.64 6.33
C3 MAN R . 62.76 2.33 7.80
C4 MAN R . 62.66 3.62 8.61
C5 MAN R . 61.57 4.50 8.04
C6 MAN R . 61.44 5.83 8.76
O2 MAN R . 64.34 3.17 6.28
O3 MAN R . 63.77 1.49 8.33
O4 MAN R . 62.34 3.31 9.96
O5 MAN R . 61.88 4.79 6.66
O6 MAN R . 60.29 6.51 8.27
C1 MAN R . 52.49 10.23 9.98
C2 MAN R . 52.72 11.70 9.59
C3 MAN R . 54.21 11.96 9.45
C4 MAN R . 54.94 11.54 10.71
C5 MAN R . 54.67 10.06 11.00
C6 MAN R . 55.27 9.64 12.30
O2 MAN R . 52.28 12.58 10.61
O3 MAN R . 54.48 13.32 9.18
O4 MAN R . 56.33 11.73 10.54
O5 MAN R . 53.25 9.88 11.11
O6 MAN R . 54.97 10.67 13.23
C1 MAN R . 54.70 13.48 7.76
C2 MAN R . 55.83 14.51 7.57
C3 MAN R . 55.34 15.89 7.98
C4 MAN R . 54.02 16.23 7.26
C5 MAN R . 52.98 15.15 7.56
C6 MAN R . 51.68 15.38 6.83
O2 MAN R . 56.16 14.65 6.18
O3 MAN R . 56.31 16.89 7.73
O4 MAN R . 53.55 17.48 7.72
O5 MAN R . 53.51 13.88 7.12
O6 MAN R . 51.25 16.71 7.09
C1 MAN R . 57.33 13.86 5.90
C2 MAN R . 58.26 14.72 5.02
C3 MAN R . 57.62 14.92 3.65
C4 MAN R . 57.23 13.57 3.02
C5 MAN R . 56.31 12.82 3.97
C6 MAN R . 55.96 11.44 3.47
O2 MAN R . 59.50 14.06 4.77
O3 MAN R . 58.48 15.64 2.76
O4 MAN R . 56.57 13.78 1.79
O5 MAN R . 56.96 12.65 5.25
O6 MAN R . 55.47 11.55 2.15
C1 MAN R . 55.58 10.40 14.51
C2 MAN R . 54.90 11.32 15.50
C3 MAN R . 55.16 12.74 15.07
C4 MAN R . 56.67 13.00 15.05
C5 MAN R . 57.37 11.99 14.12
C6 MAN R . 58.88 12.05 14.24
O2 MAN R . 55.52 11.21 16.78
O3 MAN R . 54.52 13.69 15.91
O4 MAN R . 56.92 14.31 14.57
O5 MAN R . 56.97 10.64 14.47
O6 MAN R . 59.27 13.41 14.20
C1 MAN R . 54.66 10.50 17.69
C2 MAN R . 55.12 10.85 19.11
C3 MAN R . 56.50 10.25 19.34
C4 MAN R . 56.48 8.74 19.06
C5 MAN R . 56.00 8.50 17.63
C6 MAN R . 55.85 7.04 17.30
O2 MAN R . 54.28 10.26 20.10
O3 MAN R . 56.96 10.47 20.67
O4 MAN R . 57.78 8.21 19.21
O5 MAN R . 54.71 9.11 17.45
O6 MAN R . 55.55 6.92 15.92
C1 NAG S . 25.36 14.50 -23.33
C2 NAG S . 24.57 13.47 -24.14
C3 NAG S . 24.18 14.04 -25.50
C4 NAG S . 23.50 15.40 -25.36
C5 NAG S . 24.37 16.33 -24.52
C6 NAG S . 23.72 17.65 -24.21
C7 NAG S . 24.81 11.03 -24.02
C8 NAG S . 23.40 11.00 -23.53
N2 NAG S . 25.31 12.23 -24.29
O3 NAG S . 23.31 13.13 -26.17
O4 NAG S . 23.31 15.96 -26.66
O5 NAG S . 24.64 15.71 -23.25
O6 NAG S . 22.52 17.48 -23.49
O7 NAG S . 25.46 10.01 -24.16
C1 NAG S . 21.95 16.42 -26.86
C2 NAG S . 21.93 17.27 -28.12
C3 NAG S . 20.53 17.78 -28.40
C4 NAG S . 19.54 16.62 -28.42
C5 NAG S . 19.67 15.78 -27.15
C6 NAG S . 18.80 14.55 -27.17
C7 NAG S . 24.06 18.39 -28.60
C8 NAG S . 24.90 19.62 -28.39
N2 NAG S . 22.87 18.38 -28.02
O3 NAG S . 20.51 18.46 -29.65
O4 NAG S . 18.21 17.14 -28.51
O5 NAG S . 21.02 15.34 -26.99
O6 NAG S . 19.32 13.57 -28.07
O7 NAG S . 24.46 17.45 -29.29
C1 BMA S . 17.61 16.73 -29.75
C2 BMA S . 16.09 16.78 -29.54
C3 BMA S . 15.37 16.48 -30.85
C4 BMA S . 15.90 17.38 -31.97
C5 BMA S . 17.41 17.22 -32.08
C6 BMA S . 18.01 18.11 -33.17
O2 BMA S . 15.68 18.07 -29.13
O3 BMA S . 13.96 16.62 -30.72
O4 BMA S . 15.29 17.03 -33.20
O5 BMA S . 18.00 17.59 -30.82
O6 BMA S . 17.78 19.46 -32.80
C1 MAN S . 13.46 15.47 -30.01
C2 MAN S . 12.17 14.99 -30.75
C3 MAN S . 10.98 15.91 -30.44
C4 MAN S . 10.86 16.16 -28.94
C5 MAN S . 12.17 16.76 -28.43
C6 MAN S . 12.13 17.08 -26.96
O2 MAN S . 11.77 13.70 -30.31
O3 MAN S . 9.76 15.40 -30.96
O4 MAN S . 9.80 17.05 -28.68
O5 MAN S . 13.21 15.80 -28.65
O6 MAN S . 11.11 18.04 -26.74
C1 MAN S . 17.40 20.19 -33.99
C2 MAN S . 18.34 21.41 -34.10
C3 MAN S . 18.03 22.41 -32.99
C4 MAN S . 16.53 22.74 -32.93
C5 MAN S . 15.71 21.44 -32.81
C6 MAN S . 14.22 21.69 -32.84
O2 MAN S . 18.12 22.13 -35.32
O3 MAN S . 18.79 23.61 -33.11
O4 MAN S . 16.25 23.58 -31.82
O5 MAN S . 16.04 20.58 -33.91
O6 MAN S . 13.92 22.76 -31.96
C1 NAG T . 27.62 18.40 -34.88
C2 NAG T . 28.90 18.35 -35.72
C3 NAG T . 29.86 19.45 -35.27
C4 NAG T . 29.17 20.81 -35.23
C5 NAG T . 27.88 20.72 -34.41
C6 NAG T . 27.06 21.99 -34.43
C7 NAG T . 30.43 16.58 -36.48
C8 NAG T . 30.97 15.21 -36.20
N2 NAG T . 29.53 17.04 -35.60
O3 NAG T . 30.98 19.50 -36.16
O4 NAG T . 30.05 21.76 -34.63
O5 NAG T . 27.05 19.69 -34.96
O6 NAG T . 26.18 22.01 -35.56
O7 NAG T . 30.79 17.24 -37.45
C1 NAG T . 30.18 22.97 -35.42
C2 NAG T . 31.66 23.29 -35.58
C3 NAG T . 31.83 24.55 -36.42
C4 NAG T . 31.08 24.42 -37.74
C5 NAG T . 29.63 24.03 -37.49
C6 NAG T . 28.86 23.76 -38.76
C7 NAG T . 33.38 22.73 -33.92
C8 NAG T . 33.93 23.02 -32.56
N2 NAG T . 32.31 23.45 -34.29
O3 NAG T . 33.21 24.79 -36.67
O4 NAG T . 31.12 25.65 -38.45
O5 NAG T . 29.56 22.84 -36.70
O6 NAG T . 27.52 24.22 -38.67
O7 NAG T . 33.89 21.90 -34.66
C1 NAG U . 39.72 -1.23 -34.75
C2 NAG U . 39.64 -2.59 -35.41
C3 NAG U . 41.03 -3.23 -35.45
C4 NAG U . 42.06 -2.29 -36.06
C5 NAG U . 41.97 -0.91 -35.42
C6 NAG U . 42.82 0.13 -36.12
C7 NAG U . 37.51 -3.77 -35.19
C8 NAG U . 36.67 -4.67 -34.33
N2 NAG U . 38.70 -3.45 -34.71
O3 NAG U . 40.97 -4.44 -36.20
O4 NAG U . 43.35 -2.83 -35.79
O5 NAG U . 40.62 -0.42 -35.46
O6 NAG U . 42.02 1.20 -36.61
O7 NAG U . 37.11 -3.37 -36.28
C1 NAG U . 44.16 -2.95 -36.98
C2 NAG U . 45.57 -3.33 -36.53
C3 NAG U . 46.47 -3.52 -37.75
C4 NAG U . 45.84 -4.52 -38.72
C5 NAG U . 44.42 -4.10 -39.07
C6 NAG U . 43.70 -5.11 -39.93
C7 NAG U . 46.23 -2.51 -34.32
C8 NAG U . 46.82 -1.38 -33.55
N2 NAG U . 46.13 -2.33 -35.64
O3 NAG U . 47.74 -3.99 -37.32
O4 NAG U . 46.62 -4.59 -39.91
O5 NAG U . 43.64 -3.95 -37.87
O6 NAG U . 43.05 -4.48 -41.03
O7 NAG U . 45.85 -3.54 -33.77
C1 NAG V . 43.30 -7.92 -2.79
C2 NAG V . 42.84 -8.74 -1.59
C3 NAG V . 44.02 -9.52 -1.01
C4 NAG V . 44.73 -10.33 -2.09
C5 NAG V . 45.06 -9.44 -3.27
C6 NAG V . 45.63 -10.22 -4.45
C7 NAG V . 40.92 -7.65 -0.52
C8 NAG V . 40.47 -6.74 0.59
N2 NAG V . 42.24 -7.89 -0.58
O3 NAG V . 43.54 -10.37 0.03
O4 NAG V . 45.94 -10.85 -1.58
O5 NAG V . 43.88 -8.78 -3.76
O6 NAG V . 44.63 -11.06 -5.03
O7 NAG V . 40.13 -8.15 -1.32
C1 NAG V . 45.81 -12.24 -1.23
C2 NAG V . 47.19 -12.89 -1.32
C3 NAG V . 47.12 -14.35 -0.87
C4 NAG V . 46.47 -14.45 0.51
C5 NAG V . 45.13 -13.74 0.51
C6 NAG V . 44.49 -13.69 1.88
C7 NAG V . 48.44 -11.77 -3.11
C8 NAG V . 48.90 -11.84 -4.53
N2 NAG V . 47.71 -12.80 -2.67
O3 NAG V . 48.44 -14.89 -0.83
O4 NAG V . 46.27 -15.82 0.84
O5 NAG V . 45.30 -12.38 0.09
O6 NAG V . 44.04 -12.39 2.19
O7 NAG V . 48.70 -10.81 -2.39
C1 BMA V . 47.05 -16.17 2.01
C2 BMA V . 46.75 -17.64 2.35
C3 BMA V . 47.65 -18.12 3.49
C4 BMA V . 49.12 -17.75 3.23
C5 BMA V . 49.23 -16.25 2.93
C6 BMA V . 50.65 -15.81 2.64
O2 BMA V . 47.03 -18.48 1.24
O3 BMA V . 47.53 -19.52 3.70
O4 BMA V . 49.90 -18.06 4.37
O5 BMA V . 48.44 -15.97 1.79
O6 BMA V . 51.49 -16.38 3.65
C1 NAG W . 43.66 18.53 -12.93
C2 NAG W . 44.21 19.95 -12.84
C3 NAG W . 45.67 19.98 -13.22
C4 NAG W . 46.47 18.96 -12.42
C5 NAG W . 45.82 17.58 -12.53
C6 NAG W . 46.48 16.54 -11.63
C7 NAG W . 42.56 21.73 -13.18
C8 NAG W . 41.86 22.60 -14.18
N2 NAG W . 43.44 20.85 -13.67
O3 NAG W . 46.20 21.29 -13.00
O4 NAG W . 47.79 18.88 -12.93
O5 NAG W . 44.44 17.65 -12.12
O6 NAG W . 46.40 15.24 -12.21
O7 NAG W . 42.35 21.84 -11.97
C1 NAG W . 48.75 19.25 -11.92
C2 NAG W . 50.14 19.01 -12.49
C3 NAG W . 51.21 19.41 -11.47
C4 NAG W . 50.99 20.84 -11.01
C5 NAG W . 49.56 21.02 -10.51
C6 NAG W . 49.23 22.46 -10.16
C7 NAG W . 50.17 17.20 -14.14
C8 NAG W . 50.38 15.73 -14.37
N2 NAG W . 50.32 17.62 -12.89
O3 NAG W . 52.49 19.28 -12.05
O4 NAG W . 51.89 21.17 -9.96
O5 NAG W . 48.62 20.62 -11.53
O6 NAG W . 50.27 23.06 -9.42
O7 NAG W . 49.88 17.97 -15.05
C1 NAG X . 51.88 14.20 -26.77
C2 NAG X . 52.71 15.30 -27.43
C3 NAG X . 54.17 14.87 -27.53
C4 NAG X . 54.69 14.46 -26.15
C5 NAG X . 53.79 13.38 -25.56
C6 NAG X . 54.19 12.98 -24.16
C7 NAG X . 51.39 16.69 -28.96
C8 NAG X . 50.96 16.88 -30.39
N2 NAG X . 52.19 15.63 -28.74
O3 NAG X . 54.95 15.96 -28.03
O4 NAG X . 56.02 13.96 -26.27
O5 NAG X . 52.44 13.86 -25.49
O6 NAG X . 54.23 14.11 -23.29
O7 NAG X . 51.06 17.45 -28.07
C1 NAG X . 56.91 14.91 -25.64
C2 NAG X . 58.13 14.15 -25.12
C3 NAG X . 59.12 15.12 -24.48
C4 NAG X . 59.46 16.25 -25.46
C5 NAG X . 58.19 16.91 -25.96
C6 NAG X . 58.44 17.95 -27.03
C7 NAG X . 58.33 11.92 -24.10
C8 NAG X . 57.80 11.00 -23.05
N2 NAG X . 57.74 13.12 -24.16
O3 NAG X . 60.30 14.43 -24.11
O4 NAG X . 60.27 17.23 -24.82
O5 NAG X . 57.33 15.93 -26.55
O6 NAG X . 57.60 19.09 -26.85
O7 NAG X . 59.24 11.62 -24.85
C1 NAG Y . 16.67 -15.36 -52.89
C2 NAG Y . 16.05 -16.57 -53.57
C3 NAG Y . 16.79 -16.88 -54.86
C4 NAG Y . 16.90 -15.63 -55.75
C5 NAG Y . 17.43 -14.45 -54.95
C6 NAG Y . 17.39 -13.15 -55.70
C7 NAG Y . 15.01 -18.12 -51.98
C8 NAG Y . 15.21 -19.34 -51.12
N2 NAG Y . 16.07 -17.73 -52.69
O3 NAG Y . 16.11 -17.91 -55.56
O4 NAG Y . 17.79 -15.90 -56.82
O5 NAG Y . 16.65 -14.25 -53.77
O6 NAG Y . 16.15 -12.47 -55.50
O7 NAG Y . 13.94 -17.52 -52.02
C1 NAG Y . 17.15 -15.74 -58.10
C2 NAG Y . 18.23 -15.40 -59.13
C3 NAG Y . 17.62 -15.26 -60.51
C4 NAG Y . 16.80 -16.49 -60.86
C5 NAG Y . 15.78 -16.78 -59.77
C6 NAG Y . 15.02 -18.07 -60.00
C7 NAG Y . 20.25 -14.21 -58.41
C8 NAG Y . 20.84 -12.87 -58.04
N2 NAG Y . 18.96 -14.21 -58.74
O3 NAG Y . 18.66 -15.06 -61.46
O4 NAG Y . 16.12 -16.28 -62.09
O5 NAG Y . 16.44 -16.92 -58.50
O6 NAG Y . 15.75 -19.19 -59.53
O7 NAG Y . 20.92 -15.24 -58.39
C1 NAG Z . 10.65 -43.91 -30.98
C2 NAG Z . 11.93 -44.67 -30.66
C3 NAG Z . 13.12 -44.00 -31.34
C4 NAG Z . 12.86 -43.80 -32.82
C5 NAG Z . 11.51 -43.12 -33.06
C6 NAG Z . 11.13 -43.08 -34.52
C7 NAG Z . 11.76 -45.83 -28.50
C8 NAG Z . 12.07 -45.75 -27.04
N2 NAG Z . 12.14 -44.76 -29.23
O3 NAG Z . 14.28 -44.79 -31.14
O4 NAG Z . 13.88 -42.98 -33.37
O5 NAG Z . 10.47 -43.84 -32.38
O6 NAG Z . 10.16 -44.08 -34.82
O7 NAG Z . 11.20 -46.79 -29.00
C1 NAG Z . 14.71 -43.70 -34.30
C2 NAG Z . 15.67 -42.72 -34.95
C3 NAG Z . 16.60 -43.45 -35.91
C4 NAG Z . 17.30 -44.61 -35.20
C5 NAG Z . 16.26 -45.51 -34.55
C6 NAG Z . 16.88 -46.62 -33.73
C7 NAG Z . 15.26 -40.37 -35.53
C8 NAG Z . 14.41 -39.42 -36.32
N2 NAG Z . 14.95 -41.66 -35.64
O3 NAG Z . 17.58 -42.53 -36.41
O4 NAG Z . 18.06 -45.36 -36.14
O5 NAG Z . 15.44 -44.74 -33.66
O6 NAG Z . 17.52 -47.58 -34.56
O7 NAG Z . 16.19 -39.98 -34.82
C1 NAG AA . -12.36 -33.11 -22.91
C2 NAG AA . -13.82 -32.94 -22.49
C3 NAG AA . -14.20 -34.01 -21.46
C4 NAG AA . -13.89 -35.39 -21.99
C5 NAG AA . -12.42 -35.46 -22.39
C6 NAG AA . -12.04 -36.78 -23.01
C7 NAG AA . -14.92 -30.74 -22.46
C8 NAG AA . -15.03 -29.42 -21.76
N2 NAG AA . -14.04 -31.61 -21.94
O3 NAG AA . -15.60 -33.89 -21.17
O4 NAG AA . -14.18 -36.37 -21.01
O5 NAG AA . -12.13 -34.45 -23.36
O6 NAG AA . -12.39 -36.82 -24.38
O7 NAG AA . -15.60 -31.02 -23.44
C1 NAG AA . -15.25 -37.20 -21.50
C2 NAG AA . -15.14 -38.59 -20.87
C3 NAG AA . -16.28 -39.48 -21.34
C4 NAG AA . -17.62 -38.81 -21.08
C5 NAG AA . -17.64 -37.41 -21.70
C6 NAG AA . -18.91 -36.65 -21.36
C7 NAG AA . -12.84 -39.22 -20.30
C8 NAG AA . -11.58 -39.88 -20.79
N2 NAG AA . -13.85 -39.19 -21.17
O3 NAG AA . -16.21 -40.73 -20.66
O4 NAG AA . -18.67 -39.59 -21.65
O5 NAG AA . -16.55 -36.64 -21.19
O6 NAG AA . -20.02 -37.51 -21.21
O7 NAG AA . -12.92 -38.73 -19.18
C1 NAG BA . -15.81 -34.51 21.72
C2 NAG BA . -17.05 -35.41 21.70
C3 NAG BA . -17.86 -35.20 22.96
C4 NAG BA . -17.01 -35.38 24.20
C5 NAG BA . -15.76 -34.50 24.12
C6 NAG BA . -14.78 -34.74 25.23
C7 NAG BA . -18.14 -36.10 19.62
C8 NAG BA . -18.98 -35.66 18.46
N2 NAG BA . -17.84 -35.15 20.52
O3 NAG BA . -18.95 -36.12 22.98
O4 NAG BA . -17.73 -34.97 25.35
O5 NAG BA . -15.05 -34.76 22.89
O6 NAG BA . -13.44 -34.64 24.78
O7 NAG BA . -17.76 -37.26 19.73
C1 NAG BA . -18.20 -36.12 26.09
C2 NAG BA . -18.14 -35.78 27.57
C3 NAG BA . -18.75 -36.90 28.41
C4 NAG BA . -20.15 -37.24 27.91
C5 NAG BA . -20.10 -37.53 26.42
C6 NAG BA . -21.46 -37.79 25.79
C7 NAG BA . -16.43 -34.54 28.82
C8 NAG BA . -14.97 -34.43 29.14
N2 NAG BA . -16.77 -35.53 27.99
O3 NAG BA . -18.81 -36.50 29.77
O4 NAG BA . -20.64 -38.37 28.62
O5 NAG BA . -19.54 -36.41 25.72
O6 NAG BA . -21.34 -38.08 24.41
O7 NAG BA . -17.26 -33.78 29.30
C1 BMA BA . -21.97 -38.15 29.14
C2 BMA BA . -22.52 -39.53 29.51
C3 BMA BA . -23.93 -39.39 30.03
C4 BMA BA . -24.01 -38.34 31.14
C5 BMA BA . -23.31 -37.03 30.75
C6 BMA BA . -23.19 -36.10 31.93
O2 BMA BA . -21.76 -40.09 30.56
O3 BMA BA . -24.38 -40.65 30.54
O4 BMA BA . -25.38 -38.06 31.43
O5 BMA BA . -21.98 -37.33 30.29
O6 BMA BA . -22.80 -36.89 33.04
C1 MAN BA . -25.21 -41.31 29.56
C2 MAN BA . -26.08 -42.33 30.32
C3 MAN BA . -25.19 -43.37 30.94
C4 MAN BA . -24.35 -44.05 29.85
C5 MAN BA . -23.54 -42.99 29.09
C6 MAN BA . -22.80 -43.56 27.89
O2 MAN BA . -26.93 -43.03 29.43
O3 MAN BA . -25.92 -44.35 31.66
O4 MAN BA . -23.46 -44.97 30.45
O5 MAN BA . -24.43 -41.97 28.59
O6 MAN BA . -22.14 -44.75 28.31
C1 MAN BA . -28.29 -42.59 29.68
C2 MAN BA . -29.27 -43.72 29.21
C3 MAN BA . -29.43 -43.72 27.71
C4 MAN BA . -29.78 -42.32 27.22
C5 MAN BA . -28.64 -41.38 27.59
C6 MAN BA . -28.90 -39.96 27.14
O2 MAN BA . -30.58 -43.49 29.72
O3 MAN BA . -30.42 -44.64 27.29
O4 MAN BA . -29.95 -42.33 25.81
O5 MAN BA . -28.53 -41.34 29.02
O6 MAN BA . -29.63 -40.02 25.92
C1 MAN BA . -30.91 -44.54 30.66
C2 MAN BA . -32.43 -44.42 30.95
C3 MAN BA . -32.71 -43.22 31.84
C4 MAN BA . -31.81 -43.23 33.08
C5 MAN BA . -30.35 -43.25 32.64
C6 MAN BA . -29.38 -43.28 33.79
O2 MAN BA . -32.90 -45.56 31.68
O3 MAN BA . -34.07 -43.17 32.25
O4 MAN BA . -32.04 -42.07 33.85
O5 MAN BA . -30.12 -44.42 31.84
O6 MAN BA . -29.35 -42.00 34.39
C1 MAN BA . -22.51 -36.04 34.16
C2 MAN BA . -21.40 -36.74 34.97
C3 MAN BA . -21.95 -38.01 35.59
C4 MAN BA . -23.20 -37.71 36.39
C5 MAN BA . -24.25 -37.04 35.50
C6 MAN BA . -25.46 -36.60 36.27
O2 MAN BA . -20.98 -35.94 36.07
O3 MAN BA . -20.98 -38.66 36.41
O4 MAN BA . -23.74 -38.91 36.92
O5 MAN BA . -23.67 -35.85 34.94
O6 MAN BA . -24.98 -35.85 37.37
C1 MAN BA . -20.30 -39.66 35.64
C2 MAN BA . -19.92 -40.82 36.60
C3 MAN BA . -18.90 -40.31 37.59
C4 MAN BA . -17.69 -39.74 36.86
C5 MAN BA . -18.15 -38.60 35.93
C6 MAN BA . -17.03 -38.03 35.09
O2 MAN BA . -19.26 -41.86 35.88
O3 MAN BA . -18.48 -41.35 38.47
O4 MAN BA . -16.76 -39.22 37.79
O5 MAN BA . -19.15 -39.12 35.03
O6 MAN BA . -15.97 -37.67 35.97
C1 MAN BA . -20.06 -43.05 35.90
C2 MAN BA . -19.13 -44.23 35.52
C3 MAN BA . -18.75 -44.15 34.05
C4 MAN BA . -20.00 -44.01 33.17
C5 MAN BA . -20.80 -42.79 33.62
C6 MAN BA . -22.08 -42.61 32.84
O2 MAN BA . -19.79 -45.49 35.68
O3 MAN BA . -17.98 -45.27 33.64
O4 MAN BA . -19.62 -43.86 31.81
O5 MAN BA . -21.15 -42.95 35.00
O6 MAN BA . -22.79 -41.51 33.40
C1 MAN BA . -26.04 -35.56 38.30
C2 MAN BA . -25.51 -34.49 39.25
C3 MAN BA . -24.32 -35.07 39.98
C4 MAN BA . -24.77 -36.31 40.77
C5 MAN BA . -25.40 -37.34 39.83
C6 MAN BA . -26.05 -38.48 40.57
O2 MAN BA . -26.46 -34.22 40.27
O3 MAN BA . -23.72 -34.13 40.85
O4 MAN BA . -23.65 -36.89 41.41
O5 MAN BA . -26.43 -36.72 39.02
O6 MAN BA . -25.19 -38.88 41.62
C1 MAN BA . -27.00 -32.90 40.12
C2 MAN BA . -27.67 -32.55 41.46
C3 MAN BA . -28.89 -33.42 41.64
C4 MAN BA . -29.83 -33.28 40.45
C5 MAN BA . -29.10 -33.66 39.17
C6 MAN BA . -29.93 -33.44 37.93
O2 MAN BA . -28.17 -31.21 41.46
O3 MAN BA . -29.58 -33.11 42.85
O4 MAN BA . -30.95 -34.13 40.62
O5 MAN BA . -27.91 -32.84 39.04
O6 MAN BA . -29.20 -33.93 36.81
C1 NAG CA . 8.07 -36.26 3.75
C2 NAG CA . 8.04 -35.97 2.26
C3 NAG CA . 9.25 -36.60 1.56
C4 NAG CA . 10.55 -36.20 2.27
C5 NAG CA . 10.44 -36.50 3.75
C6 NAG CA . 11.64 -36.03 4.55
C7 NAG CA . 6.00 -35.70 0.90
C8 NAG CA . 6.44 -34.28 0.69
N2 NAG CA . 6.81 -36.46 1.66
O3 NAG CA . 9.29 -36.17 0.20
O4 NAG CA . 11.63 -36.92 1.69
O5 NAG CA . 9.30 -35.84 4.30
O6 NAG CA . 11.90 -34.65 4.31
O7 NAG CA . 4.97 -36.15 0.42
C1 NAG CA . 12.72 -36.05 1.29
C2 NAG CA . 13.95 -36.92 1.04
C3 NAG CA . 15.12 -36.06 0.59
C4 NAG CA . 14.73 -35.18 -0.59
C5 NAG CA . 13.45 -34.40 -0.28
C6 NAG CA . 12.93 -33.62 -1.46
C7 NAG CA . 14.23 -39.00 2.31
C8 NAG CA . 14.63 -39.60 3.62
N2 NAG CA . 14.29 -37.66 2.24
O3 NAG CA . 16.21 -36.90 0.23
O4 NAG CA . 15.78 -34.26 -0.85
O5 NAG CA . 12.41 -35.31 0.10
O6 NAG CA . 12.23 -34.44 -2.37
O7 NAG CA . 13.87 -39.68 1.37
C1 BMA CA . 16.34 -34.47 -2.17
C2 BMA CA . 17.04 -33.17 -2.56
C3 BMA CA . 17.76 -33.34 -3.90
C4 BMA CA . 18.65 -34.58 -3.88
C5 BMA CA . 17.82 -35.80 -3.48
C6 BMA CA . 18.63 -37.09 -3.43
O2 BMA CA . 18.03 -32.82 -1.61
O3 BMA CA . 18.53 -32.19 -4.22
O4 BMA CA . 19.22 -34.79 -5.16
O5 BMA CA . 17.24 -35.56 -2.19
O6 BMA CA . 19.63 -36.94 -2.44
C1 MAN CA . 17.63 -31.12 -4.57
C2 MAN CA . 18.12 -30.47 -5.91
C3 MAN CA . 19.29 -29.51 -5.66
C4 MAN CA . 18.97 -28.56 -4.51
C5 MAN CA . 18.71 -29.38 -3.27
C6 MAN CA . 18.45 -28.54 -2.04
O2 MAN CA . 17.10 -29.70 -6.53
O3 MAN CA . 19.61 -28.77 -6.83
O4 MAN CA . 20.07 -27.69 -4.29
O5 MAN CA . 17.54 -30.17 -3.50
O6 MAN CA . 19.55 -27.66 -1.87
C1 MAN CA . 20.84 -37.54 -2.94
C2 MAN CA . 21.27 -38.61 -1.89
C3 MAN CA . 21.71 -37.93 -0.60
C4 MAN CA . 22.75 -36.83 -0.88
C5 MAN CA . 22.20 -35.84 -1.92
C6 MAN CA . 23.19 -34.77 -2.30
O2 MAN CA . 22.41 -39.34 -2.35
O3 MAN CA . 22.23 -38.86 0.34
O4 MAN CA . 23.04 -36.13 0.32
O5 MAN CA . 21.85 -36.56 -3.11
O6 MAN CA . 23.83 -34.31 -1.12
C1 NAG DA . -26.35 -33.73 10.37
C2 NAG DA . -27.17 -32.46 10.50
C3 NAG DA . -28.61 -32.81 10.91
C4 NAG DA . -29.20 -33.85 9.95
C5 NAG DA . -28.26 -35.04 9.83
C6 NAG DA . -28.71 -36.04 8.80
C7 NAG DA . -26.03 -30.39 11.15
C8 NAG DA . -25.45 -29.59 12.28
N2 NAG DA . -26.58 -31.56 11.48
O3 NAG DA . -29.40 -31.63 10.88
O4 NAG DA . -30.43 -34.32 10.48
O5 NAG DA . -26.96 -34.59 9.43
O6 NAG DA . -28.42 -35.59 7.48
O7 NAG DA . -26.01 -29.99 9.99
C1 NAG DA . -31.55 -33.77 9.75
C2 NAG DA . -32.66 -34.82 9.73
C3 NAG DA . -33.91 -34.25 9.07
C4 NAG DA . -34.32 -32.94 9.72
C5 NAG DA . -33.13 -31.97 9.70
C6 NAG DA . -33.41 -30.67 10.42
C7 NAG DA . -32.07 -37.20 9.67
C8 NAG DA . -31.61 -38.34 8.81
N2 NAG DA . -32.22 -36.03 9.05
O3 NAG DA . -34.97 -35.19 9.19
O4 NAG DA . -35.40 -32.36 9.01
O5 NAG DA . -32.01 -32.58 10.37
O6 NAG DA . -32.63 -30.56 11.61
O7 NAG DA . -32.28 -37.33 10.88
C1 BMA DA . -36.56 -32.25 9.88
C2 BMA DA . -37.70 -31.58 9.08
C3 BMA DA . -38.97 -31.55 9.92
C4 BMA DA . -39.27 -32.93 10.54
C5 BMA DA . -38.04 -33.45 11.29
C6 BMA DA . -38.27 -34.82 11.88
O2 BMA DA . -37.99 -32.31 7.91
O3 BMA DA . -40.08 -31.10 9.16
O4 BMA DA . -40.36 -32.83 11.44
O5 BMA DA . -36.96 -33.53 10.37
O6 BMA DA . -39.56 -34.84 12.45
C1 NAG EA . -2.32 -44.68 20.57
C2 NAG EA . -1.58 -45.28 21.76
C3 NAG EA . -2.15 -46.65 22.10
C4 NAG EA . -3.65 -46.58 22.29
C5 NAG EA . -4.31 -45.91 21.08
C6 NAG EA . -5.79 -45.67 21.27
C7 NAG EA . 0.74 -44.48 21.93
C8 NAG EA . 2.16 -44.73 21.56
N2 NAG EA . -0.16 -45.37 21.49
O3 NAG EA . -1.53 -47.13 23.29
O4 NAG EA . -4.18 -47.89 22.42
O5 NAG EA . -3.72 -44.62 20.86
O6 NAG EA . -6.55 -46.33 20.28
O7 NAG EA . 0.40 -43.51 22.60
C1 NAG EA . -4.78 -48.08 23.72
C2 NAG EA . -5.40 -49.47 23.74
C3 NAG EA . -6.03 -49.74 25.10
C4 NAG EA . -5.02 -49.52 26.21
C5 NAG EA . -4.39 -48.13 26.09
C6 NAG EA . -3.28 -47.89 27.08
C7 NAG EA . -6.09 -50.27 21.52
C8 NAG EA . -7.21 -50.34 20.53
N2 NAG EA . -6.37 -49.63 22.67
O3 NAG EA . -6.51 -51.09 25.14
O4 NAG EA . -5.65 -49.63 27.48
O5 NAG EA . -3.83 -47.96 24.78
O6 NAG EA . -3.55 -48.52 28.32
O7 NAG EA . -4.99 -50.76 21.30
C1 NAG FA . -6.03 -52.03 -7.89
C2 NAG FA . -6.74 -52.09 -9.24
C3 NAG FA . -7.92 -53.05 -9.17
C4 NAG FA . -7.49 -54.41 -8.62
C5 NAG FA . -6.69 -54.24 -7.33
C6 NAG FA . -6.08 -55.52 -6.84
C7 NAG FA . -6.70 -50.13 -10.72
C8 NAG FA . -7.28 -48.78 -11.00
N2 NAG FA . -7.18 -50.77 -9.65
O3 NAG FA . -8.48 -53.21 -10.47
O4 NAG FA . -8.66 -55.16 -8.34
O5 NAG FA . -5.61 -53.33 -7.53
O6 NAG FA . -4.94 -55.27 -6.02
O7 NAG FA . -5.84 -50.64 -11.44
C1 NAG FA . -8.64 -56.46 -8.96
C2 NAG FA . -9.61 -57.35 -8.17
C3 NAG FA . -9.66 -58.74 -8.80
C4 NAG FA . -9.99 -58.65 -10.28
C5 NAG FA . -9.02 -57.70 -10.98
C6 NAG FA . -9.36 -57.46 -12.42
C7 NAG FA . -9.83 -56.70 -5.82
C8 NAG FA . -9.32 -56.90 -4.43
N2 NAG FA . -9.25 -57.43 -6.78
O3 NAG FA . -10.66 -59.51 -8.14
O4 NAG FA . -9.90 -59.94 -10.88
O5 NAG FA . -9.03 -56.42 -10.34
O6 NAG FA . -9.85 -56.14 -12.64
O7 NAG FA . -10.73 -55.90 -6.08
C1 NAG GA . 14.33 -46.10 -0.86
C2 NAG GA . 13.91 -47.56 -0.81
C3 NAG GA . 14.07 -48.11 0.61
C4 NAG GA . 15.45 -47.81 1.18
C5 NAG GA . 15.81 -46.34 0.99
C6 NAG GA . 17.23 -46.00 1.36
C7 NAG GA . 12.04 -48.87 -1.70
C8 NAG GA . 10.61 -48.84 -2.13
N2 NAG GA . 12.54 -47.71 -1.27
O3 NAG GA . 13.85 -49.52 0.60
O4 NAG GA . 15.42 -48.10 2.59
O5 NAG GA . 15.65 -45.98 -0.39
O6 NAG GA . 17.94 -45.47 0.24
O7 NAG GA . 12.71 -49.90 -1.75
C1 NAG GA . 16.57 -48.85 3.05
C2 NAG GA . 16.07 -50.01 3.92
C3 NAG GA . 17.26 -50.82 4.41
C4 NAG GA . 18.14 -51.25 3.26
C5 NAG GA . 18.54 -50.05 2.41
C6 NAG GA . 19.31 -50.43 1.17
C7 NAG GA . 13.99 -49.88 5.22
C8 NAG GA . 13.32 -49.29 6.42
N2 NAG GA . 15.28 -49.53 5.02
O3 NAG GA . 16.78 -51.97 5.12
O4 NAG GA . 19.32 -51.88 3.74
O5 NAG GA . 17.36 -49.35 1.96
O6 NAG GA . 20.08 -49.33 0.69
O7 NAG GA . 13.41 -50.64 4.46
C1 NAG HA . 2.15 -42.95 -38.25
C2 NAG HA . 1.90 -42.70 -39.72
C3 NAG HA . 1.88 -44.02 -40.49
C4 NAG HA . 3.13 -44.83 -40.19
C5 NAG HA . 3.34 -44.97 -38.68
C6 NAG HA . 4.65 -45.63 -38.33
C7 NAG HA . 0.57 -40.65 -40.04
C8 NAG HA . -0.80 -40.08 -40.23
N2 NAG HA . 0.65 -41.99 -39.92
O3 NAG HA . 1.79 -43.76 -41.88
O4 NAG HA . 2.98 -46.14 -40.73
O5 NAG HA . 3.36 -43.66 -38.08
O6 NAG HA . 5.73 -44.72 -38.45
O7 NAG HA . 1.57 -39.94 -39.98
C1 NAG HA . 3.98 -46.38 -41.74
C2 NAG HA . 4.17 -47.89 -41.87
C3 NAG HA . 5.20 -48.21 -42.95
C4 NAG HA . 4.80 -47.55 -44.26
C5 NAG HA . 4.58 -46.05 -44.05
C6 NAG HA . 4.07 -45.35 -45.28
C7 NAG HA . 3.87 -49.38 -39.94
C8 NAG HA . 4.44 -49.87 -38.65
N2 NAG HA . 4.58 -48.47 -40.59
O3 NAG HA . 5.28 -49.62 -43.12
O4 NAG HA . 5.83 -47.73 -45.23
O5 NAG HA . 3.60 -45.85 -43.02
O6 NAG HA . 2.79 -45.85 -45.67
O7 NAG HA . 2.79 -49.81 -40.38
C1 NAG IA . -25.60 -20.09 -44.02
C2 NAG IA . -26.97 -20.72 -43.81
C3 NAG IA . -26.83 -22.16 -43.35
C4 NAG IA . -25.95 -22.95 -44.30
C5 NAG IA . -24.62 -22.22 -44.51
C6 NAG IA . -23.76 -22.88 -45.57
C7 NAG IA . -28.62 -19.00 -43.20
C8 NAG IA . -29.34 -18.32 -42.08
N2 NAG IA . -27.75 -19.95 -42.85
O3 NAG IA . -28.13 -22.75 -43.29
O4 NAG IA . -25.70 -24.24 -43.76
O5 NAG IA . -24.86 -20.88 -44.95
O6 NAG IA . -23.86 -22.18 -46.81
O7 NAG IA . -28.83 -18.72 -44.38
C1 NAG IA . -26.30 -25.25 -44.59
C2 NAG IA . -25.80 -26.61 -44.12
C3 NAG IA . -26.44 -27.73 -44.93
C4 NAG IA . -27.96 -27.60 -44.92
C5 NAG IA . -28.37 -26.20 -45.35
C6 NAG IA . -29.85 -25.96 -45.25
C7 NAG IA . -23.56 -26.81 -43.14
C8 NAG IA . -22.09 -26.88 -43.40
N2 NAG IA . -24.34 -26.69 -44.21
O3 NAG IA . -26.05 -28.99 -44.40
O4 NAG IA . -28.54 -28.55 -45.79
O5 NAG IA . -27.73 -25.21 -44.52
O6 NAG IA . -30.58 -26.73 -46.20
O7 NAG IA . -24.01 -26.87 -42.00
C1 NAG JA . -9.39 0.82 -41.00
C2 NAG JA . -8.85 2.22 -41.28
C3 NAG JA . -10.00 3.23 -41.39
C4 NAG JA . -11.03 2.75 -42.40
C5 NAG JA . -11.48 1.33 -42.07
C6 NAG JA . -12.40 0.74 -43.11
C7 NAG JA . -6.59 2.66 -40.43
C8 NAG JA . -5.77 3.12 -39.25
N2 NAG JA . -7.91 2.64 -40.24
O3 NAG JA . -9.48 4.49 -41.77
O4 NAG JA . -12.16 3.62 -42.36
O5 NAG JA . -10.34 0.47 -42.00
O6 NAG JA . -11.80 0.77 -44.40
O7 NAG JA . -6.07 2.34 -41.49
C1 NAG JA . -12.34 4.22 -43.66
C2 NAG JA . -13.82 4.59 -43.81
C3 NAG JA . -14.05 5.28 -45.15
C4 NAG JA . -13.11 6.47 -45.31
C5 NAG JA . -11.67 6.04 -45.09
C6 NAG JA . -10.69 7.19 -45.11
C7 NAG JA . -15.34 3.12 -42.57
C8 NAG JA . -16.16 1.86 -42.62
N2 NAG JA . -14.66 3.41 -43.69
O3 NAG JA . -15.41 5.72 -45.23
O4 NAG JA . -13.24 7.01 -46.62
O5 NAG JA . -11.54 5.40 -43.81
O6 NAG JA . -11.28 8.35 -45.69
O7 NAG JA . -15.28 3.82 -41.58
C1 NAG KA . -27.14 31.24 -13.93
C2 NAG KA . -27.26 32.33 -14.99
C3 NAG KA . -27.29 33.71 -14.34
C4 NAG KA . -28.35 33.78 -13.25
C5 NAG KA . -28.17 32.64 -12.27
C6 NAG KA . -29.27 32.56 -11.24
C7 NAG KA . -26.39 32.05 -17.26
C8 NAG KA . -25.16 31.97 -18.12
N2 NAG KA . -26.19 32.23 -15.96
O3 NAG KA . -27.53 34.70 -15.34
O4 NAG KA . -28.21 35.00 -12.53
O5 NAG KA . -28.19 31.39 -12.98
O6 NAG KA . -29.96 31.32 -11.31
O7 NAG KA . -27.52 31.95 -17.74
C1 NAG KA . -29.18 35.98 -12.94
C2 NAG KA . -29.58 36.77 -11.70
C3 NAG KA . -30.49 37.94 -12.09
C4 NAG KA . -29.84 38.78 -13.18
C5 NAG KA . -29.48 37.88 -14.35
C6 NAG KA . -28.74 38.60 -15.46
C7 NAG KA . -30.15 36.07 -9.42
C8 NAG KA . -30.90 35.09 -8.57
N2 NAG KA . -30.25 35.91 -10.75
O3 NAG KA . -30.73 38.73 -10.94
O4 NAG KA . -30.76 39.78 -13.60
O5 NAG KA . -28.60 36.84 -13.90
O6 NAG KA . -28.61 37.79 -16.61
O7 NAG KA . -29.47 36.97 -8.93
C1 BMA KA . -30.14 41.08 -13.59
C2 BMA KA . -31.04 41.98 -14.45
C3 BMA KA . -30.47 43.38 -14.49
C4 BMA KA . -30.14 43.90 -13.09
C5 BMA KA . -29.34 42.87 -12.27
C6 BMA KA . -29.18 43.28 -10.84
O2 BMA KA . -32.32 42.10 -13.86
O3 BMA KA . -31.37 44.27 -15.14
O4 BMA KA . -29.39 45.10 -13.17
O5 BMA KA . -30.03 41.62 -12.29
O6 BMA KA . -30.30 44.09 -10.51
C1 MAN KA . -31.06 44.37 -16.54
C2 MAN KA . -31.60 45.73 -17.04
C3 MAN KA . -33.11 45.74 -16.93
C4 MAN KA . -33.71 44.55 -17.70
C5 MAN KA . -33.10 43.24 -17.19
C6 MAN KA . -33.52 42.04 -18.00
O2 MAN KA . -31.32 45.92 -18.40
O3 MAN KA . -33.66 46.95 -17.42
O4 MAN KA . -35.11 44.53 -17.50
O5 MAN KA . -31.66 43.32 -17.26
O6 MAN KA . -34.93 42.10 -18.16
C1 MAN KA . -30.48 47.08 -18.54
C2 MAN KA . -30.65 47.65 -19.98
C3 MAN KA . -29.88 46.83 -21.00
C4 MAN KA . -28.45 46.63 -20.54
C5 MAN KA . -28.46 45.91 -19.21
C6 MAN KA . -27.07 45.63 -18.68
O2 MAN KA . -30.10 48.96 -20.07
O3 MAN KA . -29.89 47.45 -22.28
O4 MAN KA . -27.73 45.87 -21.50
O5 MAN KA . -29.12 46.73 -18.25
O6 MAN KA . -26.19 45.51 -19.79
C1 MAN KA . -31.19 49.91 -20.21
C2 MAN KA . -30.59 51.26 -20.69
C3 MAN KA . -29.87 51.98 -19.55
C4 MAN KA . -30.76 52.05 -18.31
C5 MAN KA . -31.13 50.64 -17.90
C6 MAN KA . -32.00 50.59 -16.66
O2 MAN KA . -31.61 52.16 -21.12
O3 MAN KA . -29.44 53.27 -19.93
O4 MAN KA . -30.06 52.68 -17.26
O5 MAN KA . -31.89 50.04 -18.97
O6 MAN KA . -31.35 51.32 -15.63
C1 MAN KA . -30.29 44.38 -9.10
C2 MAN KA . -31.71 44.07 -8.57
C3 MAN KA . -32.69 45.09 -9.13
C4 MAN KA . -32.20 46.51 -8.90
C5 MAN KA . -30.81 46.68 -9.49
C6 MAN KA . -30.23 48.04 -9.18
O2 MAN KA . -31.76 44.23 -7.16
O3 MAN KA . -33.98 44.94 -8.55
O4 MAN KA . -33.08 47.43 -9.51
O5 MAN KA . -29.93 45.71 -8.89
O6 MAN KA . -30.37 48.21 -7.77
C1 MAN KA . -34.84 44.26 -9.48
C2 MAN KA . -36.27 44.80 -9.27
C3 MAN KA . -36.80 44.35 -7.92
C4 MAN KA . -36.67 42.83 -7.77
C5 MAN KA . -35.21 42.42 -7.96
C6 MAN KA . -35.01 40.92 -7.89
O2 MAN KA . -37.17 44.24 -10.22
O3 MAN KA . -38.14 44.75 -7.72
O4 MAN KA . -37.11 42.43 -6.48
O5 MAN KA . -34.78 42.85 -9.27
O6 MAN KA . -35.66 40.44 -6.72
C1 MAN KA . -37.32 45.16 -11.32
C2 MAN KA . -38.74 44.95 -11.91
C3 MAN KA . -38.83 43.59 -12.59
C4 MAN KA . -37.68 43.41 -13.59
C5 MAN KA . -36.35 43.61 -12.88
C6 MAN KA . -35.17 43.53 -13.82
O2 MAN KA . -39.03 45.92 -12.92
O3 MAN KA . -40.09 43.41 -13.24
O4 MAN KA . -37.73 42.10 -14.14
O5 MAN KA . -36.33 44.92 -12.29
O6 MAN KA . -35.22 44.65 -14.70
C1 MAN KA . -30.03 49.55 -7.38
C2 MAN KA . -29.94 49.52 -5.85
C3 MAN KA . -31.29 49.15 -5.32
C4 MAN KA . -32.33 50.18 -5.77
C5 MAN KA . -32.35 50.28 -7.30
C6 MAN KA . -33.19 51.42 -7.80
O2 MAN KA . -29.68 50.84 -5.37
O3 MAN KA . -31.29 49.05 -3.90
O4 MAN KA . -33.61 49.81 -5.31
O5 MAN KA . -31.01 50.48 -7.81
O6 MAN KA . -34.39 51.45 -7.06
C1 MAN KA . -28.34 50.90 -4.83
C2 MAN KA . -28.29 52.13 -3.90
C3 MAN KA . -28.43 53.39 -4.72
C4 MAN KA . -27.38 53.41 -5.83
C5 MAN KA . -27.51 52.17 -6.71
C6 MAN KA . -26.42 52.07 -7.75
O2 MAN KA . -27.03 52.23 -3.25
O3 MAN KA . -28.32 54.56 -3.92
O4 MAN KA . -27.56 54.57 -6.63
O5 MAN KA . -27.40 51.00 -5.88
O6 MAN KA . -26.53 50.81 -8.37
C1 NAG LA . -33.13 2.06 -17.24
C2 NAG LA . -32.26 1.14 -18.08
C3 NAG LA . -33.04 -0.12 -18.47
C4 NAG LA . -33.64 -0.79 -17.23
C5 NAG LA . -34.46 0.23 -16.46
C6 NAG LA . -35.00 -0.31 -15.14
C7 NAG LA . -30.50 1.81 -19.65
C8 NAG LA . -30.18 2.57 -20.90
N2 NAG LA . -31.78 1.81 -19.27
O3 NAG LA . -32.16 -1.03 -19.13
O4 NAG LA . -34.46 -1.87 -17.65
O5 NAG LA . -33.64 1.36 -16.13
O6 NAG LA . -33.97 -0.39 -14.17
O7 NAG LA . -29.63 1.24 -19.00
C1 NAG LA . -34.16 -3.09 -16.92
C2 NAG LA . -35.30 -4.08 -17.20
C3 NAG LA . -35.04 -5.38 -16.46
C4 NAG LA . -33.65 -5.92 -16.79
C5 NAG LA . -32.59 -4.85 -16.57
C6 NAG LA . -31.22 -5.27 -17.03
C7 NAG LA . -37.46 -3.03 -17.68
C8 NAG LA . -38.73 -2.49 -17.11
N2 NAG LA . -36.58 -3.51 -16.81
O3 NAG LA . -36.03 -6.33 -16.82
O4 NAG LA . -33.37 -7.03 -15.94
O5 NAG LA . -32.92 -3.67 -17.33
O6 NAG LA . -31.26 -5.93 -18.29
O7 NAG LA . -37.25 -3.03 -18.89
C1 BMA LA . -33.27 -8.23 -16.73
C2 BMA LA . -32.54 -9.28 -15.85
C3 BMA LA . -32.46 -10.59 -16.60
C4 BMA LA . -33.84 -11.03 -17.10
C5 BMA LA . -34.47 -9.90 -17.93
C6 BMA LA . -35.87 -10.24 -18.40
O2 BMA LA . -33.28 -9.52 -14.67
O3 BMA LA . -31.91 -11.61 -15.79
O4 BMA LA . -33.73 -12.19 -17.89
O5 BMA LA . -34.54 -8.72 -17.12
O6 BMA LA . -36.68 -10.43 -17.25
C1 MAN LA . -30.47 -11.58 -15.92
C2 MAN LA . -29.97 -13.05 -15.88
C3 MAN LA . -30.04 -13.60 -14.46
C4 MAN LA . -29.37 -12.64 -13.47
C5 MAN LA . -30.07 -11.30 -13.56
C6 MAN LA . -29.50 -10.27 -12.61
O2 MAN LA . -28.59 -13.14 -16.26
O3 MAN LA . -29.44 -14.90 -14.37
O4 MAN LA . -29.48 -13.14 -12.16
O5 MAN LA . -29.90 -10.79 -14.90
O6 MAN LA . -30.44 -9.21 -12.49
C1 MAN LA . -37.67 -11.44 -17.54
C2 MAN LA . -39.06 -10.80 -17.30
C3 MAN LA . -39.27 -10.55 -15.81
C4 MAN LA . -38.98 -11.80 -14.98
C5 MAN LA . -37.56 -12.31 -15.31
C6 MAN LA . -37.22 -13.60 -14.58
O2 MAN LA . -40.11 -11.69 -17.70
O3 MAN LA . -40.59 -10.08 -15.54
O4 MAN LA . -39.06 -11.50 -13.60
O5 MAN LA . -37.47 -12.57 -16.72
O6 MAN LA . -37.39 -13.38 -13.19
C1 NAG MA . -16.66 32.27 -24.96
C2 NAG MA . -15.32 32.80 -24.47
C3 NAG MA . -15.07 34.20 -25.03
C4 NAG MA . -15.24 34.22 -26.54
C5 NAG MA . -16.57 33.59 -26.94
C6 NAG MA . -16.72 33.45 -28.43
C7 NAG MA . -14.57 31.91 -22.31
C8 NAG MA . -14.62 32.07 -20.82
N2 NAG MA . -15.25 32.81 -23.02
O3 NAG MA . -13.77 34.62 -24.66
O4 NAG MA . -15.22 35.55 -27.02
O5 NAG MA . -16.69 32.28 -26.38
O6 NAG MA . -16.13 32.25 -28.91
O7 NAG MA . -13.93 31.02 -22.85
C1 NAG MA . -13.95 35.89 -27.60
C2 NAG MA . -14.18 36.96 -28.67
C3 NAG MA . -12.86 37.44 -29.24
C4 NAG MA . -11.92 37.88 -28.13
C5 NAG MA . -11.77 36.76 -27.11
C6 NAG MA . -10.94 37.16 -25.91
C7 NAG MA . -16.35 36.74 -29.81
C8 NAG MA . -17.08 36.14 -30.97
N2 NAG MA . -15.05 36.46 -29.73
O3 NAG MA . -13.09 38.52 -30.13
O4 NAG MA . -10.64 38.19 -28.67
O5 NAG MA . -13.07 36.40 -26.61
O6 NAG MA . -11.71 37.19 -24.73
O7 NAG MA . -16.91 37.46 -28.99
C1 BMA MA . -10.34 39.59 -28.47
C2 BMA MA . -8.92 39.86 -29.01
C3 BMA MA . -8.61 41.35 -28.96
C4 BMA MA . -9.75 42.19 -29.55
C5 BMA MA . -11.08 41.81 -28.87
C6 BMA MA . -12.25 42.58 -29.42
O2 BMA MA . -8.82 39.46 -30.36
O3 BMA MA . -7.40 41.64 -29.64
O4 BMA MA . -9.50 43.57 -29.35
O5 BMA MA . -11.30 40.42 -29.10
O6 BMA MA . -11.86 43.93 -29.56
C1 NAG NA . -41.32 21.72 -15.45
C2 NAG NA . -42.67 22.02 -14.80
C3 NAG NA . -43.50 22.93 -15.70
C4 NAG NA . -42.71 24.16 -16.10
C5 NAG NA . -41.35 23.77 -16.68
C6 NAG NA . -40.45 24.96 -16.95
C7 NAG NA . -43.35 20.19 -13.31
C8 NAG NA . -44.16 18.93 -13.19
N2 NAG NA . -43.40 20.80 -14.51
O3 NAG NA . -44.69 23.31 -15.01
O4 NAG NA . -43.44 24.89 -17.08
O5 NAG NA . -40.65 22.94 -15.74
O6 NAG NA . -40.34 25.21 -18.35
O7 NAG NA . -42.70 20.64 -12.38
C1 NAG NA . -43.83 26.18 -16.56
C2 NAG NA . -44.68 26.87 -17.64
C3 NAG NA . -45.16 28.23 -17.12
C4 NAG NA . -45.89 28.06 -15.79
C5 NAG NA . -45.00 27.31 -14.80
C6 NAG NA . -45.71 27.01 -13.50
C7 NAG NA . -44.08 26.21 -19.92
C8 NAG NA . -43.24 26.51 -21.12
N2 NAG NA . -43.93 27.03 -18.87
O3 NAG NA . -46.04 28.80 -18.08
O4 NAG NA . -46.22 29.34 -15.27
O5 NAG NA . -44.59 26.06 -15.35
O6 NAG NA . -46.62 28.04 -13.16
O7 NAG NA . -44.87 25.26 -19.90
C1 NAG OA . -47.42 20.19 -30.81
C2 NAG OA . -48.92 20.19 -31.06
C3 NAG OA . -49.30 21.33 -31.98
C4 NAG OA . -48.79 22.66 -31.43
C5 NAG OA . -47.29 22.56 -31.16
C6 NAG OA . -46.72 23.80 -30.49
C7 NAG OA . -49.78 17.89 -30.88
C8 NAG OA . -50.17 16.66 -31.63
N2 NAG OA . -49.34 18.91 -31.63
O3 NAG OA . -50.72 21.39 -32.12
O4 NAG OA . -49.02 23.70 -32.37
O5 NAG OA . -47.02 21.47 -30.27
O6 NAG OA . -47.23 23.95 -29.18
O7 NAG OA . -49.86 17.96 -29.66
C1 NAG OA . -49.97 24.62 -31.78
C2 NAG OA . -49.90 25.94 -32.58
C3 NAG OA . -50.92 26.92 -32.02
C4 NAG OA . -52.31 26.31 -31.99
C5 NAG OA . -52.28 24.98 -31.24
C6 NAG OA . -53.60 24.24 -31.27
C7 NAG OA . -47.66 26.30 -33.51
C8 NAG OA . -46.33 26.95 -33.31
N2 NAG OA . -48.57 26.50 -32.54
O3 NAG OA . -50.92 28.10 -32.83
O4 NAG OA . -53.22 27.19 -31.34
O5 NAG OA . -51.30 24.11 -31.83
O6 NAG OA . -53.66 23.24 -30.27
O7 NAG OA . -47.92 25.61 -34.50
C1 NAG PA . -32.63 8.25 -40.45
C2 NAG PA . -31.78 7.88 -41.66
C3 NAG PA . -31.92 8.93 -42.75
C4 NAG PA . -33.39 9.17 -43.09
C5 NAG PA . -34.18 9.47 -41.82
C6 NAG PA . -35.67 9.55 -42.05
C7 NAG PA . -29.69 6.60 -41.47
C8 NAG PA . -30.44 5.46 -42.10
N2 NAG PA . -30.38 7.72 -41.28
O3 NAG PA . -31.22 8.51 -43.91
O4 NAG PA . -33.50 10.27 -43.98
O5 NAG PA . -33.98 8.43 -40.86
O6 NAG PA . -36.36 8.54 -41.33
O7 NAG PA . -28.52 6.49 -41.14
C1 NAG PA . -34.19 9.88 -45.18
C2 NAG PA . -34.90 11.11 -45.74
C3 NAG PA . -35.62 10.76 -47.03
C4 NAG PA . -34.66 10.11 -48.02
C5 NAG PA . -33.95 8.93 -47.38
C6 NAG PA . -32.88 8.33 -48.25
C7 NAG PA . -35.52 12.63 -43.92
C8 NAG PA . -36.60 13.08 -42.99
N2 NAG PA . -35.84 11.65 -44.77
O3 NAG PA . -36.19 11.94 -47.60
O4 NAG PA . -35.37 9.67 -49.17
O5 NAG PA . -33.29 9.36 -46.17
O6 NAG PA . -32.38 7.11 -47.70
O7 NAG PA . -34.40 13.14 -43.90
C1 NAG QA . -42.26 -4.14 -23.50
C2 NAG QA . -43.01 -3.53 -24.69
C3 NAG QA . -44.01 -2.48 -24.19
C4 NAG QA . -44.87 -3.02 -23.04
C5 NAG QA . -44.02 -3.74 -21.98
C6 NAG QA . -44.83 -4.48 -20.96
C7 NAG QA . -42.42 -2.56 -26.87
C8 NAG QA . -41.33 -1.95 -27.70
N2 NAG QA . -42.09 -2.92 -25.63
O3 NAG QA . -44.86 -2.08 -25.26
O4 NAG QA . -45.50 -1.90 -22.41
O5 NAG QA . -43.17 -4.71 -22.61
O6 NAG QA . -44.44 -5.85 -20.89
O7 NAG QA . -43.56 -2.74 -27.31
C1 NAG QA . -46.92 -2.06 -22.19
C2 NAG QA . -47.63 -0.82 -22.72
C3 NAG QA . -49.13 -0.95 -22.51
C4 NAG QA . -49.65 -2.26 -23.11
C5 NAG QA . -48.83 -3.44 -22.57
C6 NAG QA . -49.21 -4.76 -23.20
C7 NAG QA . -46.69 1.45 -22.78
C8 NAG QA . -46.76 1.34 -24.27
N2 NAG QA . -47.13 0.38 -22.10
O3 NAG QA . -49.79 0.15 -23.12
O4 NAG QA . -51.02 -2.45 -22.77
O5 NAG QA . -47.44 -3.24 -22.82
O6 NAG QA . -49.60 -5.72 -22.23
O7 NAG QA . -46.27 2.46 -22.21
C1 NAG RA . -17.62 -18.36 -51.66
C2 NAG RA . -16.62 -19.07 -52.58
C3 NAG RA . -17.26 -19.32 -53.95
C4 NAG RA . -18.61 -20.02 -53.80
C5 NAG RA . -19.49 -19.28 -52.79
C6 NAG RA . -20.78 -20.02 -52.48
C7 NAG RA . -14.28 -18.58 -52.05
C8 NAG RA . -13.11 -17.68 -52.32
N2 NAG RA . -15.40 -18.30 -52.73
O3 NAG RA . -16.39 -20.11 -54.74
O4 NAG RA . -19.26 -20.05 -55.06
O5 NAG RA . -18.80 -19.13 -51.55
O6 NAG RA . -20.74 -20.58 -51.18
O7 NAG RA . -14.21 -19.52 -51.27
C1 NAG RA . -19.50 -21.41 -55.47
C2 NAG RA . -20.69 -21.41 -56.44
C3 NAG RA . -20.95 -22.82 -56.95
C4 NAG RA . -19.68 -23.42 -57.53
C5 NAG RA . -18.54 -23.34 -56.52
C6 NAG RA . -17.22 -23.81 -57.08
C7 NAG RA . -22.43 -19.70 -56.21
C8 NAG RA . -23.65 -19.28 -55.45
N2 NAG RA . -21.87 -20.86 -55.82
O3 NAG RA . -21.97 -22.79 -57.93
O4 NAG RA . -19.90 -24.79 -57.86
O5 NAG RA . -18.35 -21.98 -56.12
O6 NAG RA . -16.81 -23.02 -58.19
O7 NAG RA . -21.97 -19.03 -57.12
C1 NAG SA . 22.45 -0.55 41.30
C2 NAG SA . 21.97 -0.27 42.72
C3 NAG SA . 22.35 -1.42 43.64
C4 NAG SA . 21.86 -2.74 43.07
C5 NAG SA . 22.33 -2.91 41.64
C6 NAG SA . 21.77 -4.15 40.97
C7 NAG SA . 21.78 2.08 43.40
C8 NAG SA . 22.51 3.28 43.92
N2 NAG SA . 22.52 0.99 43.22
O3 NAG SA . 21.80 -1.20 44.93
O4 NAG SA . 22.33 -3.82 43.86
O5 NAG SA . 21.91 -1.79 40.85
O6 NAG SA . 22.22 -5.34 41.60
O7 NAG SA . 20.58 2.11 43.14
C1 NAG TA . -29.03 8.25 35.90
C2 NAG TA . -29.29 9.37 36.92
C3 NAG TA . -30.76 9.77 36.89
C4 NAG TA . -31.19 10.12 35.47
C5 NAG TA . -30.86 8.97 34.53
C6 NAG TA . -31.16 9.29 33.08
C7 NAG TA . -27.93 9.56 38.95
C8 NAG TA . -27.66 9.00 40.31
N2 NAG TA . -28.90 8.95 38.26
O3 NAG TA . -30.96 10.89 37.75
O4 NAG TA . -32.60 10.35 35.43
O5 NAG TA . -29.47 8.67 34.61
O6 NAG TA . -32.48 8.92 32.72
O7 NAG TA . -27.31 10.51 38.50
C1 NAG UA . 5.61 43.19 17.61
C2 NAG UA . 6.21 43.71 18.91
C3 NAG UA . 7.29 44.74 18.60
C4 NAG UA . 8.32 44.19 17.63
C5 NAG UA . 7.62 43.66 16.39
C6 NAG UA . 8.56 42.98 15.42
C7 NAG UA . 4.71 43.64 20.84
C8 NAG UA . 3.66 44.38 21.61
N2 NAG UA . 5.19 44.28 19.76
O3 NAG UA . 7.93 45.13 19.81
O4 NAG UA . 9.24 45.21 17.25
O5 NAG UA . 6.64 42.68 16.76
O6 NAG UA . 9.76 43.72 15.27
O7 NAG UA . 5.11 42.53 21.18
C1 NAG VA . 34.02 22.44 17.22
C2 NAG VA . 32.76 23.16 17.68
C3 NAG VA . 33.06 24.64 17.93
C4 NAG VA . 34.24 24.79 18.88
C5 NAG VA . 35.44 23.99 18.37
C6 NAG VA . 36.60 23.99 19.33
C7 NAG VA . 30.40 23.10 17.04
C8 NAG VA . 29.41 22.93 15.92
N2 NAG VA . 31.68 23.02 16.71
O3 NAG VA . 31.91 25.28 18.47
O4 NAG VA . 34.60 26.16 18.99
O5 NAG VA . 35.06 22.62 18.17
O6 NAG VA . 37.69 24.76 18.83
O7 NAG VA . 30.03 23.31 18.20
C1 NAG WA . 20.94 0.02 -58.68
C2 NAG WA . 21.33 -0.92 -59.81
C3 NAG WA . 21.55 -0.14 -61.11
C4 NAG WA . 20.31 0.72 -61.42
C5 NAG WA . 19.96 1.58 -60.21
C6 NAG WA . 18.68 2.36 -60.40
C7 NAG WA . 22.50 -2.86 -58.86
C8 NAG WA . 23.83 -3.50 -58.59
N2 NAG WA . 22.53 -1.67 -59.47
O3 NAG WA . 21.79 -1.05 -62.17
O4 NAG WA . 20.57 1.55 -62.53
O5 NAG WA . 19.78 0.76 -59.05
O6 NAG WA . 18.03 2.60 -59.16
O7 NAG WA . 21.44 -3.40 -58.54
C1 NAG XA . 34.53 5.79 -44.50
C2 NAG XA . 35.80 6.17 -45.26
C3 NAG XA . 36.98 6.26 -44.30
C4 NAG XA . 36.65 7.21 -43.14
C5 NAG XA . 35.35 6.79 -42.48
C6 NAG XA . 34.90 7.76 -41.40
C7 NAG XA . 35.94 5.51 -47.62
C8 NAG XA . 36.26 4.40 -48.57
N2 NAG XA . 36.07 5.21 -46.32
O3 NAG XA . 38.12 6.73 -45.01
O4 NAG XA . 37.70 7.19 -42.19
O5 NAG XA . 34.30 6.73 -43.44
O6 NAG XA . 35.42 7.40 -40.12
O7 NAG XA . 35.55 6.60 -48.01
C1 NAG YA . 6.29 -15.90 -49.56
C2 NAG YA . 6.69 -17.32 -49.95
C3 NAG YA . 6.19 -17.65 -51.35
C4 NAG YA . 4.70 -17.37 -51.48
C5 NAG YA . 4.41 -15.94 -51.05
C6 NAG YA . 2.94 -15.61 -51.06
C7 NAG YA . 8.74 -18.03 -48.77
C8 NAG YA . 10.22 -18.15 -48.85
N2 NAG YA . 8.13 -17.52 -49.85
O3 NAG YA . 6.45 -19.02 -51.62
O4 NAG YA . 4.28 -17.56 -52.83
O5 NAG YA . 4.87 -15.75 -49.71
O6 NAG YA . 2.50 -15.18 -49.78
O7 NAG YA . 8.10 -18.38 -47.78
C1 NAG ZA . 34.29 21.87 3.71
C2 NAG ZA . 35.28 23.05 3.67
C3 NAG ZA . 34.55 24.33 3.26
C4 NAG ZA . 33.81 24.12 1.95
C5 NAG ZA . 32.89 22.91 2.06
C6 NAG ZA . 32.20 22.57 0.76
C7 NAG ZA . 37.13 22.73 5.24
C8 NAG ZA . 37.65 23.00 6.63
N2 NAG ZA . 35.92 23.22 4.96
O3 NAG ZA . 35.51 25.38 3.13
O4 NAG ZA . 33.04 25.28 1.65
O5 NAG ZA . 33.65 21.76 2.43
O6 NAG ZA . 31.44 23.68 0.28
O7 NAG ZA . 37.80 22.11 4.41
C1 NAG AB . 30.72 19.97 -21.31
C2 NAG AB . 29.30 20.32 -20.88
C3 NAG AB . 29.01 21.78 -21.16
C4 NAG AB . 30.06 22.67 -20.52
C5 NAG AB . 31.46 22.23 -20.96
C6 NAG AB . 32.56 22.98 -20.25
C7 NAG AB . 27.45 18.70 -20.87
C8 NAG AB . 26.52 17.89 -21.70
N2 NAG AB . 28.33 19.46 -21.54
O3 NAG AB . 27.72 22.11 -20.65
O4 NAG AB . 29.86 24.02 -20.89
O5 NAG AB . 31.65 20.84 -20.67
O6 NAG AB . 32.81 22.43 -18.97
O7 NAG AB . 27.42 18.68 -19.64
C1 NAG BB . 17.38 13.25 -45.97
C2 NAG BB . 17.51 14.49 -46.86
C3 NAG BB . 16.18 15.21 -46.96
C4 NAG BB . 15.09 14.24 -47.43
C5 NAG BB . 15.05 13.02 -46.51
C6 NAG BB . 14.08 11.96 -46.99
C7 NAG BB . 19.72 15.57 -46.95
C8 NAG BB . 19.96 14.76 -48.19
N2 NAG BB . 18.54 15.38 -46.35
O3 NAG BB . 16.28 16.28 -47.89
O4 NAG BB . 13.82 14.89 -47.39
O5 NAG BB . 16.35 12.40 -46.47
O6 NAG BB . 13.93 11.99 -48.40
O7 NAG BB . 20.56 16.33 -46.49
C1 NAG CB . 42.34 21.18 -29.85
C2 NAG CB . 41.83 22.14 -30.92
C3 NAG CB . 42.83 23.26 -31.15
C4 NAG CB . 43.17 23.95 -29.83
C5 NAG CB . 43.65 22.91 -28.82
C6 NAG CB . 43.91 23.50 -27.45
C7 NAG CB . 40.36 20.95 -32.49
C8 NAG CB . 40.26 20.25 -33.81
N2 NAG CB . 41.56 21.44 -32.17
O3 NAG CB . 42.29 24.21 -32.06
O4 NAG CB . 44.20 24.91 -30.03
O5 NAG CB . 42.64 21.91 -28.65
O6 NAG CB . 42.71 23.97 -26.85
O7 NAG CB . 39.38 21.08 -31.75
C1 NAG DB . -7.50 -19.47 39.32
C2 NAG DB . -6.53 -18.37 39.75
C3 NAG DB . -5.80 -18.77 41.03
C4 NAG DB . -6.81 -19.16 42.11
C5 NAG DB . -7.76 -20.23 41.58
C6 NAG DB . -8.86 -20.57 42.56
C7 NAG DB . -5.21 -16.81 38.39
C8 NAG DB . -4.22 -16.68 37.27
N2 NAG DB . -5.58 -18.06 38.69
O3 NAG DB . -5.00 -17.69 41.47
O4 NAG DB . -6.12 -19.66 43.25
O5 NAG DB . -8.41 -19.76 40.38
O6 NAG DB . -8.37 -21.36 43.63
O7 NAG DB . -5.66 -15.84 38.97
C1 NAG EB . 14.19 -52.33 -30.73
C2 NAG EB . 13.75 -53.11 -31.96
C3 NAG EB . 14.77 -54.20 -32.27
C4 NAG EB . 16.17 -53.62 -32.38
C5 NAG EB . 16.50 -52.80 -31.13
C6 NAG EB . 17.82 -52.07 -31.24
C7 NAG EB . 11.30 -53.05 -32.13
C8 NAG EB . 10.03 -53.79 -31.87
N2 NAG EB . 12.43 -53.68 -31.78
O3 NAG EB . 14.41 -54.85 -33.49
O4 NAG EB . 17.12 -54.66 -32.52
O5 NAG EB . 15.49 -51.79 -30.93
O6 NAG EB . 17.74 -50.76 -30.68
O7 NAG EB . 11.32 -51.93 -32.63
C1 NAG FB . 7.13 -56.99 -20.17
C2 NAG FB . 8.16 -57.98 -20.73
C3 NAG FB . 7.49 -58.95 -21.70
C4 NAG FB . 6.28 -59.60 -21.05
C5 NAG FB . 5.35 -58.54 -20.48
C6 NAG FB . 4.18 -59.14 -19.72
C7 NAG FB . 10.47 -57.17 -20.82
C8 NAG FB . 10.66 -57.81 -19.48
N2 NAG FB . 9.26 -57.27 -21.36
O3 NAG FB . 8.43 -59.93 -22.09
O4 NAG FB . 5.58 -60.38 -22.01
O5 NAG FB . 6.06 -57.71 -19.56
O6 NAG FB . 3.00 -59.13 -20.50
O7 NAG FB . 11.39 -56.57 -21.38
C1 NAG GB . 5.62 -32.68 -40.56
C2 NAG GB . 4.31 -33.29 -41.06
C3 NAG GB . 4.54 -34.01 -42.39
C4 NAG GB . 5.19 -33.06 -43.39
C5 NAG GB . 6.47 -32.48 -42.80
C6 NAG GB . 7.13 -31.46 -43.70
C7 NAG GB . 2.72 -33.90 -39.30
C8 NAG GB . 2.28 -34.97 -38.34
N2 NAG GB . 3.76 -34.21 -40.07
O3 NAG GB . 3.29 -34.46 -42.90
O4 NAG GB . 5.51 -33.77 -44.58
O5 NAG GB . 6.17 -31.82 -41.56
O6 NAG GB . 8.38 -31.03 -43.15
O7 NAG GB . 2.17 -32.82 -39.35
C1 NAG HB . -2.09 -27.60 29.98
C2 NAG HB . -1.70 -28.45 31.18
C3 NAG HB . -0.21 -28.33 31.45
C4 NAG HB . 0.59 -28.65 30.19
C5 NAG HB . 0.11 -27.78 29.04
C6 NAG HB . 0.77 -28.12 27.72
C7 NAG HB . -3.50 -28.80 32.81
C8 NAG HB . -4.18 -28.26 34.04
N2 NAG HB . -2.47 -28.08 32.36
O3 NAG HB . 0.16 -29.23 32.49
O4 NAG HB . 1.97 -28.39 30.42
O5 NAG HB . -1.30 -27.97 28.85
O6 NAG HB . 2.18 -28.24 27.87
O7 NAG HB . -3.87 -29.83 32.26
C1 NAG IB . 20.91 -43.74 -15.63
C2 NAG IB . 21.94 -44.21 -14.61
C3 NAG IB . 23.16 -43.29 -14.64
C4 NAG IB . 23.71 -43.16 -16.04
C5 NAG IB . 22.61 -42.73 -17.00
C6 NAG IB . 23.05 -42.70 -18.44
C7 NAG IB . 21.69 -45.20 -12.39
C8 NAG IB . 21.00 -45.10 -11.05
N2 NAG IB . 21.37 -44.26 -13.29
O3 NAG IB . 24.16 -43.82 -13.77
O4 NAG IB . 24.76 -42.20 -16.07
O5 NAG IB . 21.52 -43.66 -16.93
O6 NAG IB . 24.39 -42.23 -18.57
O7 NAG IB . 22.50 -46.10 -12.64
C1 NAG JB . 7.55 -54.56 10.46
C2 NAG JB . 8.99 -54.98 10.16
C3 NAG JB . 9.43 -56.07 11.13
C4 NAG JB . 9.21 -55.64 12.56
C5 NAG JB . 7.75 -55.22 12.76
C6 NAG JB . 7.46 -54.69 14.13
C7 NAG JB . 9.38 -54.60 7.77
C8 NAG JB . 9.49 -55.24 6.41
N2 NAG JB . 9.13 -55.43 8.78
O3 NAG JB . 10.82 -56.35 10.92
O4 NAG JB . 9.50 -56.72 13.45
O5 NAG JB . 7.43 -54.18 11.83
O6 NAG JB . 8.19 -55.40 15.13
O7 NAG JB . 9.50 -53.39 7.93
C1 NAG KB . -4.04 -58.69 12.05
C2 NAG KB . -3.35 -59.99 12.47
C3 NAG KB . -4.38 -61.09 12.66
C4 NAG KB . -5.46 -60.64 13.65
C5 NAG KB . -6.06 -59.33 13.20
C6 NAG KB . -7.05 -58.75 14.19
C7 NAG KB . -1.05 -60.16 11.63
C8 NAG KB . -0.17 -60.64 10.51
N2 NAG KB . -2.36 -60.39 11.48
O3 NAG KB . -3.73 -62.26 13.15
O4 NAG KB . -6.48 -61.63 13.73
O5 NAG KB . -5.03 -58.34 13.03
O6 NAG KB . -7.40 -59.72 15.18
O7 NAG KB . -0.60 -59.61 12.62
C1 NAG LB . 8.67 -40.18 10.71
C2 NAG LB . 9.38 -38.83 10.62
C3 NAG LB . 10.78 -38.92 11.20
C4 NAG LB . 10.72 -39.46 12.63
C5 NAG LB . 9.96 -40.79 12.65
C6 NAG LB . 9.75 -41.32 14.06
C7 NAG LB . 9.30 -37.08 8.89
C8 NAG LB . 9.39 -36.78 7.43
N2 NAG LB . 9.44 -38.37 9.23
O3 NAG LB . 11.39 -37.64 11.19
O4 NAG LB . 12.03 -39.67 13.12
O5 NAG LB . 8.66 -40.61 12.08
O6 NAG LB . 10.73 -40.82 14.95
O7 NAG LB . 9.13 -36.20 9.72
C1 NAG MB . -27.31 32.78 10.92
C2 NAG MB . -27.07 32.08 12.25
C3 NAG MB . -28.27 32.31 13.17
C4 NAG MB . -28.57 33.79 13.30
C5 NAG MB . -28.73 34.42 11.93
C6 NAG MB . -28.90 35.92 11.99
C7 NAG MB . -26.11 29.92 12.91
C8 NAG MB . -25.96 28.48 12.55
N2 NAG MB . -26.83 30.66 12.06
O3 NAG MB . -27.99 31.74 14.46
O4 NAG MB . -29.76 33.98 14.06
O5 NAG MB . -27.56 34.17 11.14
O6 NAG MB . -30.22 36.29 12.33
O7 NAG MB . -25.61 30.40 13.92
C1 NAG NB . -33.70 -21.32 -47.91
C2 NAG NB . -33.55 -21.32 -49.43
C3 NAG NB . -34.72 -22.05 -50.08
C4 NAG NB . -34.88 -23.44 -49.48
C5 NAG NB . -34.96 -23.36 -47.96
C6 NAG NB . -34.97 -24.71 -47.28
C7 NAG NB . -32.29 -19.36 -50.20
C8 NAG NB . -32.38 -17.96 -50.73
N2 NAG NB . -33.46 -19.96 -49.96
O3 NAG NB . -34.52 -22.15 -51.48
O4 NAG NB . -36.05 -24.06 -49.97
O5 NAG NB . -33.82 -22.66 -47.44
O6 NAG NB . -36.04 -24.82 -46.36
O7 NAG NB . -31.22 -19.91 -50.00
C1 NAG OB . -38.33 -8.85 -46.38
C2 NAG OB . -39.37 -9.86 -46.87
C3 NAG OB . -39.37 -9.90 -48.39
C4 NAG OB . -39.54 -8.52 -48.98
C5 NAG OB . -38.51 -7.56 -48.38
C6 NAG OB . -38.72 -6.12 -48.83
C7 NAG OB . -40.11 -11.96 -45.86
C8 NAG OB . -39.69 -13.30 -45.32
N2 NAG OB . -39.13 -11.18 -46.31
O3 NAG OB . -40.41 -10.76 -48.84
O4 NAG OB . -39.40 -8.55 -50.39
O5 NAG OB . -38.59 -7.57 -46.96
O6 NAG OB . -37.68 -5.70 -49.69
O7 NAG OB . -41.29 -11.62 -45.89
C1 NAG PB . -10.49 -23.70 -45.47
C2 NAG PB . -10.22 -22.85 -46.72
C3 NAG PB . -10.37 -23.70 -47.98
C4 NAG PB . -9.50 -24.94 -47.90
C5 NAG PB . -9.82 -25.71 -46.61
C6 NAG PB . -8.92 -26.91 -46.39
C7 NAG PB . -10.74 -20.47 -46.39
C8 NAG PB . -11.78 -19.41 -46.52
N2 NAG PB . -11.11 -21.71 -46.78
O3 NAG PB . -10.00 -22.93 -49.12
O4 NAG PB . -9.74 -25.80 -49.01
O5 NAG PB . -9.64 -24.85 -45.47
O6 NAG PB . -9.61 -27.94 -45.71
O7 NAG PB . -9.60 -20.24 -45.97
C1 NAG QB . -32.43 24.61 1.56
C2 NAG QB . -33.86 25.09 1.85
C3 NAG QB . -34.60 24.05 2.67
C4 NAG QB . -34.56 22.69 2.00
C5 NAG QB . -33.12 22.31 1.70
C6 NAG QB . -33.00 21.02 0.91
C7 NAG QB . -34.43 27.47 2.07
C8 NAG QB . -34.31 28.70 2.90
N2 NAG QB . -33.84 26.37 2.54
O3 NAG QB . -35.96 24.46 2.84
O4 NAG QB . -35.14 21.70 2.83
O5 NAG QB . -32.49 23.33 0.91
O6 NAG QB . -34.05 20.89 -0.03
O7 NAG QB . -35.04 27.46 1.00
C1 NAG RB . -38.97 6.12 -14.80
C2 NAG RB . -38.44 5.43 -13.54
C3 NAG RB . -39.61 4.95 -12.69
C4 NAG RB . -40.55 6.10 -12.38
C5 NAG RB . -40.99 6.78 -13.66
C6 NAG RB . -41.82 8.03 -13.42
C7 NAG RB . -36.23 4.43 -13.80
C8 NAG RB . -35.46 3.20 -14.18
N2 NAG RB . -37.56 4.34 -13.89
O3 NAG RB . -39.10 4.39 -11.48
O4 NAG RB . -41.69 5.62 -11.68
O5 NAG RB . -39.85 7.19 -14.43
O6 NAG RB . -41.05 9.02 -12.75
O7 NAG RB . -35.67 5.46 -13.44
C1 NAG SB . -36.70 -18.83 -29.76
C2 NAG SB . -38.08 -19.02 -29.12
C3 NAG SB . -38.00 -20.08 -28.02
C4 NAG SB . -37.40 -21.37 -28.57
C5 NAG SB . -36.05 -21.07 -29.23
C6 NAG SB . -35.45 -22.29 -29.90
C7 NAG SB . -39.69 -17.17 -29.05
C8 NAG SB . -40.08 -15.88 -28.38
N2 NAG SB . -38.59 -17.77 -28.58
O3 NAG SB . -39.31 -20.33 -27.52
O4 NAG SB . -37.21 -22.30 -27.51
O5 NAG SB . -36.21 -20.08 -30.25
O6 NAG SB . -36.23 -22.71 -31.00
O7 NAG SB . -40.34 -17.65 -29.97
C1 NAG TB . -49.46 9.65 -24.54
C2 NAG TB . -50.37 8.43 -24.59
C3 NAG TB . -51.83 8.83 -24.40
C4 NAG TB . -51.99 9.66 -23.13
C5 NAG TB . -51.04 10.85 -23.18
C6 NAG TB . -51.06 11.67 -21.91
C7 NAG TB . -49.65 6.48 -25.91
C8 NAG TB . -49.56 5.88 -27.28
N2 NAG TB . -50.20 7.69 -25.84
O3 NAG TB . -52.63 7.66 -24.32
O4 NAG TB . -53.33 10.15 -23.04
O5 NAG TB . -49.69 10.37 -23.33
O6 NAG TB . -52.32 12.31 -21.73
O7 NAG TB . -49.25 5.89 -24.91
C1 NAG UB . -34.65 40.59 -29.48
C2 NAG UB . -34.52 41.50 -28.27
C3 NAG UB . -35.59 42.60 -28.33
C4 NAG UB . -35.52 43.34 -29.66
C5 NAG UB . -35.60 42.34 -30.82
C6 NAG UB . -35.41 43.00 -32.17
C7 NAG UB . -33.57 40.42 -26.29
C8 NAG UB . -33.86 39.65 -25.04
N2 NAG UB . -34.63 40.76 -27.03
O3 NAG UB . -35.39 43.51 -27.25
O4 NAG UB . -36.61 44.26 -29.76
O5 NAG UB . -34.56 41.36 -30.68
O6 NAG UB . -34.84 42.10 -33.10
O7 NAG UB . -32.43 40.73 -26.61
#